data_5SCC
#
_entry.id   5SCC
#
_cell.length_a   207.062
_cell.length_b   112.753
_cell.length_c   188.331
_cell.angle_alpha   90.000
_cell.angle_beta   92.150
_cell.angle_gamma   90.000
#
_symmetry.space_group_name_H-M   'C 1 2 1'
#
loop_
_entity.id
_entity.type
_entity.pdbx_description
1 polymer 'Pyruvate kinase'
2 non-polymer 1,6-di-O-phosphono-beta-D-fructofuranose
3 non-polymer 'OXALATE ION'
4 non-polymer 'MAGNESIUM ION'
5 non-polymer 'POTASSIUM ION'
6 non-polymer '4-amino-3-hydroxy-9,10-dioxo-9,10-dihydroanthracene-2-sulfonic acid'
7 water water
#
_entity_poly.entity_id   1
_entity_poly.type   'polypeptide(L)'
_entity_poly.pdbx_seq_one_letter_code
;GSMEGPAGYLRRADVAQLTQELGTAFFQQQQLPAAMADTFLEHLCLLDIDSEPVAARSTSIIATIGPASRSVERLKEMIK
AGMNIARLNFSHGSHEYHAESIANVREAVESFAGSPLSYRPVAIALDTKGPGSGPGLSEQDVRDLRFGVEHGVDIVFASF
VRKASDVAAVRAALGPEGHGIKIISKIENHEGVKRFDEILEVSDGIMVARGDLGIEIPAEKVFLAQKMMIGRCNLAGKPV
VCATQMLESMITKPRPTRAETSDVANAVLDGADCIMLSGETAKGNFPVEAVKMQHAIAREAEAAVYHRQLFEELRRAAPL
SRDPTEVTAIGAVEAAFKCCAAAIIVLTTTGRSAQLLSRYRPRAAVIAVTRSAQAARQVHLCRGVFPLLYREPPEAIWAD
DVDRRVQFGIESGKLRGFLRVGDLVIVVTGWRPGSGYTNIMRVLSIS
;
_entity_poly.pdbx_strand_id   A,B,C,D,E,F,G,H
#
loop_
_chem_comp.id
_chem_comp.type
_chem_comp.name
_chem_comp.formula
FBP D-saccharide, beta linking 1,6-di-O-phosphono-beta-D-fructofuranose 'C6 H14 O12 P2'
I8Q non-polymer '4-amino-3-hydroxy-9,10-dioxo-9,10-dihydroanthracene-2-sulfonic acid' 'C14 H9 N O6 S'
K non-polymer 'POTASSIUM ION' 'K 1'
MG non-polymer 'MAGNESIUM ION' 'Mg 2'
OXL non-polymer 'OXALATE ION' 'C2 O4 -2'
#
# COMPACT_ATOMS: atom_id res chain seq x y z
N GLN A 28 -22.79 6.99 20.40
CA GLN A 28 -23.71 7.29 21.49
C GLN A 28 -24.12 8.80 21.52
N GLN A 29 -25.24 9.07 22.19
CA GLN A 29 -25.91 10.35 22.41
C GLN A 29 -25.13 11.26 23.36
N GLN A 30 -25.62 12.51 23.52
CA GLN A 30 -25.14 13.57 24.40
C GLN A 30 -23.59 13.75 24.41
N GLN A 31 -22.97 13.58 23.23
CA GLN A 31 -21.52 13.71 23.03
C GLN A 31 -20.70 12.87 23.99
N LEU A 32 -21.21 11.67 24.33
CA LEU A 32 -20.49 10.78 25.25
C LEU A 32 -19.13 10.28 24.68
N PRO A 33 -18.97 9.99 23.37
CA PRO A 33 -17.61 9.66 22.87
C PRO A 33 -16.63 10.82 23.12
N ALA A 34 -17.06 12.07 22.86
CA ALA A 34 -16.22 13.25 23.11
C ALA A 34 -15.96 13.46 24.61
N ALA A 35 -16.91 13.03 25.47
CA ALA A 35 -16.79 13.14 26.92
C ALA A 35 -15.74 12.16 27.45
N MET A 36 -15.56 11.00 26.81
CA MET A 36 -14.57 10.01 27.25
C MET A 36 -13.14 10.29 26.75
N ALA A 37 -12.93 11.36 25.98
CA ALA A 37 -11.59 11.66 25.45
C ALA A 37 -10.55 11.97 26.51
N ASP A 38 -9.29 11.61 26.23
CA ASP A 38 -8.17 11.79 27.15
C ASP A 38 -7.54 13.19 27.13
N THR A 39 -7.78 13.95 26.05
CA THR A 39 -7.29 15.33 25.95
C THR A 39 -8.43 16.23 25.42
N PHE A 40 -8.31 17.54 25.64
CA PHE A 40 -9.29 18.49 25.14
C PHE A 40 -9.29 18.48 23.60
N LEU A 41 -8.11 18.36 22.97
CA LEU A 41 -8.00 18.30 21.52
C LEU A 41 -8.77 17.10 20.96
N GLU A 42 -8.60 15.90 21.58
CA GLU A 42 -9.31 14.68 21.17
CA GLU A 42 -9.31 14.71 21.13
C GLU A 42 -10.82 14.84 21.39
N HIS A 43 -11.22 15.55 22.47
CA HIS A 43 -12.61 15.83 22.81
C HIS A 43 -13.25 16.63 21.67
N LEU A 44 -12.56 17.68 21.20
CA LEU A 44 -13.06 18.51 20.09
C LEU A 44 -13.20 17.65 18.83
N CYS A 45 -12.17 16.83 18.52
CA CYS A 45 -12.16 15.96 17.35
C CYS A 45 -13.32 14.96 17.34
N LEU A 46 -13.81 14.57 18.52
CA LEU A 46 -14.89 13.60 18.63
C LEU A 46 -16.30 14.19 18.68
N LEU A 47 -16.43 15.54 18.66
CA LEU A 47 -17.76 16.17 18.66
C LEU A 47 -18.52 15.77 17.40
N ASP A 48 -19.76 15.32 17.57
CA ASP A 48 -20.55 14.74 16.50
C ASP A 48 -21.90 15.46 16.37
N ILE A 49 -22.17 16.05 15.18
CA ILE A 49 -23.44 16.72 14.92
C ILE A 49 -24.64 15.74 14.96
N ASP A 50 -24.39 14.43 14.79
CA ASP A 50 -25.44 13.41 14.86
C ASP A 50 -25.68 12.88 16.29
N SER A 51 -24.88 13.31 17.27
CA SER A 51 -25.05 12.89 18.65
C SER A 51 -26.06 13.85 19.26
N GLU A 52 -27.30 13.38 19.45
CA GLU A 52 -28.38 14.22 19.95
C GLU A 52 -28.34 14.47 21.44
N PRO A 53 -28.67 15.71 21.85
CA PRO A 53 -28.71 15.99 23.29
C PRO A 53 -29.89 15.24 23.93
N VAL A 54 -29.68 14.68 25.12
CA VAL A 54 -30.76 13.97 25.81
C VAL A 54 -31.11 14.68 27.12
N ALA A 55 -30.12 15.24 27.82
CA ALA A 55 -30.36 15.93 29.07
C ALA A 55 -31.18 17.20 28.92
N ALA A 56 -31.88 17.58 29.99
CA ALA A 56 -32.67 18.80 29.99
C ALA A 56 -31.70 20.00 29.95
N ARG A 57 -32.15 21.11 29.35
CA ARG A 57 -31.35 22.32 29.23
C ARG A 57 -31.04 22.89 30.60
N SER A 58 -29.75 23.01 30.92
CA SER A 58 -29.21 23.47 32.20
C SER A 58 -29.01 24.96 32.35
N THR A 59 -28.66 25.66 31.28
CA THR A 59 -28.36 27.10 31.35
C THR A 59 -29.67 27.86 31.29
N SER A 60 -29.99 28.67 32.31
CA SER A 60 -31.25 29.43 32.31
C SER A 60 -31.27 30.55 31.29
N ILE A 61 -32.46 30.83 30.79
CA ILE A 61 -32.67 31.90 29.84
C ILE A 61 -33.39 33.05 30.54
N ILE A 62 -32.78 34.23 30.47
CA ILE A 62 -33.39 35.44 31.00
C ILE A 62 -33.96 36.19 29.79
N ALA A 63 -35.27 36.48 29.78
CA ALA A 63 -35.87 37.23 28.68
C ALA A 63 -36.35 38.56 29.19
N THR A 64 -36.03 39.63 28.49
CA THR A 64 -36.48 40.96 28.87
C THR A 64 -37.92 41.13 28.45
N ILE A 65 -38.78 41.52 29.38
CA ILE A 65 -40.20 41.69 29.11
C ILE A 65 -40.51 43.14 28.81
N GLY A 66 -41.02 43.39 27.61
CA GLY A 66 -41.36 44.74 27.17
C GLY A 66 -42.54 44.75 26.22
N PRO A 67 -42.65 45.81 25.39
CA PRO A 67 -43.78 45.91 24.44
C PRO A 67 -44.08 44.67 23.60
N ALA A 68 -43.03 43.99 23.11
CA ALA A 68 -43.21 42.82 22.23
C ALA A 68 -43.52 41.51 22.95
N SER A 69 -43.40 41.49 24.28
CA SER A 69 -43.54 40.25 25.03
C SER A 69 -44.34 40.39 26.33
N ARG A 70 -45.22 41.40 26.38
CA ARG A 70 -46.00 41.72 27.58
C ARG A 70 -47.32 41.00 27.78
N SER A 71 -47.99 40.58 26.71
CA SER A 71 -49.30 39.95 26.83
C SER A 71 -49.23 38.61 27.53
N VAL A 72 -50.30 38.23 28.23
CA VAL A 72 -50.39 36.97 28.95
C VAL A 72 -50.23 35.80 27.96
N GLU A 73 -50.85 35.89 26.79
CA GLU A 73 -50.79 34.84 25.79
C GLU A 73 -49.36 34.65 25.25
N ARG A 74 -48.65 35.78 25.01
CA ARG A 74 -47.28 35.76 24.52
C ARG A 74 -46.35 35.20 25.61
N LEU A 75 -46.56 35.62 26.86
CA LEU A 75 -45.79 35.14 28.00
C LEU A 75 -45.92 33.64 28.22
N LYS A 76 -47.11 33.06 27.97
CA LYS A 76 -47.30 31.61 28.09
C LYS A 76 -46.45 30.90 27.04
N GLU A 77 -46.36 31.45 25.81
CA GLU A 77 -45.55 30.91 24.73
CA GLU A 77 -45.54 30.87 24.77
C GLU A 77 -44.06 30.98 25.10
N MET A 78 -43.64 32.08 25.76
CA MET A 78 -42.26 32.28 26.18
CA MET A 78 -42.25 32.27 26.16
C MET A 78 -41.86 31.30 27.27
N ILE A 79 -42.79 30.99 28.18
CA ILE A 79 -42.55 30.04 29.25
C ILE A 79 -42.39 28.64 28.61
N LYS A 80 -43.26 28.28 27.66
CA LYS A 80 -43.16 27.00 26.97
C LYS A 80 -41.88 26.89 26.14
N ALA A 81 -41.42 28.01 25.56
CA ALA A 81 -40.20 28.06 24.76
C ALA A 81 -38.92 27.92 25.64
N GLY A 82 -39.02 28.21 26.93
CA GLY A 82 -37.91 28.04 27.85
C GLY A 82 -37.51 29.20 28.75
N MET A 83 -38.26 30.31 28.76
CA MET A 83 -37.91 31.44 29.63
C MET A 83 -37.95 31.03 31.11
N ASN A 84 -36.86 31.28 31.86
CA ASN A 84 -36.79 30.93 33.29
C ASN A 84 -36.84 32.16 34.19
N ILE A 85 -36.32 33.30 33.68
CA ILE A 85 -36.26 34.56 34.43
C ILE A 85 -36.78 35.67 33.53
N ALA A 86 -37.72 36.47 34.05
CA ALA A 86 -38.28 37.61 33.34
C ALA A 86 -37.57 38.86 33.83
N ARG A 87 -36.93 39.59 32.92
CA ARG A 87 -36.19 40.80 33.26
C ARG A 87 -37.01 42.04 32.96
N LEU A 88 -37.08 42.96 33.91
CA LEU A 88 -37.80 44.22 33.73
C LEU A 88 -36.76 45.32 33.73
N ASN A 89 -36.59 46.01 32.61
CA ASN A 89 -35.58 47.04 32.48
C ASN A 89 -36.12 48.41 32.92
N PHE A 90 -35.71 48.84 34.13
CA PHE A 90 -36.16 50.11 34.68
C PHE A 90 -35.49 51.34 34.04
N SER A 91 -34.73 51.15 32.95
CA SER A 91 -34.24 52.27 32.16
C SER A 91 -35.39 52.80 31.26
N HIS A 92 -36.43 51.97 31.01
CA HIS A 92 -37.59 52.28 30.19
C HIS A 92 -38.89 52.09 31.01
N GLY A 93 -40.00 52.55 30.45
CA GLY A 93 -41.32 52.41 31.05
C GLY A 93 -41.51 53.22 32.32
N SER A 94 -42.46 52.80 33.13
CA SER A 94 -42.81 53.44 34.39
C SER A 94 -43.12 52.36 35.45
N HIS A 95 -43.37 52.76 36.70
CA HIS A 95 -43.72 51.80 37.75
C HIS A 95 -45.05 51.10 37.40
N GLU A 96 -46.03 51.86 36.87
CA GLU A 96 -47.32 51.30 36.49
C GLU A 96 -47.17 50.30 35.34
N TYR A 97 -46.32 50.65 34.37
CA TYR A 97 -46.08 49.80 33.21
C TYR A 97 -45.44 48.46 33.64
N HIS A 98 -44.38 48.54 34.47
CA HIS A 98 -43.67 47.36 34.93
C HIS A 98 -44.51 46.51 35.89
N ALA A 99 -45.38 47.14 36.72
CA ALA A 99 -46.27 46.37 37.59
C ALA A 99 -47.25 45.54 36.77
N GLU A 100 -47.71 46.08 35.62
CA GLU A 100 -48.62 45.35 34.75
C GLU A 100 -47.88 44.18 34.08
N SER A 101 -46.61 44.39 33.69
CA SER A 101 -45.79 43.32 33.10
C SER A 101 -45.60 42.19 34.12
N ILE A 102 -45.30 42.55 35.40
CA ILE A 102 -45.13 41.58 36.49
C ILE A 102 -46.42 40.77 36.70
N ALA A 103 -47.58 41.47 36.74
CA ALA A 103 -48.87 40.80 36.90
C ALA A 103 -49.14 39.84 35.75
N ASN A 104 -48.80 40.23 34.51
CA ASN A 104 -48.99 39.35 33.35
C ASN A 104 -48.08 38.14 33.39
N VAL A 105 -46.83 38.30 33.87
CA VAL A 105 -45.89 37.18 34.02
C VAL A 105 -46.47 36.21 35.04
N ARG A 106 -46.88 36.70 36.22
CA ARG A 106 -47.48 35.86 37.26
C ARG A 106 -48.75 35.16 36.79
N GLU A 107 -49.59 35.84 36.00
CA GLU A 107 -50.81 35.22 35.48
C GLU A 107 -50.45 34.08 34.51
N ALA A 108 -49.48 34.33 33.61
CA ALA A 108 -49.06 33.30 32.65
C ALA A 108 -48.41 32.11 33.39
N VAL A 109 -47.59 32.37 34.42
CA VAL A 109 -46.93 31.32 35.19
C VAL A 109 -47.98 30.47 35.91
N GLU A 110 -48.95 31.12 36.58
CA GLU A 110 -49.97 30.41 37.33
C GLU A 110 -50.98 29.66 36.46
N SER A 111 -51.05 29.97 35.16
CA SER A 111 -51.94 29.23 34.25
C SER A 111 -51.52 27.75 34.08
N PHE A 112 -50.28 27.39 34.47
CA PHE A 112 -49.80 26.02 34.39
C PHE A 112 -49.77 25.31 35.75
N ALA A 113 -50.22 25.98 36.86
CA ALA A 113 -50.21 25.44 38.22
C ALA A 113 -51.17 24.26 38.49
N GLY A 114 -52.03 23.94 37.51
CA GLY A 114 -52.93 22.81 37.61
C GLY A 114 -52.23 21.46 37.55
N SER A 115 -51.01 21.43 37.00
CA SER A 115 -50.26 20.18 36.90
C SER A 115 -48.75 20.40 36.94
N PRO A 116 -48.04 19.70 37.85
CA PRO A 116 -46.57 19.87 37.93
C PRO A 116 -45.78 19.62 36.62
N LEU A 117 -46.38 18.95 35.63
CA LEU A 117 -45.70 18.74 34.33
C LEU A 117 -45.58 20.09 33.65
N SER A 118 -46.70 20.84 33.59
CA SER A 118 -46.74 22.14 32.95
C SER A 118 -46.07 23.20 33.83
N TYR A 119 -46.30 23.11 35.16
CA TYR A 119 -45.74 24.07 36.11
C TYR A 119 -44.23 24.14 36.09
N ARG A 120 -43.74 25.36 36.01
CA ARG A 120 -42.36 25.79 35.99
C ARG A 120 -42.29 27.17 36.65
N PRO A 121 -41.56 27.30 37.77
CA PRO A 121 -41.42 28.62 38.39
C PRO A 121 -40.66 29.59 37.46
N VAL A 122 -40.98 30.89 37.50
CA VAL A 122 -40.29 31.89 36.68
C VAL A 122 -39.89 33.03 37.60
N ALA A 123 -38.59 33.34 37.70
CA ALA A 123 -38.14 34.43 38.56
C ALA A 123 -38.41 35.80 37.94
N ILE A 124 -38.54 36.82 38.78
CA ILE A 124 -38.74 38.18 38.30
C ILE A 124 -37.54 39.00 38.73
N ALA A 125 -36.84 39.57 37.76
CA ALA A 125 -35.64 40.33 38.02
C ALA A 125 -35.82 41.79 37.62
N LEU A 126 -35.36 42.69 38.48
CA LEU A 126 -35.46 44.12 38.22
C LEU A 126 -34.09 44.62 37.83
N ASP A 127 -33.95 45.20 36.64
CA ASP A 127 -32.68 45.72 36.18
C ASP A 127 -32.71 47.25 36.37
N THR A 128 -31.84 47.79 37.22
CA THR A 128 -31.85 49.23 37.53
C THR A 128 -31.36 50.13 36.40
N LYS A 129 -31.83 51.39 36.41
CA LYS A 129 -31.42 52.39 35.42
C LYS A 129 -29.93 52.69 35.59
N GLY A 130 -29.46 52.79 36.82
CA GLY A 130 -28.06 53.03 37.08
C GLY A 130 -27.75 54.40 37.65
N PRO A 131 -26.46 54.63 37.96
CA PRO A 131 -26.07 55.90 38.57
C PRO A 131 -25.98 57.10 37.63
N GLY A 132 -25.86 56.87 36.33
CA GLY A 132 -25.71 57.96 35.37
C GLY A 132 -24.44 58.77 35.62
N SER A 133 -24.60 60.10 35.84
CA SER A 133 -23.52 61.06 36.13
C SER A 133 -22.76 60.80 37.44
N GLY A 134 -23.29 59.91 38.29
CA GLY A 134 -22.65 59.56 39.57
C GLY A 134 -23.31 60.20 40.77
N GLY A 136 -22.50 57.08 42.79
CA GLY A 136 -23.18 56.24 43.76
C GLY A 136 -24.64 55.98 43.42
N LEU A 137 -25.40 55.42 44.37
CA LEU A 137 -26.82 55.09 44.16
C LEU A 137 -27.69 56.31 43.88
N SER A 138 -28.34 56.33 42.72
CA SER A 138 -29.20 57.43 42.31
C SER A 138 -30.54 57.43 43.06
N GLU A 139 -31.23 58.58 43.08
CA GLU A 139 -32.53 58.66 43.76
C GLU A 139 -33.61 57.88 43.04
N GLN A 140 -33.54 57.79 41.69
CA GLN A 140 -34.49 56.98 40.94
C GLN A 140 -34.28 55.49 41.27
N ASP A 141 -33.02 55.06 41.42
CA ASP A 141 -32.73 53.67 41.79
C ASP A 141 -33.28 53.33 43.15
N VAL A 142 -33.22 54.26 44.12
CA VAL A 142 -33.79 54.00 45.45
C VAL A 142 -35.30 53.77 45.35
N ARG A 143 -36.00 54.57 44.53
CA ARG A 143 -37.44 54.41 44.33
C ARG A 143 -37.78 53.13 43.58
N ASP A 144 -36.97 52.77 42.58
CA ASP A 144 -37.18 51.55 41.81
C ASP A 144 -36.90 50.31 42.64
N LEU A 145 -35.85 50.35 43.49
CA LEU A 145 -35.54 49.24 44.36
C LEU A 145 -36.66 49.02 45.38
N ARG A 146 -37.22 50.13 45.90
CA ARG A 146 -38.35 50.07 46.83
C ARG A 146 -39.56 49.46 46.14
N PHE A 147 -39.79 49.81 44.86
CA PHE A 147 -40.86 49.25 44.04
C PHE A 147 -40.69 47.72 43.95
N GLY A 148 -39.45 47.27 43.71
CA GLY A 148 -39.13 45.85 43.60
C GLY A 148 -39.48 45.07 44.86
N VAL A 149 -39.13 45.61 46.02
CA VAL A 149 -39.43 44.98 47.30
C VAL A 149 -40.94 44.89 47.49
N GLU A 150 -41.65 46.00 47.22
CA GLU A 150 -43.11 46.03 47.37
C GLU A 150 -43.82 45.09 46.41
N HIS A 151 -43.23 44.85 45.23
CA HIS A 151 -43.82 43.93 44.26
C HIS A 151 -43.28 42.50 44.32
N GLY A 152 -42.44 42.21 45.31
CA GLY A 152 -41.90 40.87 45.53
C GLY A 152 -40.97 40.31 44.46
N VAL A 153 -40.08 41.16 43.90
CA VAL A 153 -39.13 40.69 42.89
C VAL A 153 -38.11 39.74 43.55
N ASP A 154 -37.57 38.81 42.76
CA ASP A 154 -36.64 37.82 43.27
C ASP A 154 -35.19 38.25 43.18
N ILE A 155 -34.86 39.01 42.13
CA ILE A 155 -33.49 39.38 41.82
C ILE A 155 -33.39 40.84 41.41
N VAL A 156 -32.26 41.45 41.71
CA VAL A 156 -31.94 42.78 41.22
C VAL A 156 -30.66 42.67 40.36
N PHE A 157 -30.70 43.17 39.12
CA PHE A 157 -29.53 43.27 38.28
C PHE A 157 -29.11 44.73 38.49
N ALA A 158 -28.09 44.98 39.31
CA ALA A 158 -27.65 46.34 39.63
C ALA A 158 -26.71 46.90 38.57
N SER A 159 -27.15 47.95 37.86
CA SER A 159 -26.36 48.58 36.81
C SER A 159 -25.15 49.32 37.28
N PHE A 160 -24.09 49.30 36.46
CA PHE A 160 -22.82 49.98 36.66
C PHE A 160 -22.23 49.83 38.07
N VAL A 161 -22.08 48.59 38.56
CA VAL A 161 -21.46 48.38 39.86
C VAL A 161 -19.95 48.57 39.66
N ARG A 162 -19.32 49.50 40.38
CA ARG A 162 -17.89 49.74 40.21
C ARG A 162 -17.05 49.51 41.48
N LYS A 163 -17.69 49.15 42.60
CA LYS A 163 -16.98 48.89 43.84
C LYS A 163 -17.92 48.21 44.85
N ALA A 164 -17.36 47.60 45.90
CA ALA A 164 -18.14 46.91 46.93
C ALA A 164 -19.20 47.80 47.60
N SER A 165 -18.89 49.10 47.81
CA SER A 165 -19.84 50.01 48.45
C SER A 165 -21.09 50.27 47.61
N ASP A 166 -21.01 50.09 46.27
CA ASP A 166 -22.19 50.21 45.42
C ASP A 166 -23.18 49.09 45.75
N VAL A 167 -22.67 47.88 46.03
CA VAL A 167 -23.50 46.72 46.38
C VAL A 167 -24.15 46.94 47.75
N ALA A 168 -23.37 47.47 48.72
CA ALA A 168 -23.89 47.77 50.06
C ALA A 168 -25.02 48.79 49.98
N ALA A 169 -24.89 49.80 49.11
CA ALA A 169 -25.93 50.80 48.91
C ALA A 169 -27.22 50.17 48.34
N VAL A 170 -27.10 49.25 47.37
CA VAL A 170 -28.26 48.56 46.81
C VAL A 170 -28.95 47.73 47.89
N ARG A 171 -28.14 47.02 48.69
CA ARG A 171 -28.61 46.18 49.78
C ARG A 171 -29.37 47.03 50.83
N ALA A 172 -28.84 48.22 51.18
CA ALA A 172 -29.47 49.11 52.13
C ALA A 172 -30.79 49.65 51.58
N ALA A 173 -30.84 49.98 50.27
CA ALA A 173 -32.06 50.47 49.63
C ALA A 173 -33.17 49.41 49.54
N LEU A 174 -32.80 48.13 49.60
CA LEU A 174 -33.80 47.05 49.61
C LEU A 174 -34.48 46.92 51.01
N GLY A 175 -33.84 47.45 52.06
CA GLY A 175 -34.37 47.46 53.40
C GLY A 175 -34.46 46.11 54.07
N PRO A 176 -35.11 46.07 55.24
CA PRO A 176 -35.24 44.80 55.97
C PRO A 176 -36.19 43.81 55.29
N GLU A 177 -37.14 44.29 54.50
CA GLU A 177 -38.11 43.42 53.82
C GLU A 177 -37.55 42.74 52.56
N GLY A 178 -36.43 43.24 52.02
CA GLY A 178 -35.81 42.69 50.83
C GLY A 178 -34.53 41.92 51.09
N HIS A 179 -34.36 41.39 52.31
CA HIS A 179 -33.18 40.65 52.71
C HIS A 179 -32.93 39.38 51.87
N GLY A 180 -34.00 38.80 51.34
CA GLY A 180 -33.92 37.58 50.55
C GLY A 180 -33.69 37.80 49.06
N ILE A 181 -33.76 39.04 48.58
CA ILE A 181 -33.57 39.35 47.17
C ILE A 181 -32.09 39.18 46.76
N LYS A 182 -31.83 38.49 45.64
CA LYS A 182 -30.46 38.29 45.17
C LYS A 182 -29.96 39.52 44.45
N ILE A 183 -28.73 39.94 44.73
CA ILE A 183 -28.13 41.08 44.03
C ILE A 183 -27.08 40.56 43.05
N ILE A 184 -27.36 40.72 41.75
CA ILE A 184 -26.45 40.34 40.68
C ILE A 184 -25.82 41.63 40.20
N SER A 185 -24.52 41.82 40.44
CA SER A 185 -23.85 43.04 40.04
C SER A 185 -23.48 43.04 38.55
N LYS A 186 -23.92 44.07 37.83
CA LYS A 186 -23.59 44.22 36.43
C LYS A 186 -22.23 44.91 36.29
N ILE A 187 -21.27 44.27 35.61
CA ILE A 187 -19.94 44.83 35.37
C ILE A 187 -19.99 45.42 33.98
N GLU A 188 -19.92 46.76 33.90
CA GLU A 188 -20.11 47.49 32.65
C GLU A 188 -19.02 48.47 32.29
N ASN A 189 -17.96 48.58 33.10
CA ASN A 189 -16.89 49.54 32.80
C ASN A 189 -15.53 49.06 33.31
N HIS A 190 -14.47 49.81 33.02
CA HIS A 190 -13.12 49.44 33.43
C HIS A 190 -12.98 49.28 34.93
N GLU A 191 -13.58 50.18 35.72
CA GLU A 191 -13.46 50.09 37.18
C GLU A 191 -14.10 48.82 37.74
N GLY A 192 -15.27 48.45 37.21
CA GLY A 192 -15.93 47.22 37.62
C GLY A 192 -15.09 45.99 37.37
N VAL A 193 -14.39 45.96 36.21
CA VAL A 193 -13.49 44.86 35.87
C VAL A 193 -12.30 44.83 36.82
N LYS A 194 -11.66 45.98 37.03
CA LYS A 194 -10.48 46.06 37.91
C LYS A 194 -10.79 45.76 39.37
N ARG A 195 -11.97 46.15 39.84
CA ARG A 195 -12.37 45.85 41.22
C ARG A 195 -13.30 44.64 41.30
N PHE A 196 -13.24 43.74 40.29
CA PHE A 196 -14.08 42.55 40.21
C PHE A 196 -14.08 41.69 41.48
N ASP A 197 -12.91 41.36 42.02
CA ASP A 197 -12.82 40.51 43.20
C ASP A 197 -13.59 41.04 44.42
N GLU A 198 -13.49 42.34 44.69
CA GLU A 198 -14.20 42.93 45.82
C GLU A 198 -15.70 43.00 45.57
N ILE A 199 -16.11 43.19 44.30
CA ILE A 199 -17.51 43.22 43.94
C ILE A 199 -18.12 41.83 44.08
N LEU A 200 -17.44 40.80 43.52
CA LEU A 200 -17.93 39.43 43.59
C LEU A 200 -18.08 38.95 45.03
N GLU A 201 -17.11 39.31 45.88
CA GLU A 201 -17.11 38.96 47.30
CA GLU A 201 -17.11 38.95 47.30
C GLU A 201 -18.41 39.32 48.01
N VAL A 202 -18.95 40.52 47.75
CA VAL A 202 -20.19 40.98 48.40
C VAL A 202 -21.46 40.79 47.58
N SER A 203 -21.36 40.32 46.33
CA SER A 203 -22.55 40.12 45.50
C SER A 203 -23.01 38.67 45.54
N ASP A 204 -24.27 38.42 45.18
CA ASP A 204 -24.75 37.06 45.03
C ASP A 204 -24.29 36.44 43.67
N GLY A 205 -24.00 37.30 42.69
CA GLY A 205 -23.58 36.91 41.37
C GLY A 205 -23.19 38.10 40.51
N ILE A 206 -22.89 37.82 39.24
CA ILE A 206 -22.40 38.84 38.31
C ILE A 206 -23.10 38.75 36.96
N MET A 207 -23.25 39.89 36.30
CA MET A 207 -23.72 39.91 34.93
C MET A 207 -22.63 40.59 34.12
N VAL A 208 -22.18 39.92 33.04
CA VAL A 208 -21.23 40.50 32.11
C VAL A 208 -22.11 41.32 31.17
N ALA A 209 -22.26 42.62 31.45
CA ALA A 209 -23.12 43.52 30.70
C ALA A 209 -22.32 44.08 29.53
N ARG A 210 -22.29 43.32 28.44
CA ARG A 210 -21.42 43.59 27.30
C ARG A 210 -21.73 44.83 26.48
N GLY A 211 -22.95 45.34 26.51
CA GLY A 211 -23.32 46.56 25.78
C GLY A 211 -22.50 47.75 26.22
N ASP A 212 -22.63 48.14 27.50
CA ASP A 212 -21.84 49.24 28.04
C ASP A 212 -20.37 48.87 28.14
N LEU A 213 -20.04 47.63 28.53
CA LEU A 213 -18.64 47.20 28.62
C LEU A 213 -17.88 47.40 27.28
N GLY A 214 -18.56 47.10 26.18
CA GLY A 214 -18.01 47.26 24.84
C GLY A 214 -17.84 48.69 24.34
N ILE A 215 -18.38 49.66 25.09
CA ILE A 215 -18.23 51.09 24.82
C ILE A 215 -17.22 51.68 25.81
N GLU A 216 -17.19 51.19 27.07
CA GLU A 216 -16.31 51.65 28.13
C GLU A 216 -14.87 51.16 27.98
N ILE A 217 -14.69 49.96 27.43
CA ILE A 217 -13.36 49.40 27.14
C ILE A 217 -13.30 49.07 25.64
N PRO A 218 -12.11 48.87 25.04
CA PRO A 218 -12.06 48.53 23.61
C PRO A 218 -12.93 47.28 23.30
N ALA A 219 -13.73 47.33 22.23
CA ALA A 219 -14.61 46.23 21.85
C ALA A 219 -13.90 44.88 21.74
N GLU A 220 -12.66 44.90 21.26
CA GLU A 220 -11.84 43.69 21.07
C GLU A 220 -11.31 43.08 22.39
N LYS A 221 -11.57 43.74 23.54
CA LYS A 221 -11.14 43.21 24.84
C LYS A 221 -12.31 42.63 25.65
N VAL A 222 -13.56 42.84 25.22
CA VAL A 222 -14.72 42.35 25.97
C VAL A 222 -14.69 40.83 26.21
N PHE A 223 -14.28 40.04 25.20
CA PHE A 223 -14.21 38.59 25.37
C PHE A 223 -13.26 38.19 26.51
N LEU A 224 -12.17 38.95 26.73
CA LEU A 224 -11.23 38.65 27.81
C LEU A 224 -11.92 38.88 29.15
N ALA A 225 -12.64 40.00 29.28
CA ALA A 225 -13.37 40.34 30.52
C ALA A 225 -14.45 39.30 30.78
N GLN A 226 -15.20 38.88 29.73
CA GLN A 226 -16.23 37.86 29.85
C GLN A 226 -15.66 36.53 30.35
N LYS A 227 -14.61 36.01 29.69
CA LYS A 227 -14.04 34.73 30.07
C LYS A 227 -13.41 34.76 31.46
N MET A 228 -12.76 35.88 31.83
CA MET A 228 -12.17 36.04 33.14
C MET A 228 -13.26 36.03 34.23
N MET A 229 -14.32 36.82 34.04
CA MET A 229 -15.38 36.93 35.03
C MET A 229 -16.17 35.64 35.18
N ILE A 230 -16.42 34.94 34.06
CA ILE A 230 -17.10 33.64 34.13
C ILE A 230 -16.23 32.63 34.89
N GLY A 231 -14.94 32.59 34.58
CA GLY A 231 -14.00 31.70 35.27
C GLY A 231 -13.95 31.96 36.76
N ARG A 232 -13.85 33.24 37.17
CA ARG A 232 -13.80 33.59 38.59
C ARG A 232 -15.11 33.29 39.31
N CYS A 233 -16.25 33.47 38.63
CA CYS A 233 -17.54 33.15 39.24
C CYS A 233 -17.69 31.65 39.40
N ASN A 234 -17.23 30.87 38.40
CA ASN A 234 -17.26 29.41 38.48
C ASN A 234 -16.40 28.93 39.67
N LEU A 235 -15.23 29.56 39.86
CA LEU A 235 -14.33 29.24 40.96
CA LEU A 235 -14.32 29.25 40.96
C LEU A 235 -14.98 29.57 42.31
N ALA A 236 -15.66 30.72 42.40
CA ALA A 236 -16.34 31.15 43.62
C ALA A 236 -17.67 30.40 43.88
N GLY A 237 -18.18 29.68 42.89
CA GLY A 237 -19.45 28.98 43.02
C GLY A 237 -20.62 29.95 43.06
N LYS A 238 -20.53 31.07 42.34
CA LYS A 238 -21.58 32.07 42.30
C LYS A 238 -22.09 32.25 40.87
N PRO A 239 -23.40 32.51 40.69
CA PRO A 239 -23.94 32.65 39.33
C PRO A 239 -23.37 33.78 38.48
N VAL A 240 -23.20 33.50 37.19
CA VAL A 240 -22.72 34.50 36.24
C VAL A 240 -23.63 34.49 35.00
N VAL A 241 -24.05 35.67 34.57
CA VAL A 241 -24.94 35.82 33.42
C VAL A 241 -24.15 36.42 32.26
N CYS A 242 -24.31 35.86 31.05
CA CYS A 242 -23.72 36.49 29.88
C CYS A 242 -24.87 37.27 29.21
N ALA A 243 -24.64 38.54 28.91
CA ALA A 243 -25.71 39.39 28.38
C ALA A 243 -25.32 40.26 27.21
N THR A 244 -26.33 40.67 26.41
CA THR A 244 -26.37 41.69 25.37
C THR A 244 -25.83 41.29 24.01
N GLN A 245 -26.71 41.49 23.01
CA GLN A 245 -26.49 41.27 21.59
C GLN A 245 -26.16 39.83 21.22
N MET A 246 -26.57 38.87 22.06
CA MET A 246 -26.32 37.46 21.81
C MET A 246 -27.01 36.99 20.54
N LEU A 247 -28.27 37.44 20.31
CA LEU A 247 -29.01 37.09 19.09
C LEU A 247 -29.60 38.37 18.46
N GLU A 248 -28.85 39.47 18.49
CA GLU A 248 -29.25 40.81 18.04
C GLU A 248 -30.04 40.88 16.73
N SER A 249 -29.54 40.22 15.67
CA SER A 249 -30.21 40.24 14.36
C SER A 249 -31.64 39.69 14.42
N MET A 250 -31.97 38.85 15.42
CA MET A 250 -33.32 38.31 15.57
C MET A 250 -34.34 39.36 16.01
N ILE A 251 -33.91 40.62 16.26
CA ILE A 251 -34.85 41.71 16.54
C ILE A 251 -35.73 41.93 15.26
N THR A 252 -35.12 41.78 14.06
CA THR A 252 -35.86 41.93 12.80
C THR A 252 -35.89 40.67 11.93
N LYS A 253 -34.98 39.70 12.15
CA LYS A 253 -34.92 38.50 11.31
C LYS A 253 -35.34 37.22 12.04
N PRO A 254 -35.99 36.27 11.36
CA PRO A 254 -36.44 35.04 12.03
C PRO A 254 -35.33 34.05 12.41
N ARG A 255 -34.14 34.19 11.82
CA ARG A 255 -33.01 33.32 12.08
C ARG A 255 -31.81 34.18 12.43
N PRO A 256 -30.98 33.71 13.37
CA PRO A 256 -29.79 34.51 13.76
C PRO A 256 -28.62 34.30 12.79
N THR A 257 -27.56 35.11 12.96
CA THR A 257 -26.36 34.95 12.17
C THR A 257 -25.51 33.79 12.74
N ARG A 258 -24.48 33.35 11.98
CA ARG A 258 -23.54 32.32 12.41
C ARG A 258 -22.73 32.78 13.62
N ALA A 259 -22.42 34.09 13.70
CA ALA A 259 -21.68 34.63 14.84
C ALA A 259 -22.52 34.61 16.13
N GLU A 260 -23.84 34.84 16.00
CA GLU A 260 -24.76 34.84 17.14
C GLU A 260 -24.97 33.47 17.74
N THR A 261 -25.15 32.42 16.91
CA THR A 261 -25.29 31.07 17.46
C THR A 261 -23.98 30.63 18.13
N SER A 262 -22.84 31.00 17.51
CA SER A 262 -21.52 30.73 18.05
C SER A 262 -21.34 31.44 19.42
N ASP A 263 -21.76 32.70 19.53
CA ASP A 263 -21.68 33.46 20.77
C ASP A 263 -22.46 32.82 21.93
N VAL A 264 -23.68 32.35 21.65
CA VAL A 264 -24.50 31.69 22.66
C VAL A 264 -23.83 30.38 23.09
N ALA A 265 -23.37 29.58 22.12
CA ALA A 265 -22.72 28.31 22.43
C ALA A 265 -21.45 28.52 23.24
N ASN A 266 -20.64 29.53 22.88
CA ASN A 266 -19.39 29.84 23.59
C ASN A 266 -19.63 30.39 24.97
N ALA A 267 -20.74 31.11 25.21
CA ALA A 267 -21.04 31.61 26.57
C ALA A 267 -21.30 30.40 27.49
N VAL A 268 -22.02 29.38 26.99
CA VAL A 268 -22.28 28.16 27.75
C VAL A 268 -20.97 27.38 27.97
N LEU A 269 -20.16 27.21 26.90
CA LEU A 269 -18.88 26.53 27.03
C LEU A 269 -17.92 27.30 27.96
N ASP A 270 -18.00 28.63 28.01
CA ASP A 270 -17.19 29.44 28.93
C ASP A 270 -17.50 29.12 30.40
N GLY A 271 -18.76 28.76 30.68
CA GLY A 271 -19.23 28.42 32.02
C GLY A 271 -20.36 29.29 32.54
N ALA A 272 -21.03 30.05 31.67
CA ALA A 272 -22.14 30.92 32.12
C ALA A 272 -23.30 30.12 32.71
N ASP A 273 -23.81 30.57 33.86
CA ASP A 273 -24.99 29.94 34.45
C ASP A 273 -26.25 30.33 33.69
N CYS A 274 -26.31 31.59 33.21
CA CYS A 274 -27.46 32.14 32.50
C CYS A 274 -27.03 32.83 31.24
N ILE A 275 -27.91 32.84 30.27
CA ILE A 275 -27.78 33.62 29.04
C ILE A 275 -29.00 34.55 28.95
N MET A 276 -28.82 35.71 28.33
CA MET A 276 -29.87 36.72 28.32
C MET A 276 -30.27 37.22 26.94
N LEU A 277 -31.53 37.66 26.84
CA LEU A 277 -32.09 38.30 25.67
C LEU A 277 -32.59 39.67 26.12
N SER A 278 -32.22 40.72 25.39
CA SER A 278 -32.65 42.08 25.72
C SER A 278 -33.65 42.60 24.66
N GLY A 279 -33.20 43.34 23.64
CA GLY A 279 -34.06 43.82 22.57
C GLY A 279 -34.75 42.70 21.81
N GLU A 280 -34.09 41.53 21.73
CA GLU A 280 -34.63 40.35 21.05
C GLU A 280 -36.01 39.96 21.56
N THR A 281 -36.26 40.17 22.85
CA THR A 281 -37.57 39.82 23.43
C THR A 281 -38.37 41.05 23.86
N ALA A 282 -37.70 42.13 24.26
CA ALA A 282 -38.38 43.33 24.72
C ALA A 282 -39.08 44.10 23.61
N LYS A 283 -38.45 44.18 22.44
CA LYS A 283 -39.01 44.99 21.34
C LYS A 283 -38.98 44.35 19.96
N GLY A 284 -38.41 43.16 19.84
CA GLY A 284 -38.26 42.52 18.55
C GLY A 284 -39.49 41.85 17.96
N ASN A 285 -39.41 41.50 16.69
CA ASN A 285 -40.50 40.83 16.01
C ASN A 285 -40.55 39.32 16.26
N PHE A 286 -39.50 38.73 16.87
CA PHE A 286 -39.48 37.29 17.10
C PHE A 286 -39.08 36.93 18.55
N PRO A 287 -39.80 37.44 19.58
CA PRO A 287 -39.40 37.12 20.96
C PRO A 287 -39.43 35.64 21.31
N VAL A 288 -40.48 34.93 20.87
CA VAL A 288 -40.60 33.50 21.18
C VAL A 288 -39.51 32.70 20.47
N GLU A 289 -39.25 33.03 19.20
CA GLU A 289 -38.23 32.36 18.39
C GLU A 289 -36.82 32.58 18.96
N ALA A 290 -36.55 33.76 19.54
CA ALA A 290 -35.27 34.07 20.14
C ALA A 290 -35.04 33.17 21.36
N VAL A 291 -36.10 32.97 22.17
CA VAL A 291 -36.02 32.10 23.34
C VAL A 291 -35.78 30.64 22.88
N LYS A 292 -36.52 30.20 21.85
CA LYS A 292 -36.38 28.85 21.31
C LYS A 292 -34.95 28.61 20.78
N MET A 293 -34.37 29.62 20.14
CA MET A 293 -33.01 29.51 19.60
C MET A 293 -31.98 29.38 20.72
N GLN A 294 -32.09 30.20 21.78
CA GLN A 294 -31.19 30.09 22.93
C GLN A 294 -31.33 28.73 23.59
N HIS A 295 -32.57 28.23 23.70
CA HIS A 295 -32.81 26.90 24.27
C HIS A 295 -32.11 25.82 23.46
N ALA A 296 -32.28 25.83 22.12
CA ALA A 296 -31.71 24.81 21.24
C ALA A 296 -30.17 24.82 21.28
N ILE A 297 -29.56 26.02 21.24
CA ILE A 297 -28.11 26.14 21.27
C ILE A 297 -27.55 25.69 22.61
N ALA A 298 -28.14 26.16 23.72
CA ALA A 298 -27.67 25.80 25.06
C ALA A 298 -27.65 24.30 25.28
N ARG A 299 -28.69 23.57 24.83
CA ARG A 299 -28.74 22.12 25.00
C ARG A 299 -27.58 21.45 24.27
N GLU A 300 -27.31 21.89 23.03
CA GLU A 300 -26.22 21.34 22.24
C GLU A 300 -24.87 21.64 22.90
N ALA A 301 -24.69 22.88 23.40
CA ALA A 301 -23.42 23.30 24.01
C ALA A 301 -23.15 22.61 25.32
N GLU A 302 -24.20 22.35 26.11
CA GLU A 302 -24.04 21.68 27.40
C GLU A 302 -23.54 20.24 27.23
N ALA A 303 -24.02 19.55 26.19
CA ALA A 303 -23.55 18.19 25.91
C ALA A 303 -22.08 18.20 25.46
N ALA A 304 -21.62 19.28 24.83
CA ALA A 304 -20.24 19.45 24.35
C ALA A 304 -19.25 19.91 25.43
N VAL A 305 -19.71 20.13 26.68
CA VAL A 305 -18.82 20.51 27.77
C VAL A 305 -17.88 19.31 28.06
N TYR A 306 -16.57 19.59 28.21
CA TYR A 306 -15.58 18.53 28.48
C TYR A 306 -15.53 18.33 30.00
N HIS A 307 -16.51 17.60 30.56
CA HIS A 307 -16.65 17.37 32.00
C HIS A 307 -15.44 16.74 32.65
N ARG A 308 -14.72 15.86 31.95
CA ARG A 308 -13.54 15.20 32.51
C ARG A 308 -12.50 16.22 33.01
N GLN A 309 -12.23 17.24 32.21
CA GLN A 309 -11.28 18.28 32.62
C GLN A 309 -11.96 19.27 33.58
N LEU A 310 -13.18 19.70 33.25
CA LEU A 310 -13.91 20.68 34.05
C LEU A 310 -14.09 20.24 35.51
N PHE A 311 -14.60 19.02 35.74
CA PHE A 311 -14.80 18.52 37.11
C PHE A 311 -13.48 18.39 37.84
N GLU A 312 -12.44 17.88 37.17
CA GLU A 312 -11.11 17.73 37.75
CA GLU A 312 -11.13 17.74 37.78
C GLU A 312 -10.56 19.09 38.20
N GLU A 313 -10.73 20.13 37.36
CA GLU A 313 -10.24 21.46 37.68
C GLU A 313 -11.07 22.13 38.76
N LEU A 314 -12.40 21.95 38.74
CA LEU A 314 -13.27 22.54 39.77
C LEU A 314 -12.97 21.91 41.12
N ARG A 315 -12.77 20.59 41.14
CA ARG A 315 -12.42 19.83 42.34
C ARG A 315 -11.10 20.31 42.93
N ARG A 316 -10.06 20.44 42.10
CA ARG A 316 -8.72 20.83 42.50
C ARG A 316 -8.70 22.26 43.03
N ALA A 317 -9.43 23.15 42.35
CA ALA A 317 -9.45 24.56 42.73
C ALA A 317 -10.30 24.87 43.95
N ALA A 318 -11.38 24.09 44.17
CA ALA A 318 -12.26 24.33 45.31
C ALA A 318 -11.53 24.05 46.59
N PRO A 319 -11.53 24.99 47.53
CA PRO A 319 -10.76 24.79 48.76
C PRO A 319 -11.30 23.68 49.64
N LEU A 320 -10.45 23.16 50.52
CA LEU A 320 -10.86 22.16 51.50
C LEU A 320 -11.88 22.82 52.44
N SER A 321 -12.85 22.04 52.91
CA SER A 321 -13.90 22.62 53.73
C SER A 321 -14.32 21.74 54.84
N ARG A 322 -14.69 22.34 55.97
CA ARG A 322 -15.23 21.60 57.10
CA ARG A 322 -15.24 21.56 57.06
C ARG A 322 -16.76 21.80 57.22
N ASP A 323 -17.40 22.43 56.21
CA ASP A 323 -18.84 22.67 56.17
C ASP A 323 -19.47 21.39 55.62
N PRO A 324 -20.35 20.72 56.39
CA PRO A 324 -20.95 19.45 55.90
C PRO A 324 -21.75 19.57 54.60
N THR A 325 -22.38 20.71 54.30
CA THR A 325 -23.10 20.85 53.03
C THR A 325 -22.12 20.79 51.85
N GLU A 326 -20.99 21.50 51.98
CA GLU A 326 -19.91 21.56 50.99
C GLU A 326 -19.30 20.15 50.78
N VAL A 327 -19.02 19.44 51.89
CA VAL A 327 -18.45 18.11 51.86
C VAL A 327 -19.42 17.11 51.23
N THR A 328 -20.73 17.20 51.58
CA THR A 328 -21.72 16.31 51.01
C THR A 328 -21.88 16.57 49.53
N ALA A 329 -21.87 17.86 49.11
CA ALA A 329 -22.04 18.23 47.70
C ALA A 329 -20.98 17.59 46.79
N ILE A 330 -19.68 17.65 47.18
CA ILE A 330 -18.63 17.08 46.35
C ILE A 330 -18.72 15.55 46.33
N GLY A 331 -19.08 14.94 47.47
CA GLY A 331 -19.29 13.51 47.54
C GLY A 331 -20.43 13.04 46.64
N ALA A 332 -21.54 13.80 46.63
CA ALA A 332 -22.71 13.52 45.79
C ALA A 332 -22.39 13.68 44.30
N VAL A 333 -21.64 14.72 43.90
CA VAL A 333 -21.30 14.92 42.50
C VAL A 333 -20.32 13.81 42.01
N GLU A 334 -19.38 13.41 42.87
CA GLU A 334 -18.44 12.34 42.57
C GLU A 334 -19.23 11.04 42.36
N ALA A 335 -20.17 10.74 43.30
CA ALA A 335 -21.03 9.56 43.22
C ALA A 335 -21.88 9.56 41.95
N ALA A 336 -22.46 10.71 41.58
CA ALA A 336 -23.27 10.84 40.36
C ALA A 336 -22.46 10.50 39.10
N PHE A 337 -21.22 10.99 39.01
CA PHE A 337 -20.37 10.69 37.86
C PHE A 337 -19.98 9.19 37.81
N LYS A 338 -19.75 8.57 38.97
CA LYS A 338 -19.39 7.16 39.06
C LYS A 338 -20.44 6.20 38.49
N CYS A 339 -21.72 6.51 38.69
CA CYS A 339 -22.80 5.65 38.20
C CYS A 339 -23.58 6.22 37.03
N CYS A 340 -23.17 7.38 36.47
CA CYS A 340 -23.91 8.05 35.39
C CYS A 340 -25.35 8.33 35.85
N ALA A 341 -25.49 8.81 37.10
CA ALA A 341 -26.80 9.08 37.70
C ALA A 341 -27.62 10.00 36.82
N ALA A 342 -28.90 9.69 36.66
CA ALA A 342 -29.79 10.53 35.88
C ALA A 342 -30.04 11.87 36.57
N ALA A 343 -30.00 11.90 37.92
CA ALA A 343 -30.27 13.11 38.66
C ALA A 343 -29.70 13.06 40.09
N ILE A 344 -29.54 14.24 40.69
CA ILE A 344 -29.21 14.41 42.09
C ILE A 344 -30.46 15.14 42.64
N ILE A 345 -31.22 14.49 43.52
CA ILE A 345 -32.40 15.10 44.11
C ILE A 345 -31.98 15.69 45.43
N VAL A 346 -32.16 16.99 45.61
CA VAL A 346 -31.75 17.65 46.83
C VAL A 346 -32.91 18.40 47.48
N LEU A 347 -32.96 18.38 48.81
CA LEU A 347 -33.95 19.15 49.56
C LEU A 347 -33.26 20.43 49.98
N THR A 348 -33.88 21.56 49.69
CA THR A 348 -33.32 22.85 50.05
C THR A 348 -34.39 23.86 50.51
N THR A 349 -34.07 24.62 51.54
CA THR A 349 -34.95 25.64 52.05
C THR A 349 -34.65 26.94 51.33
N THR A 350 -33.36 27.32 51.27
CA THR A 350 -32.89 28.58 50.68
C THR A 350 -32.33 28.46 49.26
N GLY A 351 -32.10 27.25 48.79
CA GLY A 351 -31.47 26.99 47.50
C GLY A 351 -29.97 26.68 47.63
N ARG A 352 -29.37 26.96 48.81
CA ARG A 352 -27.93 26.80 49.04
C ARG A 352 -27.38 25.38 48.78
N SER A 353 -28.04 24.31 49.26
CA SER A 353 -27.55 22.96 49.02
C SER A 353 -27.52 22.63 47.51
N ALA A 354 -28.48 23.17 46.72
CA ALA A 354 -28.52 22.97 45.27
C ALA A 354 -27.39 23.79 44.60
N GLN A 355 -27.14 25.01 45.09
CA GLN A 355 -26.08 25.87 44.57
C GLN A 355 -24.70 25.19 44.74
N LEU A 356 -24.46 24.56 45.91
CA LEU A 356 -23.20 23.89 46.17
C LEU A 356 -23.02 22.63 45.32
N LEU A 357 -24.12 22.00 44.86
CA LEU A 357 -24.02 20.86 43.96
C LEU A 357 -23.69 21.40 42.54
N SER A 358 -24.39 22.47 42.12
CA SER A 358 -24.24 23.15 40.82
CA SER A 358 -24.22 23.09 40.81
C SER A 358 -22.82 23.64 40.57
N ARG A 359 -22.13 24.09 41.61
CA ARG A 359 -20.77 24.62 41.46
C ARG A 359 -19.78 23.56 40.92
N TYR A 360 -20.07 22.27 41.12
CA TYR A 360 -19.21 21.20 40.60
C TYR A 360 -19.60 20.74 39.19
N ARG A 361 -20.57 21.41 38.55
CA ARG A 361 -21.06 21.15 37.22
C ARG A 361 -21.32 19.67 36.93
N PRO A 362 -22.19 19.00 37.73
CA PRO A 362 -22.51 17.59 37.42
C PRO A 362 -23.22 17.49 36.07
N ARG A 363 -23.07 16.35 35.40
CA ARG A 363 -23.84 16.08 34.17
C ARG A 363 -25.29 15.75 34.61
N ALA A 364 -25.45 15.07 35.77
CA ALA A 364 -26.75 14.73 36.35
C ALA A 364 -27.50 16.01 36.70
N ALA A 365 -28.80 16.07 36.36
CA ALA A 365 -29.64 17.23 36.66
C ALA A 365 -29.77 17.37 38.18
N VAL A 366 -29.72 18.58 38.72
CA VAL A 366 -29.91 18.78 40.15
C VAL A 366 -31.38 19.16 40.35
N ILE A 367 -32.20 18.21 40.82
CA ILE A 367 -33.63 18.43 41.03
C ILE A 367 -33.79 18.94 42.46
N ALA A 368 -34.07 20.24 42.59
CA ALA A 368 -34.17 20.86 43.91
C ALA A 368 -35.63 20.93 44.38
N VAL A 369 -35.98 20.15 45.40
CA VAL A 369 -37.34 20.14 45.95
C VAL A 369 -37.40 21.11 47.12
N THR A 370 -38.20 22.18 47.00
CA THR A 370 -38.30 23.19 48.04
C THR A 370 -39.76 23.59 48.29
N ARG A 371 -40.07 24.00 49.53
CA ARG A 371 -41.38 24.56 49.84
C ARG A 371 -41.36 26.10 49.61
N SER A 372 -40.17 26.74 49.54
CA SER A 372 -40.09 28.18 49.32
C SER A 372 -40.30 28.55 47.84
N ALA A 373 -41.39 29.26 47.53
CA ALA A 373 -41.65 29.70 46.16
C ALA A 373 -40.56 30.66 45.68
N GLN A 374 -40.04 31.51 46.57
CA GLN A 374 -38.97 32.43 46.19
C GLN A 374 -37.66 31.68 45.89
N ALA A 375 -37.28 30.69 46.73
CA ALA A 375 -36.06 29.91 46.47
C ALA A 375 -36.21 29.14 45.16
N ALA A 376 -37.42 28.61 44.87
CA ALA A 376 -37.67 27.89 43.61
C ALA A 376 -37.43 28.80 42.41
N ARG A 377 -37.82 30.07 42.51
CA ARG A 377 -37.62 31.02 41.41
C ARG A 377 -36.14 31.41 41.30
N GLN A 378 -35.51 31.71 42.44
CA GLN A 378 -34.12 32.19 42.47
C GLN A 378 -33.09 31.18 42.02
N VAL A 379 -33.35 29.90 42.28
CA VAL A 379 -32.44 28.81 41.99
C VAL A 379 -32.23 28.59 40.45
N HIS A 380 -32.99 29.32 39.60
CA HIS A 380 -32.79 29.36 38.16
C HIS A 380 -31.46 30.08 37.83
N LEU A 381 -30.90 30.88 38.76
CA LEU A 381 -29.61 31.54 38.55
C LEU A 381 -28.44 30.52 38.50
N CYS A 382 -28.61 29.31 39.06
CA CYS A 382 -27.56 28.29 39.13
C CYS A 382 -27.71 27.25 38.04
N ARG A 383 -26.67 27.08 37.19
CA ARG A 383 -26.77 26.12 36.10
C ARG A 383 -27.08 24.69 36.57
N GLY A 384 -27.99 24.04 35.86
CA GLY A 384 -28.31 22.65 36.12
C GLY A 384 -29.22 22.38 37.30
N VAL A 385 -29.79 23.43 37.89
CA VAL A 385 -30.73 23.27 39.00
C VAL A 385 -32.15 23.42 38.46
N PHE A 386 -32.96 22.38 38.65
CA PHE A 386 -34.35 22.30 38.22
C PHE A 386 -35.24 22.38 39.46
N PRO A 387 -35.83 23.55 39.71
CA PRO A 387 -36.66 23.71 40.93
C PRO A 387 -38.04 23.06 40.86
N LEU A 388 -38.42 22.37 41.93
CA LEU A 388 -39.74 21.77 42.07
C LEU A 388 -40.35 22.35 43.33
N LEU A 389 -41.43 23.11 43.17
CA LEU A 389 -42.11 23.70 44.32
C LEU A 389 -43.07 22.68 44.94
N TYR A 390 -42.80 22.28 46.19
CA TYR A 390 -43.55 21.26 46.91
C TYR A 390 -44.80 21.84 47.58
N ARG A 391 -45.98 21.37 47.15
CA ARG A 391 -47.25 21.85 47.70
C ARG A 391 -48.14 20.70 48.19
N GLU A 392 -47.52 19.64 48.71
CA GLU A 392 -48.27 18.50 49.21
CA GLU A 392 -48.26 18.49 49.23
C GLU A 392 -48.40 18.60 50.74
N PRO A 393 -49.45 17.97 51.34
CA PRO A 393 -49.63 18.12 52.78
C PRO A 393 -48.49 17.53 53.58
N PRO A 394 -48.18 18.13 54.74
CA PRO A 394 -47.07 17.60 55.55
C PRO A 394 -47.29 16.23 56.15
N GLU A 395 -46.20 15.47 56.33
CA GLU A 395 -46.27 14.21 57.07
C GLU A 395 -46.04 14.56 58.55
N ALA A 396 -46.63 13.77 59.45
CA ALA A 396 -46.50 14.02 60.88
C ALA A 396 -45.07 13.76 61.37
N ILE A 397 -44.45 12.66 60.92
CA ILE A 397 -43.08 12.33 61.34
C ILE A 397 -42.12 12.90 60.31
N TRP A 398 -41.14 13.71 60.76
CA TRP A 398 -40.17 14.39 59.89
C TRP A 398 -39.46 13.46 58.89
N ALA A 399 -39.00 12.27 59.32
CA ALA A 399 -38.35 11.34 58.40
C ALA A 399 -39.31 10.91 57.27
N ASP A 400 -40.63 10.79 57.58
CA ASP A 400 -41.62 10.45 56.56
C ASP A 400 -41.88 11.66 55.64
N ASP A 401 -41.80 12.87 56.18
CA ASP A 401 -42.02 14.08 55.40
C ASP A 401 -40.87 14.22 54.37
N VAL A 402 -39.62 13.96 54.82
CA VAL A 402 -38.43 14.00 53.95
C VAL A 402 -38.62 12.98 52.83
N ASP A 403 -38.99 11.72 53.19
CA ASP A 403 -39.20 10.65 52.23
CA ASP A 403 -39.19 10.66 52.22
C ASP A 403 -40.23 11.00 51.14
N ARG A 404 -41.34 11.67 51.54
CA ARG A 404 -42.35 12.03 50.54
C ARG A 404 -41.84 13.13 49.61
N ARG A 405 -41.01 14.06 50.12
CA ARG A 405 -40.41 15.08 49.24
C ARG A 405 -39.45 14.43 48.23
N VAL A 406 -38.74 13.38 48.63
CA VAL A 406 -37.83 12.63 47.75
C VAL A 406 -38.65 11.90 46.69
N GLN A 407 -39.73 11.19 47.10
CA GLN A 407 -40.62 10.53 46.14
C GLN A 407 -41.28 11.53 45.19
N PHE A 408 -41.52 12.78 45.63
CA PHE A 408 -42.10 13.80 44.78
C PHE A 408 -41.10 14.20 43.67
N GLY A 409 -39.81 14.30 44.04
CA GLY A 409 -38.73 14.63 43.10
C GLY A 409 -38.64 13.56 42.03
N ILE A 410 -38.74 12.28 42.45
CA ILE A 410 -38.71 11.11 41.58
C ILE A 410 -39.91 11.06 40.64
N GLU A 411 -41.14 11.28 41.18
CA GLU A 411 -42.34 11.28 40.34
C GLU A 411 -42.33 12.44 39.35
N SER A 412 -41.91 13.64 39.78
CA SER A 412 -41.80 14.79 38.88
C SER A 412 -40.72 14.54 37.81
N GLY A 413 -39.63 13.90 38.20
CA GLY A 413 -38.54 13.54 37.30
C GLY A 413 -38.97 12.53 36.26
N LYS A 414 -39.77 11.52 36.64
CA LYS A 414 -40.27 10.52 35.70
C LYS A 414 -41.22 11.19 34.70
N LEU A 415 -42.13 12.04 35.21
CA LEU A 415 -43.11 12.75 34.41
C LEU A 415 -42.45 13.69 33.40
N ARG A 416 -41.38 14.40 33.82
CA ARG A 416 -40.69 15.33 32.95
C ARG A 416 -39.63 14.73 32.05
N GLY A 417 -39.40 13.42 32.13
CA GLY A 417 -38.42 12.76 31.28
C GLY A 417 -37.01 12.67 31.81
N PHE A 418 -36.76 13.22 33.01
CA PHE A 418 -35.43 13.17 33.63
C PHE A 418 -35.06 11.74 34.05
N LEU A 419 -36.05 10.98 34.54
CA LEU A 419 -35.80 9.66 35.11
C LEU A 419 -36.66 8.59 34.49
N ARG A 420 -36.16 7.35 34.54
CA ARG A 420 -36.83 6.14 34.10
C ARG A 420 -36.57 5.06 35.15
N VAL A 421 -37.40 4.02 35.16
CA VAL A 421 -37.24 2.88 36.07
C VAL A 421 -35.91 2.18 35.73
N GLY A 422 -35.14 1.88 36.76
CA GLY A 422 -33.82 1.29 36.56
C GLY A 422 -32.68 2.29 36.67
N ASP A 423 -32.99 3.61 36.58
CA ASP A 423 -31.95 4.65 36.72
C ASP A 423 -31.45 4.72 38.16
N LEU A 424 -30.24 5.25 38.34
CA LEU A 424 -29.71 5.51 39.67
C LEU A 424 -29.80 7.01 39.92
N VAL A 425 -30.09 7.39 41.14
CA VAL A 425 -30.14 8.80 41.53
C VAL A 425 -29.35 8.95 42.81
N ILE A 426 -28.88 10.16 43.05
CA ILE A 426 -28.21 10.51 44.27
C ILE A 426 -29.21 11.39 45.02
N VAL A 427 -29.45 11.13 46.30
CA VAL A 427 -30.40 11.93 47.08
C VAL A 427 -29.65 12.63 48.19
N VAL A 428 -29.76 13.96 48.25
CA VAL A 428 -29.07 14.77 49.22
C VAL A 428 -30.06 15.41 50.20
N THR A 429 -29.95 15.03 51.50
CA THR A 429 -30.82 15.52 52.58
C THR A 429 -29.98 15.92 53.84
N GLY A 430 -30.65 16.34 54.92
CA GLY A 430 -30.03 16.70 56.18
C GLY A 430 -30.45 15.81 57.33
N TRP A 431 -29.84 16.03 58.49
CA TRP A 431 -30.10 15.23 59.69
C TRP A 431 -31.22 15.78 60.59
N ARG A 432 -31.63 17.04 60.39
CA ARG A 432 -32.65 17.72 61.17
C ARG A 432 -33.31 18.84 60.34
N PRO A 433 -34.56 19.27 60.68
CA PRO A 433 -35.21 20.34 59.89
C PRO A 433 -34.49 21.68 59.99
N GLY A 434 -34.77 22.58 59.05
CA GLY A 434 -34.12 23.88 59.02
C GLY A 434 -32.94 23.90 58.05
N SER A 435 -32.63 25.08 57.53
CA SER A 435 -31.55 25.28 56.59
CA SER A 435 -31.54 25.24 56.58
C SER A 435 -30.17 25.16 57.28
N GLY A 436 -29.17 24.67 56.56
CA GLY A 436 -27.81 24.57 57.07
C GLY A 436 -27.36 23.23 57.60
N TYR A 437 -28.22 22.21 57.53
CA TYR A 437 -27.88 20.89 58.08
C TYR A 437 -27.76 19.79 57.07
N THR A 438 -27.59 20.10 55.76
CA THR A 438 -27.40 19.03 54.75
C THR A 438 -26.11 18.26 55.08
N ASN A 439 -26.19 16.95 55.20
CA ASN A 439 -25.03 16.13 55.54
C ASN A 439 -25.17 14.68 55.05
N ILE A 440 -26.17 14.36 54.21
CA ILE A 440 -26.40 12.98 53.80
C ILE A 440 -26.50 12.79 52.30
N MET A 441 -25.86 11.75 51.81
CA MET A 441 -25.97 11.39 50.40
CA MET A 441 -25.86 11.37 50.39
C MET A 441 -26.36 9.92 50.34
N ARG A 442 -27.36 9.62 49.50
CA ARG A 442 -27.88 8.25 49.40
C ARG A 442 -27.95 7.85 47.92
N VAL A 443 -27.63 6.60 47.61
CA VAL A 443 -27.70 6.10 46.25
C VAL A 443 -28.98 5.29 46.15
N LEU A 444 -29.89 5.70 45.26
CA LEU A 444 -31.19 5.08 45.14
C LEU A 444 -31.46 4.57 43.72
N SER A 445 -32.06 3.37 43.61
CA SER A 445 -32.44 2.81 42.32
CA SER A 445 -32.44 2.82 42.31
C SER A 445 -33.91 3.18 42.08
N ILE A 446 -34.22 3.75 40.92
CA ILE A 446 -35.58 4.16 40.59
C ILE A 446 -36.50 2.99 40.30
N SER A 447 -37.59 2.93 41.10
CA SER A 447 -38.66 1.93 41.07
C SER A 447 -38.14 0.50 41.17
N ARG B 12 -2.42 27.72 47.23
CA ARG B 12 -2.55 28.23 48.60
C ARG B 12 -4.01 28.57 48.96
N ALA B 13 -4.78 29.15 48.02
CA ALA B 13 -6.19 29.50 48.26
C ALA B 13 -7.06 28.25 48.47
N ASP B 14 -6.67 27.11 47.89
CA ASP B 14 -7.38 25.84 48.06
C ASP B 14 -7.17 25.23 49.47
N VAL B 15 -6.21 25.74 50.25
CA VAL B 15 -5.98 25.24 51.61
C VAL B 15 -5.97 26.38 52.67
N ALA B 16 -6.12 27.65 52.25
CA ALA B 16 -6.05 28.82 53.13
C ALA B 16 -7.03 28.82 54.30
N GLN B 17 -8.34 28.59 54.03
CA GLN B 17 -9.32 28.58 55.12
C GLN B 17 -9.09 27.40 56.05
N LEU B 18 -8.76 26.21 55.51
CA LEU B 18 -8.50 25.06 56.37
C LEU B 18 -7.21 25.21 57.17
N THR B 19 -6.22 25.94 56.64
CA THR B 19 -4.96 26.20 57.33
C THR B 19 -5.22 27.16 58.49
N GLN B 20 -6.08 28.16 58.30
CA GLN B 20 -6.43 29.09 59.36
C GLN B 20 -7.16 28.36 60.49
N GLU B 21 -8.08 27.44 60.13
CA GLU B 21 -8.87 26.66 61.09
C GLU B 21 -8.10 25.57 61.82
N LEU B 22 -7.40 24.69 61.08
CA LEU B 22 -6.66 23.59 61.70
C LEU B 22 -5.25 23.99 62.17
N GLY B 23 -4.69 25.05 61.61
CA GLY B 23 -3.36 25.54 61.98
C GLY B 23 -2.25 25.13 61.05
N THR B 24 -1.15 25.90 61.04
CA THR B 24 0.01 25.60 60.19
C THR B 24 0.72 24.34 60.67
N ALA B 25 0.69 24.04 62.00
CA ALA B 25 1.33 22.84 62.53
C ALA B 25 0.67 21.59 61.98
N PHE B 26 -0.67 21.60 61.84
CA PHE B 26 -1.41 20.47 61.30
C PHE B 26 -0.94 20.17 59.86
N PHE B 27 -0.77 21.21 59.06
CA PHE B 27 -0.37 21.04 57.65
C PHE B 27 1.13 20.82 57.45
N GLN B 28 1.94 20.80 58.53
CA GLN B 28 3.36 20.50 58.42
C GLN B 28 3.61 19.01 58.70
N GLN B 29 2.73 18.34 59.48
CA GLN B 29 2.83 16.92 59.82
C GLN B 29 2.34 16.02 58.68
N GLN B 30 2.54 14.70 58.84
CA GLN B 30 2.13 13.60 57.95
C GLN B 30 2.39 13.87 56.45
N GLN B 31 3.51 14.54 56.12
CA GLN B 31 3.92 14.88 54.76
C GLN B 31 2.84 15.63 53.98
N LEU B 32 2.05 16.46 54.67
CA LEU B 32 0.99 17.22 54.00
C LEU B 32 1.53 18.23 53.00
N PRO B 33 2.68 18.93 53.19
CA PRO B 33 3.18 19.80 52.10
C PRO B 33 3.48 18.95 50.85
N ALA B 34 4.08 17.76 51.01
CA ALA B 34 4.37 16.88 49.87
C ALA B 34 3.06 16.33 49.24
N ALA B 35 2.01 16.18 50.04
CA ALA B 35 0.70 15.73 49.59
C ALA B 35 0.00 16.79 48.72
N MET B 36 0.23 18.07 49.00
CA MET B 36 -0.39 19.14 48.22
C MET B 36 0.37 19.50 46.92
N ALA B 37 1.48 18.81 46.62
CA ALA B 37 2.27 19.12 45.44
C ALA B 37 1.53 18.87 44.12
N ASP B 38 1.83 19.68 43.10
CA ASP B 38 1.19 19.60 41.79
C ASP B 38 1.78 18.54 40.86
N THR B 39 3.00 18.08 41.14
CA THR B 39 3.65 17.02 40.34
C THR B 39 4.30 15.99 41.29
N PHE B 40 4.56 14.79 40.79
CA PHE B 40 5.24 13.76 41.58
C PHE B 40 6.68 14.22 41.94
N LEU B 41 7.36 14.90 41.00
CA LEU B 41 8.70 15.42 41.24
C LEU B 41 8.69 16.43 42.41
N GLU B 42 7.72 17.36 42.42
CA GLU B 42 7.57 18.35 43.50
CA GLU B 42 7.62 18.33 43.50
C GLU B 42 7.22 17.65 44.83
N HIS B 43 6.43 16.56 44.75
CA HIS B 43 6.03 15.76 45.91
C HIS B 43 7.28 15.18 46.57
N LEU B 44 8.19 14.60 45.76
CA LEU B 44 9.44 14.04 46.28
C LEU B 44 10.29 15.13 46.90
N CYS B 45 10.43 16.29 46.21
CA CYS B 45 11.21 17.43 46.70
C CYS B 45 10.71 17.95 48.04
N LEU B 46 9.41 17.80 48.34
CA LEU B 46 8.82 18.30 49.58
C LEU B 46 8.79 17.30 50.71
N LEU B 47 9.26 16.03 50.51
CA LEU B 47 9.30 15.05 51.60
C LEU B 47 10.24 15.57 52.69
N ASP B 48 9.80 15.52 53.94
CA ASP B 48 10.52 16.13 55.04
C ASP B 48 10.71 15.14 56.18
N ILE B 49 11.96 14.87 56.57
CA ILE B 49 12.23 13.98 57.71
C ILE B 49 11.69 14.55 59.05
N ASP B 50 11.46 15.86 59.13
CA ASP B 50 10.90 16.48 60.33
C ASP B 50 9.37 16.48 60.35
N SER B 51 8.72 16.00 59.28
CA SER B 51 7.27 15.91 59.22
C SER B 51 6.88 14.59 59.82
N GLU B 52 6.40 14.60 61.06
CA GLU B 52 6.06 13.38 61.78
C GLU B 52 4.76 12.73 61.37
N PRO B 53 4.73 11.39 61.30
CA PRO B 53 3.47 10.70 60.99
C PRO B 53 2.48 10.86 62.16
N VAL B 54 1.22 11.10 61.86
CA VAL B 54 0.19 11.26 62.89
C VAL B 54 -0.84 10.11 62.82
N ALA B 55 -1.19 9.67 61.61
CA ALA B 55 -2.17 8.62 61.39
C ALA B 55 -1.73 7.26 61.93
N ALA B 56 -2.71 6.41 62.28
CA ALA B 56 -2.45 5.05 62.71
C ALA B 56 -1.90 4.27 61.49
N ARG B 57 -1.06 3.25 61.77
CA ARG B 57 -0.44 2.46 60.73
C ARG B 57 -1.49 1.67 59.99
N SER B 58 -1.58 1.85 58.69
CA SER B 58 -2.61 1.22 57.89
C SER B 58 -2.20 -0.08 57.17
N THR B 59 -0.90 -0.30 56.88
CA THR B 59 -0.45 -1.52 56.21
C THR B 59 -0.32 -2.60 57.26
N SER B 60 -1.01 -3.72 57.10
CA SER B 60 -0.94 -4.79 58.09
C SER B 60 0.37 -5.52 58.08
N ILE B 61 0.76 -6.00 59.24
CA ILE B 61 1.96 -6.79 59.39
C ILE B 61 1.59 -8.23 59.60
N ILE B 62 2.13 -9.11 58.76
CA ILE B 62 1.96 -10.54 58.90
C ILE B 62 3.26 -11.07 59.53
N ALA B 63 3.17 -11.73 60.69
CA ALA B 63 4.36 -12.29 61.32
C ALA B 63 4.25 -13.80 61.31
N THR B 64 5.32 -14.50 60.89
CA THR B 64 5.32 -15.94 60.90
C THR B 64 5.58 -16.43 62.33
N ILE B 65 4.70 -17.31 62.82
CA ILE B 65 4.81 -17.80 64.19
C ILE B 65 5.51 -19.15 64.18
N GLY B 66 6.64 -19.20 64.88
CA GLY B 66 7.45 -20.41 64.96
C GLY B 66 8.17 -20.52 66.29
N PRO B 67 9.28 -21.29 66.33
CA PRO B 67 10.02 -21.46 67.59
C PRO B 67 10.38 -20.19 68.36
N ALA B 68 10.77 -19.12 67.63
CA ALA B 68 11.17 -17.88 68.28
C ALA B 68 10.02 -16.98 68.73
N SER B 69 8.78 -17.29 68.33
CA SER B 69 7.65 -16.40 68.61
C SER B 69 6.37 -17.12 69.03
N ARG B 70 6.50 -18.32 69.58
CA ARG B 70 5.40 -19.19 69.98
C ARG B 70 4.78 -18.96 71.34
N SER B 71 5.57 -18.56 72.34
CA SER B 71 5.05 -18.42 73.69
C SER B 71 3.96 -17.35 73.82
N VAL B 72 3.03 -17.55 74.76
CA VAL B 72 1.92 -16.62 75.02
C VAL B 72 2.46 -15.24 75.42
N GLU B 73 3.55 -15.21 76.21
CA GLU B 73 4.16 -13.95 76.66
C GLU B 73 4.79 -13.20 75.47
N ARG B 74 5.49 -13.93 74.58
CA ARG B 74 6.13 -13.37 73.39
C ARG B 74 5.05 -12.87 72.40
N LEU B 75 3.97 -13.67 72.21
CA LEU B 75 2.87 -13.29 71.34
C LEU B 75 2.15 -12.03 71.81
N LYS B 76 2.04 -11.82 73.12
CA LYS B 76 1.42 -10.59 73.64
C LYS B 76 2.27 -9.38 73.26
N GLU B 77 3.62 -9.54 73.28
CA GLU B 77 4.56 -8.48 72.91
CA GLU B 77 4.52 -8.45 72.91
C GLU B 77 4.44 -8.20 71.42
N MET B 78 4.27 -9.24 70.60
CA MET B 78 4.14 -9.11 69.15
CA MET B 78 4.14 -9.09 69.15
C MET B 78 2.84 -8.39 68.77
N ILE B 79 1.75 -8.66 69.52
CA ILE B 79 0.48 -8.00 69.28
C ILE B 79 0.62 -6.51 69.62
N LYS B 80 1.27 -6.20 70.76
CA LYS B 80 1.50 -4.82 71.16
C LYS B 80 2.45 -4.08 70.19
N ALA B 81 3.41 -4.81 69.59
CA ALA B 81 4.36 -4.25 68.61
C ALA B 81 3.68 -3.95 67.25
N GLY B 82 2.56 -4.63 66.97
CA GLY B 82 1.80 -4.37 65.75
C GLY B 82 1.40 -5.55 64.88
N MET B 83 1.66 -6.78 65.29
CA MET B 83 1.26 -7.95 64.49
C MET B 83 -0.28 -7.99 64.28
N ASN B 84 -0.74 -8.09 63.02
CA ASN B 84 -2.18 -8.13 62.71
C ASN B 84 -2.60 -9.50 62.23
N ILE B 85 -1.68 -10.24 61.57
CA ILE B 85 -1.94 -11.56 61.01
C ILE B 85 -0.81 -12.50 61.44
N ALA B 86 -1.15 -13.67 61.98
CA ALA B 86 -0.20 -14.68 62.40
C ALA B 86 -0.13 -15.71 61.32
N ARG B 87 1.04 -15.94 60.74
CA ARG B 87 1.21 -16.91 59.67
C ARG B 87 1.79 -18.21 60.21
N LEU B 88 1.22 -19.36 59.79
CA LEU B 88 1.73 -20.67 60.19
C LEU B 88 2.23 -21.31 58.94
N ASN B 89 3.53 -21.61 58.88
CA ASN B 89 4.14 -22.18 57.71
C ASN B 89 4.09 -23.69 57.79
N PHE B 90 3.18 -24.31 57.02
CA PHE B 90 3.02 -25.76 57.01
C PHE B 90 4.12 -26.49 56.22
N SER B 91 5.17 -25.77 55.79
CA SER B 91 6.36 -26.42 55.23
C SER B 91 7.21 -27.01 56.41
N HIS B 92 7.02 -26.50 57.64
CA HIS B 92 7.70 -26.91 58.86
C HIS B 92 6.69 -27.37 59.93
N GLY B 93 7.19 -27.94 61.01
CA GLY B 93 6.38 -28.40 62.13
C GLY B 93 5.46 -29.56 61.81
N SER B 94 4.42 -29.70 62.60
CA SER B 94 3.40 -30.73 62.47
C SER B 94 2.02 -30.12 62.79
N HIS B 95 0.95 -30.92 62.64
CA HIS B 95 -0.39 -30.46 62.97
C HIS B 95 -0.48 -30.14 64.47
N GLU B 96 0.12 -30.98 65.33
CA GLU B 96 0.10 -30.76 66.78
C GLU B 96 0.86 -29.48 67.14
N TYR B 97 2.01 -29.27 66.50
CA TYR B 97 2.84 -28.10 66.75
C TYR B 97 2.09 -26.81 66.37
N HIS B 98 1.51 -26.78 65.17
CA HIS B 98 0.77 -25.61 64.69
C HIS B 98 -0.53 -25.37 65.47
N ALA B 99 -1.21 -26.44 65.93
CA ALA B 99 -2.42 -26.27 66.75
C ALA B 99 -2.06 -25.59 68.08
N GLU B 100 -0.90 -25.92 68.64
CA GLU B 100 -0.46 -25.29 69.89
C GLU B 100 -0.13 -23.81 69.66
N SER B 101 0.50 -23.49 68.51
CA SER B 101 0.82 -22.10 68.16
C SER B 101 -0.48 -21.29 68.01
N ILE B 102 -1.50 -21.87 67.33
CA ILE B 102 -2.81 -21.26 67.17
C ILE B 102 -3.46 -20.98 68.53
N ALA B 103 -3.43 -21.97 69.44
CA ALA B 103 -3.99 -21.82 70.79
C ALA B 103 -3.29 -20.70 71.56
N ASN B 104 -1.95 -20.60 71.41
CA ASN B 104 -1.19 -19.55 72.10
C ASN B 104 -1.51 -18.16 71.53
N VAL B 105 -1.72 -18.08 70.20
CA VAL B 105 -2.11 -16.81 69.56
C VAL B 105 -3.47 -16.38 70.11
N ARG B 106 -4.46 -17.30 70.10
CA ARG B 106 -5.79 -17.01 70.63
C ARG B 106 -5.79 -16.64 72.10
N GLU B 107 -4.94 -17.29 72.91
CA GLU B 107 -4.82 -16.93 74.32
C GLU B 107 -4.28 -15.51 74.49
N ALA B 108 -3.28 -15.11 73.67
CA ALA B 108 -2.71 -13.76 73.74
C ALA B 108 -3.70 -12.71 73.25
N VAL B 109 -4.46 -13.05 72.19
CA VAL B 109 -5.48 -12.15 71.66
C VAL B 109 -6.60 -11.91 72.69
N GLU B 110 -7.04 -12.99 73.36
CA GLU B 110 -8.11 -12.86 74.35
C GLU B 110 -7.68 -12.15 75.62
N SER B 111 -6.38 -12.08 75.92
CA SER B 111 -5.92 -11.35 77.10
C SER B 111 -6.33 -9.86 77.05
N PHE B 112 -6.51 -9.30 75.84
CA PHE B 112 -6.91 -7.91 75.68
C PHE B 112 -8.43 -7.71 75.50
N ALA B 113 -9.21 -8.82 75.46
CA ALA B 113 -10.67 -8.83 75.29
C ALA B 113 -11.47 -8.48 76.55
N GLY B 114 -11.41 -7.21 76.94
CA GLY B 114 -12.14 -6.69 78.08
C GLY B 114 -12.67 -5.27 77.85
N SER B 115 -12.25 -4.64 76.71
CA SER B 115 -12.62 -3.29 76.34
C SER B 115 -12.34 -3.08 74.84
N PRO B 116 -13.19 -2.30 74.13
CA PRO B 116 -12.95 -2.04 72.71
C PRO B 116 -11.68 -1.21 72.46
N LEU B 117 -11.20 -0.49 73.48
CA LEU B 117 -9.97 0.32 73.41
C LEU B 117 -8.70 -0.54 73.51
N SER B 118 -8.81 -1.74 74.10
CA SER B 118 -7.68 -2.64 74.29
C SER B 118 -7.71 -3.85 73.36
N TYR B 119 -8.89 -4.24 72.84
CA TYR B 119 -8.98 -5.42 72.00
C TYR B 119 -8.41 -5.22 70.60
N ARG B 120 -7.69 -6.21 70.10
CA ARG B 120 -7.18 -6.19 68.74
C ARG B 120 -7.27 -7.58 68.13
N PRO B 121 -8.20 -7.76 67.18
CA PRO B 121 -8.30 -9.06 66.51
C PRO B 121 -7.03 -9.36 65.72
N VAL B 122 -6.66 -10.63 65.67
CA VAL B 122 -5.49 -11.06 64.94
C VAL B 122 -5.94 -12.21 64.06
N ALA B 123 -5.73 -12.12 62.74
CA ALA B 123 -6.12 -13.19 61.84
C ALA B 123 -5.12 -14.35 61.89
N ILE B 124 -5.58 -15.55 61.56
CA ILE B 124 -4.71 -16.72 61.53
C ILE B 124 -4.66 -17.23 60.11
N ALA B 125 -3.46 -17.26 59.55
CA ALA B 125 -3.27 -17.65 58.16
C ALA B 125 -2.44 -18.92 58.06
N LEU B 126 -2.86 -19.84 57.19
CA LEU B 126 -2.16 -21.09 57.00
C LEU B 126 -1.45 -21.00 55.66
N ASP B 127 -0.13 -21.17 55.67
CA ASP B 127 0.66 -21.13 54.45
C ASP B 127 0.99 -22.56 54.06
N THR B 128 0.51 -23.02 52.90
CA THR B 128 0.71 -24.41 52.50
C THR B 128 2.12 -24.76 52.07
N LYS B 129 2.47 -26.05 52.21
CA LYS B 129 3.78 -26.57 51.80
C LYS B 129 3.94 -26.43 50.27
N GLY B 130 2.89 -26.71 49.53
CA GLY B 130 2.92 -26.57 48.08
C GLY B 130 2.92 -27.87 47.32
N PRO B 131 2.88 -27.78 45.98
CA PRO B 131 2.82 -28.98 45.14
C PRO B 131 4.11 -29.76 44.96
N GLY B 132 5.26 -29.12 45.17
CA GLY B 132 6.54 -29.77 44.96
C GLY B 132 6.75 -30.10 43.49
N SER B 133 7.15 -31.35 43.18
CA SER B 133 7.33 -31.76 41.78
C SER B 133 6.02 -32.13 41.05
N GLY B 134 4.89 -32.18 41.78
CA GLY B 134 3.60 -32.51 41.21
C GLY B 134 2.96 -31.36 40.44
N PRO B 135 1.98 -31.65 39.56
CA PRO B 135 1.38 -30.57 38.76
C PRO B 135 0.13 -29.91 39.33
N GLY B 136 -0.26 -30.27 40.56
CA GLY B 136 -1.47 -29.77 41.18
C GLY B 136 -1.47 -29.94 42.69
N LEU B 137 -2.65 -29.92 43.32
CA LEU B 137 -2.77 -30.05 44.78
C LEU B 137 -2.22 -31.35 45.36
N SER B 138 -1.22 -31.24 46.25
CA SER B 138 -0.60 -32.40 46.87
C SER B 138 -1.49 -33.02 47.96
N GLU B 139 -1.23 -34.28 48.34
CA GLU B 139 -2.00 -34.97 49.38
C GLU B 139 -1.77 -34.36 50.75
N GLN B 140 -0.55 -33.88 51.02
CA GLN B 140 -0.26 -33.22 52.30
C GLN B 140 -1.02 -31.90 52.39
N ASP B 141 -1.13 -31.16 51.27
CA ASP B 141 -1.89 -29.92 51.26
C ASP B 141 -3.37 -30.16 51.53
N VAL B 142 -3.95 -31.26 51.00
CA VAL B 142 -5.35 -31.60 51.30
C VAL B 142 -5.56 -31.81 52.80
N ARG B 143 -4.63 -32.53 53.45
CA ARG B 143 -4.71 -32.76 54.89
C ARG B 143 -4.50 -31.48 55.70
N ASP B 144 -3.57 -30.63 55.26
CA ASP B 144 -3.29 -29.36 55.95
C ASP B 144 -4.45 -28.39 55.78
N LEU B 145 -5.07 -28.35 54.61
CA LEU B 145 -6.22 -27.49 54.38
C LEU B 145 -7.40 -27.93 55.24
N ARG B 146 -7.60 -29.26 55.38
CA ARG B 146 -8.66 -29.78 56.24
C ARG B 146 -8.39 -29.43 57.71
N PHE B 147 -7.10 -29.44 58.12
CA PHE B 147 -6.69 -29.02 59.47
C PHE B 147 -7.09 -27.55 59.69
N GLY B 148 -6.85 -26.71 58.68
CA GLY B 148 -7.17 -25.29 58.75
C GLY B 148 -8.64 -25.02 58.98
N VAL B 149 -9.49 -25.72 58.25
CA VAL B 149 -10.95 -25.61 58.39
C VAL B 149 -11.36 -26.04 59.80
N GLU B 150 -10.85 -27.20 60.26
CA GLU B 150 -11.18 -27.70 61.59
C GLU B 150 -10.71 -26.79 62.71
N HIS B 151 -9.60 -26.07 62.49
CA HIS B 151 -9.09 -25.16 63.50
C HIS B 151 -9.53 -23.70 63.33
N GLY B 152 -10.44 -23.45 62.38
CA GLY B 152 -11.01 -22.12 62.13
C GLY B 152 -10.06 -21.04 61.67
N VAL B 153 -9.13 -21.39 60.75
CA VAL B 153 -8.21 -20.39 60.21
C VAL B 153 -8.99 -19.39 59.34
N ASP B 154 -8.50 -18.15 59.26
CA ASP B 154 -9.18 -17.10 58.51
C ASP B 154 -8.72 -17.02 57.06
N ILE B 155 -7.44 -17.33 56.81
CA ILE B 155 -6.82 -17.16 55.49
C ILE B 155 -5.94 -18.34 55.13
N VAL B 156 -5.84 -18.63 53.83
CA VAL B 156 -4.91 -19.60 53.32
C VAL B 156 -3.97 -18.86 52.35
N PHE B 157 -2.65 -19.00 52.55
CA PHE B 157 -1.66 -18.49 51.61
C PHE B 157 -1.30 -19.74 50.81
N ALA B 158 -1.83 -19.86 49.59
CA ALA B 158 -1.60 -21.06 48.77
C ALA B 158 -0.30 -20.99 48.00
N SER B 159 0.65 -21.87 48.31
CA SER B 159 1.95 -21.90 47.66
C SER B 159 1.93 -22.35 46.21
N PHE B 160 2.84 -21.78 45.42
CA PHE B 160 3.05 -22.06 44.01
C PHE B 160 1.75 -22.15 43.17
N VAL B 161 0.92 -21.09 43.21
CA VAL B 161 -0.28 -21.07 42.37
C VAL B 161 0.19 -20.72 40.96
N ARG B 162 -0.13 -21.59 39.99
CA ARG B 162 0.33 -21.39 38.60
C ARG B 162 -0.79 -21.14 37.60
N LYS B 163 -2.03 -21.41 37.97
CA LYS B 163 -3.19 -21.26 37.09
C LYS B 163 -4.47 -21.23 37.92
N ALA B 164 -5.58 -20.80 37.29
CA ALA B 164 -6.88 -20.71 37.97
C ALA B 164 -7.35 -22.03 38.59
N SER B 165 -7.06 -23.16 37.93
CA SER B 165 -7.49 -24.48 38.45
C SER B 165 -6.79 -24.86 39.76
N ASP B 166 -5.61 -24.26 40.05
CA ASP B 166 -4.93 -24.53 41.32
C ASP B 166 -5.74 -23.93 42.46
N VAL B 167 -6.33 -22.72 42.25
CA VAL B 167 -7.09 -22.09 43.34
C VAL B 167 -8.44 -22.83 43.50
N ALA B 168 -9.06 -23.31 42.39
CA ALA B 168 -10.29 -24.11 42.47
C ALA B 168 -10.05 -25.38 43.29
N ALA B 169 -8.87 -26.02 43.12
CA ALA B 169 -8.52 -27.21 43.90
C ALA B 169 -8.38 -26.87 45.39
N VAL B 170 -7.77 -25.72 45.73
CA VAL B 170 -7.64 -25.31 47.14
C VAL B 170 -9.03 -25.08 47.75
N ARG B 171 -9.90 -24.41 46.98
CA ARG B 171 -11.28 -24.11 47.38
CA ARG B 171 -11.26 -24.12 47.40
C ARG B 171 -12.06 -25.41 47.64
N ALA B 172 -11.90 -26.41 46.75
CA ALA B 172 -12.57 -27.70 46.89
C ALA B 172 -12.08 -28.43 48.13
N ALA B 173 -10.77 -28.40 48.40
CA ALA B 173 -10.18 -29.04 49.58
C ALA B 173 -10.62 -28.38 50.90
N LEU B 174 -11.03 -27.11 50.86
CA LEU B 174 -11.55 -26.45 52.07
C LEU B 174 -12.99 -26.92 52.42
N GLY B 175 -13.69 -27.54 51.46
CA GLY B 175 -15.01 -28.09 51.66
C GLY B 175 -16.10 -27.06 51.87
N PRO B 176 -17.32 -27.53 52.21
CA PRO B 176 -18.42 -26.59 52.43
C PRO B 176 -18.27 -25.77 53.70
N GLU B 177 -17.55 -26.28 54.71
CA GLU B 177 -17.35 -25.56 55.96
C GLU B 177 -16.31 -24.44 55.91
N GLY B 178 -15.48 -24.43 54.86
CA GLY B 178 -14.44 -23.41 54.71
C GLY B 178 -14.75 -22.37 53.64
N HIS B 179 -16.04 -22.18 53.34
CA HIS B 179 -16.49 -21.22 52.33
C HIS B 179 -16.06 -19.78 52.64
N GLY B 180 -15.98 -19.44 53.92
CA GLY B 180 -15.64 -18.09 54.35
C GLY B 180 -14.15 -17.78 54.41
N ILE B 181 -13.30 -18.80 54.27
CA ILE B 181 -11.85 -18.63 54.33
C ILE B 181 -11.32 -17.90 53.09
N LYS B 182 -10.46 -16.89 53.28
CA LYS B 182 -9.88 -16.16 52.15
C LYS B 182 -8.73 -16.93 51.53
N ILE B 183 -8.67 -17.01 50.21
CA ILE B 183 -7.57 -17.65 49.53
C ILE B 183 -6.67 -16.58 48.90
N ILE B 184 -5.44 -16.45 49.42
CA ILE B 184 -4.43 -15.53 48.90
C ILE B 184 -3.46 -16.38 48.09
N SER B 185 -3.45 -16.22 46.77
CA SER B 185 -2.58 -17.02 45.91
C SER B 185 -1.14 -16.49 45.90
N LYS B 186 -0.17 -17.36 46.23
CA LYS B 186 1.23 -16.99 46.21
C LYS B 186 1.78 -17.17 44.80
N ILE B 187 2.34 -16.09 44.22
CA ILE B 187 2.93 -16.13 42.87
C ILE B 187 4.43 -16.30 43.11
N GLU B 188 4.96 -17.46 42.71
CA GLU B 188 6.35 -17.83 43.00
C GLU B 188 7.16 -18.27 41.80
N ASN B 189 6.60 -18.26 40.59
CA ASN B 189 7.36 -18.71 39.42
C ASN B 189 6.91 -18.01 38.15
N HIS B 190 7.57 -18.28 37.02
CA HIS B 190 7.26 -17.64 35.75
C HIS B 190 5.83 -17.87 35.30
N GLU B 191 5.31 -19.12 35.46
CA GLU B 191 3.94 -19.41 35.04
C GLU B 191 2.91 -18.62 35.82
N GLY B 192 3.10 -18.49 37.13
CA GLY B 192 2.21 -17.70 37.97
C GLY B 192 2.15 -16.25 37.52
N VAL B 193 3.32 -15.68 37.14
CA VAL B 193 3.37 -14.30 36.67
C VAL B 193 2.66 -14.17 35.33
N LYS B 194 2.95 -15.07 34.40
CA LYS B 194 2.32 -15.03 33.07
C LYS B 194 0.81 -15.24 33.09
N ARG B 195 0.33 -16.09 33.99
CA ARG B 195 -1.11 -16.33 34.13
C ARG B 195 -1.73 -15.54 35.28
N PHE B 196 -1.08 -14.44 35.69
CA PHE B 196 -1.52 -13.61 36.81
C PHE B 196 -3.00 -13.19 36.73
N ASP B 197 -3.45 -12.67 35.58
CA ASP B 197 -4.83 -12.19 35.45
C ASP B 197 -5.88 -13.25 35.74
N GLU B 198 -5.69 -14.48 35.25
CA GLU B 198 -6.64 -15.56 35.51
C GLU B 198 -6.59 -16.01 36.97
N ILE B 199 -5.41 -15.95 37.60
CA ILE B 199 -5.27 -16.32 38.99
C ILE B 199 -5.93 -15.27 39.89
N LEU B 200 -5.68 -13.99 39.63
CA LEU B 200 -6.25 -12.90 40.43
C LEU B 200 -7.78 -12.91 40.36
N GLU B 201 -8.33 -13.18 39.17
CA GLU B 201 -9.77 -13.23 38.96
C GLU B 201 -10.49 -14.18 39.92
N VAL B 202 -9.91 -15.36 40.18
CA VAL B 202 -10.53 -16.34 41.06
C VAL B 202 -10.01 -16.33 42.50
N SER B 203 -8.99 -15.52 42.81
CA SER B 203 -8.46 -15.47 44.17
C SER B 203 -9.04 -14.31 44.96
N ASP B 204 -8.96 -14.36 46.28
CA ASP B 204 -9.35 -13.22 47.12
C ASP B 204 -8.21 -12.16 47.15
N GLY B 205 -6.98 -12.58 46.88
CA GLY B 205 -5.81 -11.72 46.90
C GLY B 205 -4.57 -12.45 46.45
N ILE B 206 -3.43 -11.76 46.52
CA ILE B 206 -2.16 -12.27 46.02
C ILE B 206 -1.04 -12.03 47.00
N MET B 207 -0.05 -12.93 47.00
CA MET B 207 1.17 -12.70 47.75
C MET B 207 2.30 -12.74 46.74
N VAL B 208 3.16 -11.71 46.76
CA VAL B 208 4.36 -11.68 45.93
C VAL B 208 5.39 -12.45 46.77
N ALA B 209 5.56 -13.75 46.49
CA ALA B 209 6.43 -14.63 47.28
C ALA B 209 7.83 -14.55 46.67
N ARG B 210 8.60 -13.54 47.07
CA ARG B 210 9.88 -13.21 46.45
C ARG B 210 11.02 -14.21 46.62
N GLY B 211 10.98 -15.08 47.63
CA GLY B 211 12.02 -16.09 47.84
C GLY B 211 12.11 -17.04 46.66
N ASP B 212 11.02 -17.78 46.38
CA ASP B 212 11.00 -18.68 45.23
C ASP B 212 10.99 -17.91 43.93
N LEU B 213 10.26 -16.78 43.85
CA LEU B 213 10.21 -15.99 42.62
C LEU B 213 11.64 -15.56 42.18
N GLY B 214 12.49 -15.18 43.14
CA GLY B 214 13.88 -14.79 42.89
C GLY B 214 14.83 -15.90 42.48
N ILE B 215 14.38 -17.15 42.57
CA ILE B 215 15.14 -18.33 42.13
C ILE B 215 14.54 -18.83 40.79
N GLU B 216 13.21 -18.72 40.62
CA GLU B 216 12.50 -19.16 39.42
C GLU B 216 12.68 -18.24 38.24
N ILE B 217 12.80 -16.93 38.50
CA ILE B 217 13.06 -15.92 37.45
C ILE B 217 14.37 -15.18 37.82
N PRO B 218 15.02 -14.48 36.88
CA PRO B 218 16.26 -13.74 37.26
C PRO B 218 16.02 -12.80 38.43
N ALA B 219 16.92 -12.79 39.41
CA ALA B 219 16.78 -11.97 40.62
C ALA B 219 16.54 -10.48 40.31
N GLU B 220 17.16 -9.97 39.24
CA GLU B 220 17.05 -8.57 38.84
C GLU B 220 15.69 -8.22 38.20
N LYS B 221 14.80 -9.20 38.00
CA LYS B 221 13.46 -8.98 37.45
C LYS B 221 12.36 -9.03 38.51
N VAL B 222 12.67 -9.48 39.75
CA VAL B 222 11.67 -9.60 40.80
C VAL B 222 10.94 -8.29 41.08
N PHE B 223 11.65 -7.14 41.11
CA PHE B 223 11.02 -5.86 41.38
C PHE B 223 9.96 -5.51 40.32
N LEU B 224 10.16 -5.94 39.05
CA LEU B 224 9.19 -5.70 37.99
C LEU B 224 7.91 -6.49 38.26
N ALA B 225 8.04 -7.77 38.64
CA ALA B 225 6.91 -8.65 38.95
C ALA B 225 6.18 -8.11 40.17
N GLN B 226 6.92 -7.69 41.22
CA GLN B 226 6.32 -7.12 42.42
C GLN B 226 5.48 -5.87 42.10
N LYS B 227 6.07 -4.90 41.39
CA LYS B 227 5.36 -3.65 41.09
C LYS B 227 4.17 -3.86 40.17
N MET B 228 4.29 -4.77 39.20
CA MET B 228 3.19 -5.11 38.29
C MET B 228 2.02 -5.75 39.05
N MET B 229 2.31 -6.75 39.91
CA MET B 229 1.27 -7.46 40.65
C MET B 229 0.60 -6.58 41.67
N ILE B 230 1.36 -5.71 42.35
CA ILE B 230 0.78 -4.77 43.30
C ILE B 230 -0.15 -3.79 42.57
N GLY B 231 0.30 -3.27 41.43
CA GLY B 231 -0.49 -2.35 40.63
C GLY B 231 -1.79 -2.98 40.15
N ARG B 232 -1.72 -4.21 39.65
CA ARG B 232 -2.93 -4.91 39.18
C ARG B 232 -3.89 -5.24 40.33
N CYS B 233 -3.36 -5.57 41.51
CA CYS B 233 -4.20 -5.85 42.67
C CYS B 233 -4.88 -4.58 43.14
N ASN B 234 -4.15 -3.44 43.14
CA ASN B 234 -4.71 -2.14 43.52
C ASN B 234 -5.83 -1.76 42.55
N LEU B 235 -5.64 -2.02 41.25
CA LEU B 235 -6.61 -1.75 40.20
C LEU B 235 -7.86 -2.64 40.40
N ALA B 236 -7.67 -3.92 40.76
CA ALA B 236 -8.77 -4.85 41.01
C ALA B 236 -9.46 -4.66 42.37
N GLY B 237 -8.85 -3.89 43.26
CA GLY B 237 -9.39 -3.69 44.60
C GLY B 237 -9.26 -4.95 45.45
N LYS B 238 -8.23 -5.77 45.21
CA LYS B 238 -8.00 -6.98 45.99
C LYS B 238 -6.68 -6.89 46.78
N PRO B 239 -6.63 -7.47 48.00
CA PRO B 239 -5.39 -7.39 48.80
C PRO B 239 -4.15 -8.03 48.19
N VAL B 240 -3.00 -7.37 48.39
CA VAL B 240 -1.71 -7.87 47.91
C VAL B 240 -0.71 -7.80 49.05
N VAL B 241 0.04 -8.87 49.24
CA VAL B 241 1.05 -8.96 50.30
C VAL B 241 2.43 -8.92 49.67
N CYS B 242 3.34 -8.15 50.25
CA CYS B 242 4.74 -8.22 49.82
C CYS B 242 5.45 -9.10 50.83
N ALA B 243 6.21 -10.10 50.36
CA ALA B 243 6.83 -11.04 51.29
C ALA B 243 8.29 -11.37 50.97
N THR B 244 9.02 -11.84 52.02
CA THR B 244 10.33 -12.51 52.02
C THR B 244 11.56 -11.62 51.93
N GLN B 245 12.42 -11.77 52.95
CA GLN B 245 13.71 -11.09 53.11
C GLN B 245 13.60 -9.60 53.24
N MET B 246 12.43 -9.08 53.68
CA MET B 246 12.25 -7.65 53.86
C MET B 246 13.20 -7.08 54.90
N LEU B 247 13.37 -7.80 56.03
CA LEU B 247 14.28 -7.35 57.09
C LEU B 247 15.21 -8.53 57.46
N GLU B 248 15.66 -9.31 56.46
CA GLU B 248 16.46 -10.54 56.62
C GLU B 248 17.58 -10.47 57.65
N SER B 249 18.42 -9.43 57.60
CA SER B 249 19.55 -9.29 58.52
C SER B 249 19.11 -9.25 60.00
N MET B 250 17.85 -8.88 60.27
CA MET B 250 17.33 -8.85 61.64
C MET B 250 17.11 -10.28 62.24
N ILE B 251 17.36 -11.33 61.46
CA ILE B 251 17.34 -12.71 61.97
C ILE B 251 18.48 -12.84 63.02
N THR B 252 19.64 -12.17 62.78
CA THR B 252 20.76 -12.19 63.72
C THR B 252 21.13 -10.82 64.29
N LYS B 253 20.74 -9.71 63.64
CA LYS B 253 21.11 -8.38 64.11
C LYS B 253 19.95 -7.56 64.66
N PRO B 254 20.18 -6.71 65.67
CA PRO B 254 19.07 -5.93 66.24
C PRO B 254 18.57 -4.78 65.35
N ARG B 255 19.35 -4.39 64.33
CA ARG B 255 18.98 -3.29 63.42
C ARG B 255 19.13 -3.77 61.98
N PRO B 256 18.22 -3.31 61.10
CA PRO B 256 18.29 -3.74 59.70
C PRO B 256 19.30 -2.91 58.86
N THR B 257 19.55 -3.39 57.64
CA THR B 257 20.41 -2.66 56.71
C THR B 257 19.63 -1.50 56.04
N ARG B 258 20.34 -0.59 55.36
CA ARG B 258 19.74 0.51 54.61
C ARG B 258 18.86 0.00 53.47
N ALA B 259 19.22 -1.14 52.86
CA ALA B 259 18.44 -1.71 51.77
C ALA B 259 17.13 -2.29 52.28
N GLU B 260 17.14 -2.88 53.48
CA GLU B 260 15.97 -3.46 54.11
C GLU B 260 14.92 -2.44 54.53
N THR B 261 15.33 -1.30 55.15
CA THR B 261 14.34 -0.27 55.48
C THR B 261 13.76 0.34 54.20
N SER B 262 14.62 0.53 53.19
CA SER B 262 14.19 1.01 51.89
C SER B 262 13.15 0.04 51.26
N ASP B 263 13.42 -1.26 51.29
CA ASP B 263 12.54 -2.28 50.72
C ASP B 263 11.13 -2.26 51.36
N VAL B 264 11.06 -2.13 52.69
CA VAL B 264 9.79 -2.08 53.39
C VAL B 264 9.05 -0.80 52.98
N ALA B 265 9.75 0.35 52.97
CA ALA B 265 9.12 1.62 52.61
C ALA B 265 8.61 1.59 51.17
N ASN B 266 9.39 1.02 50.24
CA ASN B 266 9.02 0.94 48.84
C ASN B 266 7.89 -0.06 48.61
N ALA B 267 7.75 -1.12 49.42
CA ALA B 267 6.60 -2.05 49.25
C ALA B 267 5.30 -1.31 49.57
N VAL B 268 5.32 -0.46 50.62
CA VAL B 268 4.17 0.34 50.99
C VAL B 268 3.88 1.39 49.90
N LEU B 269 4.93 2.09 49.43
CA LEU B 269 4.77 3.07 48.36
C LEU B 269 4.28 2.41 47.06
N ASP B 270 4.67 1.16 46.79
CA ASP B 270 4.21 0.42 45.61
C ASP B 270 2.69 0.21 45.67
N GLY B 271 2.13 0.07 46.87
CA GLY B 271 0.70 -0.14 47.09
C GLY B 271 0.35 -1.42 47.81
N ALA B 272 1.32 -2.07 48.48
CA ALA B 272 1.03 -3.32 49.20
C ALA B 272 0.04 -3.11 50.35
N ASP B 273 -0.96 -3.99 50.46
CA ASP B 273 -1.90 -3.92 51.59
C ASP B 273 -1.23 -4.45 52.85
N CYS B 274 -0.39 -5.49 52.72
CA CYS B 274 0.30 -6.15 53.81
C CYS B 274 1.77 -6.29 53.53
N ILE B 275 2.54 -6.29 54.59
CA ILE B 275 3.98 -6.62 54.53
C ILE B 275 4.20 -7.83 55.46
N MET B 276 5.18 -8.66 55.14
CA MET B 276 5.38 -9.89 55.88
C MET B 276 6.78 -10.08 56.44
N LEU B 277 6.85 -10.85 57.53
CA LEU B 277 8.08 -11.28 58.18
C LEU B 277 8.04 -12.80 58.19
N SER B 278 9.12 -13.46 57.74
CA SER B 278 9.19 -14.91 57.73
CA SER B 278 9.18 -14.91 57.72
C SER B 278 10.21 -15.39 58.79
N GLY B 279 11.48 -15.66 58.40
CA GLY B 279 12.52 -16.08 59.34
C GLY B 279 12.77 -15.06 60.44
N GLU B 280 12.54 -13.77 60.13
CA GLU B 280 12.72 -12.67 61.08
C GLU B 280 11.91 -12.88 62.36
N THR B 281 10.73 -13.54 62.26
CA THR B 281 9.90 -13.76 63.45
C THR B 281 9.79 -15.25 63.81
N ALA B 282 9.85 -16.14 62.81
CA ALA B 282 9.70 -17.56 63.05
C ALA B 282 10.90 -18.18 63.76
N LYS B 283 12.12 -17.78 63.39
CA LYS B 283 13.32 -18.37 63.95
C LYS B 283 14.42 -17.42 64.37
N GLY B 284 14.26 -16.13 64.11
CA GLY B 284 15.29 -15.16 64.42
C GLY B 284 15.42 -14.79 65.87
N ASN B 285 16.44 -14.01 66.21
CA ASN B 285 16.70 -13.58 67.58
C ASN B 285 15.98 -12.31 67.97
N PHE B 286 15.36 -11.59 67.02
CA PHE B 286 14.68 -10.34 67.33
C PHE B 286 13.26 -10.27 66.72
N PRO B 287 12.36 -11.23 67.03
CA PRO B 287 11.02 -11.20 66.43
C PRO B 287 10.21 -9.95 66.74
N VAL B 288 10.23 -9.49 68.00
CA VAL B 288 9.46 -8.33 68.40
C VAL B 288 10.01 -7.07 67.75
N GLU B 289 11.34 -6.95 67.71
CA GLU B 289 12.02 -5.79 67.12
C GLU B 289 11.76 -5.72 65.60
N ALA B 290 11.67 -6.87 64.92
CA ALA B 290 11.38 -6.92 63.49
C ALA B 290 9.97 -6.36 63.22
N VAL B 291 8.99 -6.71 64.08
CA VAL B 291 7.62 -6.22 63.97
C VAL B 291 7.61 -4.72 64.21
N LYS B 292 8.32 -4.27 65.26
CA LYS B 292 8.40 -2.83 65.59
C LYS B 292 9.02 -2.02 64.44
N MET B 293 10.01 -2.59 63.77
CA MET B 293 10.69 -1.91 62.66
C MET B 293 9.75 -1.77 61.46
N GLN B 294 9.04 -2.86 61.10
CA GLN B 294 8.05 -2.79 60.01
C GLN B 294 6.96 -1.77 60.33
N HIS B 295 6.53 -1.71 61.60
CA HIS B 295 5.52 -0.75 62.05
C HIS B 295 6.01 0.68 61.83
N ALA B 296 7.23 1.00 62.32
CA ALA B 296 7.81 2.34 62.21
C ALA B 296 7.99 2.79 60.74
N ILE B 297 8.51 1.89 59.89
CA ILE B 297 8.72 2.22 58.48
C ILE B 297 7.39 2.41 57.74
N ALA B 298 6.42 1.49 57.95
CA ALA B 298 5.11 1.60 57.28
C ALA B 298 4.41 2.90 57.58
N ARG B 299 4.45 3.39 58.85
CA ARG B 299 3.82 4.67 59.16
C ARG B 299 4.46 5.82 58.38
N GLU B 300 5.80 5.82 58.29
CA GLU B 300 6.49 6.87 57.57
C GLU B 300 6.15 6.81 56.09
N ALA B 301 6.13 5.61 55.50
CA ALA B 301 5.88 5.43 54.07
C ALA B 301 4.45 5.73 53.68
N GLU B 302 3.47 5.43 54.55
CA GLU B 302 2.07 5.72 54.26
C GLU B 302 1.83 7.21 54.14
N ALA B 303 2.48 8.01 55.01
CA ALA B 303 2.34 9.45 54.95
C ALA B 303 2.98 10.01 53.65
N ALA B 304 4.01 9.34 53.11
CA ALA B 304 4.72 9.75 51.89
C ALA B 304 4.02 9.33 50.59
N VAL B 305 2.88 8.61 50.68
CA VAL B 305 2.13 8.23 49.48
C VAL B 305 1.60 9.51 48.81
N TYR B 306 1.73 9.60 47.47
CA TYR B 306 1.26 10.78 46.74
C TYR B 306 -0.23 10.57 46.41
N HIS B 307 -1.11 10.81 47.40
CA HIS B 307 -2.56 10.60 47.28
C HIS B 307 -3.22 11.36 46.15
N ARG B 308 -2.77 12.57 45.85
CA ARG B 308 -3.35 13.38 44.79
C ARG B 308 -3.33 12.66 43.44
N GLN B 309 -2.19 12.03 43.09
CA GLN B 309 -2.11 11.30 41.84
C GLN B 309 -2.76 9.93 41.99
N LEU B 310 -2.52 9.24 43.12
CA LEU B 310 -3.07 7.92 43.36
C LEU B 310 -4.61 7.90 43.26
N PHE B 311 -5.30 8.79 43.99
CA PHE B 311 -6.76 8.85 43.96
C PHE B 311 -7.28 9.21 42.56
N GLU B 312 -6.64 10.17 41.88
CA GLU B 312 -7.00 10.56 40.50
C GLU B 312 -6.88 9.35 39.57
N GLU B 313 -5.79 8.57 39.68
CA GLU B 313 -5.58 7.41 38.83
C GLU B 313 -6.50 6.25 39.16
N LEU B 314 -6.81 6.04 40.44
CA LEU B 314 -7.73 4.98 40.86
C LEU B 314 -9.13 5.32 40.32
N ARG B 315 -9.55 6.62 40.33
CA ARG B 315 -10.85 7.05 39.79
C ARG B 315 -10.92 6.88 38.27
N ARG B 316 -9.85 7.30 37.57
CA ARG B 316 -9.81 7.22 36.11
C ARG B 316 -9.80 5.77 35.64
N ALA B 317 -9.09 4.89 36.35
CA ALA B 317 -8.98 3.50 35.95
C ALA B 317 -10.16 2.66 36.34
N ALA B 318 -10.83 2.98 37.47
CA ALA B 318 -11.97 2.20 37.91
C ALA B 318 -13.13 2.42 36.96
N PRO B 319 -13.73 1.34 36.45
CA PRO B 319 -14.85 1.51 35.52
C PRO B 319 -16.09 2.06 36.22
N LEU B 320 -17.05 2.57 35.44
CA LEU B 320 -18.31 3.06 35.99
C LEU B 320 -19.03 1.90 36.68
N SER B 321 -19.78 2.21 37.73
CA SER B 321 -20.46 1.15 38.46
C SER B 321 -21.86 1.49 38.81
N ARG B 322 -22.72 0.49 38.74
CA ARG B 322 -24.11 0.67 39.16
C ARG B 322 -24.35 -0.04 40.52
N ASP B 323 -23.28 -0.48 41.21
CA ASP B 323 -23.38 -1.13 42.51
C ASP B 323 -23.39 -0.02 43.55
N PRO B 324 -24.46 0.10 44.35
CA PRO B 324 -24.52 1.19 45.33
C PRO B 324 -23.39 1.19 46.38
N THR B 325 -22.83 0.03 46.75
CA THR B 325 -21.73 -0.01 47.72
C THR B 325 -20.51 0.69 47.12
N GLU B 326 -20.21 0.38 45.84
CA GLU B 326 -19.10 0.95 45.07
C GLU B 326 -19.30 2.47 44.91
N VAL B 327 -20.51 2.89 44.55
CA VAL B 327 -20.82 4.30 44.36
C VAL B 327 -20.70 5.07 45.68
N THR B 328 -21.19 4.48 46.79
CA THR B 328 -21.11 5.13 48.09
C THR B 328 -19.66 5.24 48.54
N ALA B 329 -18.86 4.18 48.31
CA ALA B 329 -17.46 4.18 48.71
C ALA B 329 -16.66 5.32 48.08
N ILE B 330 -16.82 5.57 46.77
CA ILE B 330 -16.06 6.64 46.12
C ILE B 330 -16.55 8.00 46.61
N GLY B 331 -17.85 8.15 46.84
CA GLY B 331 -18.39 9.39 47.38
C GLY B 331 -17.87 9.67 48.77
N ALA B 332 -17.79 8.63 49.62
CA ALA B 332 -17.29 8.75 50.98
C ALA B 332 -15.79 9.10 51.02
N VAL B 333 -15.00 8.50 50.13
CA VAL B 333 -13.56 8.78 50.07
C VAL B 333 -13.33 10.21 49.56
N GLU B 334 -14.11 10.65 48.58
CA GLU B 334 -14.02 12.03 48.06
CA GLU B 334 -14.02 12.03 48.06
C GLU B 334 -14.37 13.02 49.18
N ALA B 335 -15.45 12.74 49.94
CA ALA B 335 -15.87 13.59 51.04
C ALA B 335 -14.79 13.64 52.13
N ALA B 336 -14.19 12.49 52.48
CA ALA B 336 -13.14 12.43 53.47
C ALA B 336 -11.93 13.32 53.09
N PHE B 337 -11.50 13.28 51.81
CA PHE B 337 -10.39 14.10 51.35
C PHE B 337 -10.74 15.59 51.40
N LYS B 338 -11.99 15.96 51.05
CA LYS B 338 -12.45 17.35 51.05
C LYS B 338 -12.32 18.04 52.40
N CYS B 339 -12.61 17.33 53.50
CA CYS B 339 -12.58 17.92 54.83
C CYS B 339 -11.42 17.46 55.69
N CYS B 340 -10.50 16.62 55.15
CA CYS B 340 -9.40 16.03 55.93
C CYS B 340 -9.98 15.24 57.09
N ALA B 341 -11.03 14.43 56.81
CA ALA B 341 -11.73 13.64 57.82
C ALA B 341 -10.77 12.75 58.56
N ALA B 342 -10.96 12.67 59.86
CA ALA B 342 -10.10 11.86 60.69
C ALA B 342 -10.35 10.37 60.44
N ALA B 343 -11.60 9.99 60.14
CA ALA B 343 -11.94 8.59 59.90
C ALA B 343 -13.22 8.44 59.05
N ILE B 344 -13.42 7.25 58.48
CA ILE B 344 -14.61 6.83 57.78
C ILE B 344 -15.11 5.64 58.59
N ILE B 345 -16.26 5.76 59.27
CA ILE B 345 -16.82 4.67 60.04
C ILE B 345 -17.78 3.91 59.16
N VAL B 346 -17.57 2.62 58.99
CA VAL B 346 -18.40 1.81 58.11
C VAL B 346 -18.95 0.61 58.83
N LEU B 347 -20.23 0.30 58.58
CA LEU B 347 -20.85 -0.89 59.16
C LEU B 347 -20.71 -1.96 58.12
N THR B 348 -20.26 -3.16 58.52
CA THR B 348 -20.06 -4.23 57.54
C THR B 348 -20.27 -5.60 58.17
N THR B 349 -20.85 -6.51 57.40
CA THR B 349 -21.11 -7.86 57.86
C THR B 349 -19.98 -8.78 57.40
N THR B 350 -19.63 -8.71 56.10
CA THR B 350 -18.59 -9.56 55.51
C THR B 350 -17.22 -8.87 55.35
N GLY B 351 -17.16 -7.57 55.56
CA GLY B 351 -15.95 -6.79 55.34
C GLY B 351 -15.93 -6.08 54.00
N ARG B 352 -16.83 -6.47 53.06
CA ARG B 352 -16.87 -5.93 51.70
C ARG B 352 -17.03 -4.40 51.60
N SER B 353 -17.91 -3.76 52.39
CA SER B 353 -18.05 -2.31 52.32
C SER B 353 -16.74 -1.59 52.73
N ALA B 354 -16.00 -2.17 53.70
CA ALA B 354 -14.72 -1.61 54.13
C ALA B 354 -13.65 -1.83 53.04
N GLN B 355 -13.68 -2.99 52.35
CA GLN B 355 -12.76 -3.28 51.26
C GLN B 355 -12.93 -2.29 50.11
N LEU B 356 -14.19 -1.95 49.78
CA LEU B 356 -14.45 -1.00 48.71
C LEU B 356 -14.02 0.43 49.06
N LEU B 357 -14.00 0.78 50.35
CA LEU B 357 -13.49 2.09 50.77
C LEU B 357 -11.94 2.06 50.64
N SER B 358 -11.31 0.97 51.14
CA SER B 358 -9.89 0.73 51.13
C SER B 358 -9.26 0.79 49.72
N ARG B 359 -9.98 0.32 48.70
CA ARG B 359 -9.47 0.32 47.32
C ARG B 359 -9.18 1.73 46.78
N TYR B 360 -9.85 2.77 47.33
CA TYR B 360 -9.59 4.15 46.90
C TYR B 360 -8.47 4.83 47.71
N ARG B 361 -7.84 4.09 48.63
CA ARG B 361 -6.72 4.51 49.44
C ARG B 361 -6.96 5.84 50.15
N PRO B 362 -8.05 5.97 50.95
CA PRO B 362 -8.23 7.22 51.69
C PRO B 362 -7.09 7.40 52.71
N ARG B 363 -6.78 8.65 53.01
CA ARG B 363 -5.85 8.96 54.08
C ARG B 363 -6.59 8.71 55.44
N ALA B 364 -7.91 8.99 55.50
CA ALA B 364 -8.74 8.76 56.68
C ALA B 364 -8.78 7.27 57.01
N ALA B 365 -8.66 6.94 58.30
CA ALA B 365 -8.72 5.55 58.76
C ALA B 365 -10.12 4.99 58.51
N VAL B 366 -10.22 3.75 58.04
CA VAL B 366 -11.53 3.13 57.82
C VAL B 366 -11.83 2.29 59.06
N ILE B 367 -12.70 2.79 59.94
CA ILE B 367 -13.07 2.07 61.17
C ILE B 367 -14.25 1.17 60.83
N ALA B 368 -14.02 -0.14 60.75
CA ALA B 368 -15.05 -1.08 60.34
C ALA B 368 -15.71 -1.73 61.54
N VAL B 369 -16.99 -1.40 61.79
CA VAL B 369 -17.75 -1.97 62.91
C VAL B 369 -18.49 -3.18 62.41
N THR B 370 -18.19 -4.35 62.99
CA THR B 370 -18.81 -5.59 62.57
C THR B 370 -19.16 -6.48 63.76
N ARG B 371 -20.17 -7.32 63.61
CA ARG B 371 -20.51 -8.34 64.60
C ARG B 371 -19.76 -9.66 64.28
N SER B 372 -19.25 -9.82 63.04
CA SER B 372 -18.55 -11.04 62.66
C SER B 372 -17.09 -11.01 63.13
N ALA B 373 -16.73 -11.92 64.06
CA ALA B 373 -15.35 -12.03 64.55
C ALA B 373 -14.40 -12.42 63.40
N GLN B 374 -14.86 -13.29 62.49
CA GLN B 374 -14.05 -13.69 61.34
C GLN B 374 -13.82 -12.53 60.37
N ALA B 375 -14.86 -11.72 60.08
CA ALA B 375 -14.70 -10.56 59.19
C ALA B 375 -13.77 -9.53 59.86
N ALA B 376 -13.85 -9.36 61.18
CA ALA B 376 -12.97 -8.45 61.90
C ALA B 376 -11.48 -8.88 61.75
N ARG B 377 -11.21 -10.20 61.75
CA ARG B 377 -9.85 -10.70 61.58
C ARG B 377 -9.41 -10.56 60.11
N GLN B 378 -10.28 -10.97 59.17
CA GLN B 378 -9.96 -10.94 57.75
C GLN B 378 -9.75 -9.53 57.14
N VAL B 379 -10.45 -8.48 57.64
CA VAL B 379 -10.30 -7.14 57.06
C VAL B 379 -8.90 -6.55 57.26
N HIS B 380 -8.04 -7.19 58.09
CA HIS B 380 -6.65 -6.79 58.22
C HIS B 380 -5.91 -6.96 56.86
N LEU B 381 -6.45 -7.76 55.92
CA LEU B 381 -5.87 -7.90 54.60
C LEU B 381 -5.95 -6.61 53.77
N CYS B 382 -6.88 -5.69 54.11
CA CYS B 382 -7.16 -4.46 53.36
C CYS B 382 -6.52 -3.28 54.01
N ARG B 383 -5.65 -2.56 53.25
CA ARG B 383 -4.96 -1.43 53.84
C ARG B 383 -5.88 -0.36 54.44
N GLY B 384 -5.58 0.05 55.65
CA GLY B 384 -6.29 1.16 56.30
C GLY B 384 -7.60 0.81 56.96
N VAL B 385 -7.89 -0.49 57.09
CA VAL B 385 -9.13 -0.92 57.76
C VAL B 385 -8.81 -1.32 59.21
N PHE B 386 -9.46 -0.67 60.17
CA PHE B 386 -9.31 -0.91 61.61
C PHE B 386 -10.60 -1.58 62.13
N PRO B 387 -10.55 -2.90 62.35
CA PRO B 387 -11.75 -3.61 62.80
C PRO B 387 -12.16 -3.39 64.26
N LEU B 388 -13.46 -3.17 64.49
CA LEU B 388 -14.03 -3.04 65.82
C LEU B 388 -15.10 -4.11 65.93
N LEU B 389 -14.90 -5.08 66.81
CA LEU B 389 -15.87 -6.15 67.00
C LEU B 389 -16.95 -5.69 67.97
N TYR B 390 -18.18 -5.61 67.49
CA TYR B 390 -19.35 -5.20 68.27
C TYR B 390 -19.99 -6.45 68.87
N ARG B 391 -20.15 -6.49 70.21
CA ARG B 391 -20.67 -7.69 70.86
C ARG B 391 -22.10 -7.57 71.40
N GLU B 392 -22.65 -6.34 71.48
CA GLU B 392 -23.99 -6.13 72.02
C GLU B 392 -25.10 -6.83 71.23
N PRO B 393 -26.12 -7.34 71.95
CA PRO B 393 -27.26 -7.95 71.26
C PRO B 393 -28.07 -6.89 70.51
N PRO B 394 -28.73 -7.28 69.41
CA PRO B 394 -29.49 -6.29 68.62
C PRO B 394 -30.61 -5.59 69.35
N GLU B 395 -30.75 -4.28 69.10
CA GLU B 395 -31.85 -3.45 69.58
C GLU B 395 -33.13 -3.91 68.87
N ALA B 396 -34.29 -3.65 69.49
CA ALA B 396 -35.58 -4.02 68.90
C ALA B 396 -35.82 -3.26 67.60
N ILE B 397 -35.47 -1.98 67.57
CA ILE B 397 -35.62 -1.17 66.35
C ILE B 397 -34.28 -1.18 65.60
N TRP B 398 -34.26 -1.71 64.37
CA TRP B 398 -33.07 -1.80 63.53
C TRP B 398 -32.29 -0.48 63.40
N ALA B 399 -32.99 0.63 63.11
CA ALA B 399 -32.37 1.95 63.01
C ALA B 399 -31.62 2.37 64.28
N ASP B 400 -32.14 1.99 65.46
CA ASP B 400 -31.48 2.28 66.73
C ASP B 400 -30.23 1.42 66.89
N ASP B 401 -30.28 0.17 66.42
CA ASP B 401 -29.16 -0.76 66.47
C ASP B 401 -28.00 -0.24 65.57
N VAL B 402 -28.35 0.34 64.41
CA VAL B 402 -27.40 0.95 63.48
C VAL B 402 -26.76 2.14 64.19
N ASP B 403 -27.58 3.05 64.76
CA ASP B 403 -27.07 4.21 65.48
C ASP B 403 -26.15 3.83 66.61
N ARG B 404 -26.48 2.77 67.38
CA ARG B 404 -25.62 2.35 68.49
C ARG B 404 -24.25 1.90 67.98
N ARG B 405 -24.22 1.18 66.86
CA ARG B 405 -22.98 0.71 66.25
C ARG B 405 -22.11 1.88 65.76
N VAL B 406 -22.73 2.91 65.17
CA VAL B 406 -22.02 4.10 64.71
C VAL B 406 -21.44 4.84 65.92
N GLN B 407 -22.25 5.01 66.98
CA GLN B 407 -21.80 5.68 68.21
C GLN B 407 -20.67 4.90 68.88
N PHE B 408 -20.69 3.56 68.83
CA PHE B 408 -19.64 2.68 69.34
C PHE B 408 -18.32 2.98 68.60
N GLY B 409 -18.40 3.15 67.28
CA GLY B 409 -17.24 3.50 66.45
C GLY B 409 -16.69 4.86 66.82
N ILE B 410 -17.57 5.86 67.04
CA ILE B 410 -17.18 7.22 67.40
C ILE B 410 -16.54 7.29 68.77
N GLU B 411 -17.16 6.64 69.77
CA GLU B 411 -16.65 6.63 71.13
C GLU B 411 -15.36 5.89 71.24
N SER B 412 -15.24 4.76 70.56
CA SER B 412 -13.98 4.01 70.53
C SER B 412 -12.91 4.85 69.81
N GLY B 413 -13.28 5.52 68.73
CA GLY B 413 -12.40 6.40 67.97
C GLY B 413 -11.85 7.55 68.78
N LYS B 414 -12.68 8.14 69.66
CA LYS B 414 -12.26 9.24 70.53
C LYS B 414 -11.33 8.73 71.61
N LEU B 415 -11.73 7.64 72.26
CA LEU B 415 -10.96 7.04 73.35
C LEU B 415 -9.60 6.54 72.84
N ARG B 416 -9.53 6.03 71.60
CA ARG B 416 -8.29 5.50 71.03
C ARG B 416 -7.43 6.55 70.27
N GLY B 417 -7.82 7.82 70.34
CA GLY B 417 -7.05 8.89 69.71
C GLY B 417 -7.25 9.12 68.22
N PHE B 418 -8.09 8.29 67.55
CA PHE B 418 -8.37 8.46 66.13
C PHE B 418 -9.17 9.74 65.88
N LEU B 419 -10.08 10.06 66.79
CA LEU B 419 -10.98 11.19 66.63
C LEU B 419 -10.89 12.16 67.80
N ARG B 420 -11.04 13.41 67.50
CA ARG B 420 -11.03 14.47 68.50
C ARG B 420 -12.27 15.33 68.31
N VAL B 421 -12.69 16.05 69.37
CA VAL B 421 -13.81 16.96 69.28
C VAL B 421 -13.49 18.06 68.25
N GLY B 422 -14.42 18.32 67.34
CA GLY B 422 -14.20 19.25 66.25
C GLY B 422 -13.87 18.56 64.93
N ASP B 423 -13.47 17.27 64.98
CA ASP B 423 -13.16 16.52 63.77
C ASP B 423 -14.42 16.23 62.96
N LEU B 424 -14.23 15.99 61.67
CA LEU B 424 -15.31 15.55 60.81
C LEU B 424 -15.06 14.08 60.54
N VAL B 425 -16.15 13.32 60.48
CA VAL B 425 -16.11 11.89 60.24
C VAL B 425 -17.15 11.54 59.18
N ILE B 426 -16.82 10.58 58.32
CA ILE B 426 -17.73 10.14 57.27
C ILE B 426 -18.31 8.82 57.74
N VAL B 427 -19.65 8.65 57.72
CA VAL B 427 -20.27 7.42 58.22
C VAL B 427 -20.96 6.72 57.07
N VAL B 428 -20.61 5.46 56.82
CA VAL B 428 -21.13 4.65 55.73
C VAL B 428 -21.99 3.49 56.24
N THR B 429 -23.29 3.52 55.88
CA THR B 429 -24.28 2.50 56.31
C THR B 429 -25.18 2.10 55.11
N GLY B 430 -26.13 1.18 55.35
CA GLY B 430 -27.12 0.76 54.38
C GLY B 430 -28.53 1.11 54.82
N TRP B 431 -29.50 0.94 53.93
CA TRP B 431 -30.90 1.28 54.19
C TRP B 431 -31.76 0.09 54.71
N ARG B 432 -31.24 -1.14 54.62
CA ARG B 432 -31.93 -2.33 55.14
C ARG B 432 -30.90 -3.31 55.74
N PRO B 433 -31.31 -4.28 56.59
CA PRO B 433 -30.33 -5.20 57.18
C PRO B 433 -29.75 -6.18 56.17
N GLY B 434 -28.69 -6.87 56.57
CA GLY B 434 -28.04 -7.86 55.73
C GLY B 434 -26.94 -7.26 54.87
N SER B 435 -26.06 -8.13 54.38
CA SER B 435 -24.93 -7.82 53.52
C SER B 435 -25.38 -7.39 52.11
N GLY B 436 -24.65 -6.43 51.50
CA GLY B 436 -24.89 -5.97 50.14
C GLY B 436 -25.78 -4.76 49.94
N TYR B 437 -26.18 -4.07 51.02
CA TYR B 437 -27.11 -2.93 50.87
C TYR B 437 -26.56 -1.59 51.27
N THR B 438 -25.22 -1.46 51.40
CA THR B 438 -24.61 -0.16 51.72
C THR B 438 -24.93 0.86 50.64
N ASN B 439 -25.47 2.01 51.02
CA ASN B 439 -25.88 3.03 50.04
C ASN B 439 -25.93 4.45 50.63
N ILE B 440 -25.47 4.64 51.87
CA ILE B 440 -25.57 5.95 52.53
C ILE B 440 -24.23 6.45 53.05
N MET B 441 -23.99 7.74 52.87
CA MET B 441 -22.80 8.39 53.39
CA MET B 441 -22.79 8.45 53.32
C MET B 441 -23.29 9.64 54.15
N ARG B 442 -22.82 9.80 55.39
CA ARG B 442 -23.21 10.92 56.24
C ARG B 442 -21.98 11.67 56.75
N VAL B 443 -22.04 13.00 56.80
CA VAL B 443 -20.93 13.80 57.30
C VAL B 443 -21.29 14.22 58.72
N LEU B 444 -20.52 13.79 59.71
CA LEU B 444 -20.80 14.12 61.11
CA LEU B 444 -20.81 14.09 61.10
C LEU B 444 -19.69 14.90 61.77
N SER B 445 -20.07 15.87 62.61
CA SER B 445 -19.10 16.67 63.35
C SER B 445 -18.97 16.04 64.75
N ILE B 446 -17.75 15.76 65.20
CA ILE B 446 -17.52 15.15 66.50
C ILE B 446 -17.69 16.16 67.65
N SER B 447 -18.59 15.87 68.59
CA SER B 447 -18.80 16.77 69.73
C SER B 447 -18.38 16.11 71.05
N GLU C 21 18.31 40.58 32.30
CA GLU C 21 16.95 40.06 32.47
C GLU C 21 15.91 40.79 31.58
N LEU C 22 14.71 40.20 31.41
CA LEU C 22 13.68 40.79 30.57
C LEU C 22 12.82 41.84 31.29
N GLY C 23 12.71 41.71 32.61
CA GLY C 23 11.93 42.66 33.42
C GLY C 23 10.54 42.18 33.78
N THR C 24 9.97 42.76 34.86
CA THR C 24 8.61 42.42 35.30
C THR C 24 7.55 42.93 34.31
N ALA C 25 7.82 44.05 33.62
CA ALA C 25 6.90 44.61 32.63
C ALA C 25 6.71 43.65 31.46
N PHE C 26 7.81 42.96 31.05
CA PHE C 26 7.74 41.98 29.95
C PHE C 26 6.77 40.85 30.31
N PHE C 27 6.84 40.36 31.55
CA PHE C 27 6.00 39.25 31.99
C PHE C 27 4.56 39.66 32.37
N GLN C 28 4.21 40.95 32.28
CA GLN C 28 2.84 41.41 32.54
C GLN C 28 2.05 41.55 31.21
N GLN C 29 2.75 41.79 30.07
CA GLN C 29 2.17 41.91 28.74
C GLN C 29 1.84 40.54 28.13
N GLN C 30 1.14 40.56 26.95
CA GLN C 30 0.74 39.41 26.14
C GLN C 30 0.15 38.23 26.94
N GLN C 31 -0.61 38.54 28.00
CA GLN C 31 -1.26 37.55 28.87
C GLN C 31 -0.29 36.51 29.42
N LEU C 32 0.95 36.91 29.71
CA LEU C 32 1.94 35.99 30.24
C LEU C 32 1.57 35.45 31.63
N PRO C 33 0.96 36.21 32.58
CA PRO C 33 0.50 35.57 33.83
C PRO C 33 -0.52 34.46 33.55
N ALA C 34 -1.49 34.68 32.62
CA ALA C 34 -2.46 33.63 32.24
C ALA C 34 -1.79 32.45 31.52
N ALA C 35 -0.70 32.72 30.80
CA ALA C 35 0.08 31.69 30.10
C ALA C 35 0.81 30.77 31.08
N MET C 36 1.24 31.29 32.24
CA MET C 36 1.96 30.48 33.23
C MET C 36 1.02 29.67 34.14
N ALA C 37 -0.31 29.77 33.98
CA ALA C 37 -1.25 29.07 34.84
C ALA C 37 -1.15 27.54 34.77
N ASP C 38 -1.42 26.87 35.90
CA ASP C 38 -1.32 25.41 36.00
C ASP C 38 -2.57 24.67 35.50
N THR C 39 -3.72 25.37 35.40
CA THR C 39 -4.96 24.79 34.88
C THR C 39 -5.61 25.75 33.89
N PHE C 40 -6.51 25.25 33.04
CA PHE C 40 -7.25 26.09 32.10
C PHE C 40 -8.15 27.07 32.86
N LEU C 41 -8.76 26.62 33.95
CA LEU C 41 -9.62 27.47 34.79
C LEU C 41 -8.83 28.65 35.37
N GLU C 42 -7.62 28.39 35.90
CA GLU C 42 -6.73 29.44 36.43
CA GLU C 42 -6.78 29.46 36.43
C GLU C 42 -6.29 30.39 35.31
N HIS C 43 -6.07 29.84 34.10
CA HIS C 43 -5.66 30.60 32.92
C HIS C 43 -6.75 31.62 32.59
N LEU C 44 -8.02 31.18 32.57
CA LEU C 44 -9.15 32.08 32.30
C LEU C 44 -9.23 33.17 33.37
N CYS C 45 -9.10 32.77 34.66
CA CYS C 45 -9.16 33.70 35.79
C CYS C 45 -8.07 34.77 35.73
N LEU C 46 -6.92 34.47 35.09
CA LEU C 46 -5.80 35.40 35.00
C LEU C 46 -5.80 36.29 33.77
N LEU C 47 -6.79 36.13 32.85
CA LEU C 47 -6.85 36.98 31.65
C LEU C 47 -7.08 38.44 32.09
N ASP C 48 -6.31 39.35 31.53
CA ASP C 48 -6.31 40.75 31.95
C ASP C 48 -6.51 41.68 30.76
N ILE C 49 -7.58 42.48 30.77
CA ILE C 49 -7.83 43.47 29.70
C ILE C 49 -6.72 44.55 29.62
N ASP C 50 -5.93 44.73 30.70
CA ASP C 50 -4.83 45.69 30.69
C ASP C 50 -3.51 45.09 30.21
N SER C 51 -3.46 43.77 29.94
CA SER C 51 -2.27 43.11 29.45
C SER C 51 -2.28 43.26 27.93
N GLU C 52 -1.44 44.18 27.42
CA GLU C 52 -1.43 44.49 26.00
C GLU C 52 -0.73 43.47 25.12
N PRO C 53 -1.29 43.20 23.93
CA PRO C 53 -0.61 42.28 23.02
C PRO C 53 0.67 42.93 22.47
N VAL C 54 1.73 42.14 22.36
CA VAL C 54 3.00 42.65 21.83
C VAL C 54 3.35 41.97 20.52
N ALA C 55 3.08 40.67 20.41
CA ALA C 55 3.39 39.91 19.21
C ALA C 55 2.61 40.38 17.99
N ALA C 56 3.20 40.17 16.80
CA ALA C 56 2.51 40.46 15.55
C ALA C 56 1.30 39.49 15.42
N ARG C 57 0.23 39.96 14.76
CA ARG C 57 -0.98 39.17 14.55
C ARG C 57 -0.65 37.96 13.69
N SER C 58 -0.92 36.79 14.19
CA SER C 58 -0.56 35.56 13.54
C SER C 58 -1.68 34.89 12.70
N THR C 59 -2.96 35.15 13.01
CA THR C 59 -4.08 34.54 12.27
C THR C 59 -4.29 35.36 11.02
N SER C 60 -4.16 34.76 9.82
CA SER C 60 -4.34 35.54 8.60
C SER C 60 -5.79 35.96 8.36
N ILE C 61 -5.94 37.11 7.70
CA ILE C 61 -7.25 37.62 7.36
C ILE C 61 -7.46 37.45 5.85
N ILE C 62 -8.56 36.78 5.50
CA ILE C 62 -8.95 36.64 4.11
C ILE C 62 -10.07 37.66 3.87
N ALA C 63 -9.89 38.57 2.90
CA ALA C 63 -10.94 39.54 2.60
C ALA C 63 -11.46 39.26 1.20
N THR C 64 -12.79 39.25 1.06
CA THR C 64 -13.40 39.04 -0.25
C THR C 64 -13.34 40.35 -1.03
N ILE C 65 -12.77 40.32 -2.23
CA ILE C 65 -12.62 41.50 -3.06
C ILE C 65 -13.77 41.59 -4.05
N GLY C 66 -14.54 42.66 -3.93
CA GLY C 66 -15.70 42.89 -4.79
C GLY C 66 -15.91 44.36 -5.07
N PRO C 67 -17.14 44.74 -5.40
CA PRO C 67 -17.43 46.15 -5.72
C PRO C 67 -16.93 47.18 -4.69
N ALA C 68 -17.09 46.88 -3.39
CA ALA C 68 -16.72 47.82 -2.33
C ALA C 68 -15.23 47.86 -2.01
N SER C 69 -14.42 46.96 -2.58
CA SER C 69 -13.01 46.85 -2.21
C SER C 69 -12.08 46.57 -3.37
N ARG C 70 -12.49 46.88 -4.57
CA ARG C 70 -11.79 46.59 -5.82
C ARG C 70 -10.73 47.61 -6.28
N SER C 71 -10.90 48.89 -5.94
CA SER C 71 -9.99 49.93 -6.41
C SER C 71 -8.59 49.78 -5.83
N VAL C 72 -7.57 50.20 -6.59
CA VAL C 72 -6.18 50.12 -6.17
C VAL C 72 -5.97 50.88 -4.86
N GLU C 73 -6.56 52.08 -4.76
CA GLU C 73 -6.43 52.89 -3.54
C GLU C 73 -7.06 52.24 -2.32
N ARG C 74 -8.23 51.62 -2.49
CA ARG C 74 -8.92 50.93 -1.41
C ARG C 74 -8.12 49.67 -1.01
N LEU C 75 -7.59 48.92 -2.00
CA LEU C 75 -6.78 47.74 -1.76
C LEU C 75 -5.50 48.04 -0.98
N LYS C 76 -4.87 49.21 -1.23
CA LYS C 76 -3.69 49.62 -0.47
C LYS C 76 -4.06 49.81 1.01
N GLU C 77 -5.23 50.37 1.28
CA GLU C 77 -5.72 50.57 2.64
C GLU C 77 -6.03 49.23 3.32
N MET C 78 -6.56 48.27 2.55
CA MET C 78 -6.87 46.94 3.07
CA MET C 78 -6.87 46.94 3.08
C MET C 78 -5.60 46.17 3.41
N ILE C 79 -4.54 46.35 2.61
CA ILE C 79 -3.26 45.71 2.87
C ILE C 79 -2.68 46.30 4.15
N LYS C 80 -2.75 47.65 4.31
CA LYS C 80 -2.25 48.32 5.53
C LYS C 80 -3.06 47.92 6.77
N ALA C 81 -4.36 47.68 6.60
CA ALA C 81 -5.22 47.25 7.69
C ALA C 81 -4.95 45.78 8.13
N GLY C 82 -4.36 44.97 7.25
CA GLY C 82 -4.03 43.60 7.59
C GLY C 82 -4.46 42.48 6.67
N MET C 83 -5.06 42.79 5.49
CA MET C 83 -5.48 41.73 4.56
C MET C 83 -4.26 40.90 4.09
N ASN C 84 -4.33 39.58 4.23
CA ASN C 84 -3.23 38.70 3.80
C ASN C 84 -3.58 37.89 2.55
N ILE C 85 -4.88 37.56 2.40
CA ILE C 85 -5.39 36.76 1.30
C ILE C 85 -6.60 37.47 0.70
N ALA C 86 -6.59 37.65 -0.62
CA ALA C 86 -7.69 38.25 -1.36
C ALA C 86 -8.54 37.12 -1.94
N ARG C 87 -9.80 37.05 -1.56
CA ARG C 87 -10.72 36.04 -2.04
C ARG C 87 -11.56 36.59 -3.21
N LEU C 88 -11.66 35.82 -4.30
CA LEU C 88 -12.52 36.18 -5.43
C LEU C 88 -13.61 35.16 -5.48
N ASN C 89 -14.86 35.62 -5.29
CA ASN C 89 -16.00 34.73 -5.28
C ASN C 89 -16.55 34.55 -6.68
N PHE C 90 -16.27 33.39 -7.28
CA PHE C 90 -16.73 33.08 -8.63
C PHE C 90 -18.24 32.73 -8.71
N SER C 91 -18.99 32.89 -7.61
CA SER C 91 -20.44 32.82 -7.65
C SER C 91 -21.01 34.13 -8.27
N HIS C 92 -20.22 35.21 -8.29
CA HIS C 92 -20.58 36.51 -8.83
C HIS C 92 -19.54 36.97 -9.86
N GLY C 93 -19.83 38.10 -10.52
CA GLY C 93 -18.94 38.73 -11.49
C GLY C 93 -18.76 37.89 -12.73
N SER C 94 -17.63 38.07 -13.38
CA SER C 94 -17.28 37.34 -14.58
C SER C 94 -15.75 37.13 -14.57
N HIS C 95 -15.20 36.44 -15.60
CA HIS C 95 -13.76 36.26 -15.71
C HIS C 95 -13.08 37.62 -15.89
N GLU C 96 -13.65 38.49 -16.74
CA GLU C 96 -13.09 39.82 -17.01
C GLU C 96 -13.07 40.67 -15.74
N TYR C 97 -14.16 40.64 -14.98
CA TYR C 97 -14.30 41.41 -13.75
C TYR C 97 -13.28 40.93 -12.70
N HIS C 98 -13.17 39.62 -12.49
CA HIS C 98 -12.22 39.06 -11.52
C HIS C 98 -10.77 39.24 -11.96
N ALA C 99 -10.47 39.20 -13.28
CA ALA C 99 -9.10 39.45 -13.76
C ALA C 99 -8.69 40.88 -13.41
N GLU C 100 -9.64 41.85 -13.50
CA GLU C 100 -9.37 43.25 -13.17
CA GLU C 100 -9.32 43.24 -13.16
C GLU C 100 -9.10 43.38 -11.67
N SER C 101 -9.90 42.69 -10.85
CA SER C 101 -9.71 42.71 -9.39
C SER C 101 -8.32 42.13 -9.02
N ILE C 102 -7.90 41.03 -9.68
CA ILE C 102 -6.59 40.40 -9.47
C ILE C 102 -5.47 41.39 -9.85
N ALA C 103 -5.60 42.04 -11.01
CA ALA C 103 -4.61 43.03 -11.46
C ALA C 103 -4.52 44.20 -10.44
N ASN C 104 -5.65 44.64 -9.89
CA ASN C 104 -5.65 45.74 -8.91
C ASN C 104 -5.01 45.31 -7.60
N VAL C 105 -5.21 44.04 -7.17
CA VAL C 105 -4.57 43.50 -5.97
C VAL C 105 -3.06 43.49 -6.18
N ARG C 106 -2.59 42.94 -7.32
CA ARG C 106 -1.17 42.91 -7.62
C ARG C 106 -0.55 44.32 -7.73
N GLU C 107 -1.29 45.28 -8.32
CA GLU C 107 -0.80 46.65 -8.40
C GLU C 107 -0.67 47.29 -7.00
N ALA C 108 -1.68 47.09 -6.13
CA ALA C 108 -1.62 47.61 -4.78
C ALA C 108 -0.49 46.96 -3.97
N VAL C 109 -0.28 45.63 -4.14
CA VAL C 109 0.78 44.91 -3.44
C VAL C 109 2.14 45.44 -3.88
N GLU C 110 2.34 45.60 -5.20
CA GLU C 110 3.62 46.05 -5.73
C GLU C 110 3.91 47.52 -5.46
N SER C 111 2.91 48.31 -5.06
CA SER C 111 3.15 49.72 -4.71
C SER C 111 4.00 49.89 -3.43
N PHE C 112 4.14 48.82 -2.63
CA PHE C 112 4.95 48.84 -1.43
C PHE C 112 6.31 48.14 -1.62
N ALA C 113 6.69 47.77 -2.86
CA ALA C 113 7.97 47.10 -3.10
C ALA C 113 9.23 47.94 -2.83
N GLY C 114 9.08 49.25 -2.69
CA GLY C 114 10.21 50.14 -2.42
C GLY C 114 10.59 50.27 -0.95
N SER C 115 9.81 49.65 -0.06
CA SER C 115 10.06 49.71 1.38
C SER C 115 9.96 48.33 2.00
N PRO C 116 11.09 47.77 2.45
CA PRO C 116 11.05 46.44 3.10
C PRO C 116 10.15 46.36 4.33
N LEU C 117 9.97 47.49 5.02
CA LEU C 117 9.13 47.60 6.22
C LEU C 117 7.62 47.53 5.92
N SER C 118 7.19 48.06 4.76
CA SER C 118 5.77 48.06 4.41
CA SER C 118 5.78 48.07 4.40
C SER C 118 5.35 46.97 3.41
N TYR C 119 6.30 46.39 2.65
CA TYR C 119 5.97 45.36 1.66
C TYR C 119 5.39 44.08 2.26
N ARG C 120 4.24 43.65 1.73
CA ARG C 120 3.63 42.42 2.19
C ARG C 120 3.03 41.60 1.04
N PRO C 121 3.47 40.34 0.90
CA PRO C 121 2.85 39.47 -0.11
C PRO C 121 1.39 39.21 0.25
N VAL C 122 0.55 39.10 -0.78
CA VAL C 122 -0.87 38.87 -0.57
C VAL C 122 -1.27 37.70 -1.48
N ALA C 123 -1.83 36.62 -0.91
CA ALA C 123 -2.24 35.48 -1.73
C ALA C 123 -3.54 35.78 -2.48
N ILE C 124 -3.74 35.12 -3.60
CA ILE C 124 -4.98 35.23 -4.36
C ILE C 124 -5.72 33.91 -4.35
N ALA C 125 -6.92 33.90 -3.82
CA ALA C 125 -7.70 32.70 -3.68
C ALA C 125 -8.98 32.77 -4.54
N LEU C 126 -9.28 31.69 -5.25
CA LEU C 126 -10.45 31.60 -6.08
C LEU C 126 -11.46 30.73 -5.36
N ASP C 127 -12.66 31.26 -5.11
CA ASP C 127 -13.70 30.50 -4.44
C ASP C 127 -14.71 30.08 -5.52
N THR C 128 -14.87 28.78 -5.72
CA THR C 128 -15.73 28.27 -6.79
C THR C 128 -17.24 28.44 -6.53
N LYS C 129 -18.01 28.52 -7.63
CA LYS C 129 -19.46 28.62 -7.57
C LYS C 129 -20.05 27.35 -6.92
N GLY C 130 -19.51 26.19 -7.30
CA GLY C 130 -19.96 24.94 -6.71
C GLY C 130 -20.75 24.08 -7.66
N PRO C 131 -21.10 22.86 -7.21
CA PRO C 131 -21.79 21.91 -8.09
C PRO C 131 -23.28 22.21 -8.34
N PRO C 135 -24.05 16.99 -8.74
CA PRO C 135 -23.61 15.58 -8.85
C PRO C 135 -22.11 15.35 -8.80
N GLY C 136 -21.33 16.41 -9.00
CA GLY C 136 -19.86 16.41 -9.08
C GLY C 136 -19.33 17.74 -9.62
N LEU C 137 -18.11 17.78 -10.19
CA LEU C 137 -17.56 19.04 -10.70
C LEU C 137 -18.38 19.68 -11.85
N SER C 138 -18.88 20.91 -11.65
CA SER C 138 -19.67 21.58 -12.69
C SER C 138 -18.83 22.06 -13.85
N GLU C 139 -19.49 22.32 -15.00
CA GLU C 139 -18.80 22.81 -16.18
C GLU C 139 -18.22 24.20 -15.92
N GLN C 140 -18.98 25.04 -15.21
CA GLN C 140 -18.52 26.40 -14.90
C GLN C 140 -17.31 26.33 -13.98
N ASP C 141 -17.30 25.41 -13.00
CA ASP C 141 -16.14 25.24 -12.13
C ASP C 141 -14.91 24.82 -12.88
N VAL C 142 -15.03 23.92 -13.90
CA VAL C 142 -13.86 23.54 -14.71
C VAL C 142 -13.27 24.77 -15.41
N ARG C 143 -14.14 25.63 -15.97
CA ARG C 143 -13.67 26.82 -16.65
C ARG C 143 -13.10 27.85 -15.69
N ASP C 144 -13.69 27.99 -14.50
CA ASP C 144 -13.18 28.93 -13.49
C ASP C 144 -11.87 28.46 -12.90
N LEU C 145 -11.71 27.16 -12.69
CA LEU C 145 -10.44 26.57 -12.21
C LEU C 145 -9.35 26.80 -13.25
N ARG C 146 -9.68 26.64 -14.54
CA ARG C 146 -8.74 26.90 -15.63
C ARG C 146 -8.34 28.37 -15.66
N PHE C 147 -9.29 29.27 -15.42
CA PHE C 147 -9.01 30.71 -15.32
C PHE C 147 -7.98 30.96 -14.17
N GLY C 148 -8.17 30.29 -13.04
CA GLY C 148 -7.27 30.41 -11.90
C GLY C 148 -5.84 30.02 -12.22
N VAL C 149 -5.66 28.90 -12.94
CA VAL C 149 -4.34 28.44 -13.35
C VAL C 149 -3.71 29.46 -14.30
N GLU C 150 -4.50 29.94 -15.28
CA GLU C 150 -3.97 30.90 -16.25
C GLU C 150 -3.61 32.23 -15.61
N HIS C 151 -4.31 32.62 -14.56
CA HIS C 151 -4.03 33.87 -13.86
C HIS C 151 -3.07 33.72 -12.65
N GLY C 152 -2.54 32.52 -12.43
CA GLY C 152 -1.59 32.23 -11.37
C GLY C 152 -2.11 32.38 -9.95
N VAL C 153 -3.35 31.93 -9.68
CA VAL C 153 -3.91 32.00 -8.34
C VAL C 153 -3.12 31.03 -7.42
N ASP C 154 -3.12 31.34 -6.13
CA ASP C 154 -2.37 30.55 -5.16
C ASP C 154 -3.21 29.48 -4.52
N ILE C 155 -4.50 29.75 -4.33
CA ILE C 155 -5.39 28.89 -3.56
C ILE C 155 -6.74 28.76 -4.22
N VAL C 156 -7.38 27.59 -4.05
CA VAL C 156 -8.73 27.38 -4.47
C VAL C 156 -9.54 27.03 -3.24
N PHE C 157 -10.66 27.75 -3.00
CA PHE C 157 -11.60 27.39 -1.96
C PHE C 157 -12.69 26.62 -2.73
N ALA C 158 -12.67 25.27 -2.65
CA ALA C 158 -13.62 24.45 -3.42
C ALA C 158 -14.96 24.31 -2.71
N SER C 159 -16.01 24.87 -3.29
CA SER C 159 -17.35 24.84 -2.72
C SER C 159 -17.98 23.46 -2.70
N PHE C 160 -18.78 23.21 -1.65
CA PHE C 160 -19.55 21.99 -1.44
C PHE C 160 -18.77 20.70 -1.67
N VAL C 161 -17.60 20.54 -0.98
CA VAL C 161 -16.86 19.30 -1.10
C VAL C 161 -17.58 18.28 -0.22
N ARG C 162 -17.97 17.15 -0.78
CA ARG C 162 -18.75 16.16 -0.04
C ARG C 162 -18.06 14.86 0.20
N LYS C 163 -17.03 14.57 -0.61
CA LYS C 163 -16.29 13.31 -0.57
C LYS C 163 -14.89 13.50 -1.20
N ALA C 164 -13.99 12.54 -0.99
CA ALA C 164 -12.61 12.59 -1.52
C ALA C 164 -12.57 12.75 -3.01
N SER C 165 -13.51 12.12 -3.76
CA SER C 165 -13.49 12.20 -5.22
C SER C 165 -13.81 13.60 -5.75
N ASP C 166 -14.48 14.42 -4.95
CA ASP C 166 -14.71 15.82 -5.35
C ASP C 166 -13.37 16.56 -5.37
N VAL C 167 -12.47 16.26 -4.42
CA VAL C 167 -11.15 16.89 -4.34
C VAL C 167 -10.31 16.41 -5.50
N ALA C 168 -10.34 15.10 -5.82
CA ALA C 168 -9.60 14.53 -6.95
C ALA C 168 -10.02 15.20 -8.24
N ALA C 169 -11.34 15.48 -8.41
CA ALA C 169 -11.83 16.18 -9.61
C ALA C 169 -11.27 17.62 -9.69
N VAL C 170 -11.25 18.35 -8.57
CA VAL C 170 -10.69 19.71 -8.57
C VAL C 170 -9.20 19.68 -8.90
N ARG C 171 -8.47 18.72 -8.29
CA ARG C 171 -7.04 18.51 -8.47
C ARG C 171 -6.74 18.20 -9.95
N ALA C 172 -7.53 17.30 -10.57
CA ALA C 172 -7.37 16.96 -11.99
C ALA C 172 -7.65 18.18 -12.88
N ALA C 173 -8.66 18.99 -12.50
CA ALA C 173 -9.02 20.23 -13.22
C ALA C 173 -7.95 21.33 -13.14
N LEU C 174 -7.06 21.25 -12.14
CA LEU C 174 -5.99 22.22 -12.00
CA LEU C 174 -6.02 22.25 -12.01
C LEU C 174 -4.88 22.02 -13.04
N GLY C 175 -5.12 21.11 -13.99
CA GLY C 175 -4.35 20.81 -15.21
C GLY C 175 -2.92 20.52 -15.00
N PRO C 176 -2.13 20.64 -16.06
CA PRO C 176 -0.70 20.34 -15.92
C PRO C 176 0.09 21.47 -15.24
N GLU C 177 -0.39 22.72 -15.31
CA GLU C 177 0.34 23.88 -14.78
C GLU C 177 0.00 24.25 -13.33
N GLY C 178 -1.10 23.78 -12.76
CA GLY C 178 -1.56 24.23 -11.45
C GLY C 178 -1.49 23.25 -10.30
N HIS C 179 -0.59 22.26 -10.36
CA HIS C 179 -0.47 21.30 -9.26
C HIS C 179 0.05 21.91 -7.95
N GLY C 180 0.66 23.08 -8.00
CA GLY C 180 1.13 23.76 -6.79
C GLY C 180 0.09 24.61 -6.10
N ILE C 181 -1.09 24.75 -6.71
CA ILE C 181 -2.17 25.50 -6.12
C ILE C 181 -2.71 24.73 -4.93
N LYS C 182 -2.96 25.42 -3.79
CA LYS C 182 -3.48 24.75 -2.60
C LYS C 182 -5.00 24.58 -2.73
N ILE C 183 -5.52 23.41 -2.40
CA ILE C 183 -6.96 23.16 -2.44
C ILE C 183 -7.48 23.13 -1.04
N ILE C 184 -8.27 24.11 -0.68
CA ILE C 184 -8.92 24.23 0.62
C ILE C 184 -10.36 23.78 0.41
N SER C 185 -10.75 22.61 0.94
CA SER C 185 -12.10 22.09 0.76
C SER C 185 -13.10 22.78 1.68
N LYS C 186 -14.16 23.33 1.10
CA LYS C 186 -15.21 23.97 1.90
C LYS C 186 -16.21 22.90 2.34
N ILE C 187 -16.44 22.79 3.65
CA ILE C 187 -17.38 21.83 4.20
C ILE C 187 -18.65 22.63 4.46
N GLU C 188 -19.70 22.34 3.68
CA GLU C 188 -20.93 23.14 3.70
C GLU C 188 -22.20 22.33 3.90
N ASN C 189 -22.12 21.01 4.10
CA ASN C 189 -23.34 20.21 4.26
C ASN C 189 -23.11 18.98 5.13
N HIS C 190 -24.17 18.21 5.42
CA HIS C 190 -24.07 17.03 6.27
C HIS C 190 -23.09 16.00 5.75
N GLU C 191 -23.11 15.73 4.44
CA GLU C 191 -22.21 14.74 3.86
C GLU C 191 -20.73 15.13 4.03
N GLY C 192 -20.40 16.39 3.81
CA GLY C 192 -19.03 16.89 4.00
C GLY C 192 -18.56 16.69 5.43
N VAL C 193 -19.45 16.94 6.41
CA VAL C 193 -19.10 16.73 7.82
C VAL C 193 -18.88 15.26 8.12
N LYS C 194 -19.80 14.39 7.65
CA LYS C 194 -19.69 12.96 7.90
C LYS C 194 -18.50 12.31 7.21
N ARG C 195 -18.14 12.78 6.02
CA ARG C 195 -16.97 12.25 5.31
C ARG C 195 -15.73 13.16 5.49
N PHE C 196 -15.70 13.97 6.58
CA PHE C 196 -14.61 14.90 6.86
C PHE C 196 -13.22 14.26 6.81
N ASP C 197 -13.00 13.12 7.47
CA ASP C 197 -11.68 12.50 7.51
C ASP C 197 -11.11 12.17 6.14
N GLU C 198 -11.95 11.63 5.25
CA GLU C 198 -11.48 11.28 3.90
C GLU C 198 -11.22 12.54 3.06
N ILE C 199 -11.99 13.61 3.30
CA ILE C 199 -11.81 14.87 2.60
C ILE C 199 -10.50 15.54 3.06
N LEU C 200 -10.28 15.61 4.37
CA LEU C 200 -9.08 16.25 4.93
C LEU C 200 -7.82 15.55 4.46
N GLU C 201 -7.86 14.21 4.40
CA GLU C 201 -6.73 13.41 3.97
C GLU C 201 -6.20 13.81 2.60
N VAL C 202 -7.08 14.12 1.64
CA VAL C 202 -6.64 14.48 0.29
C VAL C 202 -6.60 16.00 0.03
N SER C 203 -7.05 16.83 0.97
CA SER C 203 -7.05 18.28 0.78
C SER C 203 -5.79 18.92 1.39
N ASP C 204 -5.45 20.13 0.98
CA ASP C 204 -4.38 20.89 1.63
C ASP C 204 -4.89 21.56 2.93
N GLY C 205 -6.20 21.78 3.03
CA GLY C 205 -6.81 22.42 4.17
C GLY C 205 -8.33 22.42 4.06
N ILE C 206 -9.00 23.08 5.01
CA ILE C 206 -10.44 23.08 5.11
C ILE C 206 -10.98 24.48 5.39
N MET C 207 -12.17 24.77 4.88
CA MET C 207 -12.86 25.99 5.24
C MET C 207 -14.18 25.56 5.88
N VAL C 208 -14.47 26.07 7.08
CA VAL C 208 -15.75 25.82 7.75
C VAL C 208 -16.66 26.89 7.15
N ALA C 209 -17.41 26.53 6.08
CA ALA C 209 -18.25 27.46 5.33
C ALA C 209 -19.61 27.52 6.03
N ARG C 210 -19.71 28.35 7.07
CA ARG C 210 -20.86 28.39 7.97
C ARG C 210 -22.19 28.85 7.36
N GLY C 211 -22.17 29.62 6.28
CA GLY C 211 -23.41 30.08 5.66
C GLY C 211 -24.27 28.93 5.18
N ASP C 212 -23.77 28.15 4.22
CA ASP C 212 -24.48 26.97 3.74
C ASP C 212 -24.58 25.89 4.81
N LEU C 213 -23.52 25.68 5.63
CA LEU C 213 -23.58 24.67 6.68
C LEU C 213 -24.77 24.92 7.65
N GLY C 214 -25.01 26.20 7.97
CA GLY C 214 -26.09 26.61 8.85
C GLY C 214 -27.49 26.47 8.27
N ILE C 215 -27.60 26.17 6.96
CA ILE C 215 -28.86 25.93 6.26
C ILE C 215 -29.02 24.41 6.02
N GLU C 216 -27.89 23.71 5.75
CA GLU C 216 -27.87 22.29 5.48
C GLU C 216 -28.04 21.43 6.74
N ILE C 217 -27.55 21.91 7.87
CA ILE C 217 -27.69 21.23 9.17
C ILE C 217 -28.37 22.22 10.14
N PRO C 218 -28.93 21.76 11.26
CA PRO C 218 -29.54 22.73 12.21
C PRO C 218 -28.55 23.83 12.62
N ALA C 219 -28.99 25.08 12.62
CA ALA C 219 -28.16 26.23 12.95
C ALA C 219 -27.43 26.08 14.30
N GLU C 220 -28.08 25.46 15.27
CA GLU C 220 -27.54 25.27 16.61
C GLU C 220 -26.46 24.19 16.70
N LYS C 221 -26.18 23.47 15.61
CA LYS C 221 -25.14 22.43 15.57
C LYS C 221 -23.88 22.92 14.84
N VAL C 222 -23.90 24.09 14.18
CA VAL C 222 -22.75 24.59 13.43
C VAL C 222 -21.50 24.72 14.29
N PHE C 223 -21.64 25.23 15.54
CA PHE C 223 -20.48 25.37 16.43
C PHE C 223 -19.78 24.01 16.71
N LEU C 224 -20.54 22.90 16.74
CA LEU C 224 -19.97 21.57 16.97
C LEU C 224 -19.13 21.18 15.77
N ALA C 225 -19.66 21.40 14.55
CA ALA C 225 -18.96 21.08 13.32
C ALA C 225 -17.69 21.97 13.21
N GLN C 226 -17.81 23.25 13.54
CA GLN C 226 -16.66 24.17 13.51
C GLN C 226 -15.53 23.71 14.45
N LYS C 227 -15.85 23.47 15.72
CA LYS C 227 -14.86 23.08 16.70
C LYS C 227 -14.23 21.71 16.38
N MET C 228 -15.05 20.79 15.85
CA MET C 228 -14.54 19.46 15.48
C MET C 228 -13.56 19.57 14.32
N MET C 229 -13.93 20.30 13.28
CA MET C 229 -13.10 20.41 12.07
C MET C 229 -11.81 21.18 12.36
N ILE C 230 -11.88 22.24 13.18
CA ILE C 230 -10.68 22.98 13.56
C ILE C 230 -9.74 22.07 14.37
N GLY C 231 -10.28 21.31 15.32
CA GLY C 231 -9.48 20.40 16.12
C GLY C 231 -8.81 19.32 15.27
N ARG C 232 -9.55 18.71 14.34
CA ARG C 232 -8.97 17.69 13.47
C ARG C 232 -7.91 18.28 12.51
N CYS C 233 -8.12 19.51 12.03
CA CYS C 233 -7.13 20.17 11.16
C CYS C 233 -5.87 20.48 11.94
N ASN C 234 -6.03 20.95 13.20
CA ASN C 234 -4.88 21.24 14.07
C ASN C 234 -4.08 19.95 14.31
N LEU C 235 -4.78 18.84 14.54
CA LEU C 235 -4.18 17.52 14.76
C LEU C 235 -3.44 17.05 13.52
N ALA C 236 -4.03 17.27 12.33
CA ALA C 236 -3.40 16.87 11.06
C ALA C 236 -2.30 17.84 10.60
N GLY C 237 -2.19 19.01 11.23
CA GLY C 237 -1.20 20.01 10.81
C GLY C 237 -1.54 20.67 9.48
N LYS C 238 -2.84 20.78 9.17
CA LYS C 238 -3.28 21.40 7.92
C LYS C 238 -4.10 22.67 8.22
N PRO C 239 -4.00 23.71 7.35
CA PRO C 239 -4.75 24.95 7.60
C PRO C 239 -6.27 24.83 7.63
N VAL C 240 -6.91 25.60 8.52
CA VAL C 240 -8.35 25.61 8.63
C VAL C 240 -8.81 27.08 8.68
N VAL C 241 -9.84 27.41 7.90
CA VAL C 241 -10.36 28.76 7.81
C VAL C 241 -11.73 28.79 8.47
N CYS C 242 -12.00 29.80 9.32
CA CYS C 242 -13.34 29.99 9.83
C CYS C 242 -13.96 31.08 8.96
N ALA C 243 -15.17 30.82 8.43
CA ALA C 243 -15.77 31.76 7.50
C ALA C 243 -17.25 32.04 7.74
N THR C 244 -17.71 33.21 7.25
CA THR C 244 -19.09 33.67 7.06
C THR C 244 -19.78 34.23 8.29
N GLN C 245 -20.23 35.49 8.14
CA GLN C 245 -21.00 36.27 9.11
C GLN C 245 -20.24 36.57 10.39
N MET C 246 -18.90 36.57 10.34
CA MET C 246 -18.10 36.85 11.52
C MET C 246 -18.32 38.28 12.03
N LEU C 247 -18.42 39.25 11.11
CA LEU C 247 -18.67 40.65 11.48
C LEU C 247 -19.83 41.19 10.60
N GLU C 248 -20.85 40.37 10.33
CA GLU C 248 -21.97 40.66 9.44
C GLU C 248 -22.58 42.06 9.54
N SER C 249 -22.89 42.51 10.75
CA SER C 249 -23.48 43.83 10.97
C SER C 249 -22.60 44.97 10.43
N MET C 250 -21.28 44.75 10.29
CA MET C 250 -20.40 45.77 9.73
C MET C 250 -20.61 46.01 8.22
N ILE C 251 -21.51 45.24 7.56
CA ILE C 251 -21.87 45.52 6.17
C ILE C 251 -22.54 46.93 6.11
N THR C 252 -23.33 47.29 7.13
CA THR C 252 -23.99 48.60 7.18
C THR C 252 -23.60 49.46 8.38
N LYS C 253 -23.01 48.86 9.45
CA LYS C 253 -22.66 49.61 10.65
C LYS C 253 -21.15 49.74 10.85
N PRO C 254 -20.68 50.88 11.40
CA PRO C 254 -19.23 51.07 11.58
C PRO C 254 -18.59 50.23 12.69
N ARG C 255 -19.40 49.69 13.61
CA ARG C 255 -18.93 48.88 14.72
C ARG C 255 -19.71 47.58 14.77
N PRO C 256 -19.05 46.47 15.14
CA PRO C 256 -19.75 45.18 15.19
C PRO C 256 -20.52 44.96 16.51
N THR C 257 -21.34 43.91 16.55
CA THR C 257 -22.07 43.57 17.78
C THR C 257 -21.12 42.80 18.75
N ARG C 258 -21.57 42.62 20.00
CA ARG C 258 -20.84 41.87 21.01
C ARG C 258 -20.70 40.40 20.62
N ALA C 259 -21.69 39.84 19.92
CA ALA C 259 -21.63 38.44 19.47
C ALA C 259 -20.59 38.26 18.38
N GLU C 260 -20.45 39.26 17.49
CA GLU C 260 -19.49 39.24 16.39
C GLU C 260 -18.04 39.31 16.84
N THR C 261 -17.71 40.20 17.79
CA THR C 261 -16.33 40.26 18.30
C THR C 261 -16.01 38.96 19.04
N SER C 262 -16.98 38.45 19.80
CA SER C 262 -16.84 37.18 20.50
C SER C 262 -16.58 36.02 19.49
N ASP C 263 -17.31 35.99 18.37
CA ASP C 263 -17.18 34.95 17.35
C ASP C 263 -15.78 34.94 16.74
N VAL C 264 -15.23 36.13 16.43
CA VAL C 264 -13.89 36.22 15.87
C VAL C 264 -12.86 35.72 16.91
N ALA C 265 -12.98 36.18 18.18
CA ALA C 265 -12.06 35.77 19.22
C ALA C 265 -12.11 34.27 19.45
N ASN C 266 -13.32 33.69 19.49
CA ASN C 266 -13.49 32.27 19.70
C ASN C 266 -13.00 31.43 18.53
N ALA C 267 -13.08 31.92 17.29
CA ALA C 267 -12.55 31.16 16.14
C ALA C 267 -11.00 31.03 16.29
N VAL C 268 -10.33 32.10 16.74
CA VAL C 268 -8.89 32.08 16.99
C VAL C 268 -8.57 31.13 18.17
N LEU C 269 -9.33 31.26 19.27
CA LEU C 269 -9.14 30.38 20.43
C LEU C 269 -9.43 28.89 20.09
N ASP C 270 -10.38 28.63 19.15
CA ASP C 270 -10.67 27.26 18.69
C ASP C 270 -9.44 26.65 18.00
N GLY C 271 -8.64 27.47 17.33
CA GLY C 271 -7.45 27.01 16.62
C GLY C 271 -7.45 27.32 15.12
N ALA C 272 -8.31 28.25 14.66
CA ALA C 272 -8.33 28.60 13.22
C ALA C 272 -7.03 29.26 12.76
N ASP C 273 -6.51 28.83 11.61
CA ASP C 273 -5.35 29.44 11.02
C ASP C 273 -5.72 30.77 10.37
N CYS C 274 -6.92 30.83 9.76
CA CYS C 274 -7.40 32.02 9.05
C CYS C 274 -8.81 32.35 9.48
N ILE C 275 -9.12 33.63 9.41
CA ILE C 275 -10.48 34.13 9.60
C ILE C 275 -10.84 34.87 8.30
N MET C 276 -12.15 34.91 7.98
CA MET C 276 -12.56 35.46 6.71
C MET C 276 -13.65 36.52 6.82
N LEU C 277 -13.68 37.41 5.83
CA LEU C 277 -14.69 38.43 5.65
C LEU C 277 -15.27 38.21 4.25
N SER C 278 -16.60 38.19 4.16
CA SER C 278 -17.28 38.00 2.87
C SER C 278 -17.99 39.30 2.46
N GLY C 279 -19.27 39.45 2.78
CA GLY C 279 -20.03 40.66 2.44
C GLY C 279 -19.46 41.91 3.09
N GLU C 280 -18.84 41.74 4.28
CA GLU C 280 -18.20 42.82 5.02
C GLU C 280 -17.19 43.58 4.19
N THR C 281 -16.48 42.90 3.27
CA THR C 281 -15.51 43.57 2.43
C THR C 281 -15.91 43.62 0.95
N ALA C 282 -16.68 42.63 0.49
CA ALA C 282 -17.06 42.56 -0.93
C ALA C 282 -18.10 43.63 -1.31
N LYS C 283 -19.06 43.88 -0.43
CA LYS C 283 -20.15 44.79 -0.76
C LYS C 283 -20.56 45.78 0.31
N GLY C 284 -20.02 45.66 1.51
CA GLY C 284 -20.42 46.55 2.61
C GLY C 284 -19.88 47.97 2.52
N ASN C 285 -20.28 48.81 3.46
CA ASN C 285 -19.85 50.20 3.52
C ASN C 285 -18.58 50.45 4.33
N PHE C 286 -18.09 49.43 5.06
CA PHE C 286 -16.89 49.58 5.90
C PHE C 286 -15.88 48.44 5.69
N PRO C 287 -15.40 48.21 4.45
CA PRO C 287 -14.46 47.10 4.22
C PRO C 287 -13.14 47.22 4.99
N VAL C 288 -12.55 48.42 5.02
CA VAL C 288 -11.29 48.63 5.71
C VAL C 288 -11.45 48.46 7.21
N GLU C 289 -12.54 49.00 7.77
CA GLU C 289 -12.83 48.92 9.19
C GLU C 289 -13.09 47.47 9.63
N ALA C 290 -13.71 46.65 8.74
CA ALA C 290 -13.95 45.24 9.06
C ALA C 290 -12.61 44.50 9.18
N VAL C 291 -11.65 44.81 8.30
CA VAL C 291 -10.32 44.18 8.33
C VAL C 291 -9.60 44.62 9.61
N LYS C 292 -9.68 45.92 9.95
CA LYS C 292 -9.05 46.47 11.16
C LYS C 292 -9.61 45.82 12.41
N MET C 293 -10.92 45.56 12.43
CA MET C 293 -11.57 44.94 13.58
C MET C 293 -11.10 43.48 13.75
N GLN C 294 -11.04 42.71 12.64
CA GLN C 294 -10.54 41.33 12.72
C GLN C 294 -9.09 41.32 13.18
N HIS C 295 -8.28 42.27 12.69
CA HIS C 295 -6.88 42.38 13.11
C HIS C 295 -6.78 42.62 14.63
N ALA C 296 -7.54 43.58 15.17
CA ALA C 296 -7.50 43.93 16.58
C ALA C 296 -7.95 42.78 17.48
N ILE C 297 -9.04 42.10 17.11
CA ILE C 297 -9.55 40.97 17.89
C ILE C 297 -8.58 39.79 17.86
N ALA C 298 -8.07 39.41 16.66
CA ALA C 298 -7.14 38.28 16.55
C ALA C 298 -5.91 38.46 17.40
N ARG C 299 -5.33 39.69 17.44
CA ARG C 299 -4.15 39.93 18.27
C ARG C 299 -4.43 39.68 19.73
N GLU C 300 -5.58 40.15 20.22
CA GLU C 300 -5.97 39.94 21.62
C GLU C 300 -6.19 38.47 21.91
N ALA C 301 -6.88 37.76 20.99
CA ALA C 301 -7.21 36.35 21.19
C ALA C 301 -5.98 35.45 21.14
N GLU C 302 -5.01 35.78 20.28
CA GLU C 302 -3.78 34.96 20.17
C GLU C 302 -2.97 35.01 21.48
N ALA C 303 -2.91 36.17 22.13
CA ALA C 303 -2.22 36.28 23.41
C ALA C 303 -2.95 35.46 24.50
N ALA C 304 -4.27 35.28 24.40
CA ALA C 304 -5.08 34.54 25.35
C ALA C 304 -5.08 33.02 25.11
N VAL C 305 -4.37 32.52 24.08
CA VAL C 305 -4.29 31.08 23.84
C VAL C 305 -3.52 30.43 25.02
N TYR C 306 -4.03 29.29 25.55
CA TYR C 306 -3.40 28.59 26.65
C TYR C 306 -2.35 27.62 26.07
N HIS C 307 -1.19 28.16 25.69
CA HIS C 307 -0.11 27.41 25.06
C HIS C 307 0.39 26.23 25.85
N ARG C 308 0.43 26.33 27.20
CA ARG C 308 0.91 25.24 28.04
C ARG C 308 0.15 23.94 27.80
N GLN C 309 -1.20 24.02 27.71
CA GLN C 309 -1.99 22.82 27.46
C GLN C 309 -1.96 22.48 25.97
N LEU C 310 -2.10 23.49 25.10
CA LEU C 310 -2.12 23.31 23.65
C LEU C 310 -0.88 22.57 23.15
N PHE C 311 0.32 23.07 23.50
CA PHE C 311 1.56 22.43 23.07
C PHE C 311 1.71 21.02 23.61
N GLU C 312 1.36 20.81 24.88
CA GLU C 312 1.40 19.49 25.52
C GLU C 312 0.49 18.51 24.79
N GLU C 313 -0.73 18.95 24.44
CA GLU C 313 -1.67 18.09 23.74
C GLU C 313 -1.30 17.86 22.29
N LEU C 314 -0.76 18.87 21.59
CA LEU C 314 -0.33 18.71 20.19
C LEU C 314 0.82 17.70 20.14
N ARG C 315 1.76 17.82 21.08
CA ARG C 315 2.92 16.95 21.24
C ARG C 315 2.47 15.50 21.51
N ARG C 316 1.58 15.30 22.47
CA ARG C 316 1.09 13.97 22.87
C ARG C 316 0.26 13.30 21.77
N ALA C 317 -0.57 14.09 21.06
CA ALA C 317 -1.42 13.52 20.02
C ALA C 317 -0.68 13.24 18.72
N ALA C 318 0.34 14.05 18.39
CA ALA C 318 1.08 13.85 17.14
C ALA C 318 1.84 12.54 17.24
N PRO C 319 1.72 11.68 16.23
CA PRO C 319 2.46 10.41 16.28
C PRO C 319 3.96 10.62 16.16
N LEU C 320 4.75 9.60 16.57
CA LEU C 320 6.18 9.62 16.43
C LEU C 320 6.54 9.70 14.95
N SER C 321 7.66 10.34 14.64
CA SER C 321 8.03 10.55 13.26
C SER C 321 9.48 10.32 13.02
N ARG C 322 9.80 9.76 11.87
CA ARG C 322 11.18 9.60 11.44
C ARG C 322 11.54 10.62 10.33
N ASP C 323 10.67 11.61 10.07
CA ASP C 323 10.91 12.63 9.08
C ASP C 323 11.71 13.75 9.77
N PRO C 324 12.92 14.04 9.29
CA PRO C 324 13.75 15.05 9.97
C PRO C 324 13.12 16.44 10.03
N THR C 325 12.30 16.88 9.03
CA THR C 325 11.67 18.20 9.11
C THR C 325 10.71 18.27 10.31
N GLU C 326 9.92 17.20 10.51
CA GLU C 326 8.97 17.13 11.62
CA GLU C 326 8.97 17.10 11.60
C GLU C 326 9.71 17.05 12.97
N VAL C 327 10.79 16.26 13.04
CA VAL C 327 11.59 16.14 14.27
C VAL C 327 12.26 17.49 14.62
N THR C 328 12.82 18.17 13.60
CA THR C 328 13.46 19.48 13.81
C THR C 328 12.43 20.50 14.27
N ALA C 329 11.22 20.50 13.65
CA ALA C 329 10.20 21.46 13.99
C ALA C 329 9.79 21.39 15.46
N ILE C 330 9.58 20.18 16.00
CA ILE C 330 9.16 20.07 17.41
C ILE C 330 10.30 20.50 18.35
N GLY C 331 11.53 20.17 18.00
CA GLY C 331 12.70 20.59 18.77
C GLY C 331 12.84 22.10 18.76
N ALA C 332 12.64 22.75 17.59
CA ALA C 332 12.71 24.20 17.45
C ALA C 332 11.61 24.92 18.24
N VAL C 333 10.40 24.38 18.23
CA VAL C 333 9.27 24.99 18.96
C VAL C 333 9.51 24.86 20.48
N GLU C 334 10.03 23.70 20.92
CA GLU C 334 10.36 23.48 22.33
CA GLU C 334 10.36 23.48 22.33
C GLU C 334 11.44 24.49 22.76
N ALA C 335 12.49 24.65 21.94
CA ALA C 335 13.57 25.58 22.21
C ALA C 335 13.06 27.03 22.26
N ALA C 336 12.14 27.42 21.35
CA ALA C 336 11.58 28.76 21.33
C ALA C 336 10.82 29.07 22.63
N PHE C 337 10.05 28.09 23.14
CA PHE C 337 9.30 28.27 24.37
C PHE C 337 10.27 28.39 25.58
N LYS C 338 11.36 27.60 25.60
CA LYS C 338 12.34 27.61 26.67
C LYS C 338 12.98 28.98 26.90
N CYS C 339 13.28 29.73 25.82
CA CYS C 339 13.95 31.02 25.95
C CYS C 339 13.08 32.20 25.65
N CYS C 340 11.77 32.02 25.41
CA CYS C 340 10.84 33.08 25.01
C CYS C 340 11.37 33.77 23.74
N ALA C 341 11.87 32.98 22.76
CA ALA C 341 12.47 33.49 21.54
C ALA C 341 11.56 34.48 20.84
N ALA C 342 12.13 35.59 20.40
CA ALA C 342 11.40 36.61 19.69
C ALA C 342 10.89 36.03 18.32
N ALA C 343 11.60 35.04 17.73
CA ALA C 343 11.19 34.48 16.43
C ALA C 343 11.89 33.13 16.16
N ILE C 344 11.32 32.37 15.21
CA ILE C 344 11.89 31.18 14.64
C ILE C 344 12.08 31.52 13.17
N ILE C 345 13.32 31.64 12.70
CA ILE C 345 13.57 31.98 11.32
C ILE C 345 13.80 30.67 10.59
N VAL C 346 13.04 30.41 9.53
CA VAL C 346 13.14 29.16 8.81
C VAL C 346 13.36 29.41 7.32
N LEU C 347 14.24 28.62 6.72
CA LEU C 347 14.48 28.70 5.30
C LEU C 347 13.55 27.64 4.67
N THR C 348 12.72 28.07 3.72
CA THR C 348 11.78 27.17 3.05
C THR C 348 11.57 27.56 1.58
N THR C 349 11.52 26.57 0.70
CA THR C 349 11.27 26.82 -0.72
C THR C 349 9.80 26.55 -1.00
N THR C 350 9.24 25.49 -0.44
CA THR C 350 7.83 25.16 -0.64
C THR C 350 6.91 25.68 0.43
N GLY C 351 7.46 26.13 1.58
CA GLY C 351 6.63 26.54 2.70
C GLY C 351 6.44 25.41 3.71
N ARG C 352 6.79 24.16 3.35
CA ARG C 352 6.55 22.99 4.22
C ARG C 352 7.26 23.03 5.60
N SER C 353 8.52 23.42 5.65
CA SER C 353 9.25 23.54 6.93
C SER C 353 8.57 24.57 7.85
N ALA C 354 8.01 25.65 7.29
CA ALA C 354 7.28 26.67 8.09
C ALA C 354 5.92 26.11 8.55
N GLN C 355 5.25 25.35 7.70
CA GLN C 355 3.96 24.72 8.05
C GLN C 355 4.13 23.72 9.24
N LEU C 356 5.22 22.94 9.23
CA LEU C 356 5.49 21.99 10.31
C LEU C 356 5.84 22.69 11.62
N LEU C 357 6.39 23.91 11.57
CA LEU C 357 6.64 24.67 12.78
C LEU C 357 5.29 25.19 13.32
N SER C 358 4.48 25.75 12.41
CA SER C 358 3.16 26.34 12.69
C SER C 358 2.21 25.33 13.34
N ARG C 359 2.27 24.04 12.96
CA ARG C 359 1.38 23.02 13.54
C ARG C 359 1.57 22.85 15.06
N TYR C 360 2.75 23.22 15.61
CA TYR C 360 2.96 23.14 17.07
C TYR C 360 2.59 24.42 17.81
N ARG C 361 2.04 25.40 17.08
CA ARG C 361 1.55 26.67 17.62
C ARG C 361 2.54 27.39 18.52
N PRO C 362 3.76 27.69 18.02
CA PRO C 362 4.69 28.47 18.86
C PRO C 362 4.15 29.87 19.12
N ARG C 363 4.54 30.45 20.24
CA ARG C 363 4.24 31.85 20.53
C ARG C 363 5.21 32.72 19.67
N ALA C 364 6.45 32.25 19.46
CA ALA C 364 7.40 32.96 18.59
C ALA C 364 6.84 33.02 17.15
N ALA C 365 7.00 34.15 16.50
CA ALA C 365 6.64 34.36 15.12
C ALA C 365 7.53 33.48 14.24
N VAL C 366 6.97 32.81 13.25
CA VAL C 366 7.76 31.97 12.34
C VAL C 366 8.06 32.83 11.12
N ILE C 367 9.30 33.30 10.98
CA ILE C 367 9.71 34.14 9.87
C ILE C 367 10.24 33.23 8.78
N ALA C 368 9.48 33.11 7.69
CA ALA C 368 9.83 32.16 6.63
C ALA C 368 10.50 32.87 5.47
N VAL C 369 11.80 32.59 5.26
CA VAL C 369 12.57 33.23 4.22
C VAL C 369 12.57 32.28 3.03
N THR C 370 12.10 32.77 1.88
CA THR C 370 11.97 31.95 0.70
C THR C 370 12.31 32.72 -0.58
N ARG C 371 12.81 32.03 -1.58
CA ARG C 371 12.99 32.62 -2.92
C ARG C 371 11.71 32.45 -3.77
N SER C 372 10.72 31.61 -3.32
CA SER C 372 9.47 31.40 -4.05
C SER C 372 8.42 32.42 -3.72
N ALA C 373 8.02 33.24 -4.71
CA ALA C 373 6.93 34.22 -4.51
C ALA C 373 5.61 33.51 -4.20
N GLN C 374 5.36 32.36 -4.83
CA GLN C 374 4.13 31.61 -4.58
C GLN C 374 4.10 31.01 -3.17
N ALA C 375 5.22 30.42 -2.72
CA ALA C 375 5.28 29.89 -1.35
C ALA C 375 5.12 31.04 -0.33
N ALA C 376 5.69 32.21 -0.61
CA ALA C 376 5.54 33.38 0.28
C ALA C 376 4.06 33.79 0.41
N ARG C 377 3.29 33.72 -0.70
CA ARG C 377 1.86 34.05 -0.64
C ARG C 377 1.08 32.94 0.08
N GLN C 378 1.35 31.67 -0.28
CA GLN C 378 0.61 30.53 0.27
C GLN C 378 0.81 30.27 1.76
N VAL C 379 1.98 30.63 2.32
CA VAL C 379 2.21 30.36 3.76
C VAL C 379 1.35 31.21 4.67
N HIS C 380 0.63 32.22 4.12
CA HIS C 380 -0.35 32.98 4.88
C HIS C 380 -1.47 32.06 5.39
N LEU C 381 -1.68 30.87 4.78
CA LEU C 381 -2.67 29.91 5.25
C LEU C 381 -2.32 29.34 6.64
N CYS C 382 -1.02 29.36 7.03
CA CYS C 382 -0.57 28.76 8.28
C CYS C 382 -0.42 29.80 9.38
N ARG C 383 -1.10 29.59 10.51
CA ARG C 383 -1.02 30.55 11.60
C ARG C 383 0.41 30.84 12.07
N GLY C 384 0.72 32.11 12.23
CA GLY C 384 2.00 32.55 12.77
C GLY C 384 3.16 32.53 11.81
N VAL C 385 2.91 32.36 10.50
CA VAL C 385 4.00 32.37 9.53
C VAL C 385 4.05 33.72 8.85
N PHE C 386 5.20 34.41 8.91
CA PHE C 386 5.44 35.71 8.32
C PHE C 386 6.41 35.56 7.16
N PRO C 387 5.89 35.60 5.93
CA PRO C 387 6.77 35.34 4.77
C PRO C 387 7.66 36.52 4.40
N LEU C 388 8.91 36.22 4.02
CA LEU C 388 9.87 37.20 3.51
C LEU C 388 10.37 36.65 2.19
N LEU C 389 10.02 37.33 1.10
CA LEU C 389 10.48 36.94 -0.22
C LEU C 389 11.92 37.48 -0.42
N TYR C 390 12.88 36.58 -0.70
CA TYR C 390 14.29 36.88 -0.87
C TYR C 390 14.63 36.77 -2.36
N ARG C 391 15.25 37.80 -2.92
CA ARG C 391 15.53 37.82 -4.37
C ARG C 391 16.99 38.10 -4.73
N GLU C 392 17.90 38.00 -3.76
CA GLU C 392 19.31 38.23 -4.05
C GLU C 392 19.84 37.14 -4.95
N PRO C 393 20.85 37.44 -5.79
CA PRO C 393 21.43 36.36 -6.60
C PRO C 393 22.12 35.32 -5.69
N PRO C 394 22.01 34.03 -6.08
CA PRO C 394 22.60 32.96 -5.26
C PRO C 394 24.09 33.05 -5.10
N GLU C 395 24.59 32.73 -3.92
CA GLU C 395 26.02 32.68 -3.66
C GLU C 395 26.57 31.36 -4.21
N ALA C 396 27.82 31.36 -4.70
CA ALA C 396 28.51 30.18 -5.22
C ALA C 396 28.76 29.19 -4.08
N ILE C 397 29.06 29.68 -2.85
CA ILE C 397 29.22 28.79 -1.71
C ILE C 397 27.84 28.70 -0.99
N TRP C 398 27.24 27.52 -0.97
CA TRP C 398 25.92 27.31 -0.41
C TRP C 398 25.79 27.73 1.05
N ALA C 399 26.79 27.42 1.90
CA ALA C 399 26.76 27.85 3.30
C ALA C 399 26.71 29.36 3.42
N ASP C 400 27.35 30.11 2.49
CA ASP C 400 27.26 31.57 2.51
C ASP C 400 25.87 32.04 2.12
N ASP C 401 25.23 31.38 1.16
CA ASP C 401 23.86 31.71 0.72
C ASP C 401 22.86 31.47 1.86
N VAL C 402 23.05 30.42 2.65
CA VAL C 402 22.21 30.15 3.81
C VAL C 402 22.38 31.27 4.85
N ASP C 403 23.63 31.61 5.20
CA ASP C 403 23.92 32.68 6.15
C ASP C 403 23.36 34.00 5.69
N ARG C 404 23.43 34.29 4.38
CA ARG C 404 22.85 35.55 3.88
C ARG C 404 21.33 35.62 4.10
N ARG C 405 20.61 34.50 3.90
CA ARG C 405 19.18 34.46 4.12
C ARG C 405 18.79 34.52 5.56
N VAL C 406 19.59 33.90 6.44
CA VAL C 406 19.33 33.97 7.87
C VAL C 406 19.50 35.42 8.35
N GLN C 407 20.58 36.09 7.91
CA GLN C 407 20.77 37.49 8.25
C GLN C 407 19.71 38.37 7.65
N PHE C 408 19.19 38.00 6.48
CA PHE C 408 18.08 38.76 5.88
C PHE C 408 16.82 38.68 6.76
N GLY C 409 16.55 37.51 7.31
CA GLY C 409 15.44 37.32 8.23
C GLY C 409 15.63 38.13 9.51
N ILE C 410 16.84 38.11 10.06
CA ILE C 410 17.17 38.88 11.26
C ILE C 410 17.05 40.39 11.02
N GLU C 411 17.59 40.90 9.90
CA GLU C 411 17.54 42.33 9.62
C GLU C 411 16.13 42.82 9.30
N SER C 412 15.34 41.98 8.60
CA SER C 412 13.93 42.33 8.35
C SER C 412 13.18 42.33 9.71
N GLY C 413 13.50 41.37 10.58
CA GLY C 413 12.95 41.25 11.91
C GLY C 413 13.21 42.46 12.77
N LYS C 414 14.45 42.99 12.74
CA LYS C 414 14.81 44.20 13.49
C LYS C 414 14.04 45.39 12.94
N LEU C 415 14.00 45.53 11.60
CA LEU C 415 13.30 46.60 10.92
C LEU C 415 11.80 46.63 11.24
N ARG C 416 11.17 45.46 11.23
CA ARG C 416 9.74 45.36 11.49
C ARG C 416 9.33 45.32 12.97
N GLY C 417 10.29 45.33 13.89
CA GLY C 417 9.99 45.35 15.30
C GLY C 417 9.93 44.01 16.02
N PHE C 418 10.10 42.91 15.26
CA PHE C 418 10.09 41.56 15.85
C PHE C 418 11.33 41.36 16.77
N LEU C 419 12.49 41.93 16.37
CA LEU C 419 13.79 41.68 17.01
C LEU C 419 14.60 42.89 17.42
N ARG C 420 15.45 42.71 18.42
CA ARG C 420 16.39 43.69 18.94
C ARG C 420 17.70 42.97 19.29
N VAL C 421 18.81 43.71 19.37
CA VAL C 421 20.10 43.16 19.76
C VAL C 421 20.00 42.61 21.18
N GLY C 422 20.50 41.41 21.40
CA GLY C 422 20.37 40.73 22.69
C GLY C 422 19.23 39.70 22.71
N ASP C 423 18.30 39.76 21.75
CA ASP C 423 17.23 38.76 21.66
C ASP C 423 17.78 37.38 21.28
N LEU C 424 17.04 36.31 21.58
CA LEU C 424 17.39 34.99 21.14
C LEU C 424 16.40 34.61 20.03
N VAL C 425 16.92 33.96 18.96
CA VAL C 425 16.11 33.46 17.87
C VAL C 425 16.47 32.01 17.62
N ILE C 426 15.52 31.25 17.13
CA ILE C 426 15.76 29.87 16.74
C ILE C 426 15.84 29.90 15.22
N VAL C 427 16.79 29.21 14.65
CA VAL C 427 16.99 29.20 13.22
C VAL C 427 16.90 27.78 12.74
N VAL C 428 16.03 27.55 11.76
CA VAL C 428 15.79 26.25 11.17
C VAL C 428 16.22 26.18 9.71
N THR C 429 17.17 25.27 9.41
CA THR C 429 17.67 25.09 8.06
C THR C 429 17.84 23.57 7.80
N GLY C 430 18.34 23.18 6.61
CA GLY C 430 18.70 21.82 6.26
C GLY C 430 20.19 21.70 6.03
N TRP C 431 20.68 20.48 5.80
CA TRP C 431 22.12 20.22 5.64
C TRP C 431 22.62 20.36 4.19
N ARG C 432 21.70 20.46 3.24
CA ARG C 432 22.01 20.56 1.81
C ARG C 432 20.89 21.31 1.08
N PRO C 433 21.20 21.90 -0.08
CA PRO C 433 20.16 22.67 -0.78
C PRO C 433 19.08 21.76 -1.34
N GLY C 434 17.93 22.36 -1.61
CA GLY C 434 16.81 21.63 -2.13
C GLY C 434 15.80 21.40 -1.04
N SER C 435 14.56 21.48 -1.41
CA SER C 435 13.45 21.23 -0.52
C SER C 435 13.50 19.75 0.01
N GLY C 436 13.01 19.55 1.23
CA GLY C 436 12.89 18.23 1.85
C GLY C 436 14.00 17.77 2.78
N TYR C 437 15.00 18.60 3.04
CA TYR C 437 16.12 18.22 3.90
C TYR C 437 16.29 18.98 5.21
N THR C 438 15.28 19.71 5.68
CA THR C 438 15.37 20.43 6.96
C THR C 438 15.71 19.44 8.09
N ASN C 439 16.80 19.71 8.79
CA ASN C 439 17.24 18.80 9.84
C ASN C 439 18.09 19.52 10.91
N ILE C 440 18.16 20.88 10.87
CA ILE C 440 18.99 21.64 11.77
C ILE C 440 18.23 22.70 12.48
N MET C 441 18.48 22.81 13.79
CA MET C 441 17.94 23.88 14.62
C MET C 441 19.14 24.50 15.33
N ARG C 442 19.23 25.82 15.31
CA ARG C 442 20.31 26.57 15.96
C ARG C 442 19.73 27.67 16.81
N VAL C 443 20.42 27.98 17.88
CA VAL C 443 20.01 29.05 18.82
C VAL C 443 20.98 30.20 18.56
N LEU C 444 20.47 31.37 18.14
CA LEU C 444 21.34 32.51 17.84
CA LEU C 444 21.32 32.50 17.82
C LEU C 444 21.01 33.71 18.73
N SER C 445 22.04 34.41 19.15
CA SER C 445 21.89 35.64 19.92
CA SER C 445 21.87 35.64 19.92
C SER C 445 21.97 36.78 18.90
N ILE C 446 21.00 37.69 18.88
CA ILE C 446 20.97 38.79 17.93
C ILE C 446 22.07 39.83 18.19
N SER C 447 22.94 40.07 17.20
CA SER C 447 23.97 41.09 17.31
C SER C 447 23.73 42.23 16.28
N GLY D 23 9.03 -2.14 13.58
CA GLY D 23 8.55 -3.49 13.84
C GLY D 23 7.85 -3.65 15.17
N THR D 24 6.99 -4.68 15.28
CA THR D 24 6.26 -4.94 16.52
C THR D 24 7.20 -5.44 17.63
N ALA D 25 8.25 -6.17 17.25
CA ALA D 25 9.23 -6.69 18.22
C ALA D 25 9.96 -5.55 18.92
N PHE D 26 10.26 -4.46 18.19
CA PHE D 26 10.92 -3.29 18.77
C PHE D 26 10.07 -2.68 19.88
N PHE D 27 8.76 -2.58 19.64
CA PHE D 27 7.84 -1.98 20.61
C PHE D 27 7.42 -2.93 21.76
N GLN D 28 7.90 -4.17 21.77
CA GLN D 28 7.62 -5.10 22.86
C GLN D 28 8.78 -5.11 23.90
N GLN D 29 10.02 -4.79 23.45
CA GLN D 29 11.21 -4.72 24.30
C GLN D 29 11.25 -3.42 25.11
N GLN D 30 12.24 -3.31 26.04
CA GLN D 30 12.56 -2.17 26.89
C GLN D 30 11.33 -1.51 27.54
N GLN D 31 10.35 -2.34 27.94
CA GLN D 31 9.11 -1.90 28.61
C GLN D 31 8.38 -0.81 27.82
N LEU D 32 8.42 -0.87 26.48
CA LEU D 32 7.75 0.14 25.66
C LEU D 32 6.22 0.12 25.82
N PRO D 33 5.51 -1.03 25.98
CA PRO D 33 4.06 -0.97 26.28
C PRO D 33 3.81 -0.19 27.60
N ALA D 34 4.61 -0.44 28.65
CA ALA D 34 4.47 0.30 29.92
C ALA D 34 4.84 1.79 29.76
N ALA D 35 5.74 2.11 28.80
CA ALA D 35 6.15 3.47 28.51
C ALA D 35 5.03 4.28 27.84
N MET D 36 4.18 3.61 27.04
CA MET D 36 3.09 4.28 26.35
C MET D 36 1.84 4.48 27.22
N ALA D 37 1.84 4.02 28.48
CA ALA D 37 0.66 4.11 29.34
C ALA D 37 0.25 5.55 29.65
N ASP D 38 -1.07 5.75 29.81
CA ASP D 38 -1.63 7.07 30.08
C ASP D 38 -1.60 7.48 31.56
N THR D 39 -1.44 6.51 32.47
CA THR D 39 -1.32 6.78 33.91
C THR D 39 -0.13 5.99 34.49
N PHE D 40 0.39 6.42 35.63
CA PHE D 40 1.46 5.72 36.32
C PHE D 40 0.97 4.33 36.77
N LEU D 41 -0.28 4.24 37.23
CA LEU D 41 -0.87 2.96 37.65
C LEU D 41 -0.90 1.97 36.49
N GLU D 42 -1.35 2.41 35.30
CA GLU D 42 -1.38 1.54 34.14
C GLU D 42 0.03 1.18 33.66
N HIS D 43 1.00 2.10 33.84
CA HIS D 43 2.41 1.88 33.52
C HIS D 43 2.93 0.69 34.37
N LEU D 44 2.64 0.70 35.69
CA LEU D 44 3.04 -0.37 36.58
C LEU D 44 2.39 -1.69 36.16
N CYS D 45 1.08 -1.67 35.85
CA CYS D 45 0.32 -2.84 35.43
C CYS D 45 0.87 -3.47 34.14
N LEU D 46 1.51 -2.67 33.28
CA LEU D 46 2.06 -3.15 32.01
C LEU D 46 3.51 -3.60 32.06
N LEU D 47 4.19 -3.51 33.23
CA LEU D 47 5.59 -3.95 33.35
C LEU D 47 5.63 -5.46 33.10
N ASP D 48 6.56 -5.88 32.24
CA ASP D 48 6.65 -7.27 31.79
C ASP D 48 8.07 -7.84 32.02
N ILE D 49 8.19 -8.92 32.80
CA ILE D 49 9.48 -9.57 33.03
C ILE D 49 10.07 -10.18 31.75
N ASP D 50 9.25 -10.40 30.72
CA ASP D 50 9.73 -10.93 29.43
C ASP D 50 10.17 -9.83 28.46
N SER D 51 9.97 -8.54 28.81
CA SER D 51 10.37 -7.42 27.97
C SER D 51 11.84 -7.14 28.32
N GLU D 52 12.74 -7.55 27.42
CA GLU D 52 14.17 -7.42 27.68
C GLU D 52 14.72 -6.02 27.47
N PRO D 53 15.65 -5.59 28.34
CA PRO D 53 16.26 -4.28 28.14
C PRO D 53 17.15 -4.30 26.89
N VAL D 54 17.11 -3.24 26.10
CA VAL D 54 17.92 -3.13 24.88
C VAL D 54 18.97 -2.02 25.03
N ALA D 55 18.58 -0.90 25.65
CA ALA D 55 19.47 0.24 25.85
C ALA D 55 20.69 -0.11 26.73
N ALA D 56 21.77 0.65 26.55
CA ALA D 56 22.93 0.50 27.40
C ALA D 56 22.57 1.01 28.81
N ARG D 57 23.22 0.44 29.82
CA ARG D 57 22.98 0.83 31.21
C ARG D 57 23.44 2.26 31.42
N SER D 58 22.54 3.11 31.88
CA SER D 58 22.81 4.53 32.00
C SER D 58 23.22 5.01 33.41
N THR D 59 22.81 4.29 34.49
CA THR D 59 23.19 4.68 35.86
C THR D 59 24.62 4.22 36.11
N SER D 60 25.54 5.13 36.46
CA SER D 60 26.92 4.77 36.70
CA SER D 60 26.94 4.77 36.71
C SER D 60 27.12 3.97 37.98
N ILE D 61 28.11 3.09 37.98
CA ILE D 61 28.44 2.30 39.15
C ILE D 61 29.76 2.81 39.74
N ILE D 62 29.73 3.17 41.03
CA ILE D 62 30.93 3.55 41.73
C ILE D 62 31.36 2.34 42.59
N ALA D 63 32.58 1.86 42.43
CA ALA D 63 33.10 0.74 43.24
C ALA D 63 34.22 1.27 44.16
N THR D 64 34.10 0.99 45.46
CA THR D 64 35.15 1.38 46.39
C THR D 64 36.34 0.40 46.23
N ILE D 65 37.55 0.94 46.10
CA ILE D 65 38.76 0.16 45.96
C ILE D 65 39.31 -0.22 47.34
N GLY D 66 39.68 -1.46 47.49
CA GLY D 66 40.32 -1.94 48.70
C GLY D 66 41.11 -3.19 48.41
N PRO D 67 41.48 -3.93 49.46
CA PRO D 67 42.20 -5.19 49.27
C PRO D 67 41.52 -6.22 48.36
N ALA D 68 40.19 -6.25 48.28
CA ALA D 68 39.50 -7.19 47.37
C ALA D 68 39.54 -6.75 45.91
N SER D 69 39.92 -5.48 45.63
CA SER D 69 39.82 -4.95 44.28
C SER D 69 41.01 -4.12 43.83
N ARG D 70 42.20 -4.38 44.39
CA ARG D 70 43.39 -3.59 44.04
C ARG D 70 44.23 -4.16 42.97
N SER D 71 44.15 -5.47 42.75
CA SER D 71 44.91 -6.14 41.73
C SER D 71 44.60 -5.54 40.35
N VAL D 72 45.63 -5.29 39.50
CA VAL D 72 45.40 -4.77 38.15
C VAL D 72 44.49 -5.72 37.36
N GLU D 73 44.71 -7.02 37.49
CA GLU D 73 43.92 -8.02 36.76
CA GLU D 73 43.93 -8.03 36.77
C GLU D 73 42.47 -8.08 37.25
N ARG D 74 42.26 -7.90 38.56
CA ARG D 74 40.90 -7.89 39.12
C ARG D 74 40.21 -6.57 38.63
N LEU D 75 40.93 -5.44 38.66
CA LEU D 75 40.43 -4.14 38.17
C LEU D 75 39.99 -4.19 36.69
N LYS D 76 40.70 -4.94 35.84
CA LYS D 76 40.30 -5.12 34.44
C LYS D 76 38.97 -5.83 34.35
N GLU D 77 38.75 -6.84 35.21
CA GLU D 77 37.48 -7.56 35.24
C GLU D 77 36.35 -6.65 35.74
N MET D 78 36.64 -5.77 36.70
CA MET D 78 35.65 -4.82 37.23
CA MET D 78 35.64 -4.84 37.23
C MET D 78 35.24 -3.80 36.18
N ILE D 79 36.19 -3.36 35.36
CA ILE D 79 35.92 -2.42 34.27
C ILE D 79 35.02 -3.12 33.25
N LYS D 80 35.33 -4.39 32.90
CA LYS D 80 34.50 -5.15 31.95
C LYS D 80 33.08 -5.42 32.51
N ALA D 81 32.97 -5.62 33.85
CA ALA D 81 31.68 -5.84 34.52
C ALA D 81 30.81 -4.56 34.57
N GLY D 82 31.44 -3.39 34.45
CA GLY D 82 30.69 -2.15 34.44
C GLY D 82 31.11 -1.03 35.39
N MET D 83 32.22 -1.17 36.13
CA MET D 83 32.66 -0.09 37.04
C MET D 83 32.99 1.19 36.24
N ASN D 84 32.43 2.32 36.67
CA ASN D 84 32.66 3.60 35.96
C ASN D 84 33.49 4.54 36.78
N ILE D 85 33.37 4.47 38.12
CA ILE D 85 34.09 5.34 39.02
C ILE D 85 34.72 4.48 40.13
N ALA D 86 35.98 4.72 40.41
CA ALA D 86 36.73 4.03 41.46
C ALA D 86 36.79 5.03 42.65
N ARG D 87 36.24 4.64 43.79
CA ARG D 87 36.24 5.48 44.97
C ARG D 87 37.41 5.05 45.90
N LEU D 88 38.20 6.04 46.38
CA LEU D 88 39.28 5.82 47.31
C LEU D 88 38.81 6.36 48.62
N ASN D 89 38.68 5.49 49.64
CA ASN D 89 38.15 5.92 50.91
C ASN D 89 39.30 6.31 51.81
N PHE D 90 39.54 7.62 51.93
CA PHE D 90 40.62 8.12 52.75
C PHE D 90 40.38 7.97 54.26
N SER D 91 39.27 7.33 54.67
CA SER D 91 39.08 6.98 56.07
C SER D 91 40.02 5.79 56.42
N HIS D 92 40.55 5.04 55.41
CA HIS D 92 41.45 3.91 55.61
C HIS D 92 42.70 4.10 54.76
N GLY D 93 43.83 3.61 55.24
CA GLY D 93 45.08 3.63 54.49
C GLY D 93 45.84 4.93 54.47
N SER D 94 47.10 4.84 54.11
CA SER D 94 47.99 6.00 53.99
C SER D 94 47.93 6.60 52.55
N HIS D 95 48.69 7.70 52.31
CA HIS D 95 48.81 8.30 50.99
C HIS D 95 49.50 7.33 50.04
N GLU D 96 50.50 6.58 50.54
CA GLU D 96 51.23 5.59 49.73
C GLU D 96 50.29 4.50 49.26
N TYR D 97 49.37 4.07 50.11
CA TYR D 97 48.39 3.04 49.75
C TYR D 97 47.48 3.58 48.63
N HIS D 98 46.94 4.77 48.81
CA HIS D 98 46.06 5.37 47.80
C HIS D 98 46.75 5.68 46.49
N ALA D 99 48.04 6.08 46.51
CA ALA D 99 48.81 6.33 45.29
C ALA D 99 48.98 5.04 44.50
N GLU D 100 49.21 3.91 45.21
CA GLU D 100 49.29 2.60 44.56
C GLU D 100 47.93 2.19 43.96
N SER D 101 46.81 2.48 44.67
CA SER D 101 45.44 2.19 44.15
C SER D 101 45.21 2.94 42.84
N ILE D 102 45.59 4.22 42.85
CA ILE D 102 45.45 5.07 41.68
C ILE D 102 46.24 4.55 40.51
N ALA D 103 47.51 4.19 40.76
CA ALA D 103 48.38 3.63 39.71
C ALA D 103 47.80 2.34 39.15
N ASN D 104 47.27 1.45 40.00
CA ASN D 104 46.69 0.18 39.51
C ASN D 104 45.42 0.41 38.69
N VAL D 105 44.59 1.37 39.13
CA VAL D 105 43.38 1.72 38.39
C VAL D 105 43.76 2.22 37.00
N ARG D 106 44.71 3.19 36.95
CA ARG D 106 45.18 3.76 35.67
C ARG D 106 45.81 2.71 34.79
N GLU D 107 46.60 1.77 35.35
CA GLU D 107 47.18 0.69 34.56
C GLU D 107 46.10 -0.18 33.95
N ALA D 108 45.08 -0.58 34.75
CA ALA D 108 44.01 -1.43 34.23
C ALA D 108 43.17 -0.67 33.17
N VAL D 109 42.89 0.60 33.41
CA VAL D 109 42.14 1.42 32.44
C VAL D 109 42.91 1.56 31.12
N GLU D 110 44.20 1.90 31.21
CA GLU D 110 45.02 2.09 30.02
C GLU D 110 45.35 0.81 29.28
N SER D 111 45.13 -0.36 29.87
CA SER D 111 45.33 -1.63 29.15
C SER D 111 44.34 -1.82 28.00
N PHE D 112 43.23 -1.06 27.98
CA PHE D 112 42.25 -1.14 26.90
C PHE D 112 42.39 0.05 25.91
N ALA D 113 43.35 0.96 26.11
CA ALA D 113 43.52 2.15 25.29
C ALA D 113 43.96 1.89 23.84
N GLY D 114 44.49 0.70 23.57
CA GLY D 114 44.90 0.29 22.23
C GLY D 114 43.75 0.16 21.26
N SER D 115 42.52 0.10 21.79
CA SER D 115 41.31 0.06 20.98
C SER D 115 40.49 1.32 21.37
N PRO D 116 40.74 2.45 20.67
CA PRO D 116 40.08 3.70 21.05
C PRO D 116 38.55 3.73 20.89
N LEU D 117 38.00 2.92 19.97
CA LEU D 117 36.55 2.87 19.79
C LEU D 117 35.85 2.13 20.97
N SER D 118 36.59 1.32 21.75
CA SER D 118 36.02 0.54 22.87
CA SER D 118 35.97 0.59 22.87
C SER D 118 36.49 1.03 24.25
N TYR D 119 37.58 1.81 24.30
CA TYR D 119 38.17 2.32 25.54
C TYR D 119 37.12 2.93 26.51
N ARG D 120 37.14 2.47 27.77
CA ARG D 120 36.23 3.01 28.77
C ARG D 120 36.97 3.82 29.81
N PRO D 121 36.75 5.13 29.84
CA PRO D 121 37.36 5.95 30.91
C PRO D 121 36.77 5.57 32.27
N VAL D 122 37.58 5.67 33.34
CA VAL D 122 37.11 5.37 34.69
C VAL D 122 37.55 6.54 35.57
N ALA D 123 36.60 7.20 36.25
CA ALA D 123 36.93 8.32 37.11
C ALA D 123 37.54 7.86 38.42
N ILE D 124 38.33 8.74 39.07
CA ILE D 124 38.92 8.47 40.36
C ILE D 124 38.36 9.49 41.32
N ALA D 125 37.68 9.01 42.33
CA ALA D 125 37.07 9.87 43.33
C ALA D 125 37.74 9.67 44.69
N LEU D 126 37.99 10.76 45.41
CA LEU D 126 38.63 10.71 46.72
C LEU D 126 37.52 10.98 47.70
N ASP D 127 37.29 10.06 48.64
CA ASP D 127 36.26 10.23 49.65
C ASP D 127 37.00 10.60 50.94
N THR D 128 36.73 11.80 51.46
CA THR D 128 37.46 12.30 52.63
C THR D 128 37.10 11.62 53.93
N LYS D 129 38.06 11.63 54.86
CA LYS D 129 37.85 11.09 56.20
C LYS D 129 36.76 11.89 56.92
N GLY D 130 36.78 13.21 56.79
CA GLY D 130 35.75 14.04 57.38
C GLY D 130 36.21 14.88 58.55
N PRO D 131 35.30 15.68 59.10
CA PRO D 131 35.67 16.59 60.19
C PRO D 131 35.80 15.99 61.58
N GLY D 132 35.21 14.82 61.80
CA GLY D 132 35.20 14.18 63.11
C GLY D 132 34.46 15.03 64.13
N SER D 133 35.06 15.26 65.30
CA SER D 133 34.45 16.12 66.33
C SER D 133 34.63 17.63 66.06
N GLY D 134 35.41 18.00 65.04
CA GLY D 134 35.64 19.40 64.70
C GLY D 134 34.48 20.07 63.99
N GLY D 136 34.26 22.04 61.07
CA GLY D 136 34.81 22.48 59.79
C GLY D 136 35.87 21.57 59.22
N LEU D 137 36.59 22.05 58.18
CA LEU D 137 37.63 21.28 57.51
C LEU D 137 38.79 20.88 58.41
N SER D 138 39.02 19.58 58.57
CA SER D 138 40.10 19.07 59.40
C SER D 138 41.47 19.22 58.71
N GLU D 139 42.56 19.17 59.50
CA GLU D 139 43.90 19.28 58.95
C GLU D 139 44.30 18.08 58.11
N GLN D 140 43.81 16.88 58.47
CA GLN D 140 44.07 15.69 57.67
C GLN D 140 43.36 15.81 56.30
N ASP D 141 42.14 16.38 56.28
CA ASP D 141 41.42 16.58 55.02
C ASP D 141 42.16 17.55 54.13
N VAL D 142 42.78 18.61 54.69
CA VAL D 142 43.57 19.55 53.87
C VAL D 142 44.74 18.81 53.20
N ARG D 143 45.42 17.93 53.93
CA ARG D 143 46.53 17.15 53.37
C ARG D 143 46.05 16.14 52.34
N ASP D 144 44.91 15.49 52.60
CA ASP D 144 44.36 14.51 51.66
C ASP D 144 43.86 15.17 50.40
N LEU D 145 43.23 16.36 50.53
CA LEU D 145 42.76 17.11 49.36
C LEU D 145 43.94 17.54 48.51
N ARG D 146 45.04 18.01 49.14
CA ARG D 146 46.22 18.38 48.35
CA ARG D 146 46.26 18.39 48.41
C ARG D 146 46.82 17.17 47.67
N PHE D 147 46.78 15.98 48.33
CA PHE D 147 47.25 14.73 47.70
C PHE D 147 46.42 14.46 46.42
N GLY D 148 45.10 14.64 46.53
CA GLY D 148 44.19 14.43 45.40
C GLY D 148 44.52 15.28 44.20
N VAL D 149 44.78 16.57 44.43
CA VAL D 149 45.16 17.51 43.36
C VAL D 149 46.48 17.07 42.74
N GLU D 150 47.48 16.75 43.58
CA GLU D 150 48.79 16.32 43.07
C GLU D 150 48.73 15.02 42.28
N HIS D 151 47.78 14.14 42.62
CA HIS D 151 47.63 12.87 41.89
C HIS D 151 46.56 12.91 40.79
N GLY D 152 45.96 14.06 40.54
CA GLY D 152 44.99 14.22 39.47
C GLY D 152 43.67 13.52 39.64
N VAL D 153 43.11 13.48 40.88
CA VAL D 153 41.78 12.86 41.07
C VAL D 153 40.72 13.73 40.37
N ASP D 154 39.62 13.10 39.96
CA ASP D 154 38.56 13.78 39.23
C ASP D 154 37.47 14.36 40.10
N ILE D 155 37.19 13.69 41.20
CA ILE D 155 36.04 14.02 42.04
C ILE D 155 36.44 13.91 43.51
N VAL D 156 35.79 14.72 44.34
CA VAL D 156 35.94 14.62 45.76
C VAL D 156 34.54 14.31 46.33
N PHE D 157 34.41 13.27 47.14
CA PHE D 157 33.18 12.98 47.87
C PHE D 157 33.50 13.55 49.26
N ALA D 158 32.98 14.74 49.58
CA ALA D 158 33.31 15.41 50.84
C ALA D 158 32.42 14.93 51.97
N SER D 159 33.01 14.26 52.97
CA SER D 159 32.29 13.71 54.08
C SER D 159 31.70 14.75 55.03
N PHE D 160 30.54 14.41 55.59
CA PHE D 160 29.81 15.20 56.58
C PHE D 160 29.68 16.69 56.22
N VAL D 161 29.19 17.01 55.02
CA VAL D 161 28.98 18.41 54.65
C VAL D 161 27.71 18.86 55.39
N ARG D 162 27.83 19.92 56.19
CA ARG D 162 26.70 20.40 56.99
C ARG D 162 26.17 21.77 56.60
N LYS D 163 26.94 22.53 55.79
CA LYS D 163 26.58 23.88 55.39
C LYS D 163 27.40 24.30 54.17
N ALA D 164 27.00 25.39 53.49
CA ALA D 164 27.69 25.91 52.32
C ALA D 164 29.17 26.22 52.55
N SER D 165 29.51 26.73 53.75
CA SER D 165 30.90 27.08 54.04
C SER D 165 31.82 25.86 54.11
N ASP D 166 31.27 24.66 54.38
CA ASP D 166 32.07 23.42 54.33
C ASP D 166 32.54 23.17 52.91
N VAL D 167 31.68 23.43 51.92
CA VAL D 167 32.02 23.23 50.51
C VAL D 167 33.07 24.24 50.08
N ALA D 168 32.91 25.52 50.50
CA ALA D 168 33.87 26.58 50.15
C ALA D 168 35.25 26.21 50.73
N ALA D 169 35.30 25.67 51.94
CA ALA D 169 36.56 25.23 52.57
C ALA D 169 37.23 24.11 51.76
N VAL D 170 36.43 23.13 51.25
CA VAL D 170 36.99 22.05 50.44
C VAL D 170 37.56 22.62 49.15
N ARG D 171 36.82 23.53 48.53
CA ARG D 171 37.22 24.18 47.28
C ARG D 171 38.53 24.99 47.49
N ALA D 172 38.65 25.71 48.62
CA ALA D 172 39.85 26.48 48.91
C ALA D 172 41.05 25.54 49.14
N ALA D 173 40.84 24.40 49.82
CA ALA D 173 41.90 23.41 50.04
C ALA D 173 42.37 22.73 48.75
N LEU D 174 41.53 22.70 47.70
CA LEU D 174 41.94 22.14 46.41
C LEU D 174 42.89 23.12 45.66
N GLY D 175 42.86 24.41 46.02
CA GLY D 175 43.72 25.43 45.45
C GLY D 175 43.42 25.77 44.02
N PRO D 176 44.27 26.60 43.40
CA PRO D 176 44.04 26.98 42.00
C PRO D 176 44.27 25.85 41.02
N GLU D 177 45.11 24.87 41.37
CA GLU D 177 45.38 23.73 40.49
C GLU D 177 44.23 22.69 40.43
N GLY D 178 43.33 22.71 41.41
CA GLY D 178 42.22 21.75 41.46
C GLY D 178 40.87 22.35 41.12
N HIS D 179 40.85 23.47 40.35
CA HIS D 179 39.62 24.16 39.97
CA HIS D 179 39.61 24.15 39.98
C HIS D 179 38.64 23.26 39.20
N GLY D 180 39.16 22.35 38.39
CA GLY D 180 38.34 21.44 37.59
C GLY D 180 37.80 20.22 38.32
N ILE D 181 38.24 19.96 39.58
CA ILE D 181 37.77 18.79 40.34
C ILE D 181 36.31 19.00 40.79
N LYS D 182 35.45 17.99 40.62
CA LYS D 182 34.05 18.08 41.04
C LYS D 182 33.92 17.82 42.52
N ILE D 183 33.12 18.62 43.21
CA ILE D 183 32.87 18.41 44.64
C ILE D 183 31.45 17.87 44.83
N ILE D 184 31.35 16.61 45.26
CA ILE D 184 30.08 15.96 45.55
C ILE D 184 29.95 15.98 47.07
N SER D 185 28.96 16.71 47.58
CA SER D 185 28.78 16.81 49.02
C SER D 185 28.05 15.62 49.57
N LYS D 186 28.64 14.96 50.58
CA LYS D 186 27.97 13.83 51.23
C LYS D 186 27.07 14.36 52.33
N ILE D 187 25.77 14.00 52.29
CA ILE D 187 24.82 14.41 53.30
C ILE D 187 24.66 13.22 54.21
N GLU D 188 25.14 13.36 55.45
CA GLU D 188 25.21 12.26 56.40
C GLU D 188 24.58 12.51 57.75
N ASN D 189 23.98 13.70 57.98
CA ASN D 189 23.37 13.98 59.26
C ASN D 189 22.17 14.91 59.13
N HIS D 190 21.48 15.20 60.25
CA HIS D 190 20.30 16.06 60.25
C HIS D 190 20.58 17.46 59.72
N GLU D 191 21.70 18.08 60.13
CA GLU D 191 22.04 19.42 59.66
C GLU D 191 22.23 19.48 58.13
N GLY D 192 22.90 18.49 57.56
CA GLY D 192 23.09 18.42 56.12
C GLY D 192 21.77 18.34 55.38
N VAL D 193 20.80 17.56 55.91
CA VAL D 193 19.47 17.45 55.31
C VAL D 193 18.73 18.78 55.41
N LYS D 194 18.74 19.41 56.60
CA LYS D 194 18.06 20.69 56.80
C LYS D 194 18.65 21.84 55.97
N ARG D 195 19.95 21.86 55.79
CA ARG D 195 20.61 22.87 54.98
C ARG D 195 20.90 22.41 53.56
N PHE D 196 20.16 21.38 53.08
CA PHE D 196 20.36 20.79 51.76
C PHE D 196 20.39 21.78 50.63
N ASP D 197 19.41 22.71 50.58
CA ASP D 197 19.35 23.68 49.47
C ASP D 197 20.60 24.54 49.31
N GLU D 198 21.12 25.05 50.43
CA GLU D 198 22.32 25.88 50.38
C GLU D 198 23.57 25.06 50.02
N ILE D 199 23.61 23.77 50.45
CA ILE D 199 24.72 22.90 50.13
C ILE D 199 24.68 22.57 48.62
N LEU D 200 23.52 22.18 48.10
CA LEU D 200 23.37 21.82 46.68
C LEU D 200 23.74 22.99 45.77
N GLU D 201 23.32 24.21 46.15
CA GLU D 201 23.62 25.41 45.36
C GLU D 201 25.11 25.59 45.09
N VAL D 202 25.97 25.33 46.09
CA VAL D 202 27.42 25.50 45.89
C VAL D 202 28.18 24.21 45.53
N SER D 203 27.52 23.06 45.53
CA SER D 203 28.18 21.80 45.19
C SER D 203 27.98 21.44 43.73
N ASP D 204 28.80 20.56 43.20
CA ASP D 204 28.60 20.02 41.85
C ASP D 204 27.54 18.88 41.91
N GLY D 205 27.35 18.28 43.06
CA GLY D 205 26.42 17.16 43.22
C GLY D 205 26.33 16.73 44.66
N ILE D 206 25.58 15.64 44.90
CA ILE D 206 25.31 15.17 46.24
C ILE D 206 25.45 13.64 46.33
N MET D 207 25.85 13.17 47.51
CA MET D 207 25.84 11.75 47.78
C MET D 207 24.91 11.56 48.99
N VAL D 208 23.95 10.66 48.87
CA VAL D 208 23.07 10.28 49.98
C VAL D 208 23.88 9.17 50.71
N ALA D 209 24.63 9.58 51.74
CA ALA D 209 25.53 8.68 52.45
C ALA D 209 24.72 8.00 53.55
N ARG D 210 24.03 6.90 53.21
CA ARG D 210 23.04 6.26 54.07
C ARG D 210 23.57 5.59 55.33
N GLY D 211 24.84 5.20 55.36
CA GLY D 211 25.46 4.58 56.54
C GLY D 211 25.38 5.50 57.75
N ASP D 212 26.05 6.66 57.67
CA ASP D 212 25.99 7.64 58.74
C ASP D 212 24.62 8.25 58.87
N LEU D 213 23.95 8.56 57.76
CA LEU D 213 22.60 9.14 57.82
C LEU D 213 21.62 8.25 58.64
N GLY D 214 21.71 6.94 58.47
CA GLY D 214 20.87 5.98 59.18
C GLY D 214 21.17 5.80 60.66
N ILE D 215 22.26 6.42 61.14
CA ILE D 215 22.68 6.44 62.55
C ILE D 215 22.39 7.82 63.12
N GLU D 216 22.52 8.89 62.31
CA GLU D 216 22.31 10.28 62.71
C GLU D 216 20.83 10.64 62.83
N ILE D 217 19.99 10.04 61.97
CA ILE D 217 18.54 10.24 61.98
C ILE D 217 17.88 8.88 62.16
N PRO D 218 16.59 8.78 62.57
CA PRO D 218 15.96 7.45 62.68
C PRO D 218 16.06 6.66 61.38
N ALA D 219 16.41 5.37 61.47
CA ALA D 219 16.59 4.50 60.33
C ALA D 219 15.38 4.50 59.37
N GLU D 220 14.16 4.57 59.93
CA GLU D 220 12.92 4.54 59.18
C GLU D 220 12.63 5.85 58.41
N LYS D 221 13.43 6.89 58.58
CA LYS D 221 13.29 8.15 57.88
C LYS D 221 14.29 8.30 56.71
N VAL D 222 15.32 7.42 56.61
CA VAL D 222 16.34 7.55 55.57
C VAL D 222 15.75 7.57 54.16
N PHE D 223 14.76 6.71 53.86
CA PHE D 223 14.14 6.68 52.54
C PHE D 223 13.51 8.04 52.15
N LEU D 224 12.98 8.79 53.13
CA LEU D 224 12.40 10.11 52.86
C LEU D 224 13.51 11.07 52.46
N ALA D 225 14.65 11.07 53.20
CA ALA D 225 15.79 11.94 52.90
C ALA D 225 16.37 11.58 51.52
N GLN D 226 16.49 10.27 51.22
CA GLN D 226 17.01 9.81 49.94
C GLN D 226 16.11 10.30 48.78
N LYS D 227 14.79 10.06 48.85
CA LYS D 227 13.87 10.45 47.79
C LYS D 227 13.81 11.95 47.62
N MET D 228 13.88 12.70 48.74
CA MET D 228 13.85 14.17 48.69
C MET D 228 15.11 14.71 47.97
N MET D 229 16.28 14.22 48.38
CA MET D 229 17.54 14.70 47.83
C MET D 229 17.71 14.33 46.37
N ILE D 230 17.28 13.11 46.00
CA ILE D 230 17.34 12.69 44.59
C ILE D 230 16.41 13.59 43.74
N GLY D 231 15.18 13.82 44.23
CA GLY D 231 14.22 14.69 43.55
C GLY D 231 14.74 16.09 43.35
N ARG D 232 15.32 16.68 44.39
CA ARG D 232 15.87 18.05 44.30
C ARG D 232 17.09 18.13 43.40
N CYS D 233 17.93 17.08 43.39
CA CYS D 233 19.09 17.05 42.49
C CYS D 233 18.63 16.93 41.06
N ASN D 234 17.59 16.10 40.80
CA ASN D 234 17.06 15.93 39.45
C ASN D 234 16.49 17.29 38.95
N LEU D 235 15.80 18.01 39.84
CA LEU D 235 15.23 19.32 39.54
C LEU D 235 16.36 20.34 39.24
N ALA D 236 17.45 20.30 40.01
CA ALA D 236 18.59 21.20 39.80
C ALA D 236 19.49 20.78 38.63
N GLY D 237 19.31 19.57 38.10
CA GLY D 237 20.18 19.07 37.04
C GLY D 237 21.61 18.79 37.50
N LYS D 238 21.75 18.39 38.76
CA LYS D 238 23.05 18.06 39.33
C LYS D 238 23.10 16.58 39.74
N PRO D 239 24.27 15.93 39.57
CA PRO D 239 24.36 14.49 39.89
C PRO D 239 24.10 14.11 41.35
N VAL D 240 23.43 12.97 41.54
CA VAL D 240 23.14 12.47 42.87
C VAL D 240 23.52 11.00 42.94
N VAL D 241 24.23 10.62 43.99
CA VAL D 241 24.68 9.24 44.18
C VAL D 241 23.90 8.61 45.32
N CYS D 242 23.38 7.38 45.11
CA CYS D 242 22.78 6.64 46.22
C CYS D 242 23.89 5.71 46.73
N ALA D 243 24.14 5.71 48.05
CA ALA D 243 25.24 4.92 48.59
C ALA D 243 24.90 4.13 49.82
N THR D 244 25.68 3.04 50.08
CA THR D 244 25.83 2.25 51.29
C THR D 244 24.77 1.18 51.55
N GLN D 245 25.29 -0.06 51.69
CA GLN D 245 24.55 -1.29 52.00
C GLN D 245 23.57 -1.68 50.92
N MET D 246 23.77 -1.23 49.68
CA MET D 246 22.86 -1.57 48.60
C MET D 246 22.84 -3.06 48.33
N LEU D 247 24.01 -3.73 48.35
CA LEU D 247 24.11 -5.17 48.14
C LEU D 247 24.98 -5.77 49.28
N GLU D 248 24.81 -5.29 50.49
CA GLU D 248 25.61 -5.66 51.67
C GLU D 248 25.91 -7.16 51.86
N SER D 249 24.88 -8.01 51.76
CA SER D 249 25.04 -9.44 51.92
C SER D 249 26.05 -10.04 50.93
N MET D 250 26.26 -9.38 49.74
CA MET D 250 27.21 -9.86 48.76
C MET D 250 28.68 -9.71 49.20
N ILE D 251 28.96 -9.10 50.36
CA ILE D 251 30.30 -9.07 50.93
C ILE D 251 30.77 -10.54 51.20
N THR D 252 29.84 -11.41 51.63
CA THR D 252 30.16 -12.82 51.91
C THR D 252 29.34 -13.81 51.09
N LYS D 253 28.20 -13.39 50.49
CA LYS D 253 27.36 -14.31 49.72
C LYS D 253 27.34 -14.02 48.23
N PRO D 254 27.25 -15.06 47.39
CA PRO D 254 27.32 -14.85 45.94
C PRO D 254 26.07 -14.19 45.32
N ARG D 255 24.95 -14.21 46.03
CA ARG D 255 23.70 -13.64 45.54
C ARG D 255 23.14 -12.73 46.61
N PRO D 256 22.52 -11.60 46.18
CA PRO D 256 21.97 -10.67 47.16
C PRO D 256 20.57 -11.08 47.65
N THR D 257 20.08 -10.40 48.69
CA THR D 257 18.75 -10.65 49.20
C THR D 257 17.69 -9.95 48.30
N ARG D 258 16.40 -10.29 48.48
CA ARG D 258 15.31 -9.68 47.74
C ARG D 258 15.19 -8.19 48.08
N ALA D 259 15.50 -7.80 49.31
CA ALA D 259 15.47 -6.39 49.71
C ALA D 259 16.58 -5.58 49.02
N GLU D 260 17.76 -6.20 48.82
CA GLU D 260 18.91 -5.57 48.19
C GLU D 260 18.69 -5.30 46.72
N THR D 261 18.15 -6.28 45.96
CA THR D 261 17.88 -6.03 44.53
C THR D 261 16.80 -4.95 44.39
N SER D 262 15.78 -5.00 45.26
CA SER D 262 14.73 -4.02 45.32
C SER D 262 15.32 -2.61 45.60
N ASP D 263 16.24 -2.50 46.56
CA ASP D 263 16.88 -1.22 46.92
C ASP D 263 17.65 -0.58 45.73
N VAL D 264 18.39 -1.39 44.98
CA VAL D 264 19.13 -0.91 43.81
C VAL D 264 18.12 -0.45 42.75
N ALA D 265 17.07 -1.26 42.49
CA ALA D 265 16.10 -0.91 41.45
C ALA D 265 15.36 0.39 41.82
N ASN D 266 14.98 0.53 43.09
CA ASN D 266 14.29 1.71 43.57
C ASN D 266 15.16 2.95 43.60
N ALA D 267 16.48 2.83 43.81
CA ALA D 267 17.37 4.00 43.76
C ALA D 267 17.40 4.54 42.32
N VAL D 268 17.44 3.64 41.31
CA VAL D 268 17.39 4.04 39.89
C VAL D 268 16.01 4.65 39.55
N LEU D 269 14.92 4.02 39.99
CA LEU D 269 13.57 4.56 39.77
C LEU D 269 13.40 5.90 40.47
N ASP D 270 14.03 6.10 41.63
CA ASP D 270 13.96 7.39 42.35
C ASP D 270 14.57 8.52 41.51
N GLY D 271 15.58 8.20 40.69
CA GLY D 271 16.27 9.17 39.85
C GLY D 271 17.75 9.31 40.10
N ALA D 272 18.37 8.33 40.82
CA ALA D 272 19.82 8.44 41.09
C ALA D 272 20.64 8.40 39.83
N ASP D 273 21.63 9.30 39.71
CA ASP D 273 22.55 9.26 38.57
C ASP D 273 23.54 8.11 38.75
N CYS D 274 23.97 7.86 40.00
CA CYS D 274 24.98 6.85 40.31
C CYS D 274 24.50 5.98 41.46
N ILE D 275 24.93 4.75 41.45
CA ILE D 275 24.75 3.81 42.57
C ILE D 275 26.15 3.38 43.01
N MET D 276 26.31 3.05 44.30
CA MET D 276 27.62 2.77 44.83
C MET D 276 27.73 1.44 45.56
N LEU D 277 28.95 0.92 45.56
CA LEU D 277 29.35 -0.28 46.26
C LEU D 277 30.50 0.13 47.20
N SER D 278 30.43 -0.28 48.47
CA SER D 278 31.46 0.04 49.45
C SER D 278 32.20 -1.25 49.87
N GLY D 279 31.81 -1.90 50.97
CA GLY D 279 32.44 -3.15 51.38
C GLY D 279 32.31 -4.24 50.35
N GLU D 280 31.22 -4.21 49.53
CA GLU D 280 30.95 -5.20 48.46
C GLU D 280 32.10 -5.27 47.49
N THR D 281 32.81 -4.15 47.25
CA THR D 281 33.97 -4.21 46.34
C THR D 281 35.29 -4.00 47.07
N ALA D 282 35.31 -3.27 48.17
CA ALA D 282 36.55 -2.94 48.86
C ALA D 282 37.14 -4.13 49.59
N LYS D 283 36.30 -4.95 50.22
CA LYS D 283 36.79 -6.03 51.05
C LYS D 283 36.08 -7.38 50.91
N GLY D 284 34.98 -7.42 50.18
CA GLY D 284 34.21 -8.65 50.07
C GLY D 284 34.80 -9.72 49.19
N ASN D 285 34.11 -10.86 49.13
CA ASN D 285 34.53 -12.00 48.32
C ASN D 285 33.97 -12.03 46.92
N PHE D 286 33.06 -11.11 46.58
CA PHE D 286 32.45 -11.10 45.24
C PHE D 286 32.46 -9.68 44.63
N PRO D 287 33.61 -8.99 44.55
CA PRO D 287 33.60 -7.64 43.99
C PRO D 287 33.11 -7.56 42.54
N VAL D 288 33.54 -8.48 41.68
CA VAL D 288 33.14 -8.46 40.29
C VAL D 288 31.66 -8.75 40.16
N GLU D 289 31.16 -9.76 40.91
CA GLU D 289 29.76 -10.15 40.88
C GLU D 289 28.85 -9.04 41.43
N ALA D 290 29.32 -8.26 42.42
CA ALA D 290 28.52 -7.17 42.98
C ALA D 290 28.35 -6.07 41.88
N VAL D 291 29.39 -5.80 41.11
CA VAL D 291 29.33 -4.83 40.01
C VAL D 291 28.37 -5.37 38.94
N LYS D 292 28.51 -6.65 38.58
CA LYS D 292 27.62 -7.27 37.59
C LYS D 292 26.15 -7.22 38.03
N MET D 293 25.88 -7.44 39.32
CA MET D 293 24.52 -7.40 39.85
C MET D 293 23.92 -5.99 39.76
N GLN D 294 24.68 -4.96 40.16
CA GLN D 294 24.21 -3.57 40.03
C GLN D 294 23.97 -3.23 38.57
N HIS D 295 24.85 -3.70 37.66
CA HIS D 295 24.68 -3.50 36.22
C HIS D 295 23.36 -4.10 35.72
N ALA D 296 23.11 -5.37 36.06
CA ALA D 296 21.90 -6.07 35.62
C ALA D 296 20.62 -5.43 36.15
N ILE D 297 20.61 -5.05 37.44
CA ILE D 297 19.43 -4.43 38.03
C ILE D 297 19.15 -3.07 37.43
N ALA D 298 20.20 -2.22 37.33
CA ALA D 298 20.06 -0.87 36.77
C ALA D 298 19.48 -0.88 35.37
N ARG D 299 19.93 -1.81 34.49
CA ARG D 299 19.39 -1.88 33.13
C ARG D 299 17.91 -2.17 33.14
N GLU D 300 17.46 -3.10 33.99
CA GLU D 300 16.04 -3.44 34.10
C GLU D 300 15.25 -2.26 34.62
N ALA D 301 15.76 -1.57 35.65
CA ALA D 301 15.06 -0.46 36.28
C ALA D 301 14.96 0.76 35.37
N GLU D 302 15.99 1.02 34.56
CA GLU D 302 15.98 2.14 33.62
C GLU D 302 14.89 1.98 32.55
N ALA D 303 14.68 0.75 32.07
CA ALA D 303 13.62 0.50 31.09
C ALA D 303 12.23 0.69 31.72
N ALA D 304 12.10 0.48 33.05
CA ALA D 304 10.86 0.65 33.78
C ALA D 304 10.57 2.10 34.21
N VAL D 305 11.44 3.05 33.89
CA VAL D 305 11.19 4.47 34.20
C VAL D 305 10.01 4.95 33.34
N TYR D 306 9.06 5.67 33.95
CA TYR D 306 7.89 6.19 33.26
C TYR D 306 8.26 7.57 32.66
N HIS D 307 8.99 7.55 31.53
CA HIS D 307 9.49 8.77 30.87
C HIS D 307 8.42 9.76 30.50
N ARG D 308 7.21 9.30 30.15
CA ARG D 308 6.11 10.20 29.78
C ARG D 308 5.83 11.22 30.90
N GLN D 309 5.74 10.76 32.15
CA GLN D 309 5.52 11.68 33.25
C GLN D 309 6.81 12.43 33.63
N LEU D 310 7.94 11.68 33.70
CA LEU D 310 9.23 12.25 34.09
C LEU D 310 9.67 13.43 33.20
N PHE D 311 9.68 13.23 31.87
CA PHE D 311 10.05 14.31 30.96
C PHE D 311 9.13 15.50 31.05
N GLU D 312 7.81 15.25 31.14
CA GLU D 312 6.81 16.30 31.26
C GLU D 312 7.06 17.14 32.51
N GLU D 313 7.34 16.46 33.66
CA GLU D 313 7.58 17.16 34.92
C GLU D 313 8.92 17.88 34.95
N LEU D 314 9.97 17.29 34.34
CA LEU D 314 11.28 17.95 34.31
C LEU D 314 11.18 19.21 33.47
N ARG D 315 10.52 19.13 32.33
CA ARG D 315 10.26 20.24 31.41
C ARG D 315 9.49 21.37 32.09
N ARG D 316 8.38 21.04 32.77
CA ARG D 316 7.51 22.00 33.44
C ARG D 316 8.24 22.69 34.60
N ALA D 317 9.04 21.95 35.35
CA ALA D 317 9.72 22.51 36.51
C ALA D 317 10.96 23.30 36.15
N ALA D 318 11.64 22.96 35.06
CA ALA D 318 12.85 23.68 34.67
C ALA D 318 12.50 25.11 34.25
N PRO D 319 13.19 26.10 34.83
CA PRO D 319 12.87 27.49 34.50
C PRO D 319 13.28 27.85 33.06
N LEU D 320 12.73 28.97 32.58
CA LEU D 320 13.09 29.51 31.28
C LEU D 320 14.57 29.88 31.29
N SER D 321 15.22 29.78 30.13
CA SER D 321 16.64 30.08 30.08
C SER D 321 17.01 30.88 28.86
N ARG D 322 17.96 31.78 29.00
CA ARG D 322 18.53 32.49 27.87
C ARG D 322 19.94 31.94 27.50
N ASP D 323 20.35 30.81 28.07
CA ASP D 323 21.63 30.19 27.80
C ASP D 323 21.44 29.27 26.60
N PRO D 324 22.19 29.50 25.50
CA PRO D 324 22.01 28.66 24.31
C PRO D 324 22.28 27.16 24.50
N THR D 325 23.19 26.76 25.39
CA THR D 325 23.45 25.34 25.64
C THR D 325 22.20 24.70 26.24
N GLU D 326 21.59 25.36 27.22
CA GLU D 326 20.37 24.90 27.90
C GLU D 326 19.19 24.83 26.90
N VAL D 327 19.04 25.86 26.03
CA VAL D 327 17.98 25.89 25.04
C VAL D 327 18.18 24.76 24.00
N THR D 328 19.41 24.55 23.55
CA THR D 328 19.71 23.51 22.58
C THR D 328 19.45 22.13 23.20
N ALA D 329 19.86 21.93 24.47
CA ALA D 329 19.66 20.65 25.15
C ALA D 329 18.19 20.23 25.22
N ILE D 330 17.28 21.14 25.60
CA ILE D 330 15.86 20.76 25.70
C ILE D 330 15.27 20.50 24.30
N GLY D 331 15.71 21.26 23.30
CA GLY D 331 15.27 21.03 21.92
C GLY D 331 15.74 19.68 21.42
N ALA D 332 17.00 19.32 21.72
CA ALA D 332 17.60 18.04 21.31
C ALA D 332 16.91 16.85 21.98
N VAL D 333 16.55 16.98 23.29
CA VAL D 333 15.90 15.89 24.02
C VAL D 333 14.47 15.69 23.49
N GLU D 334 13.76 16.79 23.19
CA GLU D 334 12.44 16.74 22.61
CA GLU D 334 12.44 16.74 22.61
C GLU D 334 12.49 16.05 21.24
N ALA D 335 13.48 16.44 20.38
CA ALA D 335 13.68 15.84 19.08
C ALA D 335 13.98 14.34 19.21
N ALA D 336 14.85 13.94 20.16
CA ALA D 336 15.19 12.53 20.36
C ALA D 336 13.94 11.69 20.70
N PHE D 337 13.08 12.19 21.57
CA PHE D 337 11.85 11.48 21.92
C PHE D 337 10.89 11.37 20.72
N LYS D 338 10.80 12.42 19.89
CA LYS D 338 9.93 12.44 18.72
C LYS D 338 10.23 11.33 17.71
N CYS D 339 11.52 11.02 17.50
CA CYS D 339 11.91 10.00 16.52
C CYS D 339 12.42 8.70 17.14
N CYS D 340 12.40 8.56 18.48
CA CYS D 340 12.96 7.39 19.16
C CYS D 340 14.43 7.24 18.78
N ALA D 341 15.17 8.37 18.82
CA ALA D 341 16.58 8.38 18.42
C ALA D 341 17.38 7.36 19.26
N ALA D 342 18.28 6.61 18.64
CA ALA D 342 19.12 5.65 19.34
C ALA D 342 20.10 6.37 20.26
N ALA D 343 20.55 7.60 19.89
CA ALA D 343 21.53 8.35 20.65
C ALA D 343 21.49 9.85 20.35
N ILE D 344 22.04 10.64 21.26
CA ILE D 344 22.29 12.06 21.11
C ILE D 344 23.83 12.14 21.19
N ILE D 345 24.51 12.48 20.09
CA ILE D 345 25.96 12.59 20.08
C ILE D 345 26.30 14.05 20.35
N VAL D 346 27.05 14.33 21.41
CA VAL D 346 27.39 15.70 21.77
C VAL D 346 28.89 15.89 21.87
N LEU D 347 29.41 17.01 21.35
CA LEU D 347 30.82 17.33 21.52
C LEU D 347 30.86 18.20 22.78
N THR D 348 31.82 17.95 23.64
CA THR D 348 31.94 18.68 24.90
C THR D 348 33.38 18.78 25.36
N THR D 349 33.75 19.94 25.93
CA THR D 349 35.08 20.22 26.41
C THR D 349 35.11 19.96 27.90
N THR D 350 34.12 20.47 28.65
CA THR D 350 34.10 20.32 30.09
C THR D 350 33.10 19.25 30.58
N GLY D 351 32.28 18.72 29.67
CA GLY D 351 31.19 17.82 30.02
C GLY D 351 29.85 18.52 30.19
N ARG D 352 29.84 19.86 30.33
CA ARG D 352 28.63 20.63 30.59
C ARG D 352 27.48 20.42 29.56
N SER D 353 27.79 20.39 28.23
CA SER D 353 26.72 20.19 27.24
C SER D 353 26.05 18.80 27.43
N ALA D 354 26.84 17.79 27.82
CA ALA D 354 26.30 16.45 28.07
C ALA D 354 25.47 16.44 29.37
N GLN D 355 25.90 17.17 30.40
CA GLN D 355 25.17 17.27 31.63
C GLN D 355 23.78 17.90 31.40
N LEU D 356 23.72 18.96 30.58
CA LEU D 356 22.46 19.64 30.30
C LEU D 356 21.50 18.77 29.48
N LEU D 357 22.01 17.82 28.69
CA LEU D 357 21.16 16.88 27.97
C LEU D 357 20.60 15.83 29.00
N SER D 358 21.51 15.32 29.86
CA SER D 358 21.24 14.31 30.88
C SER D 358 20.15 14.75 31.87
N ARG D 359 20.12 16.05 32.22
CA ARG D 359 19.14 16.55 33.17
C ARG D 359 17.66 16.36 32.71
N TYR D 360 17.44 16.24 31.39
CA TYR D 360 16.08 15.99 30.86
C TYR D 360 15.75 14.50 30.74
N ARG D 361 16.66 13.63 31.19
CA ARG D 361 16.49 12.18 31.21
C ARG D 361 16.01 11.60 29.89
N PRO D 362 16.73 11.85 28.78
CA PRO D 362 16.33 11.22 27.52
C PRO D 362 16.47 9.70 27.63
N ARG D 363 15.65 8.97 26.87
CA ARG D 363 15.78 7.52 26.73
C ARG D 363 17.02 7.27 25.81
N ALA D 364 17.25 8.14 24.81
CA ALA D 364 18.41 8.03 23.93
C ALA D 364 19.70 8.19 24.75
N ALA D 365 20.70 7.34 24.48
CA ALA D 365 22.01 7.41 25.16
C ALA D 365 22.68 8.74 24.74
N VAL D 366 23.32 9.41 25.67
CA VAL D 366 24.06 10.64 25.35
C VAL D 366 25.53 10.25 25.15
N ILE D 367 25.98 10.19 23.91
CA ILE D 367 27.35 9.83 23.59
C ILE D 367 28.18 11.12 23.58
N ALA D 368 29.01 11.31 24.60
CA ALA D 368 29.77 12.56 24.73
C ALA D 368 31.19 12.39 24.21
N VAL D 369 31.51 13.06 23.11
CA VAL D 369 32.85 12.98 22.52
C VAL D 369 33.68 14.14 23.04
N THR D 370 34.82 13.85 23.66
CA THR D 370 35.67 14.89 24.22
C THR D 370 37.13 14.57 24.04
N ARG D 371 37.96 15.60 23.98
CA ARG D 371 39.41 15.43 24.00
C ARG D 371 39.93 15.50 25.44
N SER D 372 39.16 16.03 26.40
CA SER D 372 39.57 16.14 27.77
C SER D 372 39.42 14.79 28.48
N ALA D 373 40.55 14.16 28.86
CA ALA D 373 40.51 12.89 29.58
C ALA D 373 39.80 13.09 30.94
N GLN D 374 39.99 14.24 31.58
CA GLN D 374 39.28 14.51 32.84
C GLN D 374 37.76 14.65 32.67
N ALA D 375 37.30 15.41 31.64
CA ALA D 375 35.85 15.53 31.41
C ALA D 375 35.27 14.15 31.07
N ALA D 376 35.99 13.33 30.30
CA ALA D 376 35.50 12.00 29.92
C ALA D 376 35.28 11.13 31.20
N ARG D 377 36.19 11.24 32.18
CA ARG D 377 36.03 10.55 33.44
C ARG D 377 34.86 11.13 34.27
N GLN D 378 34.82 12.46 34.42
CA GLN D 378 33.81 13.13 35.23
C GLN D 378 32.36 13.01 34.74
N VAL D 379 32.12 12.89 33.42
CA VAL D 379 30.74 12.82 32.94
C VAL D 379 30.02 11.52 33.34
N HIS D 380 30.76 10.51 33.88
CA HIS D 380 30.14 9.32 34.43
C HIS D 380 29.21 9.70 35.60
N LEU D 381 29.37 10.90 36.22
CA LEU D 381 28.47 11.34 37.28
C LEU D 381 27.03 11.57 36.79
N CYS D 382 26.84 11.80 35.47
CA CYS D 382 25.54 12.15 34.91
C CYS D 382 24.88 10.98 34.25
N ARG D 383 23.66 10.62 34.68
CA ARG D 383 22.97 9.48 34.10
C ARG D 383 22.84 9.52 32.59
N GLY D 384 23.17 8.40 31.96
CA GLY D 384 22.97 8.26 30.53
C GLY D 384 24.03 8.90 29.66
N VAL D 385 25.14 9.34 30.26
CA VAL D 385 26.24 9.91 29.46
C VAL D 385 27.33 8.85 29.28
N PHE D 386 27.67 8.56 28.03
CA PHE D 386 28.67 7.58 27.66
C PHE D 386 29.87 8.34 27.05
N PRO D 387 30.93 8.52 27.83
CA PRO D 387 32.09 9.29 27.34
C PRO D 387 32.98 8.55 26.36
N LEU D 388 33.38 9.24 25.30
CA LEU D 388 34.32 8.73 24.32
C LEU D 388 35.49 9.69 24.30
N LEU D 389 36.68 9.20 24.67
CA LEU D 389 37.87 10.04 24.65
C LEU D 389 38.49 10.02 23.26
N TYR D 390 38.50 11.17 22.59
CA TYR D 390 39.04 11.34 21.24
C TYR D 390 40.52 11.73 21.35
N ARG D 391 41.41 10.98 20.69
CA ARG D 391 42.85 11.23 20.85
C ARG D 391 43.52 11.90 19.69
N GLU D 392 42.89 11.92 18.50
CA GLU D 392 43.50 12.53 17.31
C GLU D 392 43.81 14.00 17.46
N PRO D 393 44.94 14.46 16.90
CA PRO D 393 45.22 15.90 16.92
C PRO D 393 44.23 16.66 16.02
N PRO D 394 43.97 17.94 16.34
CA PRO D 394 43.01 18.71 15.54
C PRO D 394 43.33 18.84 14.06
N GLU D 395 42.27 18.80 13.24
CA GLU D 395 42.33 19.08 11.82
C GLU D 395 42.55 20.60 11.71
N ALA D 396 43.18 21.06 10.64
CA ALA D 396 43.40 22.49 10.39
C ALA D 396 42.06 23.20 10.16
N ILE D 397 41.11 22.55 9.48
CA ILE D 397 39.79 23.14 9.27
C ILE D 397 38.87 22.68 10.41
N TRP D 398 38.45 23.63 11.25
CA TRP D 398 37.65 23.34 12.44
C TRP D 398 36.39 22.53 12.15
N ALA D 399 35.63 22.88 11.09
CA ALA D 399 34.45 22.16 10.68
C ALA D 399 34.74 20.70 10.35
N ASP D 400 35.92 20.39 9.77
CA ASP D 400 36.30 19.02 9.50
C ASP D 400 36.64 18.29 10.80
N ASP D 401 37.21 19.00 11.78
CA ASP D 401 37.57 18.39 13.09
C ASP D 401 36.29 18.02 13.85
N VAL D 402 35.29 18.88 13.77
CA VAL D 402 33.98 18.61 14.41
C VAL D 402 33.36 17.37 13.76
N ASP D 403 33.39 17.30 12.43
CA ASP D 403 32.81 16.14 11.69
C ASP D 403 33.55 14.85 12.04
N ARG D 404 34.87 14.88 12.11
CA ARG D 404 35.66 13.67 12.45
C ARG D 404 35.26 13.19 13.85
N ARG D 405 35.03 14.12 14.76
CA ARG D 405 34.62 13.74 16.11
C ARG D 405 33.22 13.11 16.11
N VAL D 406 32.29 13.65 15.30
CA VAL D 406 30.93 13.12 15.19
C VAL D 406 31.01 11.70 14.60
N GLN D 407 31.85 11.50 13.55
CA GLN D 407 32.03 10.19 12.94
C GLN D 407 32.63 9.19 13.93
N PHE D 408 33.54 9.64 14.78
CA PHE D 408 34.11 8.80 15.81
C PHE D 408 33.01 8.36 16.82
N GLY D 409 32.09 9.27 17.14
CA GLY D 409 30.94 8.94 18.00
C GLY D 409 30.06 7.87 17.34
N ILE D 410 29.80 8.01 16.03
CA ILE D 410 28.99 7.06 15.27
C ILE D 410 29.67 5.67 15.18
N GLU D 411 30.97 5.63 14.84
CA GLU D 411 31.71 4.37 14.73
C GLU D 411 31.85 3.68 16.07
N SER D 412 32.12 4.44 17.16
CA SER D 412 32.18 3.84 18.48
C SER D 412 30.80 3.27 18.86
N GLY D 413 29.75 4.02 18.55
CA GLY D 413 28.37 3.63 18.82
C GLY D 413 27.96 2.37 18.08
N LYS D 414 28.38 2.22 16.83
CA LYS D 414 28.06 1.03 16.04
C LYS D 414 28.79 -0.18 16.64
N LEU D 415 30.08 -0.01 16.96
CA LEU D 415 30.90 -1.06 17.54
C LEU D 415 30.38 -1.51 18.89
N ARG D 416 29.94 -0.57 19.73
CA ARG D 416 29.42 -0.91 21.05
C ARG D 416 27.96 -1.35 21.09
N GLY D 417 27.27 -1.38 19.96
CA GLY D 417 25.87 -1.80 19.91
C GLY D 417 24.83 -0.72 20.13
N PHE D 418 25.26 0.54 20.34
CA PHE D 418 24.32 1.65 20.54
C PHE D 418 23.56 1.99 19.27
N LEU D 419 24.23 1.86 18.11
CA LEU D 419 23.68 2.29 16.84
C LEU D 419 23.78 1.24 15.79
N ARG D 420 22.88 1.34 14.83
CA ARG D 420 22.83 0.50 13.64
C ARG D 420 22.50 1.38 12.45
N VAL D 421 22.82 0.92 11.23
CA VAL D 421 22.46 1.61 10.00
C VAL D 421 20.94 1.74 9.92
N GLY D 422 20.46 2.94 9.59
CA GLY D 422 19.02 3.20 9.56
C GLY D 422 18.51 3.91 10.80
N ASP D 423 19.28 3.90 11.90
CA ASP D 423 18.89 4.61 13.11
C ASP D 423 18.93 6.14 12.90
N LEU D 424 18.17 6.87 13.70
CA LEU D 424 18.24 8.33 13.71
C LEU D 424 19.01 8.72 14.95
N VAL D 425 19.80 9.76 14.84
CA VAL D 425 20.61 10.27 15.92
C VAL D 425 20.48 11.82 15.95
N ILE D 426 20.55 12.42 17.13
CA ILE D 426 20.55 13.86 17.30
C ILE D 426 22.01 14.25 17.55
N VAL D 427 22.55 15.21 16.81
CA VAL D 427 23.95 15.65 16.98
C VAL D 427 23.97 17.08 17.53
N VAL D 428 24.66 17.28 18.67
CA VAL D 428 24.72 18.54 19.36
C VAL D 428 26.13 19.08 19.33
N THR D 429 26.32 20.20 18.63
CA THR D 429 27.61 20.85 18.47
C THR D 429 27.47 22.38 18.75
N GLY D 430 28.56 23.16 18.59
CA GLY D 430 28.58 24.60 18.79
C GLY D 430 29.08 25.40 17.58
N TRP D 431 29.08 26.71 17.70
CA TRP D 431 29.36 27.57 16.54
C TRP D 431 30.83 28.02 16.43
N ARG D 432 31.60 27.84 17.51
CA ARG D 432 33.02 28.15 17.51
C ARG D 432 33.76 27.22 18.51
N PRO D 433 35.10 27.09 18.38
CA PRO D 433 35.85 26.27 19.35
C PRO D 433 35.81 26.84 20.76
N GLY D 434 36.13 25.98 21.71
CA GLY D 434 36.12 26.36 23.11
C GLY D 434 34.79 26.02 23.74
N SER D 435 34.83 25.88 25.05
CA SER D 435 33.68 25.55 25.89
CA SER D 435 33.66 25.55 25.85
C SER D 435 32.69 26.71 25.99
N GLY D 436 31.40 26.37 26.12
CA GLY D 436 30.33 27.33 26.34
C GLY D 436 29.58 27.80 25.12
N TYR D 437 29.91 27.29 23.95
CA TYR D 437 29.26 27.77 22.70
C TYR D 437 28.38 26.75 21.99
N THR D 438 27.90 25.69 22.70
CA THR D 438 26.93 24.76 22.10
C THR D 438 25.63 25.55 21.76
N ASN D 439 25.16 25.36 20.54
CA ASN D 439 23.96 26.05 20.08
C ASN D 439 23.26 25.37 18.88
N ILE D 440 23.71 24.19 18.46
CA ILE D 440 23.18 23.51 17.28
C ILE D 440 22.75 22.09 17.59
N MET D 441 21.59 21.73 17.05
CA MET D 441 21.00 20.41 17.13
C MET D 441 20.70 19.93 15.66
N ARG D 442 21.16 18.74 15.28
CA ARG D 442 20.95 18.23 13.93
C ARG D 442 20.42 16.75 13.92
N VAL D 443 19.45 16.47 13.07
CA VAL D 443 18.86 15.15 12.95
C VAL D 443 19.61 14.40 11.88
N LEU D 444 20.25 13.30 12.22
CA LEU D 444 21.09 12.56 11.32
C LEU D 444 20.67 11.10 11.15
N SER D 445 20.69 10.60 9.92
CA SER D 445 20.38 9.20 9.65
C SER D 445 21.69 8.43 9.60
N ILE D 446 21.80 7.33 10.35
CA ILE D 446 23.03 6.52 10.37
C ILE D 446 23.21 5.70 9.09
N SER D 447 24.35 5.88 8.42
CA SER D 447 24.67 5.14 7.19
C SER D 447 25.90 4.22 7.38
N ALA E 25 24.04 -20.52 -13.77
CA ALA E 25 25.03 -19.62 -14.34
C ALA E 25 25.08 -19.74 -15.86
N PHE E 26 24.95 -20.98 -16.39
CA PHE E 26 24.96 -21.23 -17.84
C PHE E 26 23.80 -20.48 -18.50
N PHE E 27 22.61 -20.52 -17.88
CA PHE E 27 21.43 -19.88 -18.45
C PHE E 27 21.34 -18.37 -18.19
N GLN E 28 22.33 -17.77 -17.50
CA GLN E 28 22.37 -16.32 -17.31
C GLN E 28 23.29 -15.64 -18.36
N GLN E 29 24.29 -16.38 -18.89
CA GLN E 29 25.22 -15.90 -19.91
C GLN E 29 24.58 -15.92 -21.31
N GLN E 30 25.31 -15.35 -22.31
CA GLN E 30 24.97 -15.26 -23.73
C GLN E 30 23.50 -14.87 -24.02
N GLN E 31 22.95 -13.95 -23.19
CA GLN E 31 21.58 -13.45 -23.31
C GLN E 31 20.53 -14.56 -23.38
N LEU E 32 20.77 -15.67 -22.66
CA LEU E 32 19.82 -16.78 -22.67
C LEU E 32 18.45 -16.42 -22.05
N PRO E 33 18.32 -15.58 -20.99
CA PRO E 33 16.97 -15.16 -20.56
C PRO E 33 16.23 -14.42 -21.69
N ALA E 34 16.92 -13.51 -22.42
CA ALA E 34 16.30 -12.80 -23.56
C ALA E 34 15.97 -13.76 -24.72
N ALA E 35 16.76 -14.84 -24.87
CA ALA E 35 16.55 -15.86 -25.89
C ALA E 35 15.28 -16.70 -25.61
N MET E 36 14.94 -16.89 -24.33
CA MET E 36 13.75 -17.67 -23.95
C MET E 36 12.45 -16.85 -23.96
N ALA E 37 12.49 -15.55 -24.31
CA ALA E 37 11.30 -14.71 -24.30
C ALA E 37 10.23 -15.12 -25.31
N ASP E 38 8.96 -14.90 -24.96
CA ASP E 38 7.83 -15.28 -25.81
C ASP E 38 7.48 -14.26 -26.90
N THR E 39 7.95 -13.01 -26.76
CA THR E 39 7.74 -11.98 -27.79
C THR E 39 9.08 -11.23 -28.02
N PHE E 40 9.19 -10.55 -29.15
CA PHE E 40 10.36 -9.73 -29.46
C PHE E 40 10.49 -8.58 -28.45
N LEU E 41 9.36 -7.97 -28.07
CA LEU E 41 9.36 -6.89 -27.08
C LEU E 41 9.91 -7.37 -25.74
N GLU E 42 9.47 -8.56 -25.26
CA GLU E 42 9.98 -9.15 -24.01
CA GLU E 42 9.99 -9.10 -24.01
C GLU E 42 11.48 -9.49 -24.14
N HIS E 43 11.90 -9.93 -25.34
CA HIS E 43 13.29 -10.28 -25.64
C HIS E 43 14.16 -9.02 -25.45
N LEU E 44 13.72 -7.87 -26.00
CA LEU E 44 14.45 -6.61 -25.84
C LEU E 44 14.53 -6.22 -24.36
N CYS E 45 13.40 -6.33 -23.64
CA CYS E 45 13.31 -5.99 -22.22
C CYS E 45 14.26 -6.83 -21.34
N LEU E 46 14.58 -8.05 -21.79
CA LEU E 46 15.44 -8.95 -21.03
C LEU E 46 16.93 -8.87 -21.39
N LEU E 47 17.33 -8.04 -22.37
CA LEU E 47 18.74 -7.91 -22.73
C LEU E 47 19.51 -7.35 -21.53
N ASP E 48 20.64 -7.96 -21.20
CA ASP E 48 21.39 -7.65 -20.00
C ASP E 48 22.84 -7.35 -20.31
N ILE E 49 23.33 -6.14 -19.97
CA ILE E 49 24.74 -5.78 -20.16
C ILE E 49 25.71 -6.65 -19.31
N ASP E 50 25.20 -7.27 -18.24
CA ASP E 50 26.01 -8.17 -17.40
C ASP E 50 26.02 -9.62 -17.90
N SER E 51 25.26 -9.94 -18.95
CA SER E 51 25.21 -11.29 -19.51
C SER E 51 26.34 -11.37 -20.52
N GLU E 52 27.45 -12.04 -20.14
CA GLU E 52 28.63 -12.10 -21.01
C GLU E 52 28.53 -13.08 -22.16
N PRO E 53 29.06 -12.69 -23.33
CA PRO E 53 29.03 -13.63 -24.48
C PRO E 53 29.98 -14.79 -24.21
N VAL E 54 29.56 -16.01 -24.58
CA VAL E 54 30.42 -17.19 -24.38
C VAL E 54 30.79 -17.82 -25.73
N ALA E 55 29.88 -17.82 -26.69
CA ALA E 55 30.13 -18.40 -28.00
C ALA E 55 31.23 -17.67 -28.79
N ALA E 56 31.86 -18.39 -29.71
CA ALA E 56 32.87 -17.81 -30.57
C ALA E 56 32.18 -16.82 -31.53
N ARG E 57 32.89 -15.76 -31.94
CA ARG E 57 32.36 -14.75 -32.85
C ARG E 57 32.08 -15.39 -34.20
N SER E 58 30.82 -15.32 -34.64
CA SER E 58 30.38 -15.97 -35.86
C SER E 58 30.35 -15.09 -37.12
N THR E 59 30.22 -13.75 -36.97
CA THR E 59 30.17 -12.85 -38.14
C THR E 59 31.62 -12.56 -38.55
N SER E 60 32.00 -12.88 -39.78
CA SER E 60 33.38 -12.65 -40.23
C SER E 60 33.72 -11.19 -40.41
N ILE E 61 34.99 -10.86 -40.19
CA ILE E 61 35.49 -9.52 -40.38
C ILE E 61 36.34 -9.46 -41.64
N ILE E 62 36.01 -8.55 -42.54
CA ILE E 62 36.79 -8.32 -43.75
C ILE E 62 37.58 -7.04 -43.50
N ALA E 63 38.92 -7.09 -43.59
CA ALA E 63 39.75 -5.91 -43.38
C ALA E 63 40.45 -5.56 -44.68
N THR E 64 40.40 -4.28 -45.06
CA THR E 64 41.07 -3.84 -46.29
C THR E 64 42.55 -3.68 -46.00
N ILE E 65 43.38 -4.33 -46.82
CA ILE E 65 44.83 -4.29 -46.63
C ILE E 65 45.45 -3.21 -47.51
N GLY E 66 46.07 -2.23 -46.88
CA GLY E 66 46.71 -1.12 -47.57
C GLY E 66 47.94 -0.62 -46.84
N PRO E 67 48.32 0.65 -47.09
CA PRO E 67 49.53 1.20 -46.45
C PRO E 67 49.64 1.02 -44.94
N ALA E 68 48.52 1.18 -44.21
CA ALA E 68 48.54 1.07 -42.74
C ALA E 68 48.52 -0.33 -42.19
N SER E 69 48.29 -1.34 -43.03
CA SER E 69 48.12 -2.71 -42.56
C SER E 69 48.82 -3.75 -43.43
N ARG E 70 49.87 -3.35 -44.15
CA ARG E 70 50.60 -4.19 -45.10
C ARG E 70 51.71 -5.07 -44.54
N SER E 71 52.41 -4.62 -43.49
CA SER E 71 53.54 -5.37 -42.96
C SER E 71 53.15 -6.72 -42.40
N VAL E 72 54.07 -7.69 -42.47
CA VAL E 72 53.84 -9.04 -41.96
C VAL E 72 53.54 -9.00 -40.45
N GLU E 73 54.28 -8.18 -39.71
CA GLU E 73 54.09 -8.06 -38.27
C GLU E 73 52.71 -7.48 -37.92
N ARG E 74 52.25 -6.46 -38.68
CA ARG E 74 50.95 -5.83 -38.49
C ARG E 74 49.85 -6.83 -38.85
N LEU E 75 50.02 -7.56 -39.96
CA LEU E 75 49.08 -8.58 -40.41
C LEU E 75 48.90 -9.70 -39.40
N LYS E 76 49.96 -10.10 -38.69
CA LYS E 76 49.85 -11.13 -37.65
C LYS E 76 48.96 -10.62 -36.52
N GLU E 77 49.09 -9.33 -36.16
CA GLU E 77 48.26 -8.73 -35.12
C GLU E 77 46.80 -8.64 -35.56
N MET E 78 46.57 -8.36 -36.86
CA MET E 78 45.21 -8.29 -37.40
CA MET E 78 45.21 -8.28 -37.39
C MET E 78 44.54 -9.66 -37.41
N ILE E 79 45.31 -10.72 -37.68
CA ILE E 79 44.80 -12.08 -37.67
C ILE E 79 44.43 -12.43 -36.22
N LYS E 80 45.29 -12.09 -35.25
CA LYS E 80 45.00 -12.38 -33.84
C LYS E 80 43.79 -11.56 -33.35
N ALA E 81 43.61 -10.34 -33.87
CA ALA E 81 42.50 -9.47 -33.50
C ALA E 81 41.15 -9.99 -34.07
N GLY E 82 41.20 -10.77 -35.14
CA GLY E 82 40.00 -11.39 -35.70
C GLY E 82 39.76 -11.30 -37.18
N MET E 83 40.72 -10.74 -37.97
CA MET E 83 40.51 -10.63 -39.42
C MET E 83 40.34 -12.03 -40.05
N ASN E 84 39.27 -12.24 -40.84
CA ASN E 84 39.01 -13.53 -41.49
C ASN E 84 39.22 -13.45 -43.00
N ILE E 85 38.99 -12.26 -43.59
CA ILE E 85 39.10 -12.02 -45.01
C ILE E 85 39.91 -10.74 -45.23
N ALA E 86 40.94 -10.83 -46.09
CA ALA E 86 41.78 -9.68 -46.43
C ALA E 86 41.28 -9.14 -47.77
N ARG E 87 40.88 -7.86 -47.80
CA ARG E 87 40.36 -7.24 -49.01
C ARG E 87 41.45 -6.40 -49.69
N LEU E 88 41.60 -6.53 -51.01
CA LEU E 88 42.54 -5.73 -51.77
C LEU E 88 41.74 -4.86 -52.70
N ASN E 89 41.84 -3.55 -52.52
CA ASN E 89 41.05 -2.62 -53.31
C ASN E 89 41.81 -2.23 -54.58
N PHE E 90 41.40 -2.78 -55.72
CA PHE E 90 42.05 -2.50 -57.01
C PHE E 90 41.69 -1.13 -57.58
N SER E 91 40.99 -0.28 -56.83
CA SER E 91 40.80 1.12 -57.21
C SER E 91 42.11 1.91 -56.92
N HIS E 92 42.98 1.40 -56.04
CA HIS E 92 44.25 1.98 -55.64
C HIS E 92 45.40 0.98 -55.90
N GLY E 93 46.64 1.47 -55.76
CA GLY E 93 47.83 0.67 -55.94
C GLY E 93 48.05 0.18 -57.35
N SER E 94 48.80 -0.90 -57.46
CA SER E 94 49.15 -1.52 -58.73
C SER E 94 49.15 -3.05 -58.54
N HIS E 95 49.37 -3.81 -59.62
CA HIS E 95 49.46 -5.25 -59.55
C HIS E 95 50.65 -5.66 -58.66
N GLU E 96 51.78 -4.96 -58.80
CA GLU E 96 52.97 -5.26 -58.02
C GLU E 96 52.74 -4.99 -56.54
N TYR E 97 52.07 -3.87 -56.24
CA TYR E 97 51.76 -3.47 -54.86
C TYR E 97 50.84 -4.50 -54.19
N HIS E 98 49.76 -4.89 -54.88
CA HIS E 98 48.80 -5.86 -54.35
C HIS E 98 49.37 -7.26 -54.25
N ALA E 99 50.27 -7.66 -55.18
CA ALA E 99 50.92 -8.98 -55.09
C ALA E 99 51.78 -9.05 -53.83
N GLU E 100 52.44 -7.94 -53.46
CA GLU E 100 53.27 -7.90 -52.26
C GLU E 100 52.39 -7.97 -51.01
N SER E 101 51.22 -7.31 -51.02
CA SER E 101 50.27 -7.36 -49.91
C SER E 101 49.77 -8.80 -49.73
N ILE E 102 49.42 -9.48 -50.85
CA ILE E 102 48.98 -10.89 -50.84
C ILE E 102 50.06 -11.79 -50.23
N ALA E 103 51.33 -11.61 -50.67
CA ALA E 103 52.44 -12.39 -50.15
C ALA E 103 52.62 -12.17 -48.65
N ASN E 104 52.47 -10.92 -48.18
CA ASN E 104 52.58 -10.61 -46.76
C ASN E 104 51.44 -11.23 -45.94
N VAL E 105 50.21 -11.25 -46.50
CA VAL E 105 49.06 -11.89 -45.85
C VAL E 105 49.35 -13.38 -45.71
N ARG E 106 49.76 -14.03 -46.81
CA ARG E 106 50.07 -15.46 -46.78
C ARG E 106 51.22 -15.79 -45.82
N GLU E 107 52.24 -14.92 -45.74
CA GLU E 107 53.35 -15.15 -44.80
C GLU E 107 52.85 -15.05 -43.35
N ALA E 108 52.03 -14.04 -43.05
CA ALA E 108 51.48 -13.88 -41.70
C ALA E 108 50.55 -15.05 -41.34
N VAL E 109 49.72 -15.50 -42.29
CA VAL E 109 48.81 -16.64 -42.07
C VAL E 109 49.59 -17.91 -41.80
N GLU E 110 50.62 -18.18 -42.63
CA GLU E 110 51.41 -19.39 -42.48
C GLU E 110 52.33 -19.39 -41.26
N SER E 111 52.56 -18.23 -40.62
CA SER E 111 53.35 -18.19 -39.40
C SER E 111 52.67 -18.91 -38.21
N PHE E 112 51.36 -19.19 -38.32
CA PHE E 112 50.61 -19.91 -37.29
C PHE E 112 50.32 -21.38 -37.70
N ALA E 113 50.77 -21.82 -38.91
CA ALA E 113 50.52 -23.17 -39.44
C ALA E 113 51.23 -24.29 -38.71
N GLY E 114 52.19 -23.97 -37.84
CA GLY E 114 52.87 -24.97 -37.02
C GLY E 114 51.95 -25.67 -36.04
N SER E 115 50.78 -25.07 -35.77
CA SER E 115 49.76 -25.62 -34.90
C SER E 115 48.50 -25.81 -35.77
N PRO E 116 48.37 -26.99 -36.45
CA PRO E 116 47.20 -27.21 -37.33
C PRO E 116 45.84 -27.32 -36.60
N LEU E 117 45.86 -27.49 -35.26
CA LEU E 117 44.65 -27.57 -34.45
C LEU E 117 44.09 -26.18 -34.11
N SER E 118 44.95 -25.13 -34.10
CA SER E 118 44.52 -23.76 -33.83
C SER E 118 44.78 -22.77 -34.99
N TYR E 119 45.30 -23.25 -36.14
CA TYR E 119 45.59 -22.44 -37.34
C TYR E 119 44.29 -21.79 -37.86
N ARG E 120 44.37 -20.55 -38.35
CA ARG E 120 43.18 -19.89 -38.88
C ARG E 120 43.34 -19.51 -40.34
N PRO E 121 42.57 -20.14 -41.24
CA PRO E 121 42.62 -19.75 -42.65
C PRO E 121 42.14 -18.30 -42.85
N VAL E 122 42.72 -17.56 -43.81
CA VAL E 122 42.31 -16.19 -44.10
C VAL E 122 42.05 -16.10 -45.60
N ALA E 123 40.84 -15.72 -46.02
CA ALA E 123 40.53 -15.60 -47.44
C ALA E 123 41.13 -14.33 -48.04
N ILE E 124 41.37 -14.34 -49.35
CA ILE E 124 41.88 -13.17 -50.05
C ILE E 124 40.84 -12.75 -51.07
N ALA E 125 40.36 -11.51 -50.93
CA ALA E 125 39.32 -11.00 -51.80
C ALA E 125 39.82 -9.84 -52.63
N LEU E 126 39.47 -9.83 -53.90
CA LEU E 126 39.86 -8.78 -54.82
C LEU E 126 38.66 -7.92 -55.08
N ASP E 127 38.75 -6.63 -54.77
CA ASP E 127 37.64 -5.70 -54.99
C ASP E 127 37.97 -4.91 -56.26
N THR E 128 37.15 -5.06 -57.31
CA THR E 128 37.43 -4.40 -58.58
C THR E 128 37.22 -2.89 -58.59
N LYS E 129 37.94 -2.20 -59.50
CA LYS E 129 37.81 -0.76 -59.68
C LYS E 129 36.40 -0.40 -60.14
N GLY E 130 35.86 -1.20 -61.05
CA GLY E 130 34.50 -1.00 -61.54
C GLY E 130 34.43 -0.49 -62.96
N PRO E 131 33.19 -0.35 -63.47
CA PRO E 131 33.02 0.11 -64.86
C PRO E 131 33.26 1.60 -65.07
N GLY E 136 29.33 -1.68 -68.77
CA GLY E 136 29.77 -3.07 -68.72
C GLY E 136 31.18 -3.24 -68.20
N LEU E 137 31.73 -4.47 -68.28
CA LEU E 137 33.07 -4.80 -67.79
C LEU E 137 34.18 -3.98 -68.45
N SER E 138 34.93 -3.23 -67.63
CA SER E 138 36.02 -2.40 -68.13
C SER E 138 37.26 -3.23 -68.49
N GLU E 139 38.17 -2.65 -69.30
CA GLU E 139 39.40 -3.34 -69.72
C GLU E 139 40.35 -3.54 -68.54
N GLN E 140 40.40 -2.56 -67.60
CA GLN E 140 41.24 -2.68 -66.42
C GLN E 140 40.71 -3.81 -65.53
N ASP E 141 39.38 -3.96 -65.42
CA ASP E 141 38.79 -5.04 -64.63
C ASP E 141 39.14 -6.39 -65.21
N VAL E 142 39.17 -6.54 -66.54
CA VAL E 142 39.56 -7.81 -67.17
C VAL E 142 41.00 -8.18 -66.76
N ARG E 143 41.91 -7.20 -66.78
CA ARG E 143 43.30 -7.43 -66.39
C ARG E 143 43.44 -7.72 -64.90
N ASP E 144 42.67 -7.02 -64.05
CA ASP E 144 42.71 -7.23 -62.60
C ASP E 144 42.10 -8.57 -62.23
N LEU E 145 41.03 -8.99 -62.91
CA LEU E 145 40.43 -10.29 -62.66
C LEU E 145 41.38 -11.40 -63.05
N ARG E 146 42.11 -11.22 -64.17
CA ARG E 146 43.12 -12.18 -64.60
C ARG E 146 44.24 -12.28 -63.56
N PHE E 147 44.65 -11.13 -63.00
CA PHE E 147 45.66 -11.08 -61.94
C PHE E 147 45.18 -11.91 -60.73
N GLY E 148 43.91 -11.77 -60.36
CA GLY E 148 43.32 -12.51 -59.25
C GLY E 148 43.39 -14.01 -59.42
N VAL E 149 43.05 -14.49 -60.62
CA VAL E 149 43.11 -15.92 -60.94
C VAL E 149 44.57 -16.41 -60.85
N GLU E 150 45.50 -15.66 -61.43
CA GLU E 150 46.91 -16.03 -61.41
C GLU E 150 47.50 -16.02 -60.00
N HIS E 151 46.99 -15.16 -59.12
CA HIS E 151 47.47 -15.11 -57.75
C HIS E 151 46.63 -15.94 -56.75
N GLY E 152 45.68 -16.72 -57.25
CA GLY E 152 44.86 -17.61 -56.44
C GLY E 152 43.94 -16.94 -55.42
N VAL E 153 43.30 -15.83 -55.79
CA VAL E 153 42.36 -15.17 -54.88
C VAL E 153 41.13 -16.05 -54.68
N ASP E 154 40.49 -15.92 -53.52
CA ASP E 154 39.33 -16.76 -53.19
C ASP E 154 38.01 -16.14 -53.59
N ILE E 155 37.93 -14.81 -53.52
CA ILE E 155 36.69 -14.09 -53.73
C ILE E 155 36.92 -12.86 -54.58
N VAL E 156 35.91 -12.47 -55.35
CA VAL E 156 35.91 -11.22 -56.07
C VAL E 156 34.72 -10.41 -55.55
N PHE E 157 34.96 -9.16 -55.12
CA PHE E 157 33.91 -8.22 -54.77
C PHE E 157 33.76 -7.39 -56.05
N ALA E 158 32.75 -7.70 -56.87
CA ALA E 158 32.56 -7.00 -58.15
C ALA E 158 31.86 -5.66 -57.98
N SER E 159 32.55 -4.56 -58.26
CA SER E 159 32.00 -3.21 -58.13
C SER E 159 30.91 -2.88 -59.14
N PHE E 160 29.96 -2.07 -58.69
CA PHE E 160 28.83 -1.55 -59.46
C PHE E 160 28.12 -2.60 -60.33
N VAL E 161 27.68 -3.71 -59.71
CA VAL E 161 26.92 -4.72 -60.46
C VAL E 161 25.50 -4.15 -60.63
N ARG E 162 25.04 -4.02 -61.86
CA ARG E 162 23.73 -3.43 -62.15
C ARG E 162 22.71 -4.40 -62.75
N LYS E 163 23.15 -5.56 -63.21
CA LYS E 163 22.28 -6.55 -63.85
C LYS E 163 22.99 -7.91 -63.89
N ALA E 164 22.23 -8.99 -64.16
CA ALA E 164 22.76 -10.35 -64.23
C ALA E 164 23.91 -10.49 -65.23
N SER E 165 23.85 -9.80 -66.38
CA SER E 165 24.92 -9.90 -67.39
C SER E 165 26.25 -9.35 -66.92
N ASP E 166 26.25 -8.43 -65.92
CA ASP E 166 27.50 -7.93 -65.36
C ASP E 166 28.21 -9.08 -64.62
N VAL E 167 27.46 -9.95 -63.93
CA VAL E 167 28.01 -11.08 -63.20
C VAL E 167 28.58 -12.11 -64.19
N ALA E 168 27.84 -12.37 -65.28
CA ALA E 168 28.27 -13.30 -66.32
C ALA E 168 29.59 -12.82 -66.95
N ALA E 169 29.74 -11.51 -67.14
CA ALA E 169 30.97 -10.92 -67.69
C ALA E 169 32.14 -11.13 -66.73
N VAL E 170 31.94 -10.94 -65.41
CA VAL E 170 33.00 -11.17 -64.42
C VAL E 170 33.41 -12.65 -64.43
N ARG E 171 32.42 -13.54 -64.48
CA ARG E 171 32.64 -14.98 -64.51
C ARG E 171 33.46 -15.38 -65.77
N ALA E 172 33.12 -14.80 -66.94
CA ALA E 172 33.83 -15.07 -68.19
C ALA E 172 35.28 -14.58 -68.10
N ALA E 173 35.50 -13.39 -67.51
CA ALA E 173 36.84 -12.83 -67.34
C ALA E 173 37.71 -13.64 -66.38
N LEU E 174 37.11 -14.41 -65.47
CA LEU E 174 37.88 -15.28 -64.58
C LEU E 174 38.40 -16.55 -65.31
N GLY E 175 37.82 -16.88 -66.46
CA GLY E 175 38.23 -17.99 -67.28
C GLY E 175 37.95 -19.36 -66.69
N PRO E 176 38.45 -20.42 -67.34
CA PRO E 176 38.22 -21.78 -66.82
C PRO E 176 39.01 -22.07 -65.55
N GLU E 177 40.14 -21.37 -65.32
CA GLU E 177 40.95 -21.59 -64.13
C GLU E 177 40.39 -20.93 -62.85
N GLY E 178 39.46 -20.00 -63.00
CA GLY E 178 38.86 -19.31 -61.86
C GLY E 178 37.42 -19.72 -61.56
N HIS E 179 37.03 -20.95 -61.99
CA HIS E 179 35.68 -21.45 -61.77
CA HIS E 179 35.67 -21.45 -61.77
C HIS E 179 35.29 -21.54 -60.29
N GLY E 180 36.27 -21.79 -59.43
CA GLY E 180 36.04 -21.92 -57.99
C GLY E 180 35.96 -20.62 -57.20
N ILE E 181 36.31 -19.49 -57.84
CA ILE E 181 36.30 -18.18 -57.17
C ILE E 181 34.86 -17.71 -56.91
N LYS E 182 34.58 -17.21 -55.69
CA LYS E 182 33.24 -16.73 -55.36
C LYS E 182 33.05 -15.33 -55.88
N ILE E 183 31.91 -15.04 -56.49
CA ILE E 183 31.61 -13.70 -56.96
C ILE E 183 30.57 -13.07 -56.03
N ILE E 184 30.99 -12.05 -55.30
CA ILE E 184 30.12 -11.29 -54.39
C ILE E 184 29.80 -10.00 -55.12
N SER E 185 28.55 -9.82 -55.55
CA SER E 185 28.17 -8.61 -56.28
C SER E 185 27.94 -7.43 -55.36
N LYS E 186 28.64 -6.31 -55.62
CA LYS E 186 28.47 -5.10 -54.86
C LYS E 186 27.30 -4.32 -55.44
N ILE E 187 26.31 -4.00 -54.59
CA ILE E 187 25.14 -3.22 -54.99
C ILE E 187 25.41 -1.80 -54.56
N GLU E 188 25.62 -0.90 -55.52
CA GLU E 188 26.05 0.46 -55.24
C GLU E 188 25.21 1.55 -55.86
N ASN E 189 24.12 1.22 -56.55
CA ASN E 189 23.30 2.25 -57.19
C ASN E 189 21.83 1.83 -57.29
N HIS E 190 20.96 2.72 -57.78
CA HIS E 190 19.54 2.45 -57.90
C HIS E 190 19.22 1.24 -58.77
N GLU E 191 19.93 1.08 -59.89
CA GLU E 191 19.70 -0.05 -60.78
C GLU E 191 20.03 -1.38 -60.13
N GLY E 192 21.13 -1.44 -59.40
CA GLY E 192 21.50 -2.66 -58.68
C GLY E 192 20.45 -3.06 -57.66
N VAL E 193 19.86 -2.07 -56.95
CA VAL E 193 18.80 -2.34 -55.97
C VAL E 193 17.55 -2.85 -56.69
N LYS E 194 17.13 -2.15 -57.75
CA LYS E 194 15.93 -2.55 -58.50
C LYS E 194 16.04 -3.91 -59.18
N ARG E 195 17.24 -4.26 -59.66
CA ARG E 195 17.46 -5.55 -60.29
C ARG E 195 18.12 -6.55 -59.33
N PHE E 196 17.97 -6.34 -58.00
CA PHE E 196 18.56 -7.18 -56.97
C PHE E 196 18.28 -8.66 -57.14
N ASP E 197 17.02 -9.05 -57.36
CA ASP E 197 16.66 -10.47 -57.47
C ASP E 197 17.41 -11.19 -58.57
N GLU E 198 17.52 -10.57 -59.76
CA GLU E 198 18.23 -11.22 -60.87
C GLU E 198 19.74 -11.28 -60.61
N ILE E 199 20.29 -10.28 -59.90
CA ILE E 199 21.70 -10.24 -59.56
C ILE E 199 22.01 -11.32 -58.53
N LEU E 200 21.20 -11.42 -57.47
CA LEU E 200 21.40 -12.41 -56.41
C LEU E 200 21.32 -13.84 -56.96
N GLU E 201 20.38 -14.07 -57.88
CA GLU E 201 20.17 -15.36 -58.51
CA GLU E 201 20.18 -15.37 -58.50
C GLU E 201 21.47 -15.94 -59.12
N VAL E 202 22.25 -15.10 -59.80
CA VAL E 202 23.48 -15.54 -60.46
C VAL E 202 24.76 -15.29 -59.65
N SER E 203 24.68 -14.60 -58.50
CA SER E 203 25.86 -14.33 -57.68
C SER E 203 26.01 -15.36 -56.57
N ASP E 204 27.21 -15.47 -56.02
CA ASP E 204 27.44 -16.31 -54.85
C ASP E 204 27.00 -15.57 -53.55
N GLY E 205 26.98 -14.24 -53.60
CA GLY E 205 26.61 -13.40 -52.48
C GLY E 205 26.54 -11.94 -52.87
N ILE E 206 26.32 -11.08 -51.88
CA ILE E 206 26.11 -9.65 -52.10
C ILE E 206 26.90 -8.82 -51.10
N MET E 207 27.32 -7.63 -51.51
CA MET E 207 27.90 -6.67 -50.61
C MET E 207 27.03 -5.41 -50.70
N VAL E 208 26.57 -4.93 -49.55
CA VAL E 208 25.82 -3.68 -49.48
C VAL E 208 26.92 -2.62 -49.41
N ALA E 209 27.30 -2.06 -50.57
CA ALA E 209 28.39 -1.09 -50.68
C ALA E 209 27.82 0.29 -50.41
N ARG E 210 27.71 0.66 -49.13
CA ARG E 210 27.03 1.87 -48.69
C ARG E 210 27.65 3.20 -49.09
N GLY E 211 28.96 3.25 -49.39
CA GLY E 211 29.62 4.48 -49.79
C GLY E 211 29.00 5.06 -51.07
N ASP E 212 29.08 4.30 -52.16
CA ASP E 212 28.48 4.72 -53.43
C ASP E 212 26.97 4.69 -53.35
N LEU E 213 26.37 3.68 -52.68
CA LEU E 213 24.91 3.61 -52.57
C LEU E 213 24.32 4.89 -51.92
N GLY E 214 25.01 5.42 -50.91
CA GLY E 214 24.64 6.64 -50.21
C GLY E 214 24.79 7.93 -50.99
N ILE E 215 25.44 7.87 -52.16
CA ILE E 215 25.60 9.00 -53.08
C ILE E 215 24.64 8.82 -54.28
N GLU E 216 24.41 7.55 -54.71
CA GLU E 216 23.55 7.21 -55.83
C GLU E 216 22.06 7.31 -55.50
N ILE E 217 21.70 6.99 -54.26
CA ILE E 217 20.32 7.10 -53.77
C ILE E 217 20.32 8.06 -52.55
N PRO E 218 19.18 8.64 -52.13
CA PRO E 218 19.19 9.51 -50.93
C PRO E 218 19.81 8.80 -49.72
N ALA E 219 20.69 9.49 -49.00
CA ALA E 219 21.40 8.93 -47.84
C ALA E 219 20.44 8.31 -46.79
N GLU E 220 19.27 8.91 -46.61
CA GLU E 220 18.27 8.46 -45.67
C GLU E 220 17.53 7.18 -46.09
N LYS E 221 17.79 6.67 -47.30
CA LYS E 221 17.15 5.46 -47.78
C LYS E 221 18.09 4.25 -47.76
N VAL E 222 19.40 4.45 -47.53
CA VAL E 222 20.37 3.36 -47.52
C VAL E 222 20.01 2.25 -46.53
N PHE E 223 19.55 2.59 -45.30
CA PHE E 223 19.18 1.57 -44.33
C PHE E 223 18.06 0.64 -44.84
N LEU E 224 17.12 1.17 -45.68
CA LEU E 224 16.05 0.35 -46.25
C LEU E 224 16.64 -0.66 -47.23
N ALA E 225 17.55 -0.20 -48.09
CA ALA E 225 18.24 -1.06 -49.08
C ALA E 225 19.07 -2.11 -48.35
N GLN E 226 19.80 -1.72 -47.30
CA GLN E 226 20.61 -2.64 -46.49
C GLN E 226 19.75 -3.74 -45.86
N LYS E 227 18.69 -3.37 -45.15
CA LYS E 227 17.83 -4.34 -44.48
C LYS E 227 17.09 -5.26 -45.46
N MET E 228 16.67 -4.71 -46.61
CA MET E 228 16.02 -5.50 -47.65
C MET E 228 17.00 -6.54 -48.23
N MET E 229 18.20 -6.11 -48.61
CA MET E 229 19.18 -6.99 -49.23
C MET E 229 19.67 -8.05 -48.27
N ILE E 230 19.87 -7.69 -46.99
CA ILE E 230 20.27 -8.68 -45.99
C ILE E 230 19.16 -9.71 -45.79
N GLY E 231 17.92 -9.25 -45.69
CA GLY E 231 16.77 -10.14 -45.54
C GLY E 231 16.62 -11.11 -46.71
N ARG E 232 16.73 -10.60 -47.95
CA ARG E 232 16.62 -11.46 -49.13
C ARG E 232 17.79 -12.44 -49.25
N CYS E 233 19.00 -12.04 -48.84
CA CYS E 233 20.14 -12.94 -48.85
C CYS E 233 19.97 -14.02 -47.80
N ASN E 234 19.45 -13.66 -46.61
CA ASN E 234 19.18 -14.62 -45.54
C ASN E 234 18.14 -15.65 -46.03
N LEU E 235 17.12 -15.18 -46.73
CA LEU E 235 16.06 -16.01 -47.28
C LEU E 235 16.63 -16.97 -48.36
N ALA E 236 17.53 -16.47 -49.21
CA ALA E 236 18.18 -17.28 -50.26
C ALA E 236 19.29 -18.20 -49.72
N GLY E 237 19.74 -17.98 -48.49
CA GLY E 237 20.83 -18.77 -47.92
C GLY E 237 22.15 -18.42 -48.58
N LYS E 238 22.35 -17.16 -49.00
CA LYS E 238 23.60 -16.71 -49.62
C LYS E 238 24.25 -15.63 -48.78
N PRO E 239 25.60 -15.59 -48.73
CA PRO E 239 26.27 -14.58 -47.89
C PRO E 239 26.04 -13.13 -48.26
N VAL E 240 25.94 -12.27 -47.24
CA VAL E 240 25.75 -10.85 -47.44
C VAL E 240 26.75 -10.10 -46.55
N VAL E 241 27.43 -9.10 -47.12
CA VAL E 241 28.41 -8.30 -46.40
C VAL E 241 27.86 -6.90 -46.19
N CYS E 242 28.01 -6.35 -44.98
CA CYS E 242 27.66 -4.96 -44.76
C CYS E 242 28.98 -4.20 -44.82
N ALA E 243 29.03 -3.10 -45.61
CA ALA E 243 30.30 -2.40 -45.80
C ALA E 243 30.20 -0.88 -45.74
N THR E 244 31.33 -0.22 -45.42
CA THR E 244 31.67 1.19 -45.54
C THR E 244 31.20 2.09 -44.43
N GLN E 245 32.17 2.78 -43.82
CA GLN E 245 32.03 3.78 -42.75
C GLN E 245 31.44 3.23 -41.47
N MET E 246 31.57 1.92 -41.23
CA MET E 246 31.05 1.29 -40.02
C MET E 246 31.74 1.84 -38.78
N LEU E 247 33.07 2.07 -38.83
CA LEU E 247 33.83 2.62 -37.71
C LEU E 247 34.71 3.78 -38.21
N GLU E 248 34.21 4.59 -39.15
CA GLU E 248 34.92 5.66 -39.82
C GLU E 248 35.79 6.56 -38.93
N SER E 249 35.26 7.06 -37.80
CA SER E 249 36.01 7.94 -36.92
C SER E 249 37.31 7.28 -36.40
N MET E 250 37.37 5.94 -36.36
CA MET E 250 38.57 5.22 -35.93
C MET E 250 39.76 5.38 -36.91
N ILE E 251 39.57 6.04 -38.06
CA ILE E 251 40.67 6.34 -38.98
C ILE E 251 41.66 7.29 -38.24
N THR E 252 41.13 8.23 -37.41
CA THR E 252 41.98 9.13 -36.64
C THR E 252 41.82 9.01 -35.11
N LYS E 253 40.73 8.39 -34.62
CA LYS E 253 40.51 8.30 -33.17
C LYS E 253 40.60 6.88 -32.65
N PRO E 254 41.10 6.70 -31.41
CA PRO E 254 41.27 5.34 -30.87
C PRO E 254 39.96 4.61 -30.49
N ARG E 255 38.88 5.36 -30.30
CA ARG E 255 37.58 4.80 -29.94
C ARG E 255 36.53 5.30 -30.93
N PRO E 256 35.55 4.46 -31.26
CA PRO E 256 34.52 4.89 -32.22
C PRO E 256 33.42 5.70 -31.56
N THR E 257 32.54 6.32 -32.39
CA THR E 257 31.41 7.07 -31.85
C THR E 257 30.29 6.06 -31.44
N ARG E 258 29.27 6.57 -30.70
CA ARG E 258 28.11 5.79 -30.29
C ARG E 258 27.30 5.31 -31.52
N ALA E 259 27.27 6.12 -32.59
CA ALA E 259 26.55 5.72 -33.80
C ALA E 259 27.26 4.57 -34.54
N GLU E 260 28.58 4.57 -34.51
CA GLU E 260 29.39 3.53 -35.14
C GLU E 260 29.28 2.18 -34.48
N THR E 261 29.33 2.11 -33.13
CA THR E 261 29.15 0.82 -32.46
C THR E 261 27.72 0.30 -32.69
N SER E 262 26.74 1.20 -32.70
CA SER E 262 25.35 0.89 -32.97
C SER E 262 25.22 0.30 -34.39
N ASP E 263 25.86 0.93 -35.38
CA ASP E 263 25.84 0.48 -36.78
C ASP E 263 26.38 -0.95 -36.95
N VAL E 264 27.49 -1.27 -36.29
CA VAL E 264 28.08 -2.60 -36.37
C VAL E 264 27.13 -3.62 -35.73
N ALA E 265 26.60 -3.30 -34.54
CA ALA E 265 25.69 -4.21 -33.83
C ALA E 265 24.43 -4.44 -34.64
N ASN E 266 23.87 -3.38 -35.25
CA ASN E 266 22.66 -3.48 -36.06
C ASN E 266 22.89 -4.23 -37.36
N ALA E 267 24.11 -4.18 -37.96
CA ALA E 267 24.36 -4.97 -39.18
C ALA E 267 24.30 -6.45 -38.84
N VAL E 268 24.85 -6.86 -37.67
CA VAL E 268 24.80 -8.23 -37.21
C VAL E 268 23.34 -8.62 -36.90
N LEU E 269 22.61 -7.78 -36.16
CA LEU E 269 21.21 -8.04 -35.85
C LEU E 269 20.35 -8.11 -37.11
N ASP E 270 20.66 -7.31 -38.14
CA ASP E 270 19.96 -7.36 -39.44
C ASP E 270 20.09 -8.73 -40.10
N GLY E 271 21.22 -9.40 -39.90
CA GLY E 271 21.48 -10.71 -40.45
C GLY E 271 22.71 -10.80 -41.33
N ALA E 272 23.62 -9.81 -41.27
CA ALA E 272 24.81 -9.81 -42.12
C ALA E 272 25.73 -10.97 -41.78
N ASP E 273 26.21 -11.68 -42.82
CA ASP E 273 27.17 -12.76 -42.60
C ASP E 273 28.55 -12.18 -42.29
N CYS E 274 28.91 -11.04 -42.92
CA CYS E 274 30.20 -10.37 -42.77
C CYS E 274 30.04 -8.89 -42.52
N ILE E 275 30.99 -8.33 -41.81
CA ILE E 275 31.11 -6.89 -41.63
C ILE E 275 32.49 -6.47 -42.17
N MET E 276 32.60 -5.25 -42.67
CA MET E 276 33.83 -4.81 -43.33
C MET E 276 34.42 -3.54 -42.78
N LEU E 277 35.76 -3.42 -42.93
CA LEU E 277 36.53 -2.23 -42.60
C LEU E 277 37.24 -1.80 -43.88
N SER E 278 37.16 -0.51 -44.24
CA SER E 278 37.80 0.00 -45.44
C SER E 278 38.98 0.93 -45.07
N GLY E 279 38.77 2.25 -44.99
CA GLY E 279 39.79 3.20 -44.59
C GLY E 279 40.31 2.95 -43.19
N GLU E 280 39.45 2.38 -42.31
CA GLU E 280 39.80 2.10 -40.92
C GLU E 280 41.02 1.18 -40.82
N THR E 281 41.22 0.28 -41.79
CA THR E 281 42.36 -0.62 -41.77
C THR E 281 43.35 -0.32 -42.92
N ALA E 282 42.86 0.17 -44.07
CA ALA E 282 43.73 0.43 -45.21
C ALA E 282 44.65 1.63 -45.00
N LYS E 283 44.15 2.70 -44.37
CA LYS E 283 44.93 3.92 -44.22
C LYS E 283 44.91 4.57 -42.85
N GLY E 284 44.13 4.03 -41.92
CA GLY E 284 43.97 4.66 -40.62
C GLY E 284 45.09 4.45 -39.64
N ASN E 285 45.03 5.16 -38.51
CA ASN E 285 46.02 5.06 -37.45
C ASN E 285 45.77 3.97 -36.44
N PHE E 286 44.57 3.31 -36.49
CA PHE E 286 44.26 2.25 -35.54
C PHE E 286 43.67 1.01 -36.25
N PRO E 287 44.38 0.40 -37.25
CA PRO E 287 43.82 -0.75 -37.94
C PRO E 287 43.52 -1.96 -37.05
N VAL E 288 44.44 -2.29 -36.13
CA VAL E 288 44.26 -3.44 -35.26
C VAL E 288 43.10 -3.19 -34.28
N GLU E 289 43.03 -1.97 -33.72
CA GLU E 289 41.96 -1.59 -32.78
C GLU E 289 40.57 -1.59 -33.46
N ALA E 290 40.51 -1.24 -34.77
CA ALA E 290 39.26 -1.27 -35.51
C ALA E 290 38.76 -2.71 -35.64
N VAL E 291 39.67 -3.66 -35.90
CA VAL E 291 39.32 -5.08 -36.01
C VAL E 291 38.86 -5.58 -34.64
N LYS E 292 39.58 -5.21 -33.58
CA LYS E 292 39.23 -5.62 -32.22
C LYS E 292 37.83 -5.11 -31.82
N MET E 293 37.49 -3.88 -32.23
CA MET E 293 36.20 -3.27 -31.92
C MET E 293 35.09 -4.02 -32.64
N GLN E 294 35.27 -4.34 -33.94
CA GLN E 294 34.26 -5.10 -34.69
C GLN E 294 34.09 -6.48 -34.08
N HIS E 295 35.19 -7.11 -33.63
CA HIS E 295 35.12 -8.42 -32.98
C HIS E 295 34.28 -8.35 -31.70
N ALA E 296 34.57 -7.38 -30.84
CA ALA E 296 33.89 -7.21 -29.55
C ALA E 296 32.39 -6.92 -29.73
N ILE E 297 32.04 -6.03 -30.67
CA ILE E 297 30.64 -5.71 -30.92
C ILE E 297 29.88 -6.90 -31.51
N ALA E 298 30.46 -7.57 -32.52
CA ALA E 298 29.80 -8.71 -33.16
C ALA E 298 29.46 -9.81 -32.17
N ARG E 299 30.38 -10.12 -31.23
CA ARG E 299 30.11 -11.16 -30.23
C ARG E 299 28.91 -10.77 -29.36
N GLU E 300 28.83 -9.50 -28.93
CA GLU E 300 27.73 -9.03 -28.11
C GLU E 300 26.42 -9.08 -28.90
N ALA E 301 26.44 -8.66 -30.18
CA ALA E 301 25.24 -8.61 -31.00
C ALA E 301 24.72 -9.98 -31.36
N GLU E 302 25.61 -10.97 -31.60
CA GLU E 302 25.21 -12.35 -31.91
C GLU E 302 24.47 -13.00 -30.75
N ALA E 303 24.90 -12.72 -29.51
CA ALA E 303 24.19 -13.25 -28.35
C ALA E 303 22.77 -12.61 -28.22
N ALA E 304 22.60 -11.37 -28.68
CA ALA E 304 21.33 -10.63 -28.64
C ALA E 304 20.37 -10.98 -29.77
N VAL E 305 20.75 -11.87 -30.70
CA VAL E 305 19.86 -12.29 -31.79
C VAL E 305 18.67 -13.07 -31.16
N TYR E 306 17.43 -12.76 -31.59
CA TYR E 306 16.24 -13.43 -31.07
C TYR E 306 16.02 -14.71 -31.88
N HIS E 307 16.79 -15.77 -31.60
CA HIS E 307 16.75 -17.04 -32.33
C HIS E 307 15.39 -17.69 -32.40
N ARG E 308 14.57 -17.57 -31.36
CA ARG E 308 13.24 -18.19 -31.33
C ARG E 308 12.39 -17.73 -32.51
N GLN E 309 12.38 -16.42 -32.79
CA GLN E 309 11.61 -15.93 -33.93
C GLN E 309 12.38 -16.16 -35.24
N LEU E 310 13.70 -15.88 -35.24
CA LEU E 310 14.52 -16.03 -36.42
C LEU E 310 14.47 -17.46 -37.00
N PHE E 311 14.70 -18.49 -36.18
CA PHE E 311 14.67 -19.88 -36.65
C PHE E 311 13.29 -20.24 -37.15
N GLU E 312 12.23 -19.84 -36.42
CA GLU E 312 10.86 -20.11 -36.81
CA GLU E 312 10.87 -20.11 -36.85
C GLU E 312 10.56 -19.50 -38.18
N GLU E 313 10.99 -18.25 -38.41
CA GLU E 313 10.75 -17.58 -39.69
C GLU E 313 11.61 -18.14 -40.83
N LEU E 314 12.86 -18.53 -40.53
CA LEU E 314 13.74 -19.08 -41.57
C LEU E 314 13.20 -20.44 -41.98
N ARG E 315 12.86 -21.27 -41.01
CA ARG E 315 12.26 -22.59 -41.16
C ARG E 315 10.96 -22.50 -42.00
N ARG E 316 10.12 -21.51 -41.72
CA ARG E 316 8.84 -21.31 -42.41
C ARG E 316 9.00 -20.79 -43.84
N ALA E 317 9.95 -19.90 -44.07
CA ALA E 317 10.17 -19.33 -45.39
C ALA E 317 10.97 -20.23 -46.31
N ALA E 318 11.88 -21.09 -45.77
CA ALA E 318 12.72 -21.99 -46.58
C ALA E 318 11.83 -23.01 -47.22
N PRO E 319 11.90 -23.15 -48.55
CA PRO E 319 10.97 -24.04 -49.24
C PRO E 319 11.15 -25.49 -48.89
N LEU E 320 10.12 -26.31 -49.15
CA LEU E 320 10.21 -27.75 -48.98
C LEU E 320 11.25 -28.27 -49.98
N SER E 321 11.99 -29.30 -49.59
CA SER E 321 13.06 -29.79 -50.42
C SER E 321 13.18 -31.26 -50.39
N ARG E 322 13.53 -31.84 -51.53
CA ARG E 322 13.82 -33.26 -51.64
CA ARG E 322 13.82 -33.26 -51.58
C ARG E 322 15.34 -33.52 -51.74
N ASP E 323 16.18 -32.49 -51.48
CA ASP E 323 17.63 -32.60 -51.50
C ASP E 323 18.06 -33.09 -50.12
N PRO E 324 18.72 -34.25 -50.03
CA PRO E 324 19.11 -34.77 -48.71
C PRO E 324 20.04 -33.88 -47.88
N THR E 325 20.89 -33.05 -48.50
CA THR E 325 21.76 -32.14 -47.75
C THR E 325 20.91 -31.08 -47.05
N GLU E 326 19.93 -30.52 -47.77
CA GLU E 326 18.99 -29.50 -47.26
C GLU E 326 18.15 -30.11 -46.11
N VAL E 327 17.65 -31.35 -46.30
CA VAL E 327 16.84 -32.04 -45.31
C VAL E 327 17.66 -32.34 -44.05
N THR E 328 18.90 -32.81 -44.23
CA THR E 328 19.77 -33.10 -43.10
C THR E 328 20.11 -31.84 -42.34
N ALA E 329 20.41 -30.73 -43.06
CA ALA E 329 20.78 -29.48 -42.43
C ALA E 329 19.68 -28.94 -41.46
N ILE E 330 18.42 -28.96 -41.88
CA ILE E 330 17.35 -28.46 -41.00
C ILE E 330 17.14 -29.41 -39.81
N GLY E 331 17.28 -30.71 -40.03
CA GLY E 331 17.18 -31.69 -38.95
C GLY E 331 18.28 -31.51 -37.93
N ALA E 332 19.52 -31.24 -38.40
CA ALA E 332 20.69 -31.02 -37.55
C ALA E 332 20.55 -29.74 -36.73
N VAL E 333 20.05 -28.64 -37.36
CA VAL E 333 19.90 -27.37 -36.65
C VAL E 333 18.79 -27.51 -35.57
N GLU E 334 17.71 -28.21 -35.89
CA GLU E 334 16.61 -28.49 -34.95
C GLU E 334 17.17 -29.27 -33.75
N ALA E 335 17.93 -30.34 -34.03
CA ALA E 335 18.56 -31.16 -32.99
C ALA E 335 19.51 -30.33 -32.12
N ALA E 336 20.33 -29.46 -32.73
CA ALA E 336 21.27 -28.62 -31.99
C ALA E 336 20.54 -27.69 -31.00
N PHE E 337 19.41 -27.07 -31.43
CA PHE E 337 18.63 -26.21 -30.56
C PHE E 337 18.00 -26.99 -29.39
N LYS E 338 17.54 -28.22 -29.66
CA LYS E 338 16.90 -29.08 -28.66
C LYS E 338 17.82 -29.43 -27.48
N CYS E 339 19.12 -29.64 -27.74
CA CYS E 339 20.04 -30.01 -26.68
C CYS E 339 21.03 -28.94 -26.31
N CYS E 340 20.93 -27.72 -26.88
CA CYS E 340 21.89 -26.64 -26.66
C CYS E 340 23.29 -27.13 -27.04
N ALA E 341 23.40 -27.82 -28.19
CA ALA E 341 24.67 -28.40 -28.66
C ALA E 341 25.73 -27.34 -28.75
N ALA E 342 26.93 -27.66 -28.28
CA ALA E 342 28.04 -26.73 -28.33
C ALA E 342 28.48 -26.47 -29.78
N ALA E 343 28.35 -27.50 -30.66
CA ALA E 343 28.73 -27.34 -32.07
C ALA E 343 28.07 -28.37 -33.00
N ILE E 344 28.04 -28.07 -34.29
CA ILE E 344 27.61 -28.97 -35.33
C ILE E 344 28.90 -29.19 -36.13
N ILE E 345 29.44 -30.41 -36.13
CA ILE E 345 30.65 -30.71 -36.88
C ILE E 345 30.21 -31.28 -38.22
N VAL E 346 30.62 -30.63 -39.32
CA VAL E 346 30.21 -31.06 -40.64
C VAL E 346 31.42 -31.32 -41.54
N LEU E 347 31.35 -32.38 -42.35
CA LEU E 347 32.41 -32.67 -43.30
C LEU E 347 31.96 -32.09 -44.61
N THR E 348 32.80 -31.29 -45.26
CA THR E 348 32.43 -30.67 -46.52
C THR E 348 33.59 -30.57 -47.50
N THR E 349 33.29 -30.77 -48.79
CA THR E 349 34.31 -30.66 -49.85
C THR E 349 34.33 -29.23 -50.41
N THR E 350 33.16 -28.69 -50.76
CA THR E 350 33.03 -27.36 -51.37
C THR E 350 32.59 -26.27 -50.40
N GLY E 351 32.19 -26.65 -49.19
CA GLY E 351 31.64 -25.73 -48.20
C GLY E 351 30.12 -25.75 -48.19
N ARG E 352 29.46 -26.35 -49.22
CA ARG E 352 28.00 -26.34 -49.37
C ARG E 352 27.21 -26.90 -48.17
N SER E 353 27.63 -28.05 -47.60
CA SER E 353 26.92 -28.61 -46.44
C SER E 353 26.98 -27.65 -45.23
N ALA E 354 28.09 -26.93 -45.07
CA ALA E 354 28.24 -25.96 -43.98
C ALA E 354 27.35 -24.72 -44.26
N GLN E 355 27.29 -24.28 -45.52
CA GLN E 355 26.47 -23.15 -45.93
C GLN E 355 24.98 -23.43 -45.65
N LEU E 356 24.51 -24.66 -45.95
CA LEU E 356 23.13 -25.03 -45.72
C LEU E 356 22.79 -25.11 -44.21
N LEU E 357 23.77 -25.38 -43.36
CA LEU E 357 23.55 -25.39 -41.91
C LEU E 357 23.45 -23.91 -41.46
N SER E 358 24.41 -23.08 -41.92
CA SER E 358 24.53 -21.65 -41.60
CA SER E 358 24.49 -21.66 -41.56
C SER E 358 23.25 -20.86 -41.94
N ARG E 359 22.57 -21.22 -43.04
CA ARG E 359 21.38 -20.51 -43.46
C ARG E 359 20.24 -20.57 -42.41
N TYR E 360 20.25 -21.60 -41.52
CA TYR E 360 19.24 -21.70 -40.46
C TYR E 360 19.64 -20.99 -39.17
N ARG E 361 20.80 -20.28 -39.18
CA ARG E 361 21.34 -19.53 -38.08
C ARG E 361 21.33 -20.28 -36.74
N PRO E 362 21.98 -21.46 -36.68
CA PRO E 362 22.07 -22.14 -35.37
C PRO E 362 22.89 -21.31 -34.38
N ARG E 363 22.59 -21.45 -33.10
CA ARG E 363 23.40 -20.85 -32.05
C ARG E 363 24.71 -21.67 -31.93
N ALA E 364 24.65 -23.00 -32.16
CA ALA E 364 25.80 -23.90 -32.14
C ALA E 364 26.76 -23.50 -33.27
N ALA E 365 28.05 -23.48 -32.98
CA ALA E 365 29.09 -23.18 -33.97
C ALA E 365 29.10 -24.28 -35.02
N VAL E 366 29.25 -23.93 -36.31
CA VAL E 366 29.33 -24.94 -37.36
C VAL E 366 30.82 -25.17 -37.65
N ILE E 367 31.38 -26.27 -37.15
CA ILE E 367 32.79 -26.58 -37.37
C ILE E 367 32.91 -27.37 -38.67
N ALA E 368 33.42 -26.72 -39.73
CA ALA E 368 33.49 -27.36 -41.04
C ALA E 368 34.87 -27.95 -41.31
N VAL E 369 34.96 -29.27 -41.38
CA VAL E 369 36.22 -29.97 -41.64
C VAL E 369 36.33 -30.24 -43.12
N THR E 370 37.35 -29.70 -43.76
CA THR E 370 37.54 -29.88 -45.21
C THR E 370 39.00 -30.13 -45.58
N ARG E 371 39.22 -30.83 -46.70
CA ARG E 371 40.57 -31.01 -47.26
C ARG E 371 40.88 -29.86 -48.26
N SER E 372 39.85 -29.13 -48.73
CA SER E 372 40.06 -28.03 -49.67
C SER E 372 40.49 -26.75 -48.94
N ALA E 373 41.74 -26.31 -49.18
CA ALA E 373 42.24 -25.08 -48.58
C ALA E 373 41.41 -23.87 -49.04
N GLN E 374 41.00 -23.87 -50.32
CA GLN E 374 40.19 -22.79 -50.84
C GLN E 374 38.80 -22.77 -50.19
N ALA E 375 38.13 -23.94 -50.02
CA ALA E 375 36.82 -24.00 -49.37
C ALA E 375 36.94 -23.54 -47.91
N ALA E 376 38.04 -23.87 -47.23
CA ALA E 376 38.27 -23.45 -45.85
C ALA E 376 38.36 -21.92 -45.77
N ARG E 377 38.98 -21.26 -46.76
CA ARG E 377 39.08 -19.81 -46.76
C ARG E 377 37.72 -19.18 -47.12
N GLN E 378 37.05 -19.72 -48.14
CA GLN E 378 35.79 -19.20 -48.62
C GLN E 378 34.59 -19.34 -47.65
N VAL E 379 34.56 -20.37 -46.80
CA VAL E 379 33.43 -20.54 -45.88
C VAL E 379 33.36 -19.44 -44.79
N HIS E 380 34.39 -18.59 -44.69
CA HIS E 380 34.34 -17.42 -43.82
C HIS E 380 33.21 -16.47 -44.27
N LEU E 381 32.74 -16.57 -45.54
CA LEU E 381 31.64 -15.75 -46.03
C LEU E 381 30.30 -16.11 -45.32
N CYS E 382 30.16 -17.34 -44.76
CA CYS E 382 28.94 -17.83 -44.13
C CYS E 382 28.97 -17.68 -42.64
N ARG E 383 27.99 -16.95 -42.06
CA ARG E 383 27.99 -16.75 -40.61
C ARG E 383 28.01 -18.02 -39.80
N GLY E 384 28.85 -18.06 -38.79
CA GLY E 384 28.90 -19.18 -37.86
C GLY E 384 29.62 -20.42 -38.34
N VAL E 385 30.34 -20.33 -39.47
CA VAL E 385 31.12 -21.46 -39.96
C VAL E 385 32.59 -21.25 -39.58
N PHE E 386 33.16 -22.22 -38.86
CA PHE E 386 34.55 -22.21 -38.39
C PHE E 386 35.31 -23.29 -39.18
N PRO E 387 36.09 -22.86 -40.19
CA PRO E 387 36.80 -23.84 -41.02
C PRO E 387 38.02 -24.49 -40.38
N LEU E 388 38.14 -25.81 -40.56
CA LEU E 388 39.31 -26.57 -40.12
C LEU E 388 39.87 -27.28 -41.34
N LEU E 389 41.11 -26.93 -41.73
CA LEU E 389 41.75 -27.57 -42.88
C LEU E 389 42.41 -28.88 -42.44
N TYR E 390 41.94 -30.01 -42.97
CA TYR E 390 42.46 -31.34 -42.67
C TYR E 390 43.55 -31.69 -43.70
N ARG E 391 44.76 -32.04 -43.25
CA ARG E 391 45.87 -32.29 -44.16
C ARG E 391 46.30 -33.77 -44.24
N GLU E 392 45.82 -34.63 -43.34
CA GLU E 392 46.21 -36.02 -43.31
CA GLU E 392 46.21 -36.02 -43.31
C GLU E 392 45.78 -36.82 -44.55
N PRO E 393 46.62 -37.78 -44.98
CA PRO E 393 46.26 -38.57 -46.16
C PRO E 393 45.09 -39.50 -45.86
N PRO E 394 44.29 -39.84 -46.88
CA PRO E 394 43.13 -40.71 -46.64
C PRO E 394 43.43 -42.10 -46.10
N GLU E 395 42.58 -42.56 -45.19
CA GLU E 395 42.63 -43.91 -44.65
C GLU E 395 42.19 -44.88 -45.76
N ALA E 396 42.60 -46.15 -45.66
CA ALA E 396 42.22 -47.16 -46.64
C ALA E 396 40.72 -47.42 -46.61
N ILE E 397 40.13 -47.45 -45.41
CA ILE E 397 38.69 -47.63 -45.26
C ILE E 397 38.04 -46.24 -45.16
N TRP E 398 37.19 -45.89 -46.14
CA TRP E 398 36.53 -44.58 -46.19
C TRP E 398 35.80 -44.21 -44.90
N ALA E 399 35.05 -45.15 -44.29
CA ALA E 399 34.34 -44.90 -43.03
C ALA E 399 35.29 -44.49 -41.91
N ASP E 400 36.51 -45.06 -41.88
CA ASP E 400 37.52 -44.69 -40.88
C ASP E 400 38.07 -43.31 -41.17
N ASP E 401 38.20 -42.93 -42.47
CA ASP E 401 38.68 -41.62 -42.86
C ASP E 401 37.66 -40.53 -42.43
N VAL E 402 36.34 -40.86 -42.53
CA VAL E 402 35.26 -39.97 -42.11
C VAL E 402 35.38 -39.79 -40.58
N ASP E 403 35.52 -40.91 -39.85
CA ASP E 403 35.67 -40.90 -38.40
CA ASP E 403 35.66 -40.89 -38.39
C ASP E 403 36.88 -40.09 -37.93
N ARG E 404 38.00 -40.19 -38.63
CA ARG E 404 39.20 -39.45 -38.26
C ARG E 404 38.99 -37.95 -38.40
N ARG E 405 38.24 -37.52 -39.43
CA ARG E 405 37.93 -36.13 -39.67
C ARG E 405 36.95 -35.57 -38.62
N VAL E 406 36.02 -36.41 -38.13
CA VAL E 406 35.09 -36.04 -37.07
C VAL E 406 35.90 -35.85 -35.78
N GLN E 407 36.82 -36.80 -35.48
CA GLN E 407 37.69 -36.70 -34.30
C GLN E 407 38.60 -35.49 -34.35
N PHE E 408 39.08 -35.13 -35.55
CA PHE E 408 39.89 -33.92 -35.74
C PHE E 408 39.07 -32.66 -35.40
N GLY E 409 37.80 -32.65 -35.79
CA GLY E 409 36.90 -31.55 -35.46
C GLY E 409 36.69 -31.45 -33.95
N ILE E 410 36.49 -32.59 -33.29
CA ILE E 410 36.30 -32.63 -31.83
C ILE E 410 37.55 -32.14 -31.08
N GLU E 411 38.74 -32.65 -31.48
CA GLU E 411 39.97 -32.24 -30.84
CA GLU E 411 40.02 -32.25 -30.87
C GLU E 411 40.28 -30.76 -31.08
N SER E 412 40.04 -30.25 -32.30
CA SER E 412 40.25 -28.83 -32.60
C SER E 412 39.29 -27.94 -31.80
N GLY E 413 38.06 -28.41 -31.63
CA GLY E 413 37.04 -27.71 -30.86
C GLY E 413 37.40 -27.64 -29.40
N LYS E 414 37.88 -28.77 -28.82
CA LYS E 414 38.29 -28.80 -27.41
C LYS E 414 39.45 -27.84 -27.18
N LEU E 415 40.44 -27.86 -28.08
CA LEU E 415 41.62 -27.00 -28.01
C LEU E 415 41.25 -25.54 -28.10
N ARG E 416 40.33 -25.19 -29.00
CA ARG E 416 39.92 -23.79 -29.18
C ARG E 416 38.86 -23.28 -28.20
N GLY E 417 38.38 -24.13 -27.30
CA GLY E 417 37.39 -23.73 -26.31
C GLY E 417 35.94 -23.87 -26.72
N PHE E 418 35.67 -24.37 -27.94
CA PHE E 418 34.31 -24.58 -28.42
C PHE E 418 33.61 -25.72 -27.65
N LEU E 419 34.37 -26.77 -27.31
CA LEU E 419 33.83 -27.96 -26.70
C LEU E 419 34.54 -28.35 -25.42
N ARG E 420 33.81 -29.06 -24.56
CA ARG E 420 34.36 -29.62 -23.33
C ARG E 420 33.73 -31.00 -23.13
N VAL E 421 34.34 -31.84 -22.29
CA VAL E 421 33.83 -33.17 -22.00
C VAL E 421 32.44 -33.06 -21.36
N GLY E 422 31.49 -33.85 -21.85
CA GLY E 422 30.12 -33.77 -21.38
C GLY E 422 29.21 -33.00 -22.32
N ASP E 423 29.77 -32.19 -23.24
CA ASP E 423 28.97 -31.45 -24.21
C ASP E 423 28.34 -32.40 -25.24
N LEU E 424 27.25 -31.95 -25.87
CA LEU E 424 26.64 -32.70 -26.95
C LEU E 424 26.98 -31.98 -28.25
N VAL E 425 27.25 -32.74 -29.30
CA VAL E 425 27.50 -32.18 -30.62
C VAL E 425 26.67 -32.92 -31.65
N ILE E 426 26.35 -32.22 -32.72
CA ILE E 426 25.64 -32.82 -33.84
C ILE E 426 26.71 -33.04 -34.92
N VAL E 427 26.78 -34.23 -35.49
CA VAL E 427 27.78 -34.54 -36.53
C VAL E 427 27.06 -34.80 -37.84
N VAL E 428 27.43 -34.04 -38.87
CA VAL E 428 26.80 -34.13 -40.19
C VAL E 428 27.79 -34.68 -41.24
N THR E 429 27.48 -35.84 -41.82
CA THR E 429 28.32 -36.54 -42.81
C THR E 429 27.44 -37.08 -43.98
N GLY E 430 28.07 -37.77 -44.96
CA GLY E 430 27.38 -38.35 -46.11
C GLY E 430 27.54 -39.85 -46.21
N TRP E 431 26.84 -40.47 -47.18
CA TRP E 431 26.83 -41.92 -47.34
C TRP E 431 27.92 -42.48 -48.27
N ARG E 432 28.48 -41.63 -49.13
CA ARG E 432 29.53 -42.02 -50.06
C ARG E 432 30.51 -40.84 -50.27
N PRO E 433 31.75 -41.09 -50.77
CA PRO E 433 32.68 -39.97 -50.98
C PRO E 433 32.23 -39.02 -52.09
N GLY E 434 32.82 -37.83 -52.13
CA GLY E 434 32.46 -36.83 -53.11
C GLY E 434 31.42 -35.87 -52.58
N SER E 435 31.38 -34.67 -53.16
CA SER E 435 30.47 -33.60 -52.79
CA SER E 435 30.45 -33.62 -52.76
C SER E 435 29.03 -33.91 -53.23
N GLY E 436 28.04 -33.50 -52.42
CA GLY E 436 26.64 -33.67 -52.78
C GLY E 436 25.89 -34.84 -52.17
N TYR E 437 26.52 -35.59 -51.28
CA TYR E 437 25.89 -36.78 -50.69
C TYR E 437 25.65 -36.70 -49.17
N THR E 438 25.71 -35.49 -48.57
CA THR E 438 25.42 -35.37 -47.12
C THR E 438 23.98 -35.85 -46.84
N ASN E 439 23.82 -36.76 -45.88
CA ASN E 439 22.50 -37.31 -45.58
C ASN E 439 22.39 -37.88 -44.15
N ILE E 440 23.41 -37.66 -43.30
CA ILE E 440 23.42 -38.24 -41.96
C ILE E 440 23.64 -37.23 -40.86
N MET E 441 22.86 -37.34 -39.80
CA MET E 441 23.03 -36.51 -38.63
CA MET E 441 22.93 -36.49 -38.61
C MET E 441 23.12 -37.44 -37.40
N ARG E 442 24.14 -37.21 -36.57
CA ARG E 442 24.38 -38.04 -35.40
C ARG E 442 24.50 -37.18 -34.16
N VAL E 443 23.93 -37.63 -33.03
CA VAL E 443 24.08 -36.85 -31.78
C VAL E 443 25.11 -37.57 -30.94
N LEU E 444 26.20 -36.88 -30.65
CA LEU E 444 27.35 -37.46 -29.98
C LEU E 444 27.71 -36.74 -28.69
N SER E 445 28.07 -37.51 -27.66
CA SER E 445 28.48 -36.95 -26.38
CA SER E 445 28.48 -36.95 -26.38
C SER E 445 30.00 -36.85 -26.38
N ILE E 446 30.55 -35.69 -26.03
CA ILE E 446 31.98 -35.47 -26.01
C ILE E 446 32.64 -36.17 -24.82
N SER E 447 33.60 -37.04 -25.09
CA SER E 447 34.34 -37.78 -24.06
C SER E 447 35.80 -37.31 -23.97
N ALA F 13 6.24 -19.90 -53.11
CA ALA F 13 7.68 -20.05 -53.27
C ALA F 13 8.23 -21.16 -52.36
N ASP F 14 7.67 -21.29 -51.16
CA ASP F 14 8.07 -22.34 -50.21
C ASP F 14 7.61 -23.74 -50.67
N VAL F 15 6.69 -23.84 -51.63
CA VAL F 15 6.22 -25.13 -52.14
C VAL F 15 6.34 -25.24 -53.66
N ALA F 16 6.79 -24.18 -54.38
CA ALA F 16 6.87 -24.15 -55.85
C ALA F 16 7.75 -25.24 -56.49
N GLN F 17 9.00 -25.43 -56.01
CA GLN F 17 9.84 -26.49 -56.57
C GLN F 17 9.27 -27.89 -56.28
N LEU F 18 8.75 -28.13 -55.06
CA LEU F 18 8.15 -29.42 -54.75
C LEU F 18 6.87 -29.65 -55.51
N THR F 19 6.11 -28.58 -55.83
CA THR F 19 4.88 -28.70 -56.60
C THR F 19 5.21 -29.08 -58.05
N GLN F 20 6.29 -28.53 -58.60
CA GLN F 20 6.71 -28.87 -59.96
C GLN F 20 7.15 -30.34 -60.04
N GLU F 21 7.88 -30.81 -59.02
CA GLU F 21 8.38 -32.19 -58.95
C GLU F 21 7.31 -33.23 -58.62
N LEU F 22 6.52 -33.00 -57.55
CA LEU F 22 5.50 -33.95 -57.13
C LEU F 22 4.17 -33.80 -57.85
N GLY F 23 3.91 -32.63 -58.41
CA GLY F 23 2.68 -32.37 -59.14
C GLY F 23 1.62 -31.62 -58.33
N THR F 24 0.69 -30.96 -59.03
CA THR F 24 -0.41 -30.24 -58.37
C THR F 24 -1.38 -31.23 -57.75
N ALA F 25 -1.57 -32.42 -58.35
CA ALA F 25 -2.50 -33.41 -57.78
C ALA F 25 -2.02 -33.88 -56.41
N PHE F 26 -0.70 -34.04 -56.21
CA PHE F 26 -0.15 -34.45 -54.92
C PHE F 26 -0.54 -33.41 -53.83
N PHE F 27 -0.41 -32.12 -54.15
CA PHE F 27 -0.69 -31.05 -53.20
C PHE F 27 -2.18 -30.73 -53.03
N GLN F 28 -3.08 -31.42 -53.75
CA GLN F 28 -4.51 -31.26 -53.59
C GLN F 28 -5.08 -32.32 -52.63
N GLN F 29 -4.42 -33.49 -52.51
CA GLN F 29 -4.83 -34.58 -51.63
C GLN F 29 -4.40 -34.33 -50.17
N GLN F 30 -4.86 -35.21 -49.26
CA GLN F 30 -4.58 -35.26 -47.82
C GLN F 30 -4.66 -33.92 -47.13
N GLN F 31 -5.60 -33.05 -47.57
CA GLN F 31 -5.81 -31.71 -47.00
C GLN F 31 -4.55 -30.87 -46.98
N LEU F 32 -3.67 -31.04 -47.99
CA LEU F 32 -2.44 -30.26 -48.06
C LEU F 32 -2.68 -28.76 -48.25
N PRO F 33 -3.69 -28.27 -49.03
CA PRO F 33 -3.92 -26.82 -49.05
C PRO F 33 -4.25 -26.31 -47.64
N ALA F 34 -5.08 -27.03 -46.87
CA ALA F 34 -5.42 -26.64 -45.50
C ALA F 34 -4.21 -26.73 -44.56
N ALA F 35 -3.28 -27.65 -44.85
CA ALA F 35 -2.05 -27.81 -44.09
C ALA F 35 -1.09 -26.63 -44.29
N MET F 36 -1.10 -26.01 -45.48
CA MET F 36 -0.22 -24.87 -45.75
C MET F 36 -0.77 -23.52 -45.24
N ALA F 37 -1.97 -23.49 -44.64
CA ALA F 37 -2.56 -22.25 -44.20
C ALA F 37 -1.77 -21.53 -43.11
N ASP F 38 -1.82 -20.20 -43.11
CA ASP F 38 -1.09 -19.37 -42.16
C ASP F 38 -1.80 -19.17 -40.83
N THR F 39 -3.11 -19.42 -40.77
CA THR F 39 -3.88 -19.34 -39.51
C THR F 39 -4.79 -20.56 -39.40
N PHE F 40 -5.24 -20.87 -38.18
CA PHE F 40 -6.16 -21.99 -37.95
C PHE F 40 -7.49 -21.70 -38.68
N LEU F 41 -7.96 -20.44 -38.66
CA LEU F 41 -9.20 -20.06 -39.33
C LEU F 41 -9.10 -20.34 -40.84
N GLU F 42 -7.98 -19.95 -41.48
CA GLU F 42 -7.73 -20.20 -42.92
CA GLU F 42 -7.78 -20.21 -42.90
C GLU F 42 -7.65 -21.71 -43.18
N HIS F 43 -7.06 -22.47 -42.23
CA HIS F 43 -6.91 -23.93 -42.32
C HIS F 43 -8.31 -24.55 -42.40
N LEU F 44 -9.23 -24.12 -41.52
CA LEU F 44 -10.61 -24.64 -41.54
C LEU F 44 -11.28 -24.30 -42.87
N CYS F 45 -11.14 -23.04 -43.33
CA CYS F 45 -11.73 -22.56 -44.60
C CYS F 45 -11.24 -23.36 -45.80
N LEU F 46 -10.02 -23.94 -45.72
CA LEU F 46 -9.45 -24.70 -46.84
C LEU F 46 -9.72 -26.20 -46.80
N LEU F 47 -10.40 -26.72 -45.75
CA LEU F 47 -10.74 -28.15 -45.67
C LEU F 47 -11.65 -28.50 -46.86
N ASP F 48 -11.35 -29.60 -47.53
CA ASP F 48 -12.01 -29.95 -48.77
C ASP F 48 -12.50 -31.40 -48.73
N ILE F 49 -13.81 -31.63 -48.90
CA ILE F 49 -14.36 -32.99 -48.96
C ILE F 49 -13.83 -33.80 -50.18
N ASP F 50 -13.32 -33.11 -51.22
CA ASP F 50 -12.77 -33.76 -52.40
C ASP F 50 -11.26 -34.05 -52.28
N SER F 51 -10.62 -33.65 -51.18
CA SER F 51 -9.21 -33.88 -50.93
C SER F 51 -9.07 -35.19 -50.17
N GLU F 52 -8.81 -36.28 -50.94
CA GLU F 52 -8.77 -37.64 -50.41
C GLU F 52 -7.59 -37.96 -49.50
N PRO F 53 -7.84 -38.70 -48.40
CA PRO F 53 -6.73 -39.11 -47.54
C PRO F 53 -5.81 -40.09 -48.26
N VAL F 54 -4.49 -39.90 -48.11
CA VAL F 54 -3.49 -40.73 -48.75
C VAL F 54 -2.83 -41.67 -47.71
N ALA F 55 -2.40 -41.11 -46.59
CA ALA F 55 -1.64 -41.82 -45.56
C ALA F 55 -2.40 -42.95 -44.88
N ALA F 56 -1.66 -43.93 -44.35
CA ALA F 56 -2.27 -45.03 -43.61
C ALA F 56 -2.86 -44.45 -42.30
N ARG F 57 -3.94 -45.06 -41.83
CA ARG F 57 -4.61 -44.63 -40.60
C ARG F 57 -3.70 -44.77 -39.42
N SER F 58 -3.45 -43.67 -38.74
CA SER F 58 -2.52 -43.63 -37.64
C SER F 58 -3.12 -43.79 -36.21
N THR F 59 -4.40 -43.45 -36.00
CA THR F 59 -5.03 -43.60 -34.69
C THR F 59 -5.48 -45.03 -34.54
N SER F 60 -5.01 -45.73 -33.50
CA SER F 60 -5.41 -47.14 -33.31
C SER F 60 -6.82 -47.32 -32.88
N ILE F 61 -7.41 -48.43 -33.29
CA ILE F 61 -8.76 -48.78 -32.92
C ILE F 61 -8.72 -49.91 -31.89
N ILE F 62 -9.37 -49.68 -30.75
CA ILE F 62 -9.52 -50.70 -29.73
C ILE F 62 -10.92 -51.25 -29.87
N ALA F 63 -11.07 -52.57 -30.07
CA ALA F 63 -12.38 -53.15 -30.18
C ALA F 63 -12.61 -54.08 -28.99
N THR F 64 -13.75 -53.97 -28.34
CA THR F 64 -14.08 -54.84 -27.22
C THR F 64 -14.54 -56.17 -27.77
N ILE F 65 -13.90 -57.26 -27.30
CA ILE F 65 -14.25 -58.59 -27.78
C ILE F 65 -15.25 -59.26 -26.84
N GLY F 66 -16.42 -59.58 -27.36
CA GLY F 66 -17.49 -60.23 -26.60
C GLY F 66 -18.31 -61.19 -27.44
N PRO F 67 -19.56 -61.46 -27.02
CA PRO F 67 -20.41 -62.40 -27.77
C PRO F 67 -20.55 -62.18 -29.28
N ALA F 68 -20.59 -60.91 -29.72
CA ALA F 68 -20.77 -60.62 -31.15
C ALA F 68 -19.49 -60.64 -31.97
N SER F 69 -18.34 -60.72 -31.31
CA SER F 69 -17.06 -60.63 -32.01
C SER F 69 -16.03 -61.65 -31.54
N ARG F 70 -16.48 -62.77 -31.02
CA ARG F 70 -15.65 -63.83 -30.44
C ARG F 70 -15.10 -64.91 -31.35
N SER F 71 -15.84 -65.25 -32.41
CA SER F 71 -15.40 -66.32 -33.30
C SER F 71 -14.12 -65.96 -34.04
N VAL F 72 -13.32 -66.99 -34.37
CA VAL F 72 -12.07 -66.82 -35.09
C VAL F 72 -12.32 -66.17 -36.45
N GLU F 73 -13.36 -66.59 -37.15
CA GLU F 73 -13.71 -66.03 -38.45
C GLU F 73 -14.09 -64.55 -38.37
N ARG F 74 -14.86 -64.20 -37.34
CA ARG F 74 -15.29 -62.81 -37.13
C ARG F 74 -14.06 -61.95 -36.75
N LEU F 75 -13.18 -62.49 -35.91
CA LEU F 75 -11.97 -61.80 -35.49
C LEU F 75 -11.03 -61.53 -36.65
N LYS F 76 -10.94 -62.45 -37.65
CA LYS F 76 -10.10 -62.23 -38.82
C LYS F 76 -10.65 -61.04 -39.61
N GLU F 77 -11.99 -60.93 -39.73
CA GLU F 77 -12.66 -59.81 -40.41
CA GLU F 77 -12.60 -59.80 -40.42
C GLU F 77 -12.37 -58.49 -39.68
N MET F 78 -12.38 -58.51 -38.33
CA MET F 78 -12.10 -57.32 -37.52
CA MET F 78 -12.12 -57.32 -37.54
C MET F 78 -10.66 -56.85 -37.67
N ILE F 79 -9.73 -57.80 -37.79
CA ILE F 79 -8.33 -57.47 -37.98
C ILE F 79 -8.16 -56.83 -39.35
N LYS F 80 -8.80 -57.40 -40.38
CA LYS F 80 -8.74 -56.84 -41.74
C LYS F 80 -9.43 -55.45 -41.81
N ALA F 81 -10.48 -55.24 -41.01
CA ALA F 81 -11.19 -53.94 -40.96
C ALA F 81 -10.36 -52.84 -40.25
N GLY F 82 -9.39 -53.25 -39.43
CA GLY F 82 -8.51 -52.30 -38.76
C GLY F 82 -8.32 -52.40 -37.26
N MET F 83 -8.89 -53.40 -36.59
CA MET F 83 -8.69 -53.55 -35.13
C MET F 83 -7.21 -53.72 -34.78
N ASN F 84 -6.68 -52.90 -33.86
CA ASN F 84 -5.29 -52.97 -33.46
C ASN F 84 -5.12 -53.52 -32.05
N ILE F 85 -6.13 -53.28 -31.17
CA ILE F 85 -6.10 -53.69 -29.78
C ILE F 85 -7.43 -54.36 -29.45
N ALA F 86 -7.39 -55.56 -28.87
CA ALA F 86 -8.56 -56.31 -28.47
C ALA F 86 -8.75 -56.08 -26.97
N ARG F 87 -9.91 -55.56 -26.57
CA ARG F 87 -10.20 -55.26 -25.18
C ARG F 87 -11.08 -56.35 -24.58
N LEU F 88 -10.72 -56.83 -23.38
CA LEU F 88 -11.55 -57.81 -22.67
C LEU F 88 -12.06 -57.12 -21.44
N ASN F 89 -13.37 -57.02 -21.33
CA ASN F 89 -13.98 -56.33 -20.21
C ASN F 89 -14.26 -57.30 -19.06
N PHE F 90 -13.43 -57.24 -18.01
CA PHE F 90 -13.58 -58.13 -16.86
C PHE F 90 -14.75 -57.74 -15.92
N SER F 91 -15.59 -56.77 -16.33
CA SER F 91 -16.85 -56.49 -15.62
C SER F 91 -17.90 -57.57 -16.00
N HIS F 92 -17.70 -58.27 -17.13
CA HIS F 92 -18.57 -59.33 -17.63
C HIS F 92 -17.76 -60.64 -17.80
N GLY F 93 -18.48 -61.71 -18.13
CA GLY F 93 -17.90 -63.02 -18.37
C GLY F 93 -17.23 -63.64 -17.17
N SER F 94 -16.29 -64.53 -17.44
CA SER F 94 -15.52 -65.25 -16.44
C SER F 94 -14.07 -65.41 -16.95
N HIS F 95 -13.18 -65.97 -16.13
CA HIS F 95 -11.81 -66.24 -16.56
C HIS F 95 -11.79 -67.21 -17.73
N GLU F 96 -12.64 -68.24 -17.68
CA GLU F 96 -12.72 -69.25 -18.73
C GLU F 96 -13.22 -68.64 -20.04
N TYR F 97 -14.24 -67.79 -19.95
CA TYR F 97 -14.82 -67.12 -21.11
C TYR F 97 -13.78 -66.21 -21.78
N HIS F 98 -13.10 -65.37 -21.00
CA HIS F 98 -12.10 -64.46 -21.52
C HIS F 98 -10.85 -65.17 -22.03
N ALA F 99 -10.45 -66.30 -21.42
CA ALA F 99 -9.31 -67.08 -21.93
C ALA F 99 -9.63 -67.62 -23.32
N GLU F 100 -10.87 -68.04 -23.55
CA GLU F 100 -11.28 -68.54 -24.86
C GLU F 100 -11.29 -67.41 -25.90
N SER F 101 -11.73 -66.20 -25.50
CA SER F 101 -11.71 -65.04 -26.39
C SER F 101 -10.25 -64.69 -26.76
N ILE F 102 -9.34 -64.71 -25.78
CA ILE F 102 -7.91 -64.45 -25.99
C ILE F 102 -7.33 -65.47 -26.97
N ALA F 103 -7.64 -66.78 -26.78
CA ALA F 103 -7.16 -67.83 -27.66
C ALA F 103 -7.67 -67.62 -29.09
N ASN F 104 -8.93 -67.20 -29.25
CA ASN F 104 -9.50 -66.94 -30.57
C ASN F 104 -8.85 -65.74 -31.24
N VAL F 105 -8.51 -64.69 -30.46
CA VAL F 105 -7.81 -63.50 -30.99
C VAL F 105 -6.45 -63.94 -31.48
N ARG F 106 -5.69 -64.68 -30.65
CA ARG F 106 -4.36 -65.18 -31.04
C ARG F 106 -4.40 -66.11 -32.25
N GLU F 107 -5.44 -66.95 -32.36
CA GLU F 107 -5.57 -67.83 -33.53
C GLU F 107 -5.81 -67.00 -34.80
N ALA F 108 -6.71 -65.99 -34.72
CA ALA F 108 -7.00 -65.13 -35.87
C ALA F 108 -5.77 -64.30 -36.24
N VAL F 109 -5.01 -63.79 -35.24
CA VAL F 109 -3.80 -63.01 -35.49
C VAL F 109 -2.75 -63.87 -36.16
N GLU F 110 -2.51 -65.10 -35.66
CA GLU F 110 -1.49 -65.97 -36.23
C GLU F 110 -1.86 -66.53 -37.60
N SER F 111 -3.13 -66.45 -38.03
CA SER F 111 -3.50 -66.88 -39.37
C SER F 111 -2.88 -65.99 -40.49
N PHE F 112 -2.39 -64.79 -40.13
CA PHE F 112 -1.74 -63.89 -41.09
C PHE F 112 -0.20 -63.85 -40.90
N ALA F 113 0.36 -64.67 -39.98
CA ALA F 113 1.80 -64.68 -39.67
C ALA F 113 2.71 -65.15 -40.79
N GLY F 114 2.15 -65.74 -41.84
CA GLY F 114 2.95 -66.17 -42.98
C GLY F 114 3.74 -65.08 -43.70
N SER F 115 3.37 -63.77 -43.55
CA SER F 115 4.08 -62.71 -44.30
C SER F 115 4.12 -61.34 -43.57
N PRO F 116 5.17 -60.50 -43.76
CA PRO F 116 5.17 -59.17 -43.12
C PRO F 116 4.10 -58.24 -43.70
N LEU F 117 3.67 -58.48 -44.96
CA LEU F 117 2.62 -57.76 -45.68
C LEU F 117 1.21 -58.10 -45.17
N SER F 118 1.09 -59.21 -44.48
CA SER F 118 -0.09 -59.85 -43.99
C SER F 118 -0.25 -59.65 -42.45
N TYR F 119 0.81 -59.89 -41.69
CA TYR F 119 0.79 -59.91 -40.25
C TYR F 119 0.40 -58.59 -39.61
N ARG F 120 -0.55 -58.65 -38.68
CA ARG F 120 -0.94 -57.48 -37.91
C ARG F 120 -0.83 -57.84 -36.44
N PRO F 121 0.21 -57.34 -35.74
CA PRO F 121 0.29 -57.60 -34.30
C PRO F 121 -0.91 -56.92 -33.64
N VAL F 122 -1.67 -57.68 -32.85
CA VAL F 122 -2.87 -57.13 -32.20
C VAL F 122 -2.61 -57.22 -30.71
N ALA F 123 -2.65 -56.09 -29.98
CA ALA F 123 -2.44 -56.12 -28.54
C ALA F 123 -3.67 -56.66 -27.80
N ILE F 124 -3.45 -57.25 -26.62
CA ILE F 124 -4.54 -57.76 -25.80
C ILE F 124 -4.58 -56.94 -24.53
N ALA F 125 -5.70 -56.28 -24.31
CA ALA F 125 -5.85 -55.40 -23.15
C ALA F 125 -6.93 -55.93 -22.20
N LEU F 126 -6.64 -55.89 -20.91
CA LEU F 126 -7.56 -56.36 -19.91
C LEU F 126 -8.13 -55.13 -19.22
N ASP F 127 -9.46 -54.98 -19.24
CA ASP F 127 -10.10 -53.84 -18.60
C ASP F 127 -10.70 -54.34 -17.28
N THR F 128 -10.21 -53.82 -16.16
CA THR F 128 -10.66 -54.29 -14.84
C THR F 128 -12.09 -53.88 -14.46
N LYS F 129 -12.72 -54.69 -13.60
CA LYS F 129 -14.04 -54.44 -13.07
C LYS F 129 -14.03 -53.15 -12.24
N GLY F 130 -12.99 -52.95 -11.44
CA GLY F 130 -12.85 -51.74 -10.65
C GLY F 130 -13.05 -51.93 -9.17
N PRO F 131 -12.85 -50.84 -8.40
CA PRO F 131 -12.98 -50.93 -6.94
C PRO F 131 -14.43 -51.00 -6.45
N PRO F 135 -12.62 -48.18 -2.65
CA PRO F 135 -11.77 -48.20 -1.45
C PRO F 135 -10.42 -48.88 -1.71
N GLY F 136 -9.83 -48.58 -2.87
CA GLY F 136 -8.58 -49.17 -3.31
C GLY F 136 -8.79 -50.42 -4.14
N LEU F 137 -7.69 -51.14 -4.45
CA LEU F 137 -7.73 -52.35 -5.27
C LEU F 137 -8.59 -53.47 -4.68
N SER F 138 -9.61 -53.88 -5.42
CA SER F 138 -10.52 -54.94 -4.98
C SER F 138 -9.88 -56.33 -5.08
N GLU F 139 -10.44 -57.33 -4.37
CA GLU F 139 -9.93 -58.70 -4.40
C GLU F 139 -10.15 -59.35 -5.74
N GLN F 140 -11.27 -59.04 -6.42
CA GLN F 140 -11.53 -59.58 -7.75
C GLN F 140 -10.51 -59.02 -8.76
N ASP F 141 -10.15 -57.73 -8.62
CA ASP F 141 -9.15 -57.13 -9.49
C ASP F 141 -7.79 -57.78 -9.31
N VAL F 142 -7.41 -58.15 -8.08
CA VAL F 142 -6.14 -58.86 -7.84
C VAL F 142 -6.13 -60.19 -8.60
N ARG F 143 -7.24 -60.94 -8.56
CA ARG F 143 -7.34 -62.21 -9.26
C ARG F 143 -7.35 -62.02 -10.79
N ASP F 144 -8.04 -60.99 -11.28
CA ASP F 144 -8.11 -60.71 -12.71
C ASP F 144 -6.77 -60.23 -13.24
N LEU F 145 -6.06 -59.41 -12.47
CA LEU F 145 -4.73 -58.94 -12.86
C LEU F 145 -3.75 -60.12 -12.93
N ARG F 146 -3.85 -61.06 -11.97
CA ARG F 146 -3.02 -62.27 -11.97
C ARG F 146 -3.33 -63.11 -13.21
N PHE F 147 -4.63 -63.21 -13.58
CA PHE F 147 -5.05 -63.92 -14.79
C PHE F 147 -4.38 -63.29 -16.02
N GLY F 148 -4.34 -61.96 -16.08
CA GLY F 148 -3.73 -61.22 -17.18
C GLY F 148 -2.27 -61.53 -17.37
N VAL F 149 -1.51 -61.56 -16.26
CA VAL F 149 -0.09 -61.89 -16.29
C VAL F 149 0.10 -63.33 -16.78
N GLU F 150 -0.69 -64.27 -16.24
CA GLU F 150 -0.59 -65.67 -16.63
C GLU F 150 -0.97 -65.90 -18.10
N HIS F 151 -1.88 -65.08 -18.64
CA HIS F 151 -2.28 -65.19 -20.03
C HIS F 151 -1.52 -64.27 -20.99
N GLY F 152 -0.49 -63.59 -20.51
CA GLY F 152 0.38 -62.72 -21.30
C GLY F 152 -0.26 -61.50 -21.94
N VAL F 153 -1.16 -60.82 -21.20
CA VAL F 153 -1.79 -59.62 -21.76
C VAL F 153 -0.73 -58.51 -21.90
N ASP F 154 -0.96 -57.60 -22.84
CA ASP F 154 -0.01 -56.52 -23.10
C ASP F 154 -0.31 -55.27 -22.32
N ILE F 155 -1.60 -55.00 -22.06
CA ILE F 155 -2.05 -53.76 -21.46
C ILE F 155 -3.13 -54.01 -20.42
N VAL F 156 -3.17 -53.16 -19.42
CA VAL F 156 -4.26 -53.16 -18.45
C VAL F 156 -4.93 -51.79 -18.52
N PHE F 157 -6.25 -51.76 -18.70
CA PHE F 157 -7.04 -50.53 -18.61
C PHE F 157 -7.58 -50.58 -17.17
N ALA F 158 -6.96 -49.84 -16.25
CA ALA F 158 -7.36 -49.87 -14.84
C ALA F 158 -8.53 -48.97 -14.53
N SER F 159 -9.68 -49.55 -14.17
CA SER F 159 -10.90 -48.81 -13.88
C SER F 159 -10.84 -47.96 -12.62
N PHE F 160 -11.53 -46.81 -12.67
CA PHE F 160 -11.67 -45.87 -11.58
C PHE F 160 -10.36 -45.50 -10.86
N VAL F 161 -9.33 -45.08 -11.60
CA VAL F 161 -8.09 -44.64 -10.97
C VAL F 161 -8.35 -43.26 -10.41
N ARG F 162 -8.14 -43.08 -9.09
CA ARG F 162 -8.40 -41.80 -8.42
C ARG F 162 -7.17 -41.09 -7.89
N LYS F 163 -6.05 -41.79 -7.78
CA LYS F 163 -4.82 -41.24 -7.22
C LYS F 163 -3.62 -42.14 -7.63
N ALA F 164 -2.40 -41.62 -7.45
CA ALA F 164 -1.17 -42.34 -7.79
C ALA F 164 -1.05 -43.71 -7.10
N SER F 165 -1.52 -43.82 -5.84
CA SER F 165 -1.42 -45.10 -5.12
C SER F 165 -2.30 -46.19 -5.72
N ASP F 166 -3.35 -45.82 -6.47
CA ASP F 166 -4.17 -46.82 -7.16
C ASP F 166 -3.33 -47.49 -8.26
N VAL F 167 -2.49 -46.73 -8.95
CA VAL F 167 -1.62 -47.24 -10.02
C VAL F 167 -0.54 -48.15 -9.41
N ALA F 168 0.05 -47.73 -8.27
CA ALA F 168 1.06 -48.53 -7.57
C ALA F 168 0.48 -49.88 -7.14
N ALA F 169 -0.79 -49.89 -6.69
CA ALA F 169 -1.46 -51.12 -6.31
C ALA F 169 -1.65 -52.06 -7.50
N VAL F 170 -2.04 -51.51 -8.68
CA VAL F 170 -2.20 -52.34 -9.88
C VAL F 170 -0.84 -52.93 -10.27
N ARG F 171 0.20 -52.11 -10.22
CA ARG F 171 1.57 -52.51 -10.55
CA ARG F 171 1.56 -52.54 -10.57
C ARG F 171 2.04 -53.65 -9.63
N ALA F 172 1.76 -53.53 -8.30
CA ALA F 172 2.12 -54.54 -7.32
C ALA F 172 1.36 -55.84 -7.58
N ALA F 173 0.06 -55.75 -7.92
CA ALA F 173 -0.74 -56.95 -8.22
C ALA F 173 -0.31 -57.68 -9.51
N LEU F 174 0.38 -56.97 -10.42
CA LEU F 174 0.91 -57.62 -11.63
C LEU F 174 2.18 -58.47 -11.31
N GLY F 175 2.83 -58.21 -10.18
CA GLY F 175 4.00 -58.93 -9.71
C GLY F 175 5.24 -58.74 -10.54
N PRO F 176 6.28 -59.55 -10.26
CA PRO F 176 7.54 -59.40 -11.00
C PRO F 176 7.45 -59.87 -12.45
N GLU F 177 6.53 -60.79 -12.76
CA GLU F 177 6.38 -61.29 -14.12
C GLU F 177 5.61 -60.36 -15.07
N GLY F 178 4.90 -59.37 -14.50
CA GLY F 178 4.12 -58.42 -15.30
C GLY F 178 4.74 -57.03 -15.39
N HIS F 179 6.06 -56.95 -15.21
CA HIS F 179 6.79 -55.69 -15.27
C HIS F 179 6.66 -54.97 -16.64
N GLY F 180 6.53 -55.73 -17.71
CA GLY F 180 6.44 -55.15 -19.05
C GLY F 180 5.05 -54.73 -19.48
N ILE F 181 4.02 -55.07 -18.71
CA ILE F 181 2.64 -54.74 -19.04
C ILE F 181 2.38 -53.22 -18.89
N LYS F 182 1.73 -52.60 -19.89
CA LYS F 182 1.43 -51.17 -19.81
C LYS F 182 0.19 -50.93 -18.97
N ILE F 183 0.25 -49.93 -18.09
CA ILE F 183 -0.92 -49.59 -17.28
C ILE F 183 -1.51 -48.27 -17.81
N ILE F 184 -2.72 -48.36 -18.35
CA ILE F 184 -3.45 -47.21 -18.87
C ILE F 184 -4.50 -46.90 -17.81
N SER F 185 -4.37 -45.77 -17.12
CA SER F 185 -5.33 -45.42 -16.06
C SER F 185 -6.61 -44.82 -16.63
N LYS F 186 -7.75 -45.40 -16.25
CA LYS F 186 -9.04 -44.88 -16.69
C LYS F 186 -9.48 -43.78 -15.73
N ILE F 187 -9.77 -42.58 -16.27
CA ILE F 187 -10.24 -41.44 -15.48
C ILE F 187 -11.72 -41.42 -15.64
N GLU F 188 -12.45 -41.73 -14.56
CA GLU F 188 -13.89 -41.90 -14.59
C GLU F 188 -14.68 -41.08 -13.59
N ASN F 189 -14.03 -40.25 -12.77
CA ASN F 189 -14.76 -39.47 -11.78
C ASN F 189 -14.06 -38.12 -11.48
N HIS F 190 -14.66 -37.29 -10.62
CA HIS F 190 -14.13 -35.97 -10.29
C HIS F 190 -12.74 -36.04 -9.69
N GLU F 191 -12.51 -36.99 -8.76
CA GLU F 191 -11.19 -37.12 -8.13
C GLU F 191 -10.09 -37.47 -9.14
N GLY F 192 -10.37 -38.37 -10.06
CA GLY F 192 -9.40 -38.73 -11.11
C GLY F 192 -9.02 -37.53 -11.96
N VAL F 193 -10.01 -36.66 -12.27
CA VAL F 193 -9.73 -35.46 -13.06
C VAL F 193 -8.88 -34.47 -12.25
N LYS F 194 -9.26 -34.23 -10.98
CA LYS F 194 -8.52 -33.31 -10.14
C LYS F 194 -7.10 -33.76 -9.82
N ARG F 195 -6.90 -35.06 -9.67
CA ARG F 195 -5.56 -35.62 -9.39
C ARG F 195 -4.88 -36.13 -10.67
N PHE F 196 -5.33 -35.67 -11.86
CA PHE F 196 -4.82 -36.12 -13.14
C PHE F 196 -3.30 -36.10 -13.26
N ASP F 197 -2.64 -35.00 -12.87
CA ASP F 197 -1.19 -34.88 -13.02
C ASP F 197 -0.40 -35.95 -12.29
N GLU F 198 -0.81 -36.27 -11.05
CA GLU F 198 -0.12 -37.29 -10.28
C GLU F 198 -0.39 -38.69 -10.86
N ILE F 199 -1.59 -38.91 -11.41
CA ILE F 199 -1.95 -40.20 -12.00
C ILE F 199 -1.14 -40.39 -13.31
N LEU F 200 -1.10 -39.36 -14.17
CA LEU F 200 -0.39 -39.44 -15.44
C LEU F 200 1.11 -39.69 -15.22
N GLU F 201 1.69 -39.04 -14.21
CA GLU F 201 3.11 -39.19 -13.88
C GLU F 201 3.53 -40.65 -13.66
N VAL F 202 2.69 -41.45 -13.00
CA VAL F 202 3.03 -42.85 -12.72
C VAL F 202 2.40 -43.85 -13.68
N SER F 203 1.52 -43.41 -14.60
CA SER F 203 0.89 -44.33 -15.55
C SER F 203 1.65 -44.35 -16.88
N ASP F 204 1.42 -45.38 -17.67
CA ASP F 204 1.97 -45.43 -19.03
C ASP F 204 1.07 -44.59 -20.00
N GLY F 205 -0.19 -44.39 -19.64
CA GLY F 205 -1.15 -43.63 -20.43
C GLY F 205 -2.46 -43.48 -19.72
N ILE F 206 -3.46 -42.89 -20.41
CA ILE F 206 -4.75 -42.57 -19.84
C ILE F 206 -5.88 -42.97 -20.77
N MET F 207 -7.02 -43.34 -20.19
CA MET F 207 -8.22 -43.55 -20.97
C MET F 207 -9.26 -42.55 -20.41
N VAL F 208 -9.87 -41.75 -21.32
CA VAL F 208 -10.96 -40.86 -20.96
C VAL F 208 -12.19 -41.76 -21.02
N ALA F 209 -12.59 -42.31 -19.86
CA ALA F 209 -13.68 -43.27 -19.78
C ALA F 209 -14.98 -42.49 -19.60
N ARG F 210 -15.57 -42.06 -20.72
CA ARG F 210 -16.69 -41.11 -20.73
C ARG F 210 -18.02 -41.62 -20.17
N GLY F 211 -18.25 -42.92 -20.17
CA GLY F 211 -19.49 -43.49 -19.62
C GLY F 211 -19.66 -43.13 -18.15
N ASP F 212 -18.75 -43.58 -17.29
CA ASP F 212 -18.80 -43.25 -15.87
C ASP F 212 -18.50 -41.79 -15.64
N LEU F 213 -17.55 -41.19 -16.38
CA LEU F 213 -17.25 -39.76 -16.21
C LEU F 213 -18.51 -38.88 -16.41
N GLY F 214 -19.34 -39.23 -17.39
CA GLY F 214 -20.58 -38.53 -17.69
C GLY F 214 -21.71 -38.69 -16.70
N ILE F 215 -21.55 -39.60 -15.73
CA ILE F 215 -22.48 -39.84 -14.63
C ILE F 215 -21.89 -39.23 -13.34
N GLU F 216 -20.56 -39.27 -13.17
CA GLU F 216 -19.85 -38.75 -12.00
C GLU F 216 -19.75 -37.23 -11.98
N ILE F 217 -19.65 -36.62 -13.17
CA ILE F 217 -19.59 -35.16 -13.32
C ILE F 217 -20.73 -34.75 -14.26
N PRO F 218 -21.16 -33.47 -14.27
CA PRO F 218 -22.23 -33.09 -15.22
C PRO F 218 -21.89 -33.49 -16.67
N ALA F 219 -22.84 -34.05 -17.38
CA ALA F 219 -22.66 -34.51 -18.76
C ALA F 219 -22.08 -33.44 -19.68
N GLU F 220 -22.49 -32.19 -19.48
CA GLU F 220 -22.07 -31.04 -20.29
C GLU F 220 -20.63 -30.60 -20.02
N LYS F 221 -19.94 -31.20 -19.03
CA LYS F 221 -18.55 -30.88 -18.70
C LYS F 221 -17.56 -31.96 -19.23
N VAL F 222 -18.05 -33.12 -19.68
CA VAL F 222 -17.17 -34.20 -20.13
C VAL F 222 -16.22 -33.77 -21.24
N PHE F 223 -16.69 -32.99 -22.22
CA PHE F 223 -15.80 -32.54 -23.31
C PHE F 223 -14.61 -31.73 -22.79
N LEU F 224 -14.79 -30.96 -21.69
CA LEU F 224 -13.70 -30.16 -21.12
C LEU F 224 -12.65 -31.10 -20.54
N ALA F 225 -13.09 -32.13 -19.79
CA ALA F 225 -12.19 -33.11 -19.17
C ALA F 225 -11.46 -33.89 -20.29
N GLN F 226 -12.19 -34.30 -21.34
CA GLN F 226 -11.59 -35.01 -22.48
C GLN F 226 -10.48 -34.17 -23.17
N LYS F 227 -10.80 -32.92 -23.54
CA LYS F 227 -9.84 -32.07 -24.22
C LYS F 227 -8.62 -31.73 -23.37
N MET F 228 -8.84 -31.50 -22.07
CA MET F 228 -7.76 -31.20 -21.13
C MET F 228 -6.82 -32.42 -20.99
N MET F 229 -7.39 -33.62 -20.78
CA MET F 229 -6.59 -34.84 -20.58
C MET F 229 -5.84 -35.23 -21.83
N ILE F 230 -6.47 -35.06 -23.00
CA ILE F 230 -5.79 -35.36 -24.26
C ILE F 230 -4.62 -34.40 -24.46
N GLY F 231 -4.86 -33.10 -24.21
CA GLY F 231 -3.82 -32.10 -24.33
C GLY F 231 -2.64 -32.36 -23.41
N ARG F 232 -2.91 -32.69 -22.13
CA ARG F 232 -1.83 -32.99 -21.17
C ARG F 232 -1.07 -34.27 -21.54
N CYS F 233 -1.77 -35.28 -22.06
CA CYS F 233 -1.12 -36.51 -22.49
C CYS F 233 -0.23 -36.25 -23.68
N ASN F 234 -0.70 -35.41 -24.65
CA ASN F 234 0.09 -35.05 -25.83
C ASN F 234 1.35 -34.31 -25.39
N LEU F 235 1.21 -33.40 -24.43
CA LEU F 235 2.31 -32.63 -23.88
C LEU F 235 3.33 -33.56 -23.16
N ALA F 236 2.84 -34.56 -22.41
CA ALA F 236 3.72 -35.53 -21.73
C ALA F 236 4.29 -36.62 -22.67
N GLY F 237 3.78 -36.72 -23.90
CA GLY F 237 4.24 -37.75 -24.82
C GLY F 237 3.78 -39.14 -24.40
N LYS F 238 2.63 -39.25 -23.72
CA LYS F 238 2.06 -40.53 -23.30
C LYS F 238 0.73 -40.82 -23.99
N PRO F 239 0.45 -42.09 -24.32
CA PRO F 239 -0.82 -42.40 -25.00
C PRO F 239 -2.11 -42.07 -24.26
N VAL F 240 -3.11 -41.64 -25.01
CA VAL F 240 -4.42 -41.30 -24.47
C VAL F 240 -5.48 -41.93 -25.35
N VAL F 241 -6.45 -42.59 -24.74
CA VAL F 241 -7.55 -43.27 -25.43
C VAL F 241 -8.82 -42.50 -25.21
N CYS F 242 -9.61 -42.29 -26.28
CA CYS F 242 -10.94 -41.72 -26.10
C CYS F 242 -11.91 -42.90 -26.16
N ALA F 243 -12.82 -42.99 -25.18
CA ALA F 243 -13.70 -44.15 -25.10
C ALA F 243 -15.14 -43.84 -24.81
N THR F 244 -16.05 -44.78 -25.20
CA THR F 244 -17.46 -44.93 -24.85
C THR F 244 -18.46 -44.09 -25.63
N GLN F 245 -19.41 -44.81 -26.27
CA GLN F 245 -20.54 -44.32 -27.05
C GLN F 245 -20.14 -43.53 -28.27
N MET F 246 -18.92 -43.78 -28.81
CA MET F 246 -18.46 -43.08 -29.99
C MET F 246 -19.34 -43.36 -31.19
N LEU F 247 -19.77 -44.63 -31.38
CA LEU F 247 -20.64 -45.00 -32.50
C LEU F 247 -21.81 -45.85 -31.96
N GLU F 248 -22.34 -45.49 -30.78
CA GLU F 248 -23.39 -46.21 -30.06
C GLU F 248 -24.55 -46.75 -30.92
N SER F 249 -25.15 -45.92 -31.78
CA SER F 249 -26.28 -46.33 -32.62
C SER F 249 -25.94 -47.51 -33.56
N MET F 250 -24.63 -47.70 -33.88
CA MET F 250 -24.21 -48.82 -34.71
C MET F 250 -24.36 -50.19 -34.01
N ILE F 251 -24.79 -50.22 -32.73
CA ILE F 251 -25.08 -51.48 -32.07
C ILE F 251 -26.27 -52.17 -32.83
N THR F 252 -27.23 -51.36 -33.32
CA THR F 252 -28.37 -51.91 -34.06
C THR F 252 -28.50 -51.39 -35.49
N LYS F 253 -27.84 -50.26 -35.83
CA LYS F 253 -27.96 -49.70 -37.18
C LYS F 253 -26.68 -49.83 -37.99
N PRO F 254 -26.80 -50.02 -39.32
CA PRO F 254 -25.59 -50.18 -40.14
C PRO F 254 -24.79 -48.89 -40.36
N ARG F 255 -25.41 -47.72 -40.11
CA ARG F 255 -24.78 -46.41 -40.29
C ARG F 255 -24.94 -45.60 -39.00
N PRO F 256 -23.93 -44.82 -38.62
CA PRO F 256 -24.01 -44.03 -37.37
C PRO F 256 -24.78 -42.70 -37.54
N THR F 257 -25.01 -41.99 -36.43
CA THR F 257 -25.64 -40.68 -36.50
C THR F 257 -24.56 -39.62 -36.88
N ARG F 258 -25.02 -38.40 -37.22
CA ARG F 258 -24.13 -37.28 -37.55
C ARG F 258 -23.30 -36.85 -36.33
N ALA F 259 -23.87 -36.97 -35.12
CA ALA F 259 -23.14 -36.62 -33.90
C ALA F 259 -22.01 -37.64 -33.62
N GLU F 260 -22.24 -38.92 -33.94
CA GLU F 260 -21.27 -39.98 -33.72
C GLU F 260 -20.07 -39.86 -34.64
N THR F 261 -20.27 -39.59 -35.96
CA THR F 261 -19.12 -39.41 -36.85
C THR F 261 -18.31 -38.17 -36.43
N SER F 262 -19.03 -37.11 -36.04
CA SER F 262 -18.42 -35.88 -35.55
C SER F 262 -17.56 -36.17 -34.28
N ASP F 263 -18.11 -36.94 -33.34
CA ASP F 263 -17.41 -37.30 -32.09
C ASP F 263 -16.08 -38.04 -32.36
N VAL F 264 -16.10 -39.02 -33.28
CA VAL F 264 -14.89 -39.78 -33.64
C VAL F 264 -13.87 -38.81 -34.27
N ALA F 265 -14.32 -37.98 -35.23
CA ALA F 265 -13.41 -37.07 -35.90
C ALA F 265 -12.78 -36.07 -34.91
N ASN F 266 -13.61 -35.52 -34.00
CA ASN F 266 -13.13 -34.57 -33.02
C ASN F 266 -12.22 -35.21 -31.95
N ALA F 267 -12.38 -36.51 -31.64
CA ALA F 267 -11.45 -37.17 -30.69
C ALA F 267 -10.03 -37.24 -31.32
N VAL F 268 -9.96 -37.52 -32.64
CA VAL F 268 -8.71 -37.57 -33.38
C VAL F 268 -8.13 -36.15 -33.48
N LEU F 269 -8.96 -35.15 -33.83
CA LEU F 269 -8.48 -33.77 -33.90
C LEU F 269 -8.03 -33.27 -32.51
N ASP F 270 -8.69 -33.71 -31.44
CA ASP F 270 -8.28 -33.34 -30.07
C ASP F 270 -6.84 -33.81 -29.77
N GLY F 271 -6.41 -34.94 -30.38
CA GLY F 271 -5.10 -35.51 -30.19
C GLY F 271 -5.08 -36.92 -29.62
N ALA F 272 -6.21 -37.64 -29.65
CA ALA F 272 -6.25 -39.01 -29.09
C ALA F 272 -5.34 -39.96 -29.87
N ASP F 273 -4.58 -40.78 -29.15
CA ASP F 273 -3.73 -41.81 -29.80
C ASP F 273 -4.60 -42.97 -30.25
N CYS F 274 -5.62 -43.32 -29.46
CA CYS F 274 -6.54 -44.42 -29.72
C CYS F 274 -7.98 -44.00 -29.59
N ILE F 275 -8.83 -44.69 -30.33
CA ILE F 275 -10.29 -44.55 -30.21
C ILE F 275 -10.82 -45.95 -29.91
N MET F 276 -11.95 -46.03 -29.22
CA MET F 276 -12.46 -47.29 -28.75
C MET F 276 -13.89 -47.58 -29.13
N LEU F 277 -14.20 -48.88 -29.25
CA LEU F 277 -15.53 -49.41 -29.49
C LEU F 277 -15.83 -50.34 -28.30
N SER F 278 -17.00 -50.19 -27.68
CA SER F 278 -17.39 -51.04 -26.55
C SER F 278 -18.55 -51.95 -26.99
N GLY F 279 -19.82 -51.58 -26.72
CA GLY F 279 -20.99 -52.35 -27.13
C GLY F 279 -21.09 -52.53 -28.62
N GLU F 280 -20.55 -51.55 -29.40
CA GLU F 280 -20.57 -51.60 -30.87
C GLU F 280 -19.91 -52.88 -31.41
N THR F 281 -18.90 -53.40 -30.70
CA THR F 281 -18.23 -54.63 -31.14
C THR F 281 -18.48 -55.82 -30.20
N ALA F 282 -18.67 -55.55 -28.90
CA ALA F 282 -18.88 -56.62 -27.93
C ALA F 282 -20.23 -57.31 -28.07
N LYS F 283 -21.28 -56.55 -28.39
CA LYS F 283 -22.63 -57.10 -28.46
C LYS F 283 -23.48 -56.70 -29.65
N GLY F 284 -23.05 -55.73 -30.45
CA GLY F 284 -23.86 -55.24 -31.56
C GLY F 284 -23.94 -56.11 -32.80
N ASN F 285 -24.86 -55.76 -33.71
CA ASN F 285 -25.10 -56.47 -34.96
C ASN F 285 -24.14 -56.12 -36.09
N PHE F 286 -23.31 -55.08 -35.92
CA PHE F 286 -22.39 -54.66 -36.96
C PHE F 286 -20.96 -54.42 -36.40
N PRO F 287 -20.34 -55.39 -35.70
CA PRO F 287 -19.00 -55.15 -35.14
C PRO F 287 -17.95 -54.79 -36.20
N VAL F 288 -17.96 -55.49 -37.34
CA VAL F 288 -16.99 -55.26 -38.40
C VAL F 288 -17.20 -53.87 -39.03
N GLU F 289 -18.46 -53.52 -39.30
CA GLU F 289 -18.82 -52.23 -39.88
C GLU F 289 -18.48 -51.06 -38.94
N ALA F 290 -18.59 -51.25 -37.61
CA ALA F 290 -18.23 -50.22 -36.63
C ALA F 290 -16.73 -49.94 -36.69
N VAL F 291 -15.91 -51.01 -36.85
CA VAL F 291 -14.47 -50.87 -36.96
C VAL F 291 -14.14 -50.15 -38.28
N LYS F 292 -14.81 -50.55 -39.39
CA LYS F 292 -14.60 -49.91 -40.68
C LYS F 292 -14.95 -48.40 -40.63
N MET F 293 -16.01 -48.05 -39.91
CA MET F 293 -16.44 -46.66 -39.79
C MET F 293 -15.43 -45.82 -39.01
N GLN F 294 -14.91 -46.36 -37.89
CA GLN F 294 -13.86 -45.66 -37.13
C GLN F 294 -12.61 -45.50 -37.96
N HIS F 295 -12.27 -46.54 -38.76
CA HIS F 295 -11.11 -46.48 -39.65
C HIS F 295 -11.28 -45.34 -40.67
N ALA F 296 -12.43 -45.29 -41.35
CA ALA F 296 -12.70 -44.29 -42.39
C ALA F 296 -12.70 -42.86 -41.83
N ILE F 297 -13.32 -42.65 -40.65
CA ILE F 297 -13.36 -41.32 -40.04
C ILE F 297 -11.98 -40.88 -39.58
N ALA F 298 -11.23 -41.78 -38.89
CA ALA F 298 -9.90 -41.43 -38.40
C ALA F 298 -8.97 -41.03 -39.51
N ARG F 299 -9.01 -41.69 -40.67
CA ARG F 299 -8.13 -41.32 -41.79
C ARG F 299 -8.47 -39.91 -42.29
N GLU F 300 -9.75 -39.57 -42.40
CA GLU F 300 -10.17 -38.24 -42.82
C GLU F 300 -9.72 -37.19 -41.80
N ALA F 301 -9.91 -37.47 -40.50
CA ALA F 301 -9.58 -36.52 -39.44
C ALA F 301 -8.08 -36.30 -39.28
N GLU F 302 -7.27 -37.36 -39.48
CA GLU F 302 -5.82 -37.22 -39.36
C GLU F 302 -5.26 -36.28 -40.42
N ALA F 303 -5.81 -36.33 -41.66
CA ALA F 303 -5.37 -35.43 -42.72
C ALA F 303 -5.75 -33.98 -42.40
N ALA F 304 -6.84 -33.77 -41.65
CA ALA F 304 -7.36 -32.44 -41.28
C ALA F 304 -6.66 -31.83 -40.06
N VAL F 305 -5.71 -32.54 -39.43
CA VAL F 305 -4.97 -32.00 -38.30
C VAL F 305 -4.12 -30.79 -38.81
N TYR F 306 -4.10 -29.68 -38.07
CA TYR F 306 -3.33 -28.51 -38.47
C TYR F 306 -1.90 -28.68 -37.94
N HIS F 307 -1.09 -29.48 -38.64
CA HIS F 307 0.28 -29.80 -38.23
C HIS F 307 1.20 -28.62 -38.06
N ARG F 308 1.02 -27.55 -38.85
CA ARG F 308 1.87 -26.36 -38.76
C ARG F 308 1.81 -25.75 -37.36
N GLN F 309 0.61 -25.65 -36.77
CA GLN F 309 0.50 -25.11 -35.42
C GLN F 309 0.85 -26.17 -34.39
N LEU F 310 0.37 -27.40 -34.58
CA LEU F 310 0.59 -28.50 -33.65
C LEU F 310 2.09 -28.76 -33.42
N PHE F 311 2.86 -28.92 -34.51
CA PHE F 311 4.30 -29.18 -34.37
C PHE F 311 5.02 -28.00 -33.71
N GLU F 312 4.67 -26.75 -34.11
CA GLU F 312 5.23 -25.55 -33.50
C GLU F 312 4.97 -25.51 -31.98
N GLU F 313 3.73 -25.85 -31.56
CA GLU F 313 3.38 -25.82 -30.15
C GLU F 313 4.01 -26.99 -29.37
N LEU F 314 4.11 -28.18 -29.98
CA LEU F 314 4.72 -29.34 -29.32
C LEU F 314 6.20 -29.05 -29.10
N ARG F 315 6.86 -28.49 -30.13
CA ARG F 315 8.27 -28.11 -30.10
C ARG F 315 8.54 -27.05 -29.01
N ARG F 316 7.73 -25.98 -28.95
CA ARG F 316 7.87 -24.89 -27.99
C ARG F 316 7.62 -25.34 -26.55
N ALA F 317 6.64 -26.24 -26.35
CA ALA F 317 6.32 -26.71 -25.01
C ALA F 317 7.25 -27.77 -24.49
N ALA F 318 7.81 -28.60 -25.38
CA ALA F 318 8.73 -29.66 -24.95
C ALA F 318 10.01 -29.05 -24.42
N PRO F 319 10.42 -29.47 -23.21
CA PRO F 319 11.65 -28.90 -22.63
C PRO F 319 12.90 -29.32 -23.38
N LEU F 320 14.01 -28.57 -23.16
CA LEU F 320 15.29 -28.94 -23.75
C LEU F 320 15.72 -30.31 -23.21
N SER F 321 16.42 -31.07 -24.02
CA SER F 321 16.80 -32.41 -23.60
C SER F 321 18.21 -32.74 -23.96
N ARG F 322 18.89 -33.46 -23.08
CA ARG F 322 20.21 -33.96 -23.37
C ARG F 322 20.19 -35.47 -23.67
N ASP F 323 18.99 -36.07 -23.84
CA ASP F 323 18.82 -37.48 -24.17
C ASP F 323 18.93 -37.61 -25.68
N PRO F 324 19.91 -38.37 -26.19
CA PRO F 324 20.07 -38.47 -27.65
C PRO F 324 18.87 -39.03 -28.41
N THR F 325 18.06 -39.92 -27.79
CA THR F 325 16.87 -40.46 -28.47
C THR F 325 15.87 -39.31 -28.72
N GLU F 326 15.67 -38.46 -27.70
CA GLU F 326 14.77 -37.31 -27.75
C GLU F 326 15.25 -36.29 -28.80
N VAL F 327 16.56 -36.01 -28.81
CA VAL F 327 17.17 -35.08 -29.74
C VAL F 327 17.07 -35.60 -31.18
N THR F 328 17.33 -36.90 -31.38
CA THR F 328 17.24 -37.51 -32.70
C THR F 328 15.80 -37.48 -33.18
N ALA F 329 14.84 -37.79 -32.30
CA ALA F 329 13.43 -37.82 -32.67
C ALA F 329 12.94 -36.47 -33.23
N ILE F 330 13.26 -35.35 -32.59
CA ILE F 330 12.79 -34.05 -33.07
C ILE F 330 13.50 -33.68 -34.39
N GLY F 331 14.78 -34.05 -34.53
CA GLY F 331 15.50 -33.83 -35.78
C GLY F 331 14.90 -34.62 -36.92
N ALA F 332 14.55 -35.88 -36.66
CA ALA F 332 13.92 -36.77 -37.65
C ALA F 332 12.52 -36.28 -38.07
N VAL F 333 11.71 -35.78 -37.11
CA VAL F 333 10.38 -35.29 -37.43
C VAL F 333 10.49 -34.00 -38.25
N GLU F 334 11.44 -33.13 -37.91
CA GLU F 334 11.66 -31.88 -38.65
CA GLU F 334 11.66 -31.88 -38.65
C GLU F 334 12.07 -32.22 -40.09
N ALA F 335 13.01 -33.18 -40.25
CA ALA F 335 13.48 -33.63 -41.56
C ALA F 335 12.33 -34.21 -42.37
N ALA F 336 11.46 -35.03 -41.75
CA ALA F 336 10.33 -35.64 -42.44
C ALA F 336 9.36 -34.56 -43.01
N PHE F 337 9.09 -33.52 -42.21
CA PHE F 337 8.20 -32.44 -42.66
C PHE F 337 8.83 -31.64 -43.82
N LYS F 338 10.15 -31.41 -43.77
CA LYS F 338 10.88 -30.66 -44.78
C LYS F 338 10.77 -31.26 -46.19
N CYS F 339 10.79 -32.59 -46.29
CA CYS F 339 10.75 -33.26 -47.58
C CYS F 339 9.47 -33.99 -47.88
N CYS F 340 8.42 -33.85 -47.00
CA CYS F 340 7.15 -34.59 -47.15
C CYS F 340 7.43 -36.08 -47.16
N ALA F 341 8.34 -36.55 -46.26
CA ALA F 341 8.76 -37.96 -46.20
C ALA F 341 7.59 -38.89 -46.09
N ALA F 342 7.65 -39.97 -46.85
CA ALA F 342 6.59 -40.96 -46.82
C ALA F 342 6.52 -41.68 -45.45
N ALA F 343 7.69 -41.90 -44.83
CA ALA F 343 7.79 -42.65 -43.59
C ALA F 343 9.09 -42.35 -42.84
N ILE F 344 9.11 -42.65 -41.54
CA ILE F 344 10.25 -42.61 -40.67
C ILE F 344 10.42 -44.06 -40.22
N ILE F 345 11.50 -44.73 -40.62
CA ILE F 345 11.73 -46.12 -40.23
C ILE F 345 12.61 -46.10 -39.01
N VAL F 346 12.18 -46.71 -37.91
CA VAL F 346 12.93 -46.69 -36.67
C VAL F 346 13.17 -48.10 -36.13
N LEU F 347 14.36 -48.34 -35.62
CA LEU F 347 14.68 -49.63 -35.00
C LEU F 347 14.44 -49.45 -33.52
N THR F 348 13.66 -50.37 -32.91
CA THR F 348 13.36 -50.23 -31.49
C THR F 348 13.25 -51.57 -30.78
N THR F 349 13.75 -51.62 -29.56
CA THR F 349 13.67 -52.84 -28.76
C THR F 349 12.41 -52.81 -27.88
N THR F 350 12.21 -51.71 -27.15
CA THR F 350 11.09 -51.54 -26.22
C THR F 350 9.91 -50.74 -26.77
N GLY F 351 10.10 -50.09 -27.91
CA GLY F 351 9.10 -49.22 -28.52
C GLY F 351 9.35 -47.75 -28.22
N ARG F 352 10.26 -47.44 -27.26
CA ARG F 352 10.52 -46.07 -26.82
C ARG F 352 10.97 -45.10 -27.92
N SER F 353 11.90 -45.49 -28.83
CA SER F 353 12.33 -44.61 -29.90
C SER F 353 11.15 -44.25 -30.82
N ALA F 354 10.22 -45.18 -31.05
CA ALA F 354 9.04 -44.93 -31.89
C ALA F 354 8.06 -43.99 -31.12
N GLN F 355 7.91 -44.18 -29.80
CA GLN F 355 7.06 -43.33 -28.97
C GLN F 355 7.54 -41.87 -28.99
N LEU F 356 8.86 -41.64 -28.93
CA LEU F 356 9.42 -40.30 -28.97
C LEU F 356 9.26 -39.63 -30.34
N LEU F 357 9.16 -40.41 -31.42
CA LEU F 357 8.90 -39.86 -32.74
C LEU F 357 7.40 -39.45 -32.79
N SER F 358 6.52 -40.37 -32.34
CA SER F 358 5.07 -40.22 -32.27
C SER F 358 4.63 -38.95 -31.49
N ARG F 359 5.33 -38.61 -30.42
CA ARG F 359 4.95 -37.45 -29.60
C ARG F 359 5.02 -36.11 -30.38
N TYR F 360 5.82 -36.04 -31.46
CA TYR F 360 5.89 -34.82 -32.29
C TYR F 360 4.87 -34.81 -33.41
N ARG F 361 3.99 -35.83 -33.48
CA ARG F 361 2.92 -35.98 -34.43
C ARG F 361 3.36 -35.77 -35.89
N PRO F 362 4.33 -36.55 -36.39
CA PRO F 362 4.69 -36.41 -37.80
C PRO F 362 3.54 -36.84 -38.69
N ARG F 363 3.47 -36.25 -39.88
CA ARG F 363 2.52 -36.70 -40.90
C ARG F 363 3.04 -38.03 -41.49
N ALA F 364 4.38 -38.20 -41.57
CA ALA F 364 5.02 -39.44 -42.05
C ALA F 364 4.70 -40.60 -41.10
N ALA F 365 4.38 -41.78 -41.65
CA ALA F 365 4.14 -42.98 -40.85
C ALA F 365 5.41 -43.40 -40.13
N VAL F 366 5.32 -43.83 -38.86
CA VAL F 366 6.51 -44.27 -38.14
C VAL F 366 6.52 -45.81 -38.22
N ILE F 367 7.39 -46.36 -39.07
CA ILE F 367 7.48 -47.82 -39.23
C ILE F 367 8.50 -48.35 -38.23
N ALA F 368 8.01 -49.02 -37.18
CA ALA F 368 8.87 -49.48 -36.10
C ALA F 368 9.27 -50.94 -36.29
N VAL F 369 10.55 -51.20 -36.57
CA VAL F 369 11.06 -52.56 -36.78
C VAL F 369 11.58 -53.08 -35.45
N THR F 370 10.99 -54.15 -34.95
CA THR F 370 11.37 -54.70 -33.64
C THR F 370 11.38 -56.21 -33.66
N ARG F 371 12.24 -56.81 -32.82
CA ARG F 371 12.25 -58.26 -32.61
C ARG F 371 11.29 -58.64 -31.47
N SER F 372 10.88 -57.67 -30.61
CA SER F 372 10.00 -57.94 -29.48
C SER F 372 8.54 -58.01 -29.91
N ALA F 373 7.93 -59.19 -29.82
CA ALA F 373 6.52 -59.35 -30.18
C ALA F 373 5.62 -58.51 -29.23
N GLN F 374 5.99 -58.41 -27.95
CA GLN F 374 5.22 -57.61 -27.01
C GLN F 374 5.33 -56.11 -27.33
N ALA F 375 6.54 -55.60 -27.64
CA ALA F 375 6.70 -54.19 -28.03
C ALA F 375 5.93 -53.90 -29.32
N ALA F 376 5.92 -54.84 -30.28
CA ALA F 376 5.18 -54.68 -31.52
C ALA F 376 3.67 -54.52 -31.24
N ARG F 377 3.14 -55.27 -30.27
CA ARG F 377 1.72 -55.17 -29.90
C ARG F 377 1.45 -53.86 -29.13
N GLN F 378 2.31 -53.53 -28.17
CA GLN F 378 2.14 -52.34 -27.33
C GLN F 378 2.31 -50.99 -28.04
N VAL F 379 3.14 -50.90 -29.10
CA VAL F 379 3.32 -49.63 -29.80
C VAL F 379 2.05 -49.14 -30.52
N HIS F 380 1.01 -50.00 -30.65
CA HIS F 380 -0.27 -49.59 -31.18
C HIS F 380 -0.90 -48.49 -30.28
N LEU F 381 -0.44 -48.34 -29.02
CA LEU F 381 -0.94 -47.29 -28.16
C LEU F 381 -0.52 -45.88 -28.65
N CYS F 382 0.56 -45.78 -29.44
CA CYS F 382 1.14 -44.51 -29.91
C CYS F 382 0.69 -44.19 -31.30
N ARG F 383 0.08 -42.99 -31.48
CA ARG F 383 -0.41 -42.61 -32.80
C ARG F 383 0.65 -42.64 -33.89
N GLY F 384 0.31 -43.25 -35.01
CA GLY F 384 1.16 -43.25 -36.18
C GLY F 384 2.31 -44.23 -36.17
N VAL F 385 2.32 -45.17 -35.23
CA VAL F 385 3.39 -46.18 -35.18
C VAL F 385 2.85 -47.48 -35.77
N PHE F 386 3.52 -47.99 -36.81
CA PHE F 386 3.16 -49.21 -37.52
C PHE F 386 4.25 -50.26 -37.22
N PRO F 387 3.92 -51.22 -36.35
CA PRO F 387 4.92 -52.22 -35.95
C PRO F 387 5.20 -53.32 -36.98
N LEU F 388 6.48 -53.60 -37.23
CA LEU F 388 6.90 -54.69 -38.10
C LEU F 388 7.72 -55.66 -37.24
N LEU F 389 7.21 -56.86 -37.04
CA LEU F 389 7.91 -57.85 -36.23
C LEU F 389 8.96 -58.57 -37.10
N TYR F 390 10.23 -58.39 -36.75
CA TYR F 390 11.36 -58.98 -37.46
C TYR F 390 11.68 -60.33 -36.80
N ARG F 391 11.70 -61.42 -37.56
CA ARG F 391 11.93 -62.75 -36.96
C ARG F 391 13.29 -63.39 -37.26
N GLU F 392 14.07 -62.83 -38.20
CA GLU F 392 15.37 -63.38 -38.57
C GLU F 392 16.39 -63.37 -37.45
N PRO F 393 17.22 -64.44 -37.38
CA PRO F 393 18.29 -64.47 -36.36
C PRO F 393 19.36 -63.42 -36.67
N PRO F 394 20.03 -62.91 -35.63
CA PRO F 394 21.03 -61.85 -35.85
C PRO F 394 22.20 -62.24 -36.74
N GLU F 395 22.62 -61.29 -37.61
CA GLU F 395 23.81 -61.42 -38.45
C GLU F 395 25.02 -61.37 -37.52
N ALA F 396 26.16 -61.93 -37.98
CA ALA F 396 27.39 -61.94 -37.19
C ALA F 396 27.92 -60.51 -36.99
N ILE F 397 27.83 -59.69 -38.04
CA ILE F 397 28.25 -58.29 -37.95
C ILE F 397 27.02 -57.45 -37.61
N TRP F 398 27.04 -56.77 -36.44
CA TRP F 398 25.92 -55.96 -35.97
C TRP F 398 25.46 -54.90 -36.99
N ALA F 399 26.38 -54.17 -37.62
CA ALA F 399 26.05 -53.18 -38.64
C ALA F 399 25.27 -53.79 -39.82
N ASP F 400 25.57 -55.05 -40.18
CA ASP F 400 24.84 -55.73 -41.26
C ASP F 400 23.44 -56.11 -40.76
N ASP F 401 23.31 -56.48 -39.48
CA ASP F 401 22.02 -56.85 -38.90
C ASP F 401 21.07 -55.62 -38.87
N VAL F 402 21.64 -54.43 -38.58
CA VAL F 402 20.95 -53.16 -38.57
C VAL F 402 20.49 -52.87 -40.00
N ASP F 403 21.41 -52.96 -40.98
CA ASP F 403 21.07 -52.75 -42.39
C ASP F 403 19.98 -53.68 -42.88
N ARG F 404 20.01 -54.96 -42.49
CA ARG F 404 18.97 -55.91 -42.89
C ARG F 404 17.61 -55.50 -42.35
N ARG F 405 17.56 -55.03 -41.10
CA ARG F 405 16.29 -54.59 -40.51
C ARG F 405 15.76 -53.35 -41.21
N VAL F 406 16.64 -52.37 -41.55
CA VAL F 406 16.25 -51.18 -42.28
C VAL F 406 15.70 -51.56 -43.65
N GLN F 407 16.44 -52.44 -44.37
CA GLN F 407 16.02 -52.96 -45.67
C GLN F 407 14.68 -53.69 -45.59
N PHE F 408 14.44 -54.48 -44.50
CA PHE F 408 13.17 -55.19 -44.25
C PHE F 408 12.02 -54.15 -44.13
N GLY F 409 12.30 -53.05 -43.43
CA GLY F 409 11.34 -51.96 -43.24
C GLY F 409 11.00 -51.31 -44.57
N ILE F 410 12.02 -50.96 -45.38
CA ILE F 410 11.85 -50.34 -46.69
C ILE F 410 11.09 -51.23 -47.64
N GLU F 411 11.47 -52.51 -47.72
CA GLU F 411 10.82 -53.45 -48.63
C GLU F 411 9.39 -53.77 -48.25
N SER F 412 9.13 -54.00 -46.96
CA SER F 412 7.76 -54.23 -46.49
C SER F 412 6.86 -53.00 -46.78
N GLY F 413 7.38 -51.81 -46.56
CA GLY F 413 6.66 -50.56 -46.78
C GLY F 413 6.35 -50.33 -48.25
N LYS F 414 7.27 -50.72 -49.15
CA LYS F 414 7.03 -50.57 -50.59
C LYS F 414 5.98 -51.56 -51.03
N LEU F 415 6.05 -52.81 -50.53
CA LEU F 415 5.07 -53.81 -50.92
C LEU F 415 3.66 -53.53 -50.34
N ARG F 416 3.54 -52.57 -49.42
CA ARG F 416 2.28 -52.19 -48.81
C ARG F 416 1.76 -50.81 -49.23
N GLY F 417 2.46 -50.13 -50.13
CA GLY F 417 2.05 -48.80 -50.57
C GLY F 417 2.40 -47.67 -49.62
N PHE F 418 3.07 -47.99 -48.49
CA PHE F 418 3.53 -46.95 -47.57
C PHE F 418 4.65 -46.13 -48.24
N LEU F 419 5.49 -46.80 -49.05
CA LEU F 419 6.63 -46.20 -49.72
C LEU F 419 6.55 -46.46 -51.20
N ARG F 420 7.03 -45.49 -51.94
CA ARG F 420 7.04 -45.51 -53.37
C ARG F 420 8.45 -45.14 -53.83
N VAL F 421 8.87 -45.64 -55.01
CA VAL F 421 10.16 -45.28 -55.58
C VAL F 421 10.20 -43.77 -55.84
N GLY F 422 11.28 -43.12 -55.42
CA GLY F 422 11.38 -41.67 -55.52
C GLY F 422 11.06 -40.96 -54.22
N ASP F 423 10.40 -41.66 -53.26
CA ASP F 423 10.09 -41.09 -51.95
C ASP F 423 11.33 -40.92 -51.12
N LEU F 424 11.31 -39.94 -50.23
CA LEU F 424 12.37 -39.79 -49.26
C LEU F 424 11.87 -40.42 -47.99
N VAL F 425 12.81 -41.01 -47.27
CA VAL F 425 12.54 -41.72 -46.04
C VAL F 425 13.55 -41.31 -44.98
N ILE F 426 13.11 -41.22 -43.72
CA ILE F 426 14.00 -40.86 -42.62
C ILE F 426 14.25 -42.14 -41.86
N VAL F 427 15.52 -42.50 -41.59
CA VAL F 427 15.84 -43.76 -40.91
C VAL F 427 16.50 -43.44 -39.59
N VAL F 428 15.93 -43.95 -38.49
CA VAL F 428 16.40 -43.69 -37.15
C VAL F 428 16.97 -44.96 -36.50
N THR F 429 18.26 -44.95 -36.18
CA THR F 429 18.98 -46.08 -35.56
C THR F 429 19.90 -45.55 -34.40
N GLY F 430 20.61 -46.45 -33.72
CA GLY F 430 21.54 -46.11 -32.66
C GLY F 430 22.97 -46.58 -32.98
N TRP F 431 23.93 -46.16 -32.15
CA TRP F 431 25.35 -46.43 -32.37
C TRP F 431 25.86 -47.78 -31.84
N ARG F 432 25.17 -48.39 -30.89
CA ARG F 432 25.57 -49.68 -30.32
C ARG F 432 24.31 -50.54 -30.03
N PRO F 433 24.44 -51.88 -29.82
CA PRO F 433 23.23 -52.70 -29.57
C PRO F 433 22.56 -52.40 -28.22
N GLY F 434 21.33 -52.87 -28.06
CA GLY F 434 20.57 -52.67 -26.83
C GLY F 434 19.77 -51.37 -26.77
N SER F 435 18.83 -51.29 -25.83
CA SER F 435 17.99 -50.12 -25.63
C SER F 435 18.69 -48.86 -25.13
N GLY F 436 18.18 -47.71 -25.53
CA GLY F 436 18.65 -46.44 -25.02
C GLY F 436 19.76 -45.74 -25.78
N TYR F 437 20.19 -46.27 -26.93
CA TYR F 437 21.30 -45.63 -27.65
C TYR F 437 20.96 -45.07 -29.02
N THR F 438 19.66 -44.85 -29.35
CA THR F 438 19.26 -44.21 -30.62
C THR F 438 19.90 -42.83 -30.69
N ASN F 439 20.64 -42.53 -31.77
CA ASN F 439 21.31 -41.24 -31.91
C ASN F 439 21.57 -40.86 -33.37
N ILE F 440 21.03 -41.61 -34.34
CA ILE F 440 21.30 -41.36 -35.75
C ILE F 440 20.06 -41.17 -36.59
N MET F 441 20.09 -40.17 -37.46
CA MET F 441 19.01 -39.94 -38.41
CA MET F 441 19.03 -39.85 -38.40
C MET F 441 19.65 -39.89 -39.80
N ARG F 442 19.09 -40.65 -40.74
CA ARG F 442 19.60 -40.71 -42.11
C ARG F 442 18.49 -40.41 -43.11
N VAL F 443 18.79 -39.65 -44.16
CA VAL F 443 17.81 -39.32 -45.18
C VAL F 443 18.12 -40.24 -46.36
N LEU F 444 17.17 -41.10 -46.74
CA LEU F 444 17.38 -42.05 -47.84
CA LEU F 444 17.37 -42.07 -47.82
C LEU F 444 16.37 -41.86 -48.96
N SER F 445 16.82 -42.06 -50.19
CA SER F 445 15.93 -41.96 -51.35
C SER F 445 15.53 -43.40 -51.70
N ILE F 446 14.24 -43.66 -51.86
CA ILE F 446 13.77 -45.01 -52.16
CA ILE F 446 13.76 -45.01 -52.16
C ILE F 446 13.97 -45.35 -53.64
N SER F 447 14.67 -46.46 -53.92
CA SER F 447 14.94 -46.87 -55.30
C SER F 447 14.18 -48.13 -55.74
N GLY G 23 -7.09 2.94 -54.06
CA GLY G 23 -6.23 2.82 -55.23
C GLY G 23 -4.96 2.01 -54.98
N THR G 24 -4.38 1.46 -56.06
CA THR G 24 -3.14 0.68 -56.02
C THR G 24 -1.95 1.55 -55.60
N ALA G 25 -1.94 2.83 -56.03
CA ALA G 25 -0.86 3.77 -55.71
C ALA G 25 -0.78 4.02 -54.22
N PHE G 26 -1.94 4.10 -53.53
CA PHE G 26 -1.99 4.30 -52.08
C PHE G 26 -1.29 3.15 -51.36
N PHE G 27 -1.54 1.90 -51.80
CA PHE G 27 -0.96 0.74 -51.16
C PHE G 27 0.50 0.45 -51.57
N GLN G 28 1.09 1.26 -52.46
CA GLN G 28 2.49 1.10 -52.81
C GLN G 28 3.40 2.05 -51.98
N GLN G 29 2.84 3.19 -51.50
CA GLN G 29 3.55 4.17 -50.68
C GLN G 29 3.66 3.72 -49.20
N GLN G 30 4.43 4.49 -48.39
CA GLN G 30 4.66 4.32 -46.96
C GLN G 30 4.94 2.87 -46.51
N GLN G 31 5.67 2.11 -47.36
CA GLN G 31 6.04 0.72 -47.12
C GLN G 31 4.84 -0.17 -46.79
N LEU G 32 3.68 0.10 -47.40
CA LEU G 32 2.47 -0.70 -47.13
C LEU G 32 2.62 -2.17 -47.58
N PRO G 33 3.28 -2.53 -48.71
CA PRO G 33 3.50 -3.96 -48.99
C PRO G 33 4.30 -4.63 -47.85
N ALA G 34 5.36 -3.98 -47.33
CA ALA G 34 6.15 -4.51 -46.20
C ALA G 34 5.32 -4.56 -44.90
N ALA G 35 4.36 -3.65 -44.74
CA ALA G 35 3.47 -3.61 -43.60
C ALA G 35 2.48 -4.78 -43.60
N MET G 36 2.08 -5.26 -44.79
CA MET G 36 1.13 -6.38 -44.87
C MET G 36 1.80 -7.76 -44.75
N ALA G 37 3.13 -7.82 -44.59
CA ALA G 37 3.84 -9.10 -44.52
C ALA G 37 3.45 -9.96 -43.32
N ASP G 38 3.49 -11.28 -43.50
CA ASP G 38 3.11 -12.24 -42.46
C ASP G 38 4.22 -12.57 -41.47
N THR G 39 5.47 -12.27 -41.82
CA THR G 39 6.60 -12.47 -40.91
C THR G 39 7.53 -11.23 -40.95
N PHE G 40 8.37 -11.08 -39.93
CA PHE G 40 9.32 -9.98 -39.89
C PHE G 40 10.34 -10.12 -41.03
N LEU G 41 10.76 -11.36 -41.34
CA LEU G 41 11.69 -11.63 -42.43
C LEU G 41 11.11 -11.17 -43.78
N GLU G 42 9.84 -11.51 -44.04
CA GLU G 42 9.14 -11.10 -45.28
CA GLU G 42 9.19 -11.10 -45.29
C GLU G 42 8.99 -9.58 -45.32
N HIS G 43 8.75 -8.95 -44.14
CA HIS G 43 8.61 -7.51 -44.00
C HIS G 43 9.90 -6.83 -44.45
N LEU G 44 11.06 -7.32 -43.99
CA LEU G 44 12.37 -6.78 -44.39
C LEU G 44 12.56 -6.93 -45.90
N CYS G 45 12.25 -8.13 -46.44
CA CYS G 45 12.39 -8.43 -47.87
C CYS G 45 11.55 -7.52 -48.75
N LEU G 46 10.42 -7.00 -48.22
CA LEU G 46 9.53 -6.14 -48.99
C LEU G 46 9.81 -4.65 -48.87
N LEU G 47 10.80 -4.23 -48.05
CA LEU G 47 11.14 -2.80 -47.93
C LEU G 47 11.61 -2.28 -49.29
N ASP G 48 11.07 -1.14 -49.70
CA ASP G 48 11.31 -0.58 -51.02
C ASP G 48 11.79 0.88 -50.94
N ILE G 49 12.99 1.17 -51.47
CA ILE G 49 13.50 2.55 -51.52
C ILE G 49 12.64 3.49 -52.39
N ASP G 50 11.82 2.94 -53.29
CA ASP G 50 10.92 3.73 -54.13
C ASP G 50 9.55 3.98 -53.47
N SER G 51 9.28 3.37 -52.31
CA SER G 51 8.04 3.56 -51.59
C SER G 51 8.22 4.81 -50.75
N GLU G 52 7.62 5.91 -51.19
CA GLU G 52 7.80 7.19 -50.52
C GLU G 52 6.98 7.35 -49.26
N PRO G 53 7.59 7.97 -48.22
CA PRO G 53 6.82 8.21 -46.99
C PRO G 53 5.74 9.28 -47.27
N VAL G 54 4.56 9.07 -46.72
CA VAL G 54 3.47 10.03 -46.90
C VAL G 54 3.10 10.67 -45.57
N ALA G 55 3.11 9.89 -44.49
CA ALA G 55 2.77 10.39 -43.16
C ALA G 55 3.74 11.46 -42.64
N ALA G 56 3.23 12.32 -41.76
CA ALA G 56 4.10 13.33 -41.14
C ALA G 56 5.08 12.60 -40.19
N ARG G 57 6.27 13.19 -40.03
CA ARG G 57 7.31 12.63 -39.17
C ARG G 57 6.84 12.62 -37.73
N SER G 58 6.83 11.45 -37.12
CA SER G 58 6.28 11.27 -35.78
C SER G 58 7.33 11.28 -34.63
N THR G 59 8.58 10.95 -34.89
CA THR G 59 9.61 10.93 -33.83
C THR G 59 10.10 12.36 -33.64
N SER G 60 9.94 12.93 -32.43
CA SER G 60 10.37 14.31 -32.21
C SER G 60 11.86 14.50 -32.25
N ILE G 61 12.27 15.68 -32.67
CA ILE G 61 13.68 16.01 -32.72
C ILE G 61 13.98 17.00 -31.61
N ILE G 62 14.95 16.65 -30.76
CA ILE G 62 15.42 17.57 -29.73
C ILE G 62 16.73 18.17 -30.25
N ALA G 63 16.82 19.51 -30.34
CA ALA G 63 18.06 20.16 -30.78
C ALA G 63 18.62 20.95 -29.64
N THR G 64 19.93 20.81 -29.40
CA THR G 64 20.58 21.57 -28.34
C THR G 64 20.84 22.97 -28.85
N ILE G 65 20.40 23.97 -28.09
CA ILE G 65 20.56 25.36 -28.47
C ILE G 65 21.76 25.96 -27.77
N GLY G 66 22.72 26.44 -28.56
CA GLY G 66 23.93 27.06 -28.04
C GLY G 66 24.46 28.10 -29.01
N PRO G 67 25.80 28.31 -28.99
CA PRO G 67 26.41 29.34 -29.87
C PRO G 67 26.07 29.28 -31.35
N ALA G 68 26.03 28.08 -31.93
CA ALA G 68 25.73 27.92 -33.36
C ALA G 68 24.25 28.03 -33.73
N SER G 69 23.35 28.05 -32.75
CA SER G 69 21.91 27.98 -33.06
C SER G 69 21.03 28.87 -32.20
N ARG G 70 21.55 29.96 -31.74
CA ARG G 70 20.92 30.84 -30.78
C ARG G 70 20.15 32.02 -31.33
N SER G 71 20.55 32.53 -32.50
CA SER G 71 19.89 33.71 -33.06
C SER G 71 18.43 33.40 -33.41
N VAL G 72 17.57 34.44 -33.34
CA VAL G 72 16.16 34.32 -33.66
C VAL G 72 15.99 33.82 -35.11
N GLU G 73 16.78 34.38 -36.03
CA GLU G 73 16.70 33.97 -37.44
C GLU G 73 17.08 32.52 -37.66
N ARG G 74 18.14 32.06 -37.00
CA ARG G 74 18.62 30.69 -37.10
C ARG G 74 17.55 29.74 -36.47
N LEU G 75 16.98 30.12 -35.32
CA LEU G 75 15.96 29.35 -34.63
C LEU G 75 14.70 29.18 -35.48
N LYS G 76 14.31 30.21 -36.27
CA LYS G 76 13.17 30.11 -37.20
C LYS G 76 13.43 29.04 -38.24
N GLU G 77 14.68 28.96 -38.75
CA GLU G 77 15.05 27.94 -39.72
C GLU G 77 15.05 26.54 -39.07
N MET G 78 15.47 26.44 -37.81
CA MET G 78 15.47 25.16 -37.11
CA MET G 78 15.46 25.16 -37.12
C MET G 78 14.04 24.66 -36.85
N ILE G 79 13.12 25.58 -36.57
CA ILE G 79 11.71 25.23 -36.36
C ILE G 79 11.13 24.72 -37.69
N LYS G 80 11.44 25.42 -38.80
CA LYS G 80 10.98 24.99 -40.13
C LYS G 80 11.60 23.66 -40.55
N ALA G 81 12.86 23.40 -40.14
CA ALA G 81 13.54 22.15 -40.45
C ALA G 81 12.97 20.95 -39.65
N GLY G 82 12.31 21.22 -38.54
CA GLY G 82 11.67 20.16 -37.76
C GLY G 82 11.97 20.09 -36.28
N MET G 83 12.68 21.06 -35.69
CA MET G 83 12.99 21.02 -34.25
C MET G 83 11.69 21.10 -33.44
N ASN G 84 11.49 20.14 -32.51
CA ASN G 84 10.28 20.15 -31.67
C ASN G 84 10.58 20.55 -30.23
N ILE G 85 11.78 20.21 -29.74
CA ILE G 85 12.20 20.46 -28.37
C ILE G 85 13.58 21.13 -28.41
N ALA G 86 13.73 22.24 -27.71
CA ALA G 86 14.97 22.98 -27.61
C ALA G 86 15.63 22.56 -26.28
N ARG G 87 16.81 21.99 -26.35
CA ARG G 87 17.55 21.56 -25.16
C ARG G 87 18.58 22.63 -24.74
N LEU G 88 18.61 22.97 -23.45
CA LEU G 88 19.60 23.89 -22.93
C LEU G 88 20.51 23.07 -22.01
N ASN G 89 21.77 22.98 -22.35
CA ASN G 89 22.74 22.20 -21.59
C ASN G 89 23.37 23.04 -20.50
N PHE G 90 22.94 22.84 -19.26
CA PHE G 90 23.45 23.60 -18.13
C PHE G 90 24.86 23.14 -17.67
N SER G 91 25.52 22.25 -18.42
CA SER G 91 26.93 21.96 -18.20
C SER G 91 27.78 23.15 -18.73
N HIS G 92 27.23 23.99 -19.64
CA HIS G 92 27.89 25.13 -20.25
C HIS G 92 27.05 26.39 -20.07
N GLY G 93 27.63 27.54 -20.40
CA GLY G 93 26.95 28.83 -20.37
C GLY G 93 26.71 29.31 -18.97
N SER G 94 25.76 30.20 -18.82
CA SER G 94 25.37 30.78 -17.54
C SER G 94 23.83 30.92 -17.54
N HIS G 95 23.25 31.34 -16.40
CA HIS G 95 21.82 31.58 -16.31
C HIS G 95 21.41 32.71 -17.26
N GLU G 96 22.23 33.79 -17.34
CA GLU G 96 21.93 34.91 -18.23
C GLU G 96 21.99 34.47 -19.71
N TYR G 97 22.97 33.65 -20.04
CA TYR G 97 23.15 33.16 -21.40
C TYR G 97 21.95 32.26 -21.82
N HIS G 98 21.58 31.31 -20.97
CA HIS G 98 20.47 30.41 -21.26
C HIS G 98 19.11 31.14 -21.24
N ALA G 99 18.92 32.17 -20.40
CA ALA G 99 17.68 32.95 -20.40
C ALA G 99 17.53 33.66 -21.76
N GLU G 100 18.65 34.14 -22.34
CA GLU G 100 18.63 34.80 -23.65
CA GLU G 100 18.58 34.79 -23.65
C GLU G 100 18.25 33.78 -24.73
N SER G 101 18.81 32.58 -24.66
CA SER G 101 18.51 31.53 -25.63
C SER G 101 17.00 31.16 -25.55
N ILE G 102 16.45 31.05 -24.32
CA ILE G 102 15.02 30.76 -24.09
C ILE G 102 14.16 31.86 -24.71
N ALA G 103 14.51 33.13 -24.46
CA ALA G 103 13.78 34.27 -25.02
C ALA G 103 13.81 34.25 -26.55
N ASN G 104 14.96 33.91 -27.15
CA ASN G 104 15.07 33.83 -28.60
C ASN G 104 14.24 32.68 -29.18
N VAL G 105 14.21 31.52 -28.48
CA VAL G 105 13.37 30.39 -28.91
C VAL G 105 11.90 30.83 -28.90
N ARG G 106 11.43 31.46 -27.79
CA ARG G 106 10.05 31.90 -27.70
C ARG G 106 9.71 32.96 -28.76
N GLU G 107 10.66 33.88 -29.05
CA GLU G 107 10.44 34.88 -30.08
C GLU G 107 10.32 34.22 -31.48
N ALA G 108 11.21 33.26 -31.80
CA ALA G 108 11.14 32.55 -33.07
C ALA G 108 9.85 31.74 -33.18
N VAL G 109 9.42 31.07 -32.09
CA VAL G 109 8.18 30.28 -32.08
C VAL G 109 6.97 31.19 -32.32
N GLU G 110 6.92 32.32 -31.61
CA GLU G 110 5.78 33.23 -31.73
C GLU G 110 5.75 34.01 -33.05
N SER G 111 6.84 34.02 -33.82
CA SER G 111 6.84 34.66 -35.14
C SER G 111 5.91 33.93 -36.15
N PHE G 112 5.49 32.69 -35.86
CA PHE G 112 4.58 31.96 -36.73
C PHE G 112 3.14 31.89 -36.15
N ALA G 113 2.89 32.50 -34.96
CA ALA G 113 1.59 32.41 -34.27
C ALA G 113 0.42 33.11 -34.95
N GLY G 114 0.72 33.98 -35.93
CA GLY G 114 -0.28 34.70 -36.71
C GLY G 114 -1.13 33.78 -37.56
N SER G 115 -0.67 32.54 -37.77
CA SER G 115 -1.41 31.52 -38.49
C SER G 115 -1.67 30.36 -37.48
N PRO G 116 -2.80 30.41 -36.75
CA PRO G 116 -3.06 29.38 -35.74
C PRO G 116 -3.30 27.95 -36.26
N LEU G 117 -3.81 27.76 -37.50
CA LEU G 117 -4.00 26.40 -38.05
C LEU G 117 -2.66 25.71 -38.37
N SER G 118 -1.55 26.48 -38.52
CA SER G 118 -0.25 25.90 -38.85
C SER G 118 0.84 26.13 -37.76
N TYR G 119 0.48 26.82 -36.64
CA TYR G 119 1.42 27.12 -35.56
C TYR G 119 2.05 25.86 -34.91
N ARG G 120 3.41 25.84 -34.79
CA ARG G 120 4.17 24.74 -34.18
C ARG G 120 4.75 25.05 -32.78
N PRO G 121 4.17 24.47 -31.73
CA PRO G 121 4.75 24.66 -30.38
C PRO G 121 6.13 24.03 -30.27
N VAL G 122 7.01 24.61 -29.44
CA VAL G 122 8.37 24.06 -29.25
C VAL G 122 8.62 23.98 -27.73
N ALA G 123 8.91 22.77 -27.22
CA ALA G 123 9.17 22.60 -25.78
C ALA G 123 10.55 23.11 -25.41
N ILE G 124 10.71 23.50 -24.15
CA ILE G 124 12.01 23.93 -23.65
C ILE G 124 12.45 22.97 -22.57
N ALA G 125 13.56 22.30 -22.79
CA ALA G 125 14.08 21.29 -21.89
C ALA G 125 15.41 21.75 -21.26
N LEU G 126 15.55 21.56 -19.96
CA LEU G 126 16.77 21.93 -19.25
C LEU G 126 17.52 20.64 -18.95
N ASP G 127 18.77 20.54 -19.38
CA ASP G 127 19.58 19.38 -19.15
C ASP G 127 20.59 19.74 -18.03
N THR G 128 20.50 19.06 -16.89
CA THR G 128 21.35 19.40 -15.76
C THR G 128 22.85 19.01 -15.91
N LYS G 129 23.70 19.76 -15.21
CA LYS G 129 25.13 19.49 -15.20
C LYS G 129 25.40 18.09 -14.59
N GLY G 130 24.69 17.76 -13.53
CA GLY G 130 24.82 16.45 -12.90
C GLY G 130 25.52 16.47 -11.56
N PRO G 131 25.58 15.29 -10.91
CA PRO G 131 26.16 15.21 -9.56
C PRO G 131 27.67 15.24 -9.49
N PRO G 135 27.26 12.07 -5.65
CA PRO G 135 26.67 12.12 -4.29
C PRO G 135 25.31 12.82 -4.22
N GLY G 136 24.35 12.34 -5.01
CA GLY G 136 23.01 12.91 -5.02
C GLY G 136 22.90 14.24 -5.75
N LEU G 137 21.78 14.96 -5.59
CA LEU G 137 21.61 16.26 -6.25
C LEU G 137 22.67 17.34 -5.82
N SER G 138 23.44 17.84 -6.78
CA SER G 138 24.46 18.86 -6.52
C SER G 138 23.83 20.24 -6.24
N GLU G 139 24.62 21.14 -5.66
CA GLU G 139 24.14 22.49 -5.33
C GLU G 139 23.85 23.29 -6.58
N GLN G 140 24.67 23.12 -7.63
CA GLN G 140 24.46 23.83 -8.88
C GLN G 140 23.17 23.34 -9.54
N ASP G 141 22.89 22.04 -9.48
CA ASP G 141 21.65 21.49 -10.03
C ASP G 141 20.43 22.05 -9.34
N VAL G 142 20.47 22.25 -8.01
CA VAL G 142 19.35 22.84 -7.31
C VAL G 142 19.08 24.26 -7.84
N ARG G 143 20.15 25.04 -8.05
CA ARG G 143 19.99 26.41 -8.56
C ARG G 143 19.53 26.43 -10.01
N ASP G 144 20.01 25.49 -10.83
CA ASP G 144 19.62 25.42 -12.23
C ASP G 144 18.17 24.94 -12.36
N LEU G 145 17.74 23.99 -11.54
CA LEU G 145 16.35 23.51 -11.54
C LEU G 145 15.43 24.64 -11.13
N ARG G 146 15.85 25.49 -10.14
CA ARG G 146 15.08 26.67 -9.70
C ARG G 146 14.98 27.67 -10.86
N PHE G 147 16.07 27.86 -11.61
CA PHE G 147 16.07 28.73 -12.78
C PHE G 147 15.02 28.20 -13.80
N GLY G 148 14.99 26.89 -14.02
CA GLY G 148 14.02 26.27 -14.93
C GLY G 148 12.58 26.53 -14.57
N VAL G 149 12.24 26.40 -13.29
CA VAL G 149 10.90 26.67 -12.78
C VAL G 149 10.55 28.13 -12.99
N GLU G 150 11.49 29.04 -12.64
CA GLU G 150 11.24 30.47 -12.81
C GLU G 150 11.09 30.89 -14.25
N HIS G 151 11.78 30.20 -15.17
CA HIS G 151 11.68 30.52 -16.58
C HIS G 151 10.63 29.68 -17.36
N GLY G 152 9.85 28.88 -16.64
CA GLY G 152 8.76 28.08 -17.19
C GLY G 152 9.17 27.00 -18.18
N VAL G 153 10.24 26.26 -17.87
CA VAL G 153 10.67 25.17 -18.75
C VAL G 153 9.65 24.05 -18.68
N ASP G 154 9.57 23.26 -19.73
CA ASP G 154 8.61 22.18 -19.82
C ASP G 154 9.15 20.85 -19.34
N ILE G 155 10.44 20.62 -19.53
CA ILE G 155 11.06 19.33 -19.27
C ILE G 155 12.40 19.49 -18.61
N VAL G 156 12.77 18.51 -17.78
CA VAL G 156 14.10 18.44 -17.20
C VAL G 156 14.72 17.12 -17.65
N PHE G 157 15.91 17.15 -18.24
CA PHE G 157 16.70 15.95 -18.56
C PHE G 157 17.68 15.85 -17.37
N ALA G 158 17.40 14.98 -16.40
CA ALA G 158 18.20 14.88 -15.18
C ALA G 158 19.41 13.99 -15.37
N SER G 159 20.60 14.59 -15.32
CA SER G 159 21.85 13.85 -15.54
C SER G 159 22.19 12.86 -14.46
N PHE G 160 22.82 11.75 -14.85
CA PHE G 160 23.30 10.67 -13.99
C PHE G 160 22.30 10.22 -12.92
N VAL G 161 21.08 9.83 -13.34
CA VAL G 161 20.12 9.29 -12.39
C VAL G 161 20.55 7.84 -12.13
N ARG G 162 20.77 7.47 -10.86
CA ARG G 162 21.25 6.12 -10.53
C ARG G 162 20.27 5.30 -9.72
N LYS G 163 19.26 5.96 -9.10
CA LYS G 163 18.29 5.29 -8.23
C LYS G 163 17.03 6.13 -8.09
N ALA G 164 15.92 5.55 -7.60
CA ALA G 164 14.65 6.24 -7.43
C ALA G 164 14.75 7.49 -6.59
N SER G 165 15.62 7.48 -5.54
CA SER G 165 15.74 8.66 -4.66
C SER G 165 16.38 9.86 -5.36
N ASP G 166 17.14 9.63 -6.44
CA ASP G 166 17.66 10.74 -7.24
C ASP G 166 16.51 11.49 -7.92
N VAL G 167 15.50 10.74 -8.40
CA VAL G 167 14.32 11.36 -9.04
C VAL G 167 13.48 12.10 -8.02
N ALA G 168 13.30 11.52 -6.82
CA ALA G 168 12.54 12.18 -5.74
C ALA G 168 13.19 13.51 -5.37
N ALA G 169 14.53 13.57 -5.36
CA ALA G 169 15.27 14.79 -5.07
C ALA G 169 15.00 15.84 -6.16
N VAL G 170 15.03 15.44 -7.44
CA VAL G 170 14.67 16.36 -8.54
C VAL G 170 13.22 16.85 -8.39
N ARG G 171 12.24 15.94 -8.12
CA ARG G 171 10.83 16.31 -7.94
C ARG G 171 10.67 17.36 -6.85
N ALA G 172 11.28 17.10 -5.67
CA ALA G 172 11.21 18.00 -4.54
C ALA G 172 11.82 19.35 -4.90
N ALA G 173 12.92 19.36 -5.66
CA ALA G 173 13.58 20.62 -6.10
C ALA G 173 12.76 21.43 -7.15
N LEU G 174 11.72 20.81 -7.77
CA LEU G 174 10.88 21.56 -8.71
C LEU G 174 9.83 22.45 -7.96
N GLY G 175 10.07 22.64 -6.65
CA GLY G 175 9.47 23.63 -5.75
C GLY G 175 8.00 23.52 -5.75
N PRO G 176 7.33 24.58 -5.32
CA PRO G 176 5.87 24.53 -5.34
C PRO G 176 5.31 24.80 -6.75
N GLU G 177 6.04 25.55 -7.61
CA GLU G 177 5.55 25.92 -8.92
C GLU G 177 5.81 24.93 -10.08
N GLY G 178 6.74 23.99 -9.94
CA GLY G 178 7.16 23.16 -11.07
C GLY G 178 6.80 21.70 -11.08
N HIS G 179 5.71 21.31 -10.38
CA HIS G 179 5.28 19.92 -10.34
C HIS G 179 4.81 19.37 -11.72
N GLY G 180 4.39 20.26 -12.62
CA GLY G 180 3.95 19.87 -13.95
C GLY G 180 5.09 19.66 -14.94
N ILE G 181 6.33 19.96 -14.54
CA ILE G 181 7.50 19.76 -15.39
C ILE G 181 7.78 18.28 -15.52
N LYS G 182 8.03 17.80 -16.74
CA LYS G 182 8.31 16.39 -16.96
C LYS G 182 9.75 16.09 -16.57
N ILE G 183 9.99 15.02 -15.83
CA ILE G 183 11.35 14.61 -15.47
C ILE G 183 11.73 13.42 -16.30
N ILE G 184 12.69 13.61 -17.20
CA ILE G 184 13.21 12.57 -18.04
C ILE G 184 14.56 12.17 -17.43
N SER G 185 14.65 10.97 -16.86
CA SER G 185 15.87 10.52 -16.21
C SER G 185 16.90 10.04 -17.21
N LYS G 186 18.10 10.63 -17.18
CA LYS G 186 19.19 10.19 -18.04
C LYS G 186 19.90 9.02 -17.41
N ILE G 187 20.01 7.89 -18.15
CA ILE G 187 20.70 6.70 -17.67
C ILE G 187 22.07 6.73 -18.32
N GLU G 188 23.10 6.94 -17.50
CA GLU G 188 24.46 7.17 -17.99
C GLU G 188 25.53 6.27 -17.40
N ASN G 189 25.17 5.34 -16.51
CA ASN G 189 26.19 4.47 -15.90
C ASN G 189 25.62 3.10 -15.55
N HIS G 190 26.47 2.19 -15.05
CA HIS G 190 26.07 0.83 -14.72
C HIS G 190 24.96 0.79 -13.69
N GLU G 191 25.05 1.60 -12.63
CA GLU G 191 24.03 1.60 -11.60
C GLU G 191 22.64 2.04 -12.14
N GLY G 192 22.60 3.06 -13.00
CA GLY G 192 21.35 3.49 -13.61
C GLY G 192 20.71 2.39 -14.43
N VAL G 193 21.54 1.61 -15.17
CA VAL G 193 21.02 0.49 -15.95
C VAL G 193 20.48 -0.60 -15.05
N LYS G 194 21.26 -0.98 -14.02
CA LYS G 194 20.84 -2.03 -13.10
C LYS G 194 19.61 -1.68 -12.28
N ARG G 195 19.45 -0.39 -11.91
CA ARG G 195 18.27 0.04 -11.18
C ARG G 195 17.22 0.69 -12.10
N PHE G 196 17.25 0.37 -13.41
CA PHE G 196 16.35 0.95 -14.40
C PHE G 196 14.87 0.86 -14.03
N ASP G 197 14.39 -0.31 -13.60
CA ASP G 197 12.96 -0.46 -13.27
C ASP G 197 12.47 0.49 -12.20
N GLU G 198 13.24 0.66 -11.12
CA GLU G 198 12.84 1.57 -10.05
C GLU G 198 12.91 3.03 -10.48
N ILE G 199 13.85 3.36 -11.36
CA ILE G 199 13.98 4.72 -11.88
C ILE G 199 12.79 5.03 -12.82
N LEU G 200 12.48 4.11 -13.76
CA LEU G 200 11.39 4.32 -14.71
C LEU G 200 10.05 4.47 -14.01
N GLU G 201 9.82 3.69 -12.96
CA GLU G 201 8.60 3.75 -12.17
C GLU G 201 8.28 5.16 -11.67
N VAL G 202 9.28 5.90 -11.19
CA VAL G 202 9.05 7.24 -10.65
C VAL G 202 9.34 8.38 -11.64
N SER G 203 9.89 8.08 -12.83
CA SER G 203 10.19 9.13 -13.81
C SER G 203 9.05 9.30 -14.81
N ASP G 204 9.00 10.44 -15.49
CA ASP G 204 8.03 10.63 -16.59
C ASP G 204 8.57 9.96 -17.89
N GLY G 205 9.87 9.75 -17.98
CA GLY G 205 10.49 9.13 -19.13
C GLY G 205 11.98 8.93 -18.93
N ILE G 206 12.68 8.50 -19.98
CA ILE G 206 14.08 8.14 -19.90
C ILE G 206 14.85 8.68 -21.09
N MET G 207 16.13 9.01 -20.87
CA MET G 207 17.02 9.34 -21.95
C MET G 207 18.16 8.34 -21.90
N VAL G 208 18.45 7.70 -23.03
CA VAL G 208 19.59 6.80 -23.15
C VAL G 208 20.76 7.74 -23.48
N ALA G 209 21.51 8.16 -22.44
CA ALA G 209 22.57 9.16 -22.59
C ALA G 209 23.87 8.40 -22.95
N ARG G 210 24.04 8.12 -24.24
CA ARG G 210 25.08 7.22 -24.73
C ARG G 210 26.53 7.69 -24.58
N GLY G 211 26.76 8.99 -24.47
CA GLY G 211 28.13 9.52 -24.30
C GLY G 211 28.75 9.00 -23.01
N ASP G 212 28.18 9.35 -21.85
CA ASP G 212 28.67 8.84 -20.58
C ASP G 212 28.47 7.35 -20.44
N LEU G 213 27.32 6.80 -20.92
CA LEU G 213 27.10 5.36 -20.83
C LEU G 213 28.23 4.54 -21.53
N GLY G 214 28.68 5.03 -22.68
CA GLY G 214 29.75 4.42 -23.45
C GLY G 214 31.14 4.52 -22.85
N ILE G 215 31.30 5.30 -21.77
CA ILE G 215 32.55 5.45 -21.02
C ILE G 215 32.42 4.66 -19.70
N GLU G 216 31.22 4.64 -19.09
CA GLU G 216 30.92 3.97 -17.83
C GLU G 216 30.81 2.45 -17.97
N ILE G 217 30.35 1.98 -19.11
CA ILE G 217 30.24 0.54 -19.42
C ILE G 217 31.00 0.28 -20.72
N PRO G 218 31.37 -0.97 -21.05
CA PRO G 218 32.07 -1.20 -22.33
C PRO G 218 31.29 -0.63 -23.53
N ALA G 219 31.95 0.06 -24.44
CA ALA G 219 31.32 0.68 -25.61
C ALA G 219 30.49 -0.31 -26.42
N GLU G 220 30.95 -1.55 -26.51
CA GLU G 220 30.27 -2.61 -27.28
C GLU G 220 28.98 -3.13 -26.62
N LYS G 221 28.66 -2.69 -25.40
CA LYS G 221 27.44 -3.08 -24.71
C LYS G 221 26.36 -1.97 -24.75
N VAL G 222 26.70 -0.75 -25.20
CA VAL G 222 25.72 0.36 -25.21
C VAL G 222 24.45 0.03 -25.98
N PHE G 223 24.58 -0.63 -27.15
CA PHE G 223 23.38 -0.99 -27.93
C PHE G 223 22.42 -1.90 -27.16
N LEU G 224 22.94 -2.78 -26.26
CA LEU G 224 22.10 -3.67 -25.46
C LEU G 224 21.31 -2.83 -24.47
N ALA G 225 21.99 -1.87 -23.80
CA ALA G 225 21.33 -1.00 -22.83
C ALA G 225 20.27 -0.12 -23.54
N GLN G 226 20.60 0.41 -24.73
CA GLN G 226 19.67 1.23 -25.50
C GLN G 226 18.41 0.44 -25.88
N LYS G 227 18.58 -0.76 -26.47
CA LYS G 227 17.46 -1.56 -26.91
C LYS G 227 16.59 -2.03 -25.74
N MET G 228 17.23 -2.37 -24.61
CA MET G 228 16.50 -2.81 -23.43
C MET G 228 15.66 -1.66 -22.85
N MET G 229 16.26 -0.49 -22.67
CA MET G 229 15.58 0.65 -22.10
C MET G 229 14.45 1.17 -22.99
N ILE G 230 14.65 1.17 -24.31
CA ILE G 230 13.60 1.56 -25.25
C ILE G 230 12.42 0.58 -25.18
N GLY G 231 12.73 -0.72 -25.15
CA GLY G 231 11.69 -1.75 -25.04
C GLY G 231 10.87 -1.62 -23.76
N ARG G 232 11.55 -1.43 -22.62
CA ARG G 232 10.87 -1.28 -21.34
C ARG G 232 10.03 0.00 -21.28
N CYS G 233 10.51 1.09 -21.89
CA CYS G 233 9.77 2.33 -21.92
C CYS G 233 8.55 2.19 -22.79
N ASN G 234 8.68 1.51 -23.94
CA ASN G 234 7.55 1.25 -24.84
C ASN G 234 6.47 0.42 -24.09
N LEU G 235 6.91 -0.59 -23.32
CA LEU G 235 6.04 -1.44 -22.54
C LEU G 235 5.33 -0.62 -21.45
N ALA G 236 6.05 0.31 -20.79
CA ALA G 236 5.44 1.17 -19.75
C ALA G 236 4.61 2.33 -20.31
N GLY G 237 4.69 2.59 -21.62
CA GLY G 237 3.97 3.72 -22.21
C GLY G 237 4.56 5.06 -21.80
N LYS G 238 5.88 5.11 -21.57
CA LYS G 238 6.55 6.35 -21.18
C LYS G 238 7.58 6.75 -22.22
N PRO G 239 7.76 8.06 -22.45
CA PRO G 239 8.72 8.49 -23.49
C PRO G 239 10.18 8.10 -23.26
N VAL G 240 10.86 7.78 -24.34
CA VAL G 240 12.26 7.40 -24.30
C VAL G 240 12.99 8.19 -25.40
N VAL G 241 14.12 8.81 -25.04
CA VAL G 241 14.92 9.58 -25.97
C VAL G 241 16.19 8.82 -26.28
N CYS G 242 16.60 8.77 -27.56
CA CYS G 242 17.92 8.25 -27.90
C CYS G 242 18.81 9.48 -28.09
N ALA G 243 19.98 9.48 -27.44
CA ALA G 243 20.84 10.67 -27.49
C ALA G 243 22.29 10.36 -27.71
N THR G 244 23.03 11.39 -28.24
CA THR G 244 24.48 11.55 -28.31
C THR G 244 25.15 10.84 -29.46
N GLN G 245 25.86 11.64 -30.25
CA GLN G 245 26.70 11.27 -31.40
C GLN G 245 25.92 10.63 -32.52
N MET G 246 24.60 10.90 -32.63
CA MET G 246 23.80 10.32 -33.69
C MET G 246 24.27 10.78 -35.07
N LEU G 247 24.61 12.08 -35.21
CA LEU G 247 25.10 12.62 -36.48
C LEU G 247 26.40 13.42 -36.19
N GLU G 248 27.26 12.92 -35.29
CA GLU G 248 28.48 13.58 -34.81
C GLU G 248 29.35 14.26 -35.89
N SER G 249 29.64 13.55 -36.99
CA SER G 249 30.46 14.08 -38.07
C SER G 249 29.89 15.38 -38.67
N MET G 250 28.56 15.60 -38.55
CA MET G 250 27.94 16.82 -39.05
C MET G 250 28.30 18.07 -38.25
N ILE G 251 29.07 17.94 -37.15
CA ILE G 251 29.58 19.10 -36.43
C ILE G 251 30.52 19.90 -37.40
N THR G 252 31.29 19.19 -38.25
CA THR G 252 32.18 19.84 -39.21
C THR G 252 31.86 19.52 -40.67
N LYS G 253 31.10 18.44 -40.96
CA LYS G 253 30.81 18.06 -42.35
C LYS G 253 29.34 18.25 -42.73
N PRO G 254 29.06 18.65 -43.99
CA PRO G 254 27.66 18.90 -44.38
C PRO G 254 26.80 17.64 -44.55
N ARG G 255 27.43 16.47 -44.67
CA ARG G 255 26.71 15.21 -44.82
C ARG G 255 27.21 14.21 -43.76
N PRO G 256 26.32 13.36 -43.25
CA PRO G 256 26.74 12.40 -42.23
C PRO G 256 27.35 11.13 -42.83
N THR G 257 27.94 10.28 -41.97
CA THR G 257 28.47 9.01 -42.42
C THR G 257 27.33 7.96 -42.56
N ARG G 258 27.63 6.82 -43.21
CA ARG G 258 26.69 5.73 -43.37
C ARG G 258 26.28 5.12 -42.00
N ALA G 259 27.20 5.12 -41.02
CA ALA G 259 26.89 4.60 -39.69
C ALA G 259 25.91 5.52 -38.95
N GLU G 260 26.05 6.83 -39.13
CA GLU G 260 25.21 7.84 -38.52
C GLU G 260 23.78 7.80 -39.02
N THR G 261 23.55 7.69 -40.35
CA THR G 261 22.18 7.58 -40.84
C THR G 261 21.53 6.28 -40.38
N SER G 262 22.32 5.20 -40.37
CA SER G 262 21.88 3.91 -39.88
C SER G 262 21.48 4.00 -38.38
N ASP G 263 22.29 4.67 -37.57
CA ASP G 263 22.04 4.84 -36.14
C ASP G 263 20.70 5.56 -35.88
N VAL G 264 20.42 6.65 -36.62
CA VAL G 264 19.19 7.39 -36.47
C VAL G 264 18.00 6.48 -36.86
N ALA G 265 18.12 5.77 -38.02
CA ALA G 265 17.04 4.91 -38.47
C ALA G 265 16.76 3.79 -37.46
N ASN G 266 17.82 3.18 -36.93
CA ASN G 266 17.69 2.11 -35.96
C ASN G 266 17.16 2.57 -34.61
N ALA G 267 17.44 3.80 -34.18
CA ALA G 267 16.87 4.31 -32.93
C ALA G 267 15.31 4.41 -33.09
N VAL G 268 14.83 4.88 -34.25
CA VAL G 268 13.39 4.94 -34.54
C VAL G 268 12.80 3.52 -34.63
N LEU G 269 13.48 2.61 -35.35
CA LEU G 269 13.03 1.23 -35.43
C LEU G 269 13.04 0.52 -34.06
N ASP G 270 13.96 0.88 -33.16
CA ASP G 270 14.02 0.32 -31.80
C ASP G 270 12.76 0.70 -31.01
N GLY G 271 12.20 1.87 -31.28
CA GLY G 271 11.01 2.37 -30.60
C GLY G 271 11.19 3.69 -29.89
N ALA G 272 12.27 4.46 -30.20
CA ALA G 272 12.47 5.74 -29.53
C ALA G 272 11.39 6.75 -29.84
N ASP G 273 10.88 7.45 -28.82
CA ASP G 273 9.90 8.51 -29.04
C ASP G 273 10.59 9.74 -29.60
N CYS G 274 11.82 10.02 -29.13
CA CYS G 274 12.58 11.21 -29.53
C CYS G 274 13.99 10.82 -29.93
N ILE G 275 14.56 11.61 -30.82
CA ILE G 275 15.96 11.52 -31.18
C ILE G 275 16.57 12.90 -30.88
N MET G 276 17.88 12.94 -30.59
CA MET G 276 18.51 14.18 -30.15
C MET G 276 19.75 14.53 -30.93
N LEU G 277 20.04 15.84 -30.94
CA LEU G 277 21.22 16.44 -31.51
C LEU G 277 21.86 17.24 -30.39
N SER G 278 23.17 17.04 -30.17
CA SER G 278 23.88 17.76 -29.14
CA SER G 278 23.88 17.76 -29.14
C SER G 278 24.88 18.75 -29.78
N GLY G 279 26.15 18.36 -29.96
CA GLY G 279 27.14 19.25 -30.56
C GLY G 279 26.77 19.62 -32.00
N GLU G 280 26.05 18.72 -32.70
CA GLU G 280 25.62 18.95 -34.09
C GLU G 280 24.83 20.26 -34.23
N THR G 281 24.05 20.66 -33.20
CA THR G 281 23.31 21.92 -33.29
C THR G 281 23.84 22.99 -32.34
N ALA G 282 24.43 22.58 -31.20
CA ALA G 282 24.88 23.55 -30.20
C ALA G 282 26.12 24.30 -30.65
N LYS G 283 27.03 23.61 -31.31
CA LYS G 283 28.31 24.22 -31.69
C LYS G 283 28.78 23.88 -33.10
N GLY G 284 28.00 23.12 -33.86
CA GLY G 284 28.42 22.70 -35.19
C GLY G 284 28.29 23.76 -36.26
N ASN G 285 28.84 23.45 -37.43
CA ASN G 285 28.82 24.33 -38.60
C ASN G 285 27.55 24.15 -39.44
N PHE G 286 26.78 23.05 -39.22
CA PHE G 286 25.58 22.79 -39.99
C PHE G 286 24.37 22.44 -39.09
N PRO G 287 23.95 23.31 -38.13
CA PRO G 287 22.83 22.95 -37.23
C PRO G 287 21.51 22.69 -37.94
N VAL G 288 21.16 23.53 -38.94
CA VAL G 288 19.90 23.37 -39.65
C VAL G 288 19.90 22.08 -40.48
N GLU G 289 21.02 21.79 -41.13
CA GLU G 289 21.17 20.59 -41.96
C GLU G 289 21.10 19.31 -41.11
N ALA G 290 21.62 19.35 -39.86
CA ALA G 290 21.56 18.20 -38.95
C ALA G 290 20.09 17.90 -38.59
N VAL G 291 19.28 18.96 -38.35
CA VAL G 291 17.88 18.80 -38.04
C VAL G 291 17.15 18.21 -39.26
N LYS G 292 17.45 18.75 -40.47
CA LYS G 292 16.85 18.27 -41.71
C LYS G 292 17.16 16.80 -41.96
N MET G 293 18.39 16.38 -41.65
CA MET G 293 18.82 15.00 -41.83
C MET G 293 18.07 14.05 -40.89
N GLN G 294 17.94 14.42 -39.60
CA GLN G 294 17.18 13.61 -38.66
C GLN G 294 15.72 13.51 -39.09
N HIS G 295 15.16 14.63 -39.59
CA HIS G 295 13.78 14.64 -40.09
C HIS G 295 13.60 13.64 -41.24
N ALA G 296 14.50 13.70 -42.24
CA ALA G 296 14.43 12.84 -43.42
C ALA G 296 14.56 11.35 -43.08
N ILE G 297 15.55 11.00 -42.22
CA ILE G 297 15.74 9.62 -41.82
C ILE G 297 14.55 9.08 -41.00
N ALA G 298 14.07 9.87 -39.99
CA ALA G 298 12.97 9.43 -39.15
C ALA G 298 11.72 9.12 -39.95
N ARG G 299 11.39 9.95 -40.97
CA ARG G 299 10.21 9.70 -41.80
C ARG G 299 10.32 8.37 -42.53
N GLU G 300 11.49 8.08 -43.09
CA GLU G 300 11.73 6.82 -43.79
C GLU G 300 11.64 5.64 -42.84
N ALA G 301 12.23 5.77 -41.64
CA ALA G 301 12.26 4.68 -40.66
C ALA G 301 10.90 4.38 -40.07
N GLU G 302 10.08 5.42 -39.87
CA GLU G 302 8.73 5.24 -39.30
C GLU G 302 7.84 4.43 -40.25
N ALA G 303 7.98 4.65 -41.58
CA ALA G 303 7.22 3.86 -42.54
C ALA G 303 7.66 2.39 -42.55
N ALA G 304 8.92 2.12 -42.22
CA ALA G 304 9.50 0.78 -42.17
C ALA G 304 9.21 0.02 -40.87
N VAL G 305 8.53 0.63 -39.89
CA VAL G 305 8.17 -0.06 -38.65
C VAL G 305 7.19 -1.20 -38.99
N TYR G 306 7.40 -2.39 -38.42
CA TYR G 306 6.54 -3.55 -38.68
C TYR G 306 5.36 -3.50 -37.68
N HIS G 307 4.38 -2.65 -37.95
CA HIS G 307 3.23 -2.43 -37.06
C HIS G 307 2.43 -3.67 -36.74
N ARG G 308 2.33 -4.62 -37.67
CA ARG G 308 1.55 -5.85 -37.44
C ARG G 308 2.05 -6.60 -36.21
N GLN G 309 3.38 -6.73 -36.07
CA GLN G 309 3.92 -7.42 -34.91
C GLN G 309 3.93 -6.47 -33.70
N LEU G 310 4.37 -5.21 -33.91
CA LEU G 310 4.47 -4.23 -32.84
C LEU G 310 3.15 -4.02 -32.09
N PHE G 311 2.05 -3.75 -32.82
CA PHE G 311 0.75 -3.57 -32.20
C PHE G 311 0.28 -4.81 -31.48
N GLU G 312 0.47 -6.00 -32.09
CA GLU G 312 0.09 -7.28 -31.48
C GLU G 312 0.83 -7.48 -30.16
N GLU G 313 2.14 -7.18 -30.12
CA GLU G 313 2.93 -7.34 -28.91
C GLU G 313 2.62 -6.29 -27.85
N LEU G 314 2.36 -5.05 -28.26
CA LEU G 314 2.00 -3.99 -27.30
C LEU G 314 0.66 -4.32 -26.64
N ARG G 315 -0.30 -4.78 -27.46
CA ARG G 315 -1.63 -5.19 -27.04
C ARG G 315 -1.55 -6.36 -26.05
N ARG G 316 -0.79 -7.41 -26.37
CA ARG G 316 -0.64 -8.61 -25.54
C ARG G 316 0.05 -8.30 -24.21
N ALA G 317 1.05 -7.40 -24.24
CA ALA G 317 1.81 -7.07 -23.03
C ALA G 317 1.09 -6.12 -22.11
N ALA G 318 0.26 -5.23 -22.66
CA ALA G 318 -0.46 -4.27 -21.84
C ALA G 318 -1.51 -5.00 -20.99
N PRO G 319 -1.51 -4.75 -19.68
CA PRO G 319 -2.48 -5.43 -18.81
C PRO G 319 -3.91 -4.91 -19.02
N LEU G 320 -4.88 -5.66 -18.52
CA LEU G 320 -6.27 -5.26 -18.57
C LEU G 320 -6.45 -3.97 -17.76
N SER G 321 -7.40 -3.15 -18.13
CA SER G 321 -7.60 -1.89 -17.44
C SER G 321 -9.05 -1.54 -17.29
N ARG G 322 -9.41 -0.95 -16.17
CA ARG G 322 -10.75 -0.41 -15.97
C ARG G 322 -10.76 1.13 -16.09
N ASP G 323 -9.66 1.75 -16.54
CA ASP G 323 -9.56 3.19 -16.73
C ASP G 323 -10.14 3.51 -18.12
N PRO G 324 -11.21 4.32 -18.18
CA PRO G 324 -11.85 4.59 -19.48
C PRO G 324 -10.94 5.22 -20.52
N THR G 325 -9.95 6.04 -20.12
CA THR G 325 -9.04 6.65 -21.09
C THR G 325 -8.21 5.57 -21.78
N GLU G 326 -7.68 4.63 -20.99
CA GLU G 326 -6.87 3.52 -21.52
CA GLU G 326 -6.88 3.52 -21.48
C GLU G 326 -7.72 2.59 -22.40
N VAL G 327 -8.96 2.32 -22.00
CA VAL G 327 -9.85 1.46 -22.77
C VAL G 327 -10.21 2.12 -24.11
N THR G 328 -10.51 3.44 -24.08
CA THR G 328 -10.85 4.17 -25.27
C THR G 328 -9.66 4.23 -26.21
N ALA G 329 -8.43 4.46 -25.67
CA ALA G 329 -7.25 4.56 -26.49
C ALA G 329 -6.98 3.30 -27.31
N ILE G 330 -7.08 2.11 -26.70
CA ILE G 330 -6.81 0.88 -27.45
C ILE G 330 -7.90 0.64 -28.51
N GLY G 331 -9.16 0.97 -28.18
CA GLY G 331 -10.27 0.89 -29.12
C GLY G 331 -10.08 1.81 -30.31
N ALA G 332 -9.62 3.05 -30.05
CA ALA G 332 -9.34 4.04 -31.10
C ALA G 332 -8.19 3.62 -32.00
N VAL G 333 -7.12 3.05 -31.44
CA VAL G 333 -5.96 2.64 -32.23
C VAL G 333 -6.35 1.41 -33.09
N GLU G 334 -7.13 0.48 -32.53
CA GLU G 334 -7.62 -0.68 -33.30
CA GLU G 334 -7.62 -0.68 -33.30
C GLU G 334 -8.51 -0.20 -34.46
N ALA G 335 -9.42 0.76 -34.19
CA ALA G 335 -10.28 1.35 -35.22
C ALA G 335 -9.46 2.04 -36.30
N ALA G 336 -8.41 2.82 -35.91
CA ALA G 336 -7.57 3.52 -36.87
C ALA G 336 -6.86 2.54 -37.83
N PHE G 337 -6.36 1.42 -37.31
CA PHE G 337 -5.72 0.41 -38.15
C PHE G 337 -6.73 -0.25 -39.11
N LYS G 338 -7.97 -0.50 -38.65
CA LYS G 338 -9.01 -1.13 -39.46
C LYS G 338 -9.34 -0.34 -40.73
N CYS G 339 -9.36 1.00 -40.65
CA CYS G 339 -9.71 1.80 -41.81
C CYS G 339 -8.55 2.57 -42.42
N CYS G 340 -7.31 2.37 -41.95
CA CYS G 340 -6.14 3.12 -42.38
C CYS G 340 -6.38 4.61 -42.19
N ALA G 341 -6.94 4.98 -41.00
CA ALA G 341 -7.30 6.35 -40.70
C ALA G 341 -6.13 7.27 -40.88
N ALA G 342 -6.37 8.41 -41.48
CA ALA G 342 -5.32 9.40 -41.70
C ALA G 342 -4.87 10.01 -40.33
N ALA G 343 -5.76 10.05 -39.33
CA ALA G 343 -5.44 10.63 -38.04
C ALA G 343 -6.42 10.18 -36.96
N ILE G 344 -5.98 10.35 -35.69
CA ILE G 344 -6.78 10.20 -34.51
C ILE G 344 -6.76 11.60 -33.88
N ILE G 345 -7.89 12.29 -33.84
CA ILE G 345 -7.95 13.62 -33.25
C ILE G 345 -8.39 13.46 -31.81
N VAL G 346 -7.60 13.96 -30.87
CA VAL G 346 -7.90 13.79 -29.46
C VAL G 346 -7.92 15.13 -28.75
N LEU G 347 -8.92 15.34 -27.88
CA LEU G 347 -8.96 16.54 -27.06
C LEU G 347 -8.27 16.17 -25.74
N THR G 348 -7.37 17.05 -25.27
CA THR G 348 -6.61 16.77 -24.06
C THR G 348 -6.24 18.07 -23.35
N THR G 349 -6.33 18.09 -22.03
CA THR G 349 -5.92 19.27 -21.27
C THR G 349 -4.50 19.05 -20.73
N THR G 350 -4.20 17.82 -20.26
CA THR G 350 -2.88 17.54 -19.68
C THR G 350 -1.93 16.82 -20.65
N GLY G 351 -2.45 16.31 -21.78
CA GLY G 351 -1.64 15.51 -22.71
C GLY G 351 -1.82 14.01 -22.51
N ARG G 352 -2.39 13.59 -21.37
CA ARG G 352 -2.52 12.17 -21.02
C ARG G 352 -3.32 11.30 -22.00
N SER G 353 -4.48 11.79 -22.51
CA SER G 353 -5.26 11.00 -23.48
C SER G 353 -4.43 10.77 -24.77
N ALA G 354 -3.58 11.76 -25.17
CA ALA G 354 -2.74 11.61 -26.37
C ALA G 354 -1.60 10.62 -26.07
N GLN G 355 -1.04 10.67 -24.85
CA GLN G 355 0.04 9.75 -24.46
C GLN G 355 -0.44 8.29 -24.50
N LEU G 356 -1.66 8.04 -24.00
CA LEU G 356 -2.22 6.68 -24.00
C LEU G 356 -2.52 6.19 -25.42
N LEU G 357 -2.79 7.10 -26.38
CA LEU G 357 -2.95 6.67 -27.78
C LEU G 357 -1.57 6.30 -28.36
N SER G 358 -0.58 7.17 -28.12
CA SER G 358 0.80 7.03 -28.59
C SER G 358 1.45 5.71 -28.14
N ARG G 359 1.16 5.25 -26.92
CA ARG G 359 1.76 4.01 -26.40
C ARG G 359 1.42 2.77 -27.26
N TYR G 360 0.29 2.80 -28.03
CA TYR G 360 -0.06 1.68 -28.90
C TYR G 360 0.53 1.80 -30.30
N ARG G 361 1.34 2.84 -30.55
CA ARG G 361 2.02 3.09 -31.81
C ARG G 361 1.13 3.01 -33.04
N PRO G 362 0.06 3.83 -33.10
CA PRO G 362 -0.76 3.83 -34.32
C PRO G 362 0.04 4.38 -35.48
N ARG G 363 -0.28 3.93 -36.70
CA ARG G 363 0.30 4.53 -37.90
C ARG G 363 -0.37 5.91 -38.12
N ALA G 364 -1.65 6.06 -37.78
CA ALA G 364 -2.38 7.32 -37.90
C ALA G 364 -1.75 8.37 -36.97
N ALA G 365 -1.59 9.60 -37.45
CA ALA G 365 -1.06 10.70 -36.67
C ALA G 365 -2.02 11.02 -35.52
N VAL G 366 -1.52 11.27 -34.32
CA VAL G 366 -2.38 11.63 -33.19
C VAL G 366 -2.38 13.15 -33.11
N ILE G 367 -3.48 13.78 -33.55
CA ILE G 367 -3.59 15.23 -33.54
C ILE G 367 -4.18 15.62 -32.20
N ALA G 368 -3.38 16.24 -31.32
CA ALA G 368 -3.84 16.56 -29.97
C ALA G 368 -4.22 18.02 -29.88
N VAL G 369 -5.51 18.28 -29.69
CA VAL G 369 -6.00 19.65 -29.60
C VAL G 369 -6.12 20.01 -28.14
N THR G 370 -5.47 21.10 -27.74
CA THR G 370 -5.47 21.50 -26.34
C THR G 370 -5.48 23.00 -26.20
N ARG G 371 -6.03 23.47 -25.09
CA ARG G 371 -5.96 24.88 -24.69
C ARG G 371 -4.71 25.14 -23.80
N SER G 372 -4.06 24.09 -23.29
CA SER G 372 -2.86 24.25 -22.46
C SER G 372 -1.61 24.40 -23.34
N ALA G 373 -0.99 25.59 -23.30
CA ALA G 373 0.25 25.81 -24.06
C ALA G 373 1.36 24.87 -23.54
N GLN G 374 1.39 24.61 -22.22
CA GLN G 374 2.38 23.70 -21.65
C GLN G 374 2.18 22.24 -22.14
N ALA G 375 0.93 21.75 -22.11
CA ALA G 375 0.67 20.39 -22.58
C ALA G 375 0.99 20.26 -24.07
N ALA G 376 0.71 21.31 -24.86
CA ALA G 376 1.03 21.32 -26.30
C ALA G 376 2.54 21.16 -26.52
N ARG G 377 3.36 21.80 -25.68
CA ARG G 377 4.81 21.67 -25.80
C ARG G 377 5.28 20.28 -25.33
N GLN G 378 4.76 19.81 -24.18
CA GLN G 378 5.20 18.56 -23.57
C GLN G 378 4.86 17.29 -24.33
N VAL G 379 3.75 17.32 -25.04
CA VAL G 379 3.28 16.16 -25.78
C VAL G 379 4.24 15.78 -26.95
N HIS G 380 5.21 16.68 -27.32
CA HIS G 380 6.27 16.34 -28.30
C HIS G 380 7.13 15.16 -27.79
N LEU G 381 7.10 14.86 -26.48
CA LEU G 381 7.87 13.72 -25.95
C LEU G 381 7.29 12.37 -26.43
N CYS G 382 5.99 12.33 -26.82
CA CYS G 382 5.32 11.10 -27.20
C CYS G 382 5.30 10.93 -28.70
N ARG G 383 5.82 9.79 -29.20
CA ARG G 383 5.86 9.58 -30.66
C ARG G 383 4.50 9.69 -31.33
N GLY G 384 4.47 10.40 -32.43
CA GLY G 384 3.28 10.53 -33.26
C GLY G 384 2.22 11.47 -32.74
N VAL G 385 2.54 12.30 -31.74
CA VAL G 385 1.57 13.27 -31.25
C VAL G 385 1.91 14.64 -31.86
N PHE G 386 0.93 15.25 -32.55
CA PHE G 386 1.05 16.53 -33.22
C PHE G 386 0.17 17.51 -32.45
N PRO G 387 0.79 18.37 -31.65
CA PRO G 387 -0.01 19.30 -30.83
C PRO G 387 -0.55 20.50 -31.58
N LEU G 388 -1.80 20.83 -31.30
CA LEU G 388 -2.43 22.02 -31.88
C LEU G 388 -2.94 22.83 -30.71
N LEU G 389 -2.44 24.05 -30.55
CA LEU G 389 -2.85 24.93 -29.47
C LEU G 389 -4.08 25.72 -29.89
N TYR G 390 -5.18 25.56 -29.18
CA TYR G 390 -6.44 26.22 -29.49
C TYR G 390 -6.61 27.45 -28.58
N ARG G 391 -6.79 28.61 -29.19
CA ARG G 391 -6.89 29.91 -28.51
C ARG G 391 -8.27 30.61 -28.68
N GLU G 392 -9.23 29.99 -29.37
CA GLU G 392 -10.52 30.60 -29.61
C GLU G 392 -11.31 30.83 -28.32
N PRO G 393 -12.18 31.86 -28.29
CA PRO G 393 -13.02 32.08 -27.11
C PRO G 393 -14.02 30.92 -26.93
N PRO G 394 -14.41 30.63 -25.68
CA PRO G 394 -15.27 29.46 -25.45
C PRO G 394 -16.69 29.61 -25.97
N GLU G 395 -17.28 28.47 -26.36
CA GLU G 395 -18.68 28.46 -26.72
C GLU G 395 -19.47 28.33 -25.42
N ALA G 396 -20.69 28.86 -25.38
CA ALA G 396 -21.58 28.77 -24.21
C ALA G 396 -22.00 27.33 -23.95
N ILE G 397 -22.21 26.54 -25.02
CA ILE G 397 -22.60 25.14 -24.90
C ILE G 397 -21.36 24.27 -25.07
N TRP G 398 -21.08 23.46 -24.04
CA TRP G 398 -19.90 22.59 -24.02
C TRP G 398 -19.78 21.67 -25.25
N ALA G 399 -20.84 20.97 -25.68
CA ALA G 399 -20.79 20.11 -26.87
C ALA G 399 -20.40 20.91 -28.15
N ASP G 400 -20.82 22.16 -28.27
CA ASP G 400 -20.46 23.01 -29.42
C ASP G 400 -18.99 23.40 -29.37
N ASP G 401 -18.48 23.65 -28.17
CA ASP G 401 -17.08 23.99 -27.95
C ASP G 401 -16.19 22.76 -28.24
N VAL G 402 -16.67 21.55 -27.88
CA VAL G 402 -15.98 20.32 -28.22
C VAL G 402 -15.92 20.17 -29.78
N ASP G 403 -17.07 20.37 -30.48
CA ASP G 403 -17.11 20.23 -31.93
C ASP G 403 -16.20 21.22 -32.61
N ARG G 404 -16.12 22.45 -32.09
CA ARG G 404 -15.22 23.47 -32.64
C ARG G 404 -13.77 23.03 -32.58
N ARG G 405 -13.36 22.38 -31.50
CA ARG G 405 -11.98 21.91 -31.36
C ARG G 405 -11.69 20.72 -32.24
N VAL G 406 -12.66 19.81 -32.40
CA VAL G 406 -12.50 18.69 -33.31
C VAL G 406 -12.37 19.24 -34.76
N GLN G 407 -13.23 20.19 -35.19
CA GLN G 407 -13.13 20.78 -36.53
C GLN G 407 -11.82 21.55 -36.70
N PHE G 408 -11.32 22.19 -35.62
CA PHE G 408 -10.03 22.85 -35.68
C PHE G 408 -8.91 21.83 -35.96
N GLY G 409 -9.02 20.63 -35.38
CA GLY G 409 -8.07 19.56 -35.67
C GLY G 409 -8.15 19.13 -37.13
N ILE G 410 -9.37 18.96 -37.66
CA ILE G 410 -9.61 18.57 -39.07
C ILE G 410 -9.07 19.61 -40.03
N GLU G 411 -9.42 20.90 -39.81
CA GLU G 411 -8.97 22.04 -40.65
C GLU G 411 -7.48 22.20 -40.62
N SER G 412 -6.83 22.08 -39.44
CA SER G 412 -5.36 22.18 -39.37
C SER G 412 -4.73 20.99 -40.13
N GLY G 413 -5.32 19.81 -40.00
CA GLY G 413 -4.87 18.60 -40.67
C GLY G 413 -4.98 18.71 -42.18
N LYS G 414 -6.08 19.29 -42.69
CA LYS G 414 -6.23 19.49 -44.14
C LYS G 414 -5.20 20.48 -44.63
N LEU G 415 -5.00 21.60 -43.89
CA LEU G 415 -4.03 22.62 -44.26
C LEU G 415 -2.61 22.07 -44.31
N ARG G 416 -2.22 21.25 -43.31
CA ARG G 416 -0.89 20.69 -43.23
C ARG G 416 -0.65 19.43 -44.07
N GLY G 417 -1.65 18.96 -44.79
CA GLY G 417 -1.50 17.78 -45.65
C GLY G 417 -1.76 16.43 -45.00
N PHE G 418 -2.10 16.40 -43.71
CA PHE G 418 -2.42 15.16 -42.99
C PHE G 418 -3.71 14.52 -43.50
N LEU G 419 -4.71 15.35 -43.87
CA LEU G 419 -6.05 14.90 -44.19
C LEU G 419 -6.56 15.45 -45.48
N ARG G 420 -7.49 14.73 -46.09
CA ARG G 420 -8.17 15.12 -47.33
C ARG G 420 -9.64 14.75 -47.19
N VAL G 421 -10.52 15.37 -47.98
CA VAL G 421 -11.94 15.03 -48.04
C VAL G 421 -12.08 13.57 -48.49
N GLY G 422 -12.91 12.81 -47.80
CA GLY G 422 -13.02 11.38 -48.10
C GLY G 422 -12.22 10.50 -47.14
N ASP G 423 -11.25 11.07 -46.41
CA ASP G 423 -10.49 10.31 -45.42
C ASP G 423 -11.37 9.94 -44.21
N LEU G 424 -10.96 8.91 -43.46
CA LEU G 424 -11.61 8.57 -42.23
C LEU G 424 -10.66 9.00 -41.11
N VAL G 425 -11.23 9.57 -40.04
CA VAL G 425 -10.45 9.91 -38.85
C VAL G 425 -11.20 9.33 -37.65
N ILE G 426 -10.44 9.07 -36.59
CA ILE G 426 -10.98 8.61 -35.31
C ILE G 426 -10.95 9.83 -34.38
N VAL G 427 -12.01 10.09 -33.61
CA VAL G 427 -12.06 11.25 -32.76
C VAL G 427 -12.25 10.77 -31.33
N VAL G 428 -11.37 11.20 -30.44
CA VAL G 428 -11.35 10.77 -29.04
C VAL G 428 -11.65 11.95 -28.13
N THR G 429 -12.72 11.84 -27.35
CA THR G 429 -13.18 12.89 -26.44
C THR G 429 -13.70 12.22 -25.14
N GLY G 430 -14.17 13.04 -24.18
CA GLY G 430 -14.79 12.58 -22.96
C GLY G 430 -16.24 13.00 -22.85
N TRP G 431 -16.93 12.53 -21.82
CA TRP G 431 -18.36 12.77 -21.65
C TRP G 431 -18.70 14.08 -20.94
N ARG G 432 -17.73 14.71 -20.30
CA ARG G 432 -17.93 15.94 -19.56
C ARG G 432 -16.61 16.73 -19.54
N PRO G 433 -16.69 18.05 -19.28
CA PRO G 433 -15.47 18.87 -19.28
C PRO G 433 -14.54 18.46 -18.14
N GLY G 434 -13.29 18.82 -18.29
CA GLY G 434 -12.26 18.52 -17.31
C GLY G 434 -11.43 17.31 -17.70
N SER G 435 -10.17 17.35 -17.32
CA SER G 435 -9.25 16.27 -17.54
C SER G 435 -9.70 15.01 -16.77
N GLY G 436 -9.38 13.83 -17.34
CA GLY G 436 -9.61 12.53 -16.73
C GLY G 436 -10.88 11.77 -17.08
N TYR G 437 -11.70 12.31 -17.99
CA TYR G 437 -12.97 11.68 -18.36
C TYR G 437 -13.04 11.19 -19.82
N THR G 438 -11.90 11.03 -20.51
CA THR G 438 -11.94 10.50 -21.91
C THR G 438 -12.58 9.11 -21.90
N ASN G 439 -13.60 8.93 -22.70
CA ASN G 439 -14.33 7.65 -22.74
C ASN G 439 -15.09 7.43 -24.07
N ILE G 440 -14.89 8.29 -25.07
CA ILE G 440 -15.62 8.24 -26.34
C ILE G 440 -14.67 8.16 -27.53
N MET G 441 -14.98 7.26 -28.47
CA MET G 441 -14.27 7.13 -29.74
C MET G 441 -15.34 7.22 -30.85
N ARG G 442 -15.12 8.08 -31.83
CA ARG G 442 -16.06 8.27 -32.94
C ARG G 442 -15.35 8.09 -34.27
N VAL G 443 -16.04 7.56 -35.27
CA VAL G 443 -15.44 7.37 -36.61
C VAL G 443 -16.07 8.46 -37.47
N LEU G 444 -15.27 9.36 -38.03
CA LEU G 444 -15.78 10.45 -38.84
CA LEU G 444 -15.78 10.46 -38.82
C LEU G 444 -15.25 10.42 -40.25
N SER G 445 -16.10 10.72 -41.22
CA SER G 445 -15.69 10.81 -42.61
CA SER G 445 -15.68 10.82 -42.60
C SER G 445 -15.41 12.30 -42.87
N ILE G 446 -14.22 12.65 -43.36
CA ILE G 446 -13.85 14.03 -43.61
C ILE G 446 -14.63 14.63 -44.79
N SER G 447 -15.34 15.72 -44.54
CA SER G 447 -16.10 16.45 -45.55
C SER G 447 -15.45 17.83 -45.78
N GLY H 23 -10.60 -9.43 -8.23
CA GLY H 23 -10.49 -10.58 -7.34
C GLY H 23 -9.98 -11.84 -8.02
N THR H 24 -9.36 -12.74 -7.23
CA THR H 24 -8.83 -13.99 -7.77
C THR H 24 -9.96 -14.95 -8.19
N ALA H 25 -11.11 -14.91 -7.49
CA ALA H 25 -12.25 -15.75 -7.81
C ALA H 25 -12.80 -15.42 -9.20
N PHE H 26 -12.81 -14.12 -9.57
CA PHE H 26 -13.27 -13.69 -10.89
C PHE H 26 -12.43 -14.33 -11.99
N PHE H 27 -11.10 -14.35 -11.80
CA PHE H 27 -10.20 -14.90 -12.81
C PHE H 27 -10.07 -16.43 -12.80
N GLN H 28 -10.81 -17.12 -11.90
CA GLN H 28 -10.84 -18.58 -11.89
C GLN H 28 -12.07 -19.12 -12.65
N GLN H 29 -13.17 -18.32 -12.73
CA GLN H 29 -14.39 -18.67 -13.46
C GLN H 29 -14.24 -18.48 -14.97
N GLN H 30 -15.27 -18.93 -15.75
CA GLN H 30 -15.42 -18.82 -17.20
C GLN H 30 -14.15 -19.17 -18.00
N GLN H 31 -13.39 -20.18 -17.52
CA GLN H 31 -12.15 -20.65 -18.14
C GLN H 31 -11.14 -19.53 -18.40
N LEU H 32 -11.08 -18.53 -17.50
CA LEU H 32 -10.14 -17.42 -17.69
C LEU H 32 -8.67 -17.86 -17.61
N PRO H 33 -8.23 -18.82 -16.75
CA PRO H 33 -6.83 -19.31 -16.84
C PRO H 33 -6.53 -19.88 -18.24
N ALA H 34 -7.45 -20.69 -18.81
CA ALA H 34 -7.27 -21.25 -20.16
C ALA H 34 -7.31 -20.14 -21.24
N ALA H 35 -8.05 -19.04 -20.98
CA ALA H 35 -8.14 -17.91 -21.88
C ALA H 35 -6.82 -17.13 -21.95
N MET H 36 -6.07 -17.08 -20.83
CA MET H 36 -4.81 -16.35 -20.80
C MET H 36 -3.61 -17.15 -21.36
N ALA H 37 -3.82 -18.40 -21.78
CA ALA H 37 -2.72 -19.23 -22.28
C ALA H 37 -2.04 -18.68 -23.55
N ASP H 38 -0.73 -18.93 -23.68
CA ASP H 38 0.07 -18.44 -24.81
C ASP H 38 0.00 -19.34 -26.05
N THR H 39 -0.45 -20.59 -25.89
CA THR H 39 -0.60 -21.50 -27.02
C THR H 39 -1.97 -22.21 -26.91
N PHE H 40 -2.48 -22.74 -28.03
CA PHE H 40 -3.72 -23.49 -28.03
C PHE H 40 -3.55 -24.78 -27.18
N LEU H 41 -2.38 -25.43 -27.27
CA LEU H 41 -2.11 -26.63 -26.48
C LEU H 41 -2.18 -26.34 -24.99
N GLU H 42 -1.57 -25.24 -24.53
CA GLU H 42 -1.62 -24.84 -23.12
C GLU H 42 -3.04 -24.46 -22.70
N HIS H 43 -3.81 -23.85 -23.62
CA HIS H 43 -5.22 -23.48 -23.41
C HIS H 43 -6.02 -24.75 -23.10
N LEU H 44 -5.84 -25.81 -23.89
CA LEU H 44 -6.53 -27.08 -23.67
C LEU H 44 -6.14 -27.67 -22.32
N CYS H 45 -4.81 -27.68 -22.00
CA CYS H 45 -4.29 -28.20 -20.74
C CYS H 45 -4.85 -27.48 -19.51
N LEU H 46 -5.27 -26.22 -19.66
CA LEU H 46 -5.78 -25.41 -18.56
C LEU H 46 -7.31 -25.45 -18.41
N LEU H 47 -8.04 -26.16 -19.30
CA LEU H 47 -9.50 -26.25 -19.19
C LEU H 47 -9.83 -26.96 -17.87
N ASP H 48 -10.75 -26.36 -17.10
CA ASP H 48 -11.08 -26.80 -15.77
C ASP H 48 -12.57 -27.07 -15.60
N ILE H 49 -12.97 -28.30 -15.28
CA ILE H 49 -14.37 -28.65 -15.05
C ILE H 49 -14.97 -27.91 -13.81
N ASP H 50 -14.13 -27.38 -12.92
CA ASP H 50 -14.59 -26.62 -11.77
C ASP H 50 -14.71 -25.11 -12.06
N SER H 51 -14.32 -24.67 -13.27
CA SER H 51 -14.42 -23.28 -13.65
C SER H 51 -15.82 -23.10 -14.22
N GLU H 52 -16.72 -22.47 -13.44
CA GLU H 52 -18.10 -22.30 -13.83
C GLU H 52 -18.34 -21.20 -14.85
N PRO H 53 -19.24 -21.45 -15.81
CA PRO H 53 -19.56 -20.39 -16.78
C PRO H 53 -20.32 -19.27 -16.08
N VAL H 54 -20.02 -18.02 -16.41
CA VAL H 54 -20.70 -16.86 -15.81
C VAL H 54 -21.48 -16.11 -16.89
N ALA H 55 -20.92 -16.00 -18.09
CA ALA H 55 -21.54 -15.30 -19.21
C ALA H 55 -22.88 -15.93 -19.63
N ALA H 56 -23.77 -15.11 -20.19
CA ALA H 56 -25.02 -15.64 -20.71
C ALA H 56 -24.70 -16.48 -21.97
N ARG H 57 -25.50 -17.52 -22.21
CA ARG H 57 -25.31 -18.44 -23.33
C ARG H 57 -25.56 -17.69 -24.63
N SER H 58 -24.57 -17.67 -25.50
CA SER H 58 -24.58 -16.86 -26.68
C SER H 58 -24.97 -17.57 -27.99
N THR H 59 -24.81 -18.89 -28.08
CA THR H 59 -25.19 -19.64 -29.30
C THR H 59 -26.68 -19.86 -29.28
N SER H 60 -27.39 -19.40 -30.30
CA SER H 60 -28.85 -19.52 -30.31
CA SER H 60 -28.85 -19.53 -30.34
C SER H 60 -29.32 -20.96 -30.55
N ILE H 61 -30.45 -21.29 -29.99
CA ILE H 61 -31.04 -22.62 -30.15
C ILE H 61 -32.24 -22.52 -31.04
N ILE H 62 -32.25 -23.31 -32.11
CA ILE H 62 -33.40 -23.39 -32.99
C ILE H 62 -34.14 -24.72 -32.65
N ALA H 63 -35.42 -24.64 -32.33
CA ALA H 63 -36.28 -25.80 -32.03
C ALA H 63 -37.36 -25.94 -33.12
N THR H 64 -37.44 -27.13 -33.72
CA THR H 64 -38.44 -27.45 -34.70
C THR H 64 -39.76 -27.73 -33.98
N ILE H 65 -40.83 -27.05 -34.40
CA ILE H 65 -42.15 -27.18 -33.81
C ILE H 65 -42.84 -28.37 -34.47
N GLY H 66 -43.47 -29.15 -33.64
CA GLY H 66 -44.24 -30.30 -34.10
C GLY H 66 -45.26 -30.68 -33.04
N PRO H 67 -45.82 -31.90 -33.18
CA PRO H 67 -46.78 -32.42 -32.18
C PRO H 67 -46.33 -32.38 -30.73
N ALA H 68 -45.03 -32.56 -30.47
CA ALA H 68 -44.50 -32.54 -29.09
C ALA H 68 -44.26 -31.13 -28.53
N SER H 69 -44.38 -30.08 -29.35
CA SER H 69 -44.01 -28.73 -28.91
C SER H 69 -44.97 -27.64 -29.43
N ARG H 70 -46.21 -27.99 -29.63
CA ARG H 70 -47.21 -27.04 -30.16
C ARG H 70 -48.05 -26.41 -29.10
N SER H 71 -48.16 -27.03 -27.95
CA SER H 71 -48.95 -26.51 -26.85
C SER H 71 -48.42 -25.12 -26.44
N VAL H 72 -49.31 -24.15 -26.21
CA VAL H 72 -48.90 -22.82 -25.77
C VAL H 72 -48.16 -22.90 -24.43
N GLU H 73 -48.60 -23.78 -23.52
CA GLU H 73 -47.96 -23.94 -22.22
CA GLU H 73 -47.97 -23.95 -22.21
C GLU H 73 -46.60 -24.58 -22.32
N ARG H 74 -46.45 -25.55 -23.26
CA ARG H 74 -45.15 -26.17 -23.44
C ARG H 74 -44.18 -25.15 -24.14
N LEU H 75 -44.69 -24.38 -25.10
CA LEU H 75 -43.89 -23.37 -25.79
C LEU H 75 -43.34 -22.32 -24.78
N LYS H 76 -44.13 -21.96 -23.75
CA LYS H 76 -43.66 -21.04 -22.70
C LYS H 76 -42.49 -21.67 -21.96
N GLU H 77 -42.59 -22.99 -21.66
CA GLU H 77 -41.48 -23.69 -21.01
C GLU H 77 -40.23 -23.77 -21.95
N MET H 78 -40.43 -23.95 -23.26
CA MET H 78 -39.29 -23.99 -24.18
CA MET H 78 -39.34 -23.98 -24.27
C MET H 78 -38.61 -22.62 -24.30
N ILE H 79 -39.38 -21.52 -24.24
CA ILE H 79 -38.82 -20.16 -24.25
C ILE H 79 -37.99 -19.97 -22.99
N LYS H 80 -38.52 -20.39 -21.81
CA LYS H 80 -37.79 -20.28 -20.54
C LYS H 80 -36.52 -21.13 -20.53
N ALA H 81 -36.56 -22.32 -21.17
CA ALA H 81 -35.41 -23.23 -21.28
C ALA H 81 -34.30 -22.69 -22.19
N GLY H 82 -34.65 -21.77 -23.11
CA GLY H 82 -33.67 -21.16 -23.99
C GLY H 82 -33.91 -21.18 -25.50
N MET H 83 -35.10 -21.61 -25.98
CA MET H 83 -35.39 -21.61 -27.41
C MET H 83 -35.41 -20.16 -27.92
N ASN H 84 -34.67 -19.90 -29.01
CA ASN H 84 -34.60 -18.57 -29.58
C ASN H 84 -35.29 -18.47 -30.90
N ILE H 85 -35.28 -19.56 -31.69
CA ILE H 85 -35.88 -19.59 -33.03
C ILE H 85 -36.77 -20.85 -33.13
N ALA H 86 -38.00 -20.67 -33.63
CA ALA H 86 -38.96 -21.75 -33.83
C ALA H 86 -38.92 -22.07 -35.31
N ARG H 87 -38.55 -23.31 -35.64
CA ARG H 87 -38.47 -23.74 -37.02
C ARG H 87 -39.77 -24.49 -37.42
N LEU H 88 -40.33 -24.12 -38.56
CA LEU H 88 -41.50 -24.80 -39.11
C LEU H 88 -41.01 -25.58 -40.31
N ASN H 89 -41.08 -26.91 -40.24
CA ASN H 89 -40.61 -27.74 -41.34
C ASN H 89 -41.75 -28.00 -42.31
N PHE H 90 -41.70 -27.32 -43.46
CA PHE H 90 -42.75 -27.45 -44.48
C PHE H 90 -42.68 -28.76 -45.29
N SER H 91 -41.75 -29.67 -44.92
CA SER H 91 -41.75 -31.02 -45.48
C SER H 91 -42.91 -31.84 -44.88
N HIS H 92 -43.48 -31.39 -43.75
CA HIS H 92 -44.60 -31.99 -43.05
C HIS H 92 -45.72 -30.95 -42.87
N GLY H 93 -46.94 -31.42 -42.74
CA GLY H 93 -48.08 -30.58 -42.45
C GLY H 93 -48.61 -29.73 -43.58
N SER H 94 -49.79 -29.22 -43.37
CA SER H 94 -50.46 -28.33 -44.31
C SER H 94 -50.19 -26.85 -43.90
N HIS H 95 -50.61 -25.88 -44.75
CA HIS H 95 -50.55 -24.44 -44.43
C HIS H 95 -51.35 -24.17 -43.17
N GLU H 96 -52.48 -24.85 -42.99
CA GLU H 96 -53.34 -24.69 -41.82
C GLU H 96 -52.59 -25.12 -40.57
N TYR H 97 -51.86 -26.24 -40.64
CA TYR H 97 -51.09 -26.74 -39.51
C TYR H 97 -50.00 -25.71 -39.14
N HIS H 98 -49.25 -25.21 -40.13
CA HIS H 98 -48.18 -24.23 -39.85
C HIS H 98 -48.71 -22.89 -39.36
N ALA H 99 -49.89 -22.45 -39.84
CA ALA H 99 -50.49 -21.21 -39.34
C ALA H 99 -50.85 -21.34 -37.85
N GLU H 100 -51.32 -22.52 -37.43
CA GLU H 100 -51.65 -22.78 -36.03
C GLU H 100 -50.35 -22.77 -35.19
N SER H 101 -49.27 -23.35 -35.72
CA SER H 101 -47.97 -23.36 -35.05
C SER H 101 -47.48 -21.92 -34.80
N ILE H 102 -47.58 -21.06 -35.83
CA ILE H 102 -47.16 -19.65 -35.72
C ILE H 102 -48.01 -18.93 -34.69
N ALA H 103 -49.34 -19.15 -34.72
CA ALA H 103 -50.22 -18.52 -33.74
C ALA H 103 -49.89 -18.96 -32.30
N ASN H 104 -49.65 -20.25 -32.09
CA ASN H 104 -49.29 -20.76 -30.75
C ASN H 104 -47.93 -20.19 -30.28
N VAL H 105 -46.94 -20.12 -31.20
CA VAL H 105 -45.61 -19.57 -30.83
C VAL H 105 -45.80 -18.09 -30.42
N ARG H 106 -46.49 -17.30 -31.26
CA ARG H 106 -46.73 -15.91 -30.96
C ARG H 106 -47.50 -15.70 -29.67
N GLU H 107 -48.50 -16.54 -29.39
CA GLU H 107 -49.23 -16.43 -28.12
C GLU H 107 -48.31 -16.71 -26.92
N ALA H 108 -47.48 -17.78 -26.98
CA ALA H 108 -46.54 -18.07 -25.88
C ALA H 108 -45.51 -16.92 -25.70
N VAL H 109 -44.98 -16.39 -26.82
CA VAL H 109 -44.01 -15.29 -26.76
C VAL H 109 -44.64 -14.03 -26.16
N GLU H 110 -45.85 -13.68 -26.62
CA GLU H 110 -46.51 -12.48 -26.14
C GLU H 110 -47.03 -12.57 -24.74
N SER H 111 -47.11 -13.78 -24.16
CA SER H 111 -47.53 -13.93 -22.76
C SER H 111 -46.52 -13.32 -21.78
N PHE H 112 -45.28 -13.08 -22.22
CA PHE H 112 -44.27 -12.43 -21.37
C PHE H 112 -44.12 -10.92 -21.68
N ALA H 113 -44.86 -10.38 -22.65
CA ALA H 113 -44.76 -8.99 -23.08
C ALA H 113 -45.16 -7.94 -22.02
N GLY H 114 -45.97 -8.33 -21.02
CA GLY H 114 -46.35 -7.38 -19.96
C GLY H 114 -45.18 -7.00 -19.04
N SER H 115 -44.03 -7.72 -19.15
CA SER H 115 -42.81 -7.39 -18.42
C SER H 115 -41.72 -7.08 -19.48
N PRO H 116 -41.68 -5.83 -19.99
CA PRO H 116 -40.73 -5.51 -21.08
C PRO H 116 -39.26 -5.71 -20.80
N LEU H 117 -38.84 -5.58 -19.53
CA LEU H 117 -37.44 -5.77 -19.19
C LEU H 117 -36.95 -7.22 -19.34
N SER H 118 -37.87 -8.19 -19.39
CA SER H 118 -37.48 -9.60 -19.49
C SER H 118 -38.08 -10.34 -20.71
N TYR H 119 -38.91 -9.66 -21.51
CA TYR H 119 -39.54 -10.21 -22.71
C TYR H 119 -38.48 -10.77 -23.66
N ARG H 120 -38.65 -12.01 -24.11
CA ARG H 120 -37.71 -12.60 -25.03
C ARG H 120 -38.32 -12.76 -26.42
N PRO H 121 -37.80 -12.04 -27.42
CA PRO H 121 -38.27 -12.27 -28.79
C PRO H 121 -37.91 -13.70 -29.24
N VAL H 122 -38.74 -14.31 -30.10
CA VAL H 122 -38.47 -15.66 -30.66
C VAL H 122 -38.73 -15.53 -32.16
N ALA H 123 -37.73 -15.76 -32.96
CA ALA H 123 -37.89 -15.71 -34.41
C ALA H 123 -38.68 -16.94 -34.90
N ILE H 124 -39.31 -16.81 -36.07
CA ILE H 124 -40.03 -17.89 -36.70
C ILE H 124 -39.38 -18.07 -38.06
N ALA H 125 -38.90 -19.30 -38.30
CA ALA H 125 -38.21 -19.65 -39.52
C ALA H 125 -38.98 -20.70 -40.29
N LEU H 126 -39.10 -20.53 -41.61
CA LEU H 126 -39.80 -21.47 -42.48
C LEU H 126 -38.76 -22.28 -43.19
N ASP H 127 -38.79 -23.60 -43.03
CA ASP H 127 -37.84 -24.48 -43.68
C ASP H 127 -38.59 -25.11 -44.87
N THR H 128 -38.12 -24.84 -46.10
CA THR H 128 -38.82 -25.32 -47.28
C THR H 128 -38.70 -26.85 -47.52
N LYS H 129 -39.71 -27.40 -48.20
CA LYS H 129 -39.73 -28.80 -48.59
C LYS H 129 -38.56 -29.10 -49.55
N GLY H 130 -38.30 -28.19 -50.46
CA GLY H 130 -37.16 -28.35 -51.37
C GLY H 130 -37.55 -28.68 -52.80
N PRO H 131 -36.53 -28.77 -53.67
CA PRO H 131 -36.81 -28.99 -55.09
C PRO H 131 -37.18 -30.39 -55.50
N GLY H 132 -36.84 -31.39 -54.71
CA GLY H 132 -37.08 -32.79 -55.06
C GLY H 132 -36.29 -33.18 -56.30
N SER H 133 -36.97 -33.81 -57.27
CA SER H 133 -36.31 -34.20 -58.52
C SER H 133 -36.14 -33.05 -59.53
N GLY H 134 -36.71 -31.87 -59.23
CA GLY H 134 -36.61 -30.74 -60.13
C GLY H 134 -35.34 -29.93 -60.02
N PRO H 135 -35.11 -29.06 -61.01
CA PRO H 135 -33.90 -28.24 -61.00
C PRO H 135 -34.14 -26.82 -60.47
N LEU H 137 -36.39 -24.23 -58.16
CA LEU H 137 -37.46 -23.89 -57.21
C LEU H 137 -38.79 -24.50 -57.63
N SER H 138 -39.39 -25.33 -56.77
CA SER H 138 -40.65 -26.02 -57.07
C SER H 138 -41.88 -25.13 -56.90
N GLU H 139 -43.04 -25.57 -57.44
CA GLU H 139 -44.30 -24.84 -57.32
C GLU H 139 -44.82 -24.87 -55.90
N GLN H 140 -44.58 -25.97 -55.14
CA GLN H 140 -44.99 -26.02 -53.75
C GLN H 140 -44.17 -25.01 -52.93
N ASP H 141 -42.86 -24.89 -53.21
CA ASP H 141 -42.01 -23.93 -52.51
C ASP H 141 -42.47 -22.51 -52.79
N VAL H 142 -42.92 -22.19 -54.01
CA VAL H 142 -43.44 -20.83 -54.30
C VAL H 142 -44.65 -20.54 -53.44
N ARG H 143 -45.56 -21.51 -53.30
CA ARG H 143 -46.75 -21.33 -52.47
C ARG H 143 -46.40 -21.22 -50.99
N ASP H 144 -45.42 -22.02 -50.53
CA ASP H 144 -45.01 -22.00 -49.12
C ASP H 144 -44.28 -20.71 -48.78
N LEU H 145 -43.46 -20.21 -49.71
CA LEU H 145 -42.76 -18.94 -49.51
C LEU H 145 -43.76 -17.79 -49.45
N ARG H 146 -44.81 -17.80 -50.32
CA ARG H 146 -45.82 -16.75 -50.25
CA ARG H 146 -45.86 -16.77 -50.28
C ARG H 146 -46.60 -16.85 -48.94
N PHE H 147 -46.84 -18.09 -48.42
CA PHE H 147 -47.50 -18.26 -47.14
C PHE H 147 -46.63 -17.59 -46.03
N GLY H 148 -45.31 -17.78 -46.10
CA GLY H 148 -44.39 -17.21 -45.12
C GLY H 148 -44.46 -15.69 -45.07
N VAL H 149 -44.47 -15.04 -46.24
CA VAL H 149 -44.58 -13.59 -46.33
C VAL H 149 -45.92 -13.13 -45.75
N GLU H 150 -47.02 -13.79 -46.12
CA GLU H 150 -48.35 -13.43 -45.62
C GLU H 150 -48.47 -13.62 -44.11
N HIS H 151 -47.74 -14.61 -43.55
CA HIS H 151 -47.79 -14.83 -42.10
C HIS H 151 -46.65 -14.14 -41.31
N GLY H 152 -45.85 -13.33 -41.99
CA GLY H 152 -44.79 -12.54 -41.37
C GLY H 152 -43.63 -13.34 -40.78
N VAL H 153 -43.19 -14.44 -41.46
CA VAL H 153 -42.03 -15.18 -40.95
C VAL H 153 -40.76 -14.32 -41.06
N ASP H 154 -39.77 -14.60 -40.20
CA ASP H 154 -38.56 -13.78 -40.15
C ASP H 154 -37.46 -14.31 -41.02
N ILE H 155 -37.39 -15.65 -41.16
CA ILE H 155 -36.28 -16.32 -41.80
C ILE H 155 -36.79 -17.45 -42.67
N VAL H 156 -36.11 -17.72 -43.75
CA VAL H 156 -36.36 -18.87 -44.58
C VAL H 156 -35.09 -19.73 -44.54
N PHE H 157 -35.23 -21.03 -44.24
CA PHE H 157 -34.15 -22.00 -44.35
C PHE H 157 -34.45 -22.67 -45.69
N ALA H 158 -33.72 -22.29 -46.75
CA ALA H 158 -34.00 -22.81 -48.11
C ALA H 158 -33.32 -24.16 -48.34
N SER H 159 -34.11 -25.23 -48.51
CA SER H 159 -33.60 -26.58 -48.71
C SER H 159 -32.90 -26.78 -50.02
N PHE H 160 -31.87 -27.64 -49.99
CA PHE H 160 -31.07 -28.06 -51.13
C PHE H 160 -30.63 -26.91 -52.05
N VAL H 161 -29.97 -25.88 -51.48
CA VAL H 161 -29.46 -24.78 -52.29
C VAL H 161 -28.21 -25.31 -52.97
N ARG H 162 -28.17 -25.25 -54.31
CA ARG H 162 -27.02 -25.80 -55.06
C ARG H 162 -26.19 -24.76 -55.81
N LYS H 163 -26.72 -23.55 -55.96
CA LYS H 163 -26.07 -22.49 -56.72
C LYS H 163 -26.70 -21.15 -56.38
N ALA H 164 -26.04 -20.04 -56.76
CA ALA H 164 -26.53 -18.68 -56.49
C ALA H 164 -27.92 -18.41 -57.07
N SER H 165 -28.23 -18.98 -58.25
CA SER H 165 -29.55 -18.75 -58.85
C SER H 165 -30.70 -19.38 -58.05
N ASP H 166 -30.42 -20.40 -57.23
CA ASP H 166 -31.45 -20.96 -56.35
C ASP H 166 -31.86 -19.92 -55.30
N VAL H 167 -30.89 -19.14 -54.80
CA VAL H 167 -31.15 -18.10 -53.80
C VAL H 167 -31.94 -16.96 -54.44
N ALA H 168 -31.57 -16.56 -55.66
CA ALA H 168 -32.29 -15.50 -56.40
C ALA H 168 -33.72 -15.90 -56.64
N ALA H 169 -33.98 -17.18 -56.95
CA ALA H 169 -35.36 -17.69 -57.13
C ALA H 169 -36.17 -17.61 -55.81
N VAL H 170 -35.54 -17.95 -54.67
CA VAL H 170 -36.25 -17.86 -53.37
C VAL H 170 -36.57 -16.39 -53.09
N ARG H 171 -35.61 -15.51 -53.33
N ARG H 171 -35.60 -15.50 -53.32
CA ARG H 171 -35.75 -14.06 -53.13
CA ARG H 171 -35.78 -14.07 -53.11
C ARG H 171 -36.92 -13.51 -53.99
C ARG H 171 -36.93 -13.52 -53.99
N ALA H 172 -37.00 -13.93 -55.26
CA ALA H 172 -38.05 -13.50 -56.19
C ALA H 172 -39.41 -14.01 -55.72
N ALA H 173 -39.49 -15.26 -55.22
CA ALA H 173 -40.75 -15.82 -54.71
C ALA H 173 -41.22 -15.13 -53.43
N LEU H 174 -40.32 -14.51 -52.65
CA LEU H 174 -40.73 -13.76 -51.46
C LEU H 174 -41.41 -12.40 -51.85
N GLY H 175 -41.15 -11.91 -53.06
CA GLY H 175 -41.76 -10.69 -53.60
C GLY H 175 -41.31 -9.41 -52.92
N PRO H 176 -41.95 -8.29 -53.25
CA PRO H 176 -41.55 -7.01 -52.63
C PRO H 176 -41.90 -6.90 -51.16
N GLU H 177 -42.93 -7.64 -50.70
CA GLU H 177 -43.32 -7.58 -49.29
C GLU H 177 -42.41 -8.41 -48.35
N GLY H 178 -41.59 -9.30 -48.92
CA GLY H 178 -40.68 -10.13 -48.13
C GLY H 178 -39.21 -9.73 -48.23
N HIS H 179 -38.94 -8.44 -48.61
CA HIS H 179 -37.56 -7.94 -48.75
CA HIS H 179 -37.56 -7.96 -48.75
C HIS H 179 -36.74 -8.06 -47.46
N GLY H 180 -37.39 -7.92 -46.31
CA GLY H 180 -36.73 -7.98 -45.01
C GLY H 180 -36.46 -9.38 -44.46
N ILE H 181 -37.03 -10.42 -45.10
CA ILE H 181 -36.85 -11.80 -44.65
C ILE H 181 -35.42 -12.30 -44.90
N LYS H 182 -34.79 -12.93 -43.90
CA LYS H 182 -33.44 -13.46 -44.08
C LYS H 182 -33.48 -14.79 -44.79
N ILE H 183 -32.59 -15.01 -45.76
CA ILE H 183 -32.51 -16.28 -46.46
C ILE H 183 -31.25 -17.02 -46.01
N ILE H 184 -31.44 -18.13 -45.30
CA ILE H 184 -30.35 -18.99 -44.83
C ILE H 184 -30.32 -20.19 -45.78
N SER H 185 -29.27 -20.32 -46.58
CA SER H 185 -29.19 -21.43 -47.53
C SER H 185 -28.73 -22.71 -46.87
N LYS H 186 -29.53 -23.78 -47.03
CA LYS H 186 -29.16 -25.09 -46.51
C LYS H 186 -28.25 -25.79 -47.53
N ILE H 187 -27.07 -26.22 -47.06
CA ILE H 187 -26.11 -26.93 -47.90
C ILE H 187 -26.29 -28.38 -47.56
N GLU H 188 -26.81 -29.16 -48.51
CA GLU H 188 -27.20 -30.55 -48.27
C GLU H 188 -26.63 -31.55 -49.23
N ASN H 189 -25.80 -31.13 -50.20
CA ASN H 189 -25.26 -32.07 -51.17
C ASN H 189 -23.90 -31.62 -51.67
N HIS H 190 -23.26 -32.43 -52.53
CA HIS H 190 -21.94 -32.15 -53.04
C HIS H 190 -21.88 -30.83 -53.81
N GLU H 191 -22.87 -30.55 -54.65
CA GLU H 191 -22.88 -29.32 -55.43
C GLU H 191 -22.94 -28.07 -54.55
N GLY H 192 -23.78 -28.11 -53.51
CA GLY H 192 -23.85 -26.99 -52.58
C GLY H 192 -22.51 -26.71 -51.91
N VAL H 193 -21.77 -27.77 -51.53
CA VAL H 193 -20.45 -27.62 -50.92
C VAL H 193 -19.47 -27.02 -51.92
N LYS H 194 -19.44 -27.58 -53.15
CA LYS H 194 -18.53 -27.09 -54.19
C LYS H 194 -18.80 -25.66 -54.64
N ARG H 195 -20.07 -25.25 -54.68
CA ARG H 195 -20.42 -23.90 -55.04
C ARG H 195 -20.69 -23.02 -53.82
N PHE H 196 -20.14 -23.39 -52.64
CA PHE H 196 -20.36 -22.69 -51.37
C PHE H 196 -20.08 -21.20 -51.45
N ASP H 197 -18.94 -20.79 -52.00
CA ASP H 197 -18.61 -19.36 -52.04
C ASP H 197 -19.62 -18.49 -52.77
N GLU H 198 -20.12 -18.97 -53.92
CA GLU H 198 -21.12 -18.21 -54.67
C GLU H 198 -22.48 -18.18 -53.95
N ILE H 199 -22.81 -19.27 -53.24
CA ILE H 199 -24.04 -19.34 -52.46
C ILE H 199 -23.96 -18.38 -51.26
N LEU H 200 -22.85 -18.42 -50.52
CA LEU H 200 -22.68 -17.58 -49.33
C LEU H 200 -22.73 -16.10 -49.69
N GLU H 201 -22.11 -15.73 -50.81
CA GLU H 201 -22.10 -14.35 -51.30
C GLU H 201 -23.49 -13.74 -51.43
N VAL H 202 -24.47 -14.50 -51.93
CA VAL H 202 -25.83 -13.98 -52.11
C VAL H 202 -26.81 -14.34 -50.97
N SER H 203 -26.39 -15.17 -50.01
CA SER H 203 -27.28 -15.55 -48.91
C SER H 203 -27.04 -14.66 -47.69
N ASP H 204 -27.99 -14.64 -46.76
CA ASP H 204 -27.78 -13.96 -45.49
C ASP H 204 -26.97 -14.89 -44.52
N GLY H 205 -26.99 -16.19 -44.75
CA GLY H 205 -26.33 -17.16 -43.90
C GLY H 205 -26.44 -18.56 -44.46
N ILE H 206 -25.96 -19.55 -43.69
CA ILE H 206 -25.90 -20.93 -44.14
C ILE H 206 -26.37 -21.88 -43.04
N MET H 207 -26.96 -23.00 -43.45
CA MET H 207 -27.24 -24.08 -42.51
C MET H 207 -26.50 -25.31 -43.02
N VAL H 208 -25.69 -25.93 -42.15
CA VAL H 208 -25.00 -27.17 -42.46
C VAL H 208 -26.07 -28.26 -42.16
N ALA H 209 -26.80 -28.67 -43.21
CA ALA H 209 -27.92 -29.61 -43.07
C ALA H 209 -27.34 -31.02 -43.15
N ARG H 210 -26.86 -31.54 -42.01
CA ARG H 210 -26.09 -32.78 -41.95
C ARG H 210 -26.86 -34.07 -42.27
N GLY H 211 -28.18 -34.09 -42.15
CA GLY H 211 -28.98 -35.27 -42.49
C GLY H 211 -28.82 -35.67 -43.95
N ASP H 212 -29.25 -34.79 -44.87
CA ASP H 212 -29.07 -35.01 -46.28
C ASP H 212 -27.63 -34.98 -46.70
N LEU H 213 -26.81 -34.07 -46.13
CA LEU H 213 -25.39 -34.03 -46.48
C LEU H 213 -24.69 -35.39 -46.22
N GLY H 214 -25.04 -36.05 -45.11
CA GLY H 214 -24.50 -37.35 -44.71
C GLY H 214 -24.95 -38.52 -45.57
N ILE H 215 -25.93 -38.31 -46.45
CA ILE H 215 -26.41 -39.30 -47.41
C ILE H 215 -25.91 -38.96 -48.81
N GLU H 216 -25.74 -37.67 -49.12
CA GLU H 216 -25.27 -37.19 -50.42
C GLU H 216 -23.76 -37.32 -50.59
N ILE H 217 -23.01 -37.17 -49.49
CA ILE H 217 -21.56 -37.35 -49.50
C ILE H 217 -21.21 -38.46 -48.47
N PRO H 218 -20.01 -39.05 -48.50
CA PRO H 218 -19.68 -40.08 -47.48
C PRO H 218 -19.84 -39.51 -46.05
N ALA H 219 -20.44 -40.30 -45.17
CA ALA H 219 -20.73 -39.90 -43.79
C ALA H 219 -19.47 -39.40 -43.06
N GLU H 220 -18.32 -40.01 -43.34
CA GLU H 220 -17.04 -39.69 -42.72
C GLU H 220 -16.43 -38.36 -43.21
N LYS H 221 -17.03 -37.71 -44.21
CA LYS H 221 -16.55 -36.42 -44.71
C LYS H 221 -17.40 -35.23 -44.21
N VAL H 222 -18.56 -35.48 -43.58
CA VAL H 222 -19.46 -34.41 -43.15
C VAL H 222 -18.77 -33.41 -42.21
N PHE H 223 -17.94 -33.89 -41.27
CA PHE H 223 -17.24 -32.99 -40.34
C PHE H 223 -16.33 -31.99 -41.08
N LEU H 224 -15.73 -32.40 -42.22
CA LEU H 224 -14.88 -31.51 -43.00
C LEU H 224 -15.74 -30.39 -43.63
N ALA H 225 -16.90 -30.76 -44.19
CA ALA H 225 -17.82 -29.79 -44.79
C ALA H 225 -18.36 -28.82 -43.70
N GLN H 226 -18.70 -29.35 -42.53
CA GLN H 226 -19.19 -28.54 -41.42
C GLN H 226 -18.11 -27.53 -40.96
N LYS H 227 -16.90 -27.98 -40.67
CA LYS H 227 -15.84 -27.11 -40.20
C LYS H 227 -15.44 -26.06 -41.26
N MET H 228 -15.44 -26.46 -42.53
CA MET H 228 -15.11 -25.53 -43.62
C MET H 228 -16.19 -24.44 -43.72
N MET H 229 -17.46 -24.82 -43.73
CA MET H 229 -18.55 -23.85 -43.89
C MET H 229 -18.67 -22.93 -42.71
N ILE H 230 -18.47 -23.45 -41.49
CA ILE H 230 -18.50 -22.61 -40.30
C ILE H 230 -17.33 -21.60 -40.34
N GLY H 231 -16.14 -22.05 -40.70
CA GLY H 231 -14.97 -21.19 -40.81
C GLY H 231 -15.17 -20.09 -41.83
N ARG H 232 -15.69 -20.43 -43.02
CA ARG H 232 -15.95 -19.44 -44.06
C ARG H 232 -17.05 -18.45 -43.69
N CYS H 233 -18.07 -18.91 -42.96
CA CYS H 233 -19.13 -18.03 -42.50
C CYS H 233 -18.59 -17.08 -41.45
N ASN H 234 -17.75 -17.58 -40.55
CA ASN H 234 -17.11 -16.74 -39.50
C ASN H 234 -16.24 -15.66 -40.18
N LEU H 235 -15.52 -16.05 -41.21
CA LEU H 235 -14.67 -15.13 -41.98
C LEU H 235 -15.53 -14.05 -42.70
N ALA H 236 -16.66 -14.47 -43.28
CA ALA H 236 -17.58 -13.56 -43.96
C ALA H 236 -18.45 -12.72 -43.02
N GLY H 237 -18.46 -13.05 -41.73
CA GLY H 237 -19.33 -12.35 -40.78
C GLY H 237 -20.82 -12.63 -41.01
N LYS H 238 -21.13 -13.84 -41.48
CA LYS H 238 -22.52 -14.22 -41.72
C LYS H 238 -22.91 -15.42 -40.87
N PRO H 239 -24.17 -15.47 -40.41
CA PRO H 239 -24.59 -16.59 -39.54
C PRO H 239 -24.54 -17.98 -40.14
N VAL H 240 -24.14 -18.94 -39.31
CA VAL H 240 -24.08 -20.34 -39.72
C VAL H 240 -24.74 -21.21 -38.66
N VAL H 241 -25.62 -22.11 -39.10
CA VAL H 241 -26.35 -23.02 -38.21
C VAL H 241 -25.80 -24.43 -38.35
N CYS H 242 -25.56 -25.11 -37.24
CA CYS H 242 -25.20 -26.54 -37.28
C CYS H 242 -26.50 -27.29 -37.00
N ALA H 243 -26.85 -28.25 -37.87
CA ALA H 243 -28.12 -28.93 -37.72
C ALA H 243 -28.05 -30.45 -37.85
N THR H 244 -29.05 -31.14 -37.24
CA THR H 244 -29.46 -32.55 -37.42
C THR H 244 -28.67 -33.57 -36.62
N GLN H 245 -29.44 -34.32 -35.80
CA GLN H 245 -29.02 -35.45 -34.95
C GLN H 245 -28.04 -35.05 -33.87
N MET H 246 -28.06 -33.77 -33.45
CA MET H 246 -27.15 -33.32 -32.42
C MET H 246 -27.41 -34.02 -31.10
N LEU H 247 -28.68 -34.21 -30.72
CA LEU H 247 -29.08 -34.89 -29.48
C LEU H 247 -30.12 -35.97 -29.82
N GLU H 248 -29.97 -36.67 -30.95
CA GLU H 248 -30.92 -37.65 -31.48
C GLU H 248 -31.52 -38.64 -30.47
N SER H 249 -30.70 -39.23 -29.63
CA SER H 249 -31.14 -40.21 -28.66
C SER H 249 -32.15 -39.59 -27.66
N MET H 250 -32.16 -38.23 -27.46
CA MET H 250 -33.14 -37.59 -26.56
C MET H 250 -34.56 -37.56 -27.14
N ILE H 251 -34.77 -38.08 -28.36
CA ILE H 251 -36.12 -38.24 -28.89
C ILE H 251 -36.87 -39.29 -27.97
N THR H 252 -36.16 -40.32 -27.51
CA THR H 252 -36.74 -41.39 -26.68
C THR H 252 -36.11 -41.49 -25.28
N LYS H 253 -34.90 -40.96 -25.08
CA LYS H 253 -34.21 -41.08 -23.79
C LYS H 253 -34.04 -39.74 -23.05
N PRO H 254 -34.08 -39.75 -21.71
CA PRO H 254 -33.99 -38.49 -20.96
C PRO H 254 -32.59 -37.82 -20.96
N ARG H 255 -31.54 -38.61 -21.25
CA ARG H 255 -30.17 -38.11 -21.28
C ARG H 255 -29.52 -38.48 -22.60
N PRO H 256 -28.68 -37.59 -23.13
CA PRO H 256 -28.02 -37.88 -24.42
C PRO H 256 -26.78 -38.76 -24.27
N THR H 257 -26.23 -39.24 -25.40
CA THR H 257 -25.02 -40.05 -25.37
C THR H 257 -23.78 -39.14 -25.25
N ARG H 258 -22.61 -39.72 -24.97
CA ARG H 258 -21.35 -39.01 -24.88
C ARG H 258 -20.97 -38.37 -26.22
N ALA H 259 -21.31 -39.01 -27.35
CA ALA H 259 -21.02 -38.48 -28.67
C ALA H 259 -21.88 -37.24 -28.97
N GLU H 260 -23.13 -37.25 -28.51
CA GLU H 260 -24.08 -36.15 -28.69
C GLU H 260 -23.68 -34.88 -27.92
N THR H 261 -23.28 -35.00 -26.66
CA THR H 261 -22.84 -33.81 -25.91
C THR H 261 -21.54 -33.26 -26.51
N SER H 262 -20.65 -34.16 -26.94
CA SER H 262 -19.44 -33.80 -27.60
C SER H 262 -19.74 -33.04 -28.91
N ASP H 263 -20.68 -33.51 -29.71
CA ASP H 263 -21.06 -32.91 -31.00
C ASP H 263 -21.57 -31.48 -30.81
N VAL H 264 -22.42 -31.25 -29.78
CA VAL H 264 -22.95 -29.93 -29.51
C VAL H 264 -21.78 -29.01 -29.08
N ALA H 265 -20.92 -29.47 -28.17
CA ALA H 265 -19.78 -28.67 -27.70
C ALA H 265 -18.84 -28.32 -28.84
N ASN H 266 -18.54 -29.31 -29.71
CA ASN H 266 -17.66 -29.08 -30.85
C ASN H 266 -18.28 -28.17 -31.93
N ALA H 267 -19.59 -28.17 -32.10
CA ALA H 267 -20.24 -27.26 -33.08
C ALA H 267 -20.04 -25.80 -32.60
N VAL H 268 -20.16 -25.57 -31.29
CA VAL H 268 -19.94 -24.24 -30.70
C VAL H 268 -18.45 -23.85 -30.81
N LEU H 269 -17.53 -24.79 -30.45
CA LEU H 269 -16.12 -24.53 -30.57
C LEU H 269 -15.72 -24.30 -32.04
N ASP H 270 -16.36 -24.97 -33.01
CA ASP H 270 -16.11 -24.76 -34.44
C ASP H 270 -16.41 -23.29 -34.85
N GLY H 271 -17.42 -22.68 -34.23
CA GLY H 271 -17.81 -21.30 -34.49
C GLY H 271 -19.26 -21.14 -34.94
N ALA H 272 -20.13 -22.14 -34.69
CA ALA H 272 -21.53 -22.04 -35.11
C ALA H 272 -22.25 -20.92 -34.37
N ASP H 273 -23.01 -20.11 -35.11
CA ASP H 273 -23.82 -19.08 -34.47
C ASP H 273 -25.03 -19.71 -33.81
N CYS H 274 -25.62 -20.75 -34.45
CA CYS H 274 -26.82 -21.42 -33.98
C CYS H 274 -26.62 -22.93 -33.97
N ILE H 275 -27.30 -23.58 -33.07
CA ILE H 275 -27.39 -25.04 -33.02
C ILE H 275 -28.88 -25.40 -33.14
N MET H 276 -29.19 -26.59 -33.69
CA MET H 276 -30.58 -26.92 -33.95
C MET H 276 -31.02 -28.27 -33.38
N LEU H 277 -32.30 -28.39 -33.11
CA LEU H 277 -33.02 -29.58 -32.67
C LEU H 277 -34.16 -29.82 -33.69
N SER H 278 -34.28 -31.05 -34.23
CA SER H 278 -35.35 -31.38 -35.17
C SER H 278 -36.31 -32.31 -34.47
N GLY H 279 -36.17 -33.63 -34.64
CA GLY H 279 -37.06 -34.59 -33.97
C GLY H 279 -37.05 -34.46 -32.47
N GLU H 280 -35.92 -34.03 -31.88
CA GLU H 280 -35.78 -33.85 -30.42
C GLU H 280 -36.83 -32.91 -29.88
N THR H 281 -37.29 -31.92 -30.66
CA THR H 281 -38.34 -31.02 -30.22
C THR H 281 -39.63 -31.19 -30.97
N ALA H 282 -39.58 -31.66 -32.21
CA ALA H 282 -40.77 -31.77 -33.04
C ALA H 282 -41.62 -32.94 -32.66
N LYS H 283 -41.04 -34.09 -32.28
CA LYS H 283 -41.84 -35.28 -31.99
C LYS H 283 -41.46 -36.12 -30.76
N GLY H 284 -40.34 -35.81 -30.15
CA GLY H 284 -39.82 -36.62 -29.07
C GLY H 284 -40.49 -36.44 -27.73
N ASN H 285 -40.07 -37.23 -26.76
CA ASN H 285 -40.66 -37.18 -25.44
C ASN H 285 -39.98 -36.19 -24.49
N PHE H 286 -38.85 -35.59 -24.91
CA PHE H 286 -38.12 -34.67 -24.04
C PHE H 286 -37.80 -33.31 -24.75
N PRO H 287 -38.80 -32.60 -25.35
CA PRO H 287 -38.47 -31.36 -26.06
C PRO H 287 -37.84 -30.28 -25.16
N VAL H 288 -38.39 -30.08 -23.94
CA VAL H 288 -37.88 -29.05 -23.05
C VAL H 288 -36.48 -29.41 -22.57
N GLU H 289 -36.27 -30.69 -22.20
CA GLU H 289 -34.97 -31.16 -21.72
C GLU H 289 -33.91 -31.10 -22.83
N ALA H 290 -34.30 -31.30 -24.10
CA ALA H 290 -33.35 -31.21 -25.22
C ALA H 290 -32.86 -29.74 -25.35
N VAL H 291 -33.75 -28.79 -25.19
CA VAL H 291 -33.41 -27.36 -25.23
C VAL H 291 -32.48 -27.03 -24.04
N LYS H 292 -32.85 -27.51 -22.83
CA LYS H 292 -32.02 -27.30 -21.64
C LYS H 292 -30.61 -27.90 -21.80
N MET H 293 -30.50 -29.07 -22.43
CA MET H 293 -29.21 -29.73 -22.65
C MET H 293 -28.34 -28.93 -23.61
N GLN H 294 -28.92 -28.44 -24.74
CA GLN H 294 -28.15 -27.62 -25.67
C GLN H 294 -27.72 -26.31 -24.99
N HIS H 295 -28.60 -25.73 -24.15
CA HIS H 295 -28.26 -24.52 -23.41
C HIS H 295 -27.07 -24.75 -22.49
N ALA H 296 -27.10 -25.84 -21.70
CA ALA H 296 -26.04 -26.15 -20.73
C ALA H 296 -24.70 -26.43 -21.42
N ILE H 297 -24.71 -27.21 -22.49
CA ILE H 297 -23.48 -27.52 -23.23
C ILE H 297 -22.89 -26.28 -23.90
N ALA H 298 -23.73 -25.48 -24.59
CA ALA H 298 -23.27 -24.30 -25.29
C ALA H 298 -22.62 -23.30 -24.34
N ARG H 299 -23.17 -23.08 -23.15
CA ARG H 299 -22.58 -22.15 -22.20
C ARG H 299 -21.18 -22.62 -21.77
N GLU H 300 -21.01 -23.93 -21.54
CA GLU H 300 -19.71 -24.48 -21.16
C GLU H 300 -18.71 -24.33 -22.31
N ALA H 301 -19.15 -24.64 -23.55
CA ALA H 301 -18.28 -24.59 -24.72
C ALA H 301 -17.88 -23.15 -25.07
N GLU H 302 -18.77 -22.16 -24.88
CA GLU H 302 -18.45 -20.76 -25.16
C GLU H 302 -17.34 -20.24 -24.24
N ALA H 303 -17.36 -20.65 -22.97
CA ALA H 303 -16.29 -20.25 -22.03
C ALA H 303 -14.94 -20.88 -22.45
N ALA H 304 -14.96 -22.06 -23.09
CA ALA H 304 -13.78 -22.78 -23.54
C ALA H 304 -13.20 -22.29 -24.88
N VAL H 305 -13.85 -21.31 -25.53
CA VAL H 305 -13.34 -20.76 -26.80
C VAL H 305 -12.00 -20.05 -26.51
N TYR H 306 -10.99 -20.29 -27.35
CA TYR H 306 -9.68 -19.66 -27.16
C TYR H 306 -9.69 -18.28 -27.83
N HIS H 307 -10.32 -17.28 -27.18
CA HIS H 307 -10.50 -15.93 -27.74
C HIS H 307 -9.22 -15.25 -28.17
N ARG H 308 -8.11 -15.47 -27.46
CA ARG H 308 -6.83 -14.86 -27.80
C ARG H 308 -6.43 -15.16 -29.25
N GLN H 309 -6.55 -16.43 -29.68
CA GLN H 309 -6.20 -16.78 -31.06
C GLN H 309 -7.34 -16.38 -32.01
N LEU H 310 -8.60 -16.67 -31.63
CA LEU H 310 -9.76 -16.37 -32.45
C LEU H 310 -9.85 -14.89 -32.84
N PHE H 311 -9.77 -13.98 -31.86
CA PHE H 311 -9.86 -12.53 -32.15
C PHE H 311 -8.69 -12.07 -33.03
N GLU H 312 -7.47 -12.56 -32.74
CA GLU H 312 -6.27 -12.25 -33.54
C GLU H 312 -6.45 -12.70 -34.98
N GLU H 313 -6.98 -13.93 -35.19
CA GLU H 313 -7.20 -14.44 -36.54
C GLU H 313 -8.36 -13.76 -37.26
N LEU H 314 -9.43 -13.42 -36.55
CA LEU H 314 -10.56 -12.72 -37.17
C LEU H 314 -10.11 -11.35 -37.66
N ARG H 315 -9.28 -10.64 -36.87
CA ARG H 315 -8.84 -9.32 -37.29
C ARG H 315 -7.80 -9.40 -38.41
N ARG H 316 -6.89 -10.38 -38.37
CA ARG H 316 -5.89 -10.57 -39.43
C ARG H 316 -6.54 -10.94 -40.76
N ALA H 317 -7.59 -11.77 -40.73
CA ALA H 317 -8.25 -12.21 -41.94
C ALA H 317 -9.22 -11.18 -42.49
N ALA H 318 -9.88 -10.40 -41.61
CA ALA H 318 -10.84 -9.40 -42.07
C ALA H 318 -10.12 -8.31 -42.84
N PRO H 319 -10.62 -8.00 -44.05
CA PRO H 319 -9.98 -6.94 -44.85
C PRO H 319 -10.18 -5.55 -44.22
N LEU H 320 -9.38 -4.57 -44.67
CA LEU H 320 -9.55 -3.19 -44.23
C LEU H 320 -10.95 -2.71 -44.63
N SER H 321 -11.53 -1.82 -43.83
CA SER H 321 -12.87 -1.34 -44.13
C SER H 321 -12.97 0.13 -43.98
N ARG H 322 -13.72 0.76 -44.87
CA ARG H 322 -14.01 2.17 -44.78
C ARG H 322 -15.46 2.41 -44.32
N ASP H 323 -16.17 1.36 -43.86
CA ASP H 323 -17.53 1.49 -43.37
C ASP H 323 -17.45 1.85 -41.89
N PRO H 324 -18.01 2.99 -41.48
CA PRO H 324 -17.90 3.40 -40.07
C PRO H 324 -18.53 2.44 -39.05
N THR H 325 -19.57 1.69 -39.43
CA THR H 325 -20.18 0.74 -38.51
C THR H 325 -19.18 -0.38 -38.20
N GLU H 326 -18.52 -0.88 -39.25
CA GLU H 326 -17.52 -1.95 -39.18
C GLU H 326 -16.29 -1.46 -38.35
N VAL H 327 -15.83 -0.23 -38.59
CA VAL H 327 -14.70 0.33 -37.87
C VAL H 327 -15.07 0.54 -36.37
N THR H 328 -16.30 1.02 -36.09
CA THR H 328 -16.76 1.19 -34.69
C THR H 328 -16.87 -0.17 -34.00
N ALA H 329 -17.37 -1.18 -34.71
CA ALA H 329 -17.53 -2.52 -34.14
C ALA H 329 -16.19 -3.14 -33.68
N ILE H 330 -15.13 -3.06 -34.48
CA ILE H 330 -13.85 -3.64 -34.09
C ILE H 330 -13.24 -2.84 -32.91
N GLY H 331 -13.42 -1.52 -32.91
CA GLY H 331 -12.96 -0.69 -31.81
C GLY H 331 -13.69 -1.04 -30.53
N ALA H 332 -15.02 -1.23 -30.61
CA ALA H 332 -15.84 -1.58 -29.45
C ALA H 332 -15.47 -2.95 -28.88
N VAL H 333 -15.21 -3.94 -29.75
CA VAL H 333 -14.85 -5.30 -29.30
C VAL H 333 -13.46 -5.27 -28.65
N GLU H 334 -12.51 -4.50 -29.21
CA GLU H 334 -11.19 -4.34 -28.62
CA GLU H 334 -11.19 -4.34 -28.62
C GLU H 334 -11.31 -3.70 -27.23
N ALA H 335 -12.13 -2.64 -27.12
CA ALA H 335 -12.37 -1.97 -25.85
C ALA H 335 -13.00 -2.91 -24.82
N ALA H 336 -13.99 -3.72 -25.23
CA ALA H 336 -14.66 -4.68 -24.34
C ALA H 336 -13.66 -5.70 -23.75
N PHE H 337 -12.76 -6.23 -24.59
CA PHE H 337 -11.73 -7.16 -24.14
C PHE H 337 -10.76 -6.50 -23.16
N LYS H 338 -10.38 -5.23 -23.41
CA LYS H 338 -9.44 -4.49 -22.57
C LYS H 338 -9.89 -4.36 -21.12
N CYS H 339 -11.19 -4.11 -20.90
CA CYS H 339 -11.70 -3.90 -19.55
C CYS H 339 -12.54 -5.04 -19.02
N CYS H 340 -12.66 -6.17 -19.74
CA CYS H 340 -13.52 -7.30 -19.36
C CYS H 340 -14.95 -6.80 -19.19
N ALA H 341 -15.43 -5.98 -20.16
CA ALA H 341 -16.76 -5.38 -20.10
C ALA H 341 -17.83 -6.46 -19.95
N ALA H 342 -18.82 -6.22 -19.12
CA ALA H 342 -19.91 -7.17 -18.92
C ALA H 342 -20.78 -7.26 -20.19
N ALA H 343 -20.86 -6.15 -20.96
CA ALA H 343 -21.70 -6.10 -22.15
C ALA H 343 -21.28 -5.00 -23.12
N ILE H 344 -21.75 -5.12 -24.36
CA ILE H 344 -21.69 -4.07 -25.36
C ILE H 344 -23.18 -3.78 -25.64
N ILE H 345 -23.68 -2.60 -25.27
CA ILE H 345 -25.06 -2.23 -25.57
C ILE H 345 -25.07 -1.50 -26.90
N VAL H 346 -25.83 -1.99 -27.89
CA VAL H 346 -25.86 -1.36 -29.21
C VAL H 346 -27.30 -1.01 -29.61
N LEU H 347 -27.49 0.16 -30.24
CA LEU H 347 -28.78 0.53 -30.77
C LEU H 347 -28.77 0.10 -32.25
N THR H 348 -29.84 -0.55 -32.69
CA THR H 348 -29.89 -1.04 -34.06
C THR H 348 -31.31 -1.01 -34.59
N THR H 349 -31.45 -0.61 -35.84
CA THR H 349 -32.73 -0.56 -36.52
C THR H 349 -32.96 -1.88 -37.26
N THR H 350 -31.95 -2.34 -38.03
CA THR H 350 -32.04 -3.55 -38.87
C THR H 350 -31.35 -4.77 -38.27
N GLY H 351 -30.58 -4.58 -37.20
CA GLY H 351 -29.75 -5.62 -36.60
C GLY H 351 -28.30 -5.61 -37.06
N ARG H 352 -27.99 -4.88 -38.14
CA ARG H 352 -26.68 -4.85 -38.74
C ARG H 352 -25.53 -4.42 -37.80
N SER H 353 -25.71 -3.36 -36.99
CA SER H 353 -24.64 -2.92 -36.07
C SER H 353 -24.32 -4.05 -35.04
N ALA H 354 -25.34 -4.81 -34.62
CA ALA H 354 -25.12 -5.92 -33.69
C ALA H 354 -24.40 -7.08 -34.41
N GLN H 355 -24.76 -7.33 -35.67
CA GLN H 355 -24.12 -8.38 -36.46
C GLN H 355 -22.61 -8.12 -36.62
N LEU H 356 -22.25 -6.85 -36.88
CA LEU H 356 -20.86 -6.49 -37.06
C LEU H 356 -20.06 -6.61 -35.75
N LEU H 357 -20.71 -6.45 -34.60
CA LEU H 357 -20.05 -6.64 -33.32
C LEU H 357 -19.81 -8.17 -33.11
N SER H 358 -20.86 -8.96 -33.37
CA SER H 358 -20.90 -10.42 -33.24
C SER H 358 -19.80 -11.12 -34.08
N ARG H 359 -19.51 -10.60 -35.27
CA ARG H 359 -18.51 -11.22 -36.16
C ARG H 359 -17.08 -11.25 -35.53
N TYR H 360 -16.80 -10.34 -34.55
CA TYR H 360 -15.49 -10.36 -33.88
C TYR H 360 -15.47 -11.22 -32.64
N ARG H 361 -16.57 -11.92 -32.35
CA ARG H 361 -16.72 -12.85 -31.25
C ARG H 361 -16.27 -12.27 -29.90
N PRO H 362 -16.86 -11.14 -29.45
CA PRO H 362 -16.52 -10.66 -28.12
C PRO H 362 -16.99 -11.65 -27.05
N ARG H 363 -16.29 -11.65 -25.91
CA ARG H 363 -16.72 -12.40 -24.76
C ARG H 363 -17.92 -11.64 -24.10
N ALA H 364 -17.92 -10.29 -24.15
CA ALA H 364 -19.00 -9.48 -23.61
C ALA H 364 -20.29 -9.75 -24.43
N ALA H 365 -21.42 -9.86 -23.74
CA ALA H 365 -22.71 -10.05 -24.37
C ALA H 365 -23.05 -8.79 -25.22
N VAL H 366 -23.63 -8.96 -26.40
CA VAL H 366 -24.04 -7.82 -27.22
C VAL H 366 -25.53 -7.60 -26.99
N ILE H 367 -25.89 -6.61 -26.19
CA ILE H 367 -27.29 -6.32 -25.88
C ILE H 367 -27.81 -5.36 -26.95
N ALA H 368 -28.66 -5.86 -27.85
CA ALA H 368 -29.14 -5.06 -28.98
C ALA H 368 -30.51 -4.49 -28.72
N VAL H 369 -30.60 -3.17 -28.58
CA VAL H 369 -31.87 -2.51 -28.32
C VAL H 369 -32.46 -2.02 -29.63
N THR H 370 -33.66 -2.47 -29.96
CA THR H 370 -34.31 -2.10 -31.21
C THR H 370 -35.79 -1.89 -31.04
N ARG H 371 -36.36 -1.03 -31.90
CA ARG H 371 -37.81 -0.88 -31.97
C ARG H 371 -38.42 -1.84 -33.00
N SER H 372 -37.61 -2.44 -33.89
CA SER H 372 -38.12 -3.33 -34.90
C SER H 372 -38.32 -4.73 -34.29
N ALA H 373 -39.58 -5.17 -34.17
CA ALA H 373 -39.87 -6.51 -33.64
C ALA H 373 -39.23 -7.59 -34.55
N GLN H 374 -39.22 -7.36 -35.87
CA GLN H 374 -38.60 -8.32 -36.78
C GLN H 374 -37.07 -8.37 -36.62
N ALA H 375 -36.40 -7.20 -36.50
CA ALA H 375 -34.96 -7.21 -36.29
C ALA H 375 -34.61 -7.87 -34.95
N ALA H 376 -35.42 -7.66 -33.92
CA ALA H 376 -35.21 -8.26 -32.61
C ALA H 376 -35.26 -9.81 -32.73
N ARG H 377 -36.18 -10.33 -33.57
CA ARG H 377 -36.26 -11.77 -33.76
C ARG H 377 -35.07 -12.28 -34.61
N GLN H 378 -34.77 -11.58 -35.71
CA GLN H 378 -33.71 -12.00 -36.62
C GLN H 378 -32.29 -11.97 -36.07
N VAL H 379 -31.96 -11.07 -35.13
CA VAL H 379 -30.60 -11.01 -34.59
C VAL H 379 -30.21 -12.24 -33.75
N HIS H 380 -31.18 -13.12 -33.42
CA HIS H 380 -30.87 -14.39 -32.78
C HIS H 380 -29.99 -15.25 -33.70
N LEU H 381 -29.94 -14.98 -35.02
CA LEU H 381 -29.07 -15.71 -35.92
C LEU H 381 -27.57 -15.45 -35.64
N CYS H 382 -27.23 -14.33 -34.95
CA CYS H 382 -25.85 -13.92 -34.69
C CYS H 382 -25.42 -14.24 -33.32
N ARG H 383 -24.35 -15.04 -33.16
CA ARG H 383 -23.89 -15.43 -31.83
C ARG H 383 -23.64 -14.26 -30.89
N GLY H 384 -24.12 -14.40 -29.67
CA GLY H 384 -23.84 -13.42 -28.62
C GLY H 384 -24.68 -12.17 -28.68
N VAL H 385 -25.72 -12.13 -29.52
CA VAL H 385 -26.62 -10.97 -29.57
C VAL H 385 -27.87 -11.26 -28.77
N PHE H 386 -28.17 -10.44 -27.77
CA PHE H 386 -29.34 -10.55 -26.90
C PHE H 386 -30.29 -9.39 -27.23
N PRO H 387 -31.33 -9.67 -28.02
CA PRO H 387 -32.23 -8.59 -28.47
C PRO H 387 -33.22 -8.14 -27.43
N LEU H 388 -33.39 -6.82 -27.31
CA LEU H 388 -34.35 -6.21 -26.41
C LEU H 388 -35.29 -5.37 -27.27
N LEU H 389 -36.57 -5.70 -27.27
CA LEU H 389 -37.54 -4.93 -28.02
C LEU H 389 -38.01 -3.71 -27.21
N TYR H 390 -37.72 -2.51 -27.70
CA TYR H 390 -38.11 -1.26 -27.06
C TYR H 390 -39.48 -0.82 -27.59
N ARG H 391 -40.42 -0.57 -26.70
CA ARG H 391 -41.80 -0.26 -27.12
C ARG H 391 -42.22 1.18 -26.98
N GLU H 392 -41.46 1.99 -26.23
CA GLU H 392 -41.82 3.40 -26.02
C GLU H 392 -41.79 4.22 -27.29
N PRO H 393 -42.74 5.15 -27.44
CA PRO H 393 -42.70 6.04 -28.62
C PRO H 393 -41.49 6.99 -28.52
N PRO H 394 -40.97 7.47 -29.66
CA PRO H 394 -39.78 8.33 -29.62
C PRO H 394 -39.93 9.60 -28.84
N GLU H 395 -38.89 9.98 -28.08
CA GLU H 395 -38.81 11.27 -27.40
C GLU H 395 -38.66 12.34 -28.48
N ALA H 396 -39.09 13.56 -28.17
CA ALA H 396 -38.98 14.72 -29.04
C ALA H 396 -37.52 15.08 -29.30
N ILE H 397 -36.67 14.97 -28.27
CA ILE H 397 -35.24 15.26 -28.45
C ILE H 397 -34.53 13.92 -28.75
N TRP H 398 -33.94 13.79 -29.93
CA TRP H 398 -33.32 12.54 -30.38
C TRP H 398 -32.25 12.02 -29.42
N ALA H 399 -31.36 12.88 -28.90
CA ALA H 399 -30.36 12.47 -27.93
C ALA H 399 -30.99 11.85 -26.65
N ASP H 400 -32.17 12.35 -26.21
CA ASP H 400 -32.85 11.77 -25.06
C ASP H 400 -33.44 10.40 -25.45
N ASP H 401 -34.00 10.24 -26.65
CA ASP H 401 -34.54 8.95 -27.10
C ASP H 401 -33.42 7.87 -27.11
N VAL H 402 -32.22 8.26 -27.57
CA VAL H 402 -31.03 7.43 -27.57
C VAL H 402 -30.69 7.04 -26.10
N ASP H 403 -30.56 8.04 -25.17
CA ASP H 403 -30.26 7.77 -23.77
C ASP H 403 -31.29 6.85 -23.12
N ARG H 404 -32.60 7.08 -23.36
CA ARG H 404 -33.63 6.23 -22.78
C ARG H 404 -33.47 4.76 -23.21
N ARG H 405 -33.10 4.53 -24.47
CA ARG H 405 -32.89 3.18 -24.97
C ARG H 405 -31.66 2.52 -24.35
N VAL H 406 -30.59 3.28 -24.11
CA VAL H 406 -29.37 2.79 -23.47
C VAL H 406 -29.73 2.41 -22.03
N GLN H 407 -30.50 3.28 -21.31
CA GLN H 407 -30.96 2.98 -19.95
C GLN H 407 -31.83 1.76 -19.91
N PHE H 408 -32.66 1.56 -20.92
CA PHE H 408 -33.50 0.39 -21.02
C PHE H 408 -32.63 -0.89 -21.16
N GLY H 409 -31.55 -0.82 -21.94
CA GLY H 409 -30.59 -1.91 -22.07
C GLY H 409 -29.92 -2.21 -20.74
N ILE H 410 -29.53 -1.17 -20.00
CA ILE H 410 -28.91 -1.32 -18.68
C ILE H 410 -29.87 -1.96 -17.66
N GLU H 411 -31.12 -1.49 -17.58
CA GLU H 411 -32.10 -2.01 -16.63
C GLU H 411 -32.49 -3.43 -16.95
N SER H 412 -32.64 -3.76 -18.25
CA SER H 412 -32.91 -5.14 -18.66
C SER H 412 -31.73 -6.03 -18.27
N GLY H 413 -30.51 -5.55 -18.53
CA GLY H 413 -29.27 -6.26 -18.22
C GLY H 413 -29.11 -6.52 -16.73
N LYS H 414 -29.44 -5.55 -15.88
CA LYS H 414 -29.37 -5.73 -14.43
C LYS H 414 -30.40 -6.78 -13.97
N LEU H 415 -31.62 -6.69 -14.49
CA LEU H 415 -32.71 -7.61 -14.16
C LEU H 415 -32.36 -9.05 -14.57
N ARG H 416 -31.78 -9.21 -15.76
CA ARG H 416 -31.45 -10.55 -16.26
C ARG H 416 -30.12 -11.11 -15.78
N GLY H 417 -29.37 -10.37 -14.98
CA GLY H 417 -28.10 -10.85 -14.46
C GLY H 417 -26.88 -10.59 -15.31
N PHE H 418 -27.04 -9.89 -16.44
CA PHE H 418 -25.90 -9.55 -17.29
C PHE H 418 -25.00 -8.50 -16.63
N LEU H 419 -25.60 -7.56 -15.90
CA LEU H 419 -24.89 -6.42 -15.36
C LEU H 419 -25.15 -6.22 -13.90
N ARG H 420 -24.22 -5.57 -13.25
CA ARG H 420 -24.30 -5.19 -11.84
C ARG H 420 -23.64 -3.81 -11.72
N VAL H 421 -23.98 -3.06 -10.67
CA VAL H 421 -23.37 -1.76 -10.36
C VAL H 421 -21.85 -1.94 -10.22
N GLY H 422 -21.09 -1.07 -10.85
CA GLY H 422 -19.64 -1.17 -10.86
C GLY H 422 -19.08 -1.78 -12.13
N ASP H 423 -19.91 -2.49 -12.91
CA ASP H 423 -19.47 -3.06 -14.17
C ASP H 423 -19.17 -1.97 -15.20
N LEU H 424 -18.33 -2.29 -16.18
CA LEU H 424 -18.08 -1.41 -17.30
C LEU H 424 -18.83 -2.00 -18.50
N VAL H 425 -19.47 -1.16 -19.30
CA VAL H 425 -20.10 -1.55 -20.55
C VAL H 425 -19.58 -0.64 -21.66
N ILE H 426 -19.63 -1.15 -22.89
CA ILE H 426 -19.28 -0.41 -24.08
C ILE H 426 -20.65 -0.08 -24.72
N VAL H 427 -20.90 1.19 -25.04
CA VAL H 427 -22.18 1.59 -25.65
C VAL H 427 -21.92 2.03 -27.09
N VAL H 428 -22.63 1.42 -28.05
CA VAL H 428 -22.45 1.67 -29.47
C VAL H 428 -23.70 2.33 -30.04
N THR H 429 -23.52 3.57 -30.54
CA THR H 429 -24.63 4.35 -31.09
C THR H 429 -24.16 5.04 -32.43
N GLY H 430 -25.03 5.86 -33.04
CA GLY H 430 -24.69 6.54 -34.27
C GLY H 430 -24.85 8.06 -34.16
N TRP H 431 -24.59 8.80 -35.24
CA TRP H 431 -24.59 10.27 -35.19
C TRP H 431 -25.90 10.91 -35.61
N ARG H 432 -26.79 10.16 -36.25
CA ARG H 432 -28.11 10.67 -36.65
C ARG H 432 -29.15 9.51 -36.63
N PRO H 433 -30.48 9.82 -36.62
CA PRO H 433 -31.48 8.75 -36.70
C PRO H 433 -31.43 8.02 -38.03
N GLY H 434 -32.00 6.81 -38.05
CA GLY H 434 -32.03 6.01 -39.24
C GLY H 434 -30.88 5.02 -39.23
N SER H 435 -31.09 3.92 -39.93
CA SER H 435 -30.12 2.84 -40.09
CA SER H 435 -30.10 2.86 -40.06
C SER H 435 -28.89 3.26 -40.89
N GLY H 436 -27.74 2.66 -40.60
CA GLY H 436 -26.50 2.85 -41.35
C GLY H 436 -25.55 3.94 -40.90
N TYR H 437 -25.85 4.58 -39.77
CA TYR H 437 -25.01 5.68 -39.26
C TYR H 437 -24.34 5.40 -37.92
N THR H 438 -24.20 4.10 -37.51
CA THR H 438 -23.42 3.80 -36.29
C THR H 438 -21.95 4.27 -36.48
N ASN H 439 -21.42 5.01 -35.50
CA ASN H 439 -20.06 5.51 -35.59
C ASN H 439 -19.45 5.89 -34.20
N ILE H 440 -20.10 5.55 -33.09
CA ILE H 440 -19.61 5.97 -31.78
C ILE H 440 -19.56 4.81 -30.83
N MET H 441 -18.49 4.73 -30.07
CA MET H 441 -18.37 3.79 -28.95
C MET H 441 -18.01 4.58 -27.69
N ARG H 442 -18.67 4.27 -26.58
CA ARG H 442 -18.50 4.95 -25.28
CA ARG H 442 -18.38 4.93 -25.33
C ARG H 442 -18.20 3.94 -24.18
N VAL H 443 -17.32 4.26 -23.25
CA VAL H 443 -17.03 3.38 -22.10
C VAL H 443 -17.82 3.92 -20.93
N LEU H 444 -18.72 3.13 -20.39
CA LEU H 444 -19.64 3.57 -19.36
C LEU H 444 -19.59 2.71 -18.11
N SER H 445 -19.61 3.35 -16.95
CA SER H 445 -19.62 2.66 -15.66
C SER H 445 -21.06 2.51 -15.20
N ILE H 446 -21.50 1.29 -14.88
CA ILE H 446 -22.86 1.04 -14.43
C ILE H 446 -23.10 1.55 -13.01
N SER H 447 -24.11 2.42 -12.84
CA SER H 447 -24.47 2.95 -11.52
C SER H 447 -25.89 2.49 -11.11
P1 FBP I . -36.95 20.97 56.17
O1P FBP I . -36.88 22.09 57.17
O2P FBP I . -37.56 21.39 54.83
O3P FBP I . -37.62 19.66 56.62
O1 FBP I . -35.41 20.53 55.96
C1 FBP I . -35.01 19.42 55.15
C2 FBP I . -33.52 19.67 54.77
O2 FBP I . -33.10 18.57 54.00
C3 FBP I . -32.63 19.91 56.00
O3 FBP I . -32.35 18.69 56.69
C4 FBP I . -31.48 20.69 55.39
O4 FBP I . -30.72 21.40 56.37
C5 FBP I . -32.26 21.66 54.51
O5 FBP I . -33.38 20.88 54.03
C6 FBP I . -31.49 22.22 53.34
O6 FBP I . -31.81 23.61 53.13
P2 FBP I . -30.59 24.56 52.62
O4P FBP I . -29.47 24.42 53.61
O5P FBP I . -31.08 25.99 52.62
O6P FBP I . -30.24 24.08 51.21
C1 OXL J . -25.49 46.25 29.07
C2 OXL J . -26.67 46.02 30.03
O1 OXL J . -24.90 47.31 29.08
O2 OXL J . -26.92 47.01 30.85
O3 OXL J . -25.13 45.27 28.30
O4 OXL J . -27.32 44.98 30.00
MG MG K . -25.91 48.77 30.38
K K L . -31.17 49.02 32.99
P1 FBP M . -26.86 -5.31 59.74
O1P FBP M . -25.54 -5.67 60.46
O2P FBP M . -27.46 -6.58 59.18
O3P FBP M . -27.76 -4.43 60.57
O1 FBP M . -26.45 -4.47 58.43
C1 FBP M . -26.12 -3.07 58.51
C2 FBP M . -25.39 -2.75 57.20
O2 FBP M . -24.90 -1.44 57.30
C3 FBP M . -26.36 -2.97 56.02
O3 FBP M . -27.29 -1.91 55.87
C4 FBP M . -25.40 -3.18 54.89
O4 FBP M . -26.00 -3.89 53.82
C5 FBP M . -24.36 -4.07 55.55
O5 FBP M . -24.31 -3.65 56.93
C6 FBP M . -22.98 -4.00 54.93
O6 FBP M . -22.38 -5.29 54.97
P2 FBP M . -21.42 -5.78 53.81
O4P FBP M . -20.23 -4.83 53.92
O5P FBP M . -21.04 -7.18 53.98
O6P FBP M . -22.11 -5.47 52.48
C1 OXL N . 8.58 -17.37 49.27
C2 OXL N . 7.47 -18.02 50.11
O1 OXL N . 8.96 -16.26 49.52
O2 OXL N . 6.95 -17.37 51.13
O3 OXL N . 9.08 -18.08 48.30
O4 OXL N . 7.10 -19.14 49.78
MG MG O . 7.94 -20.09 48.30
K K P . 5.24 -22.67 52.65
P1 FBP Q . 18.03 26.05 -0.53
O1P FBP Q . 19.38 26.65 -0.40
O2P FBP Q . 16.97 27.16 -0.55
O3P FBP Q . 17.93 25.13 -1.66
O1 FBP Q . 17.73 25.22 0.81
C1 FBP Q . 17.76 25.74 2.15
C2 FBP Q . 16.96 24.77 2.99
O2 FBP Q . 17.14 25.14 4.33
C3 FBP Q . 17.29 23.28 2.76
O3 FBP Q . 18.46 22.87 3.46
C4 FBP Q . 15.99 22.64 3.18
O4 FBP Q . 15.87 21.29 2.73
C5 FBP Q . 14.98 23.56 2.53
O5 FBP Q . 15.57 24.87 2.63
C6 FBP Q . 13.63 23.59 3.18
O6 FBP Q . 12.61 23.72 2.18
P2 FBP Q . 11.15 23.08 2.39
O4P FBP Q . 10.45 23.78 3.55
O5P FBP Q . 10.48 23.38 1.09
O6P FBP Q . 11.40 21.61 2.56
C1 OXL R . -20.53 29.66 2.95
C2 OXL R . -19.42 29.97 1.91
O1 OXL R . -20.34 30.08 4.16
O2 OXL R . -18.48 30.71 2.20
O3 OXL R . -21.49 28.96 2.62
O4 OXL R . -19.59 29.44 0.74
C1 I8Q S . -21.64 38.80 -2.12
C2 I8Q S . -22.05 39.55 -3.24
C3 I8Q S . -19.41 38.63 -2.96
O5 I8Q S . -19.38 38.29 0.32
C8 I8Q S . -20.83 41.33 -7.76
C11 I8Q S . -18.25 40.36 -7.44
C12 I8Q S . -19.16 40.25 -6.39
C13 I8Q S . -18.75 39.57 -5.14
S I8Q S . -19.78 37.37 -0.72
O I8Q S . -18.72 36.55 -1.26
O4 I8Q S . -20.92 36.54 -0.27
C I8Q S . -20.32 38.31 -1.97
C4 I8Q S . -19.77 39.37 -4.08
O2 I8Q S . -17.58 39.23 -4.97
C10 I8Q S . -18.63 40.95 -8.64
C9 I8Q S . -19.90 41.44 -8.79
C7 I8Q S . -20.46 40.73 -6.55
C6 I8Q S . -21.47 40.58 -5.48
O3 I8Q S . -22.58 41.09 -5.61
C5 I8Q S . -21.09 39.85 -4.25
N I8Q S . -23.38 39.92 -3.34
O1 I8Q S . -22.55 38.56 -1.12
H3 I8Q S . -18.38 38.33 -2.85
H4 I8Q S . -21.83 41.73 -7.91
H7 I8Q S . -17.22 40.00 -7.33
H6 I8Q S . -17.92 41.01 -9.45
H5 I8Q S . -20.20 41.92 -9.71
H1 I8Q S . -24.03 39.70 -2.60
H2 I8Q S . -23.76 40.43 -4.14
H I8Q S . -22.19 38.04 -0.36
H8 I8Q S . -21.40 36.40 0.60
MG MG T . -21.41 28.26 0.53
K K U . -18.54 30.79 -4.03
P1 FBP V . 36.30 22.37 20.38
O1P FBP V . 37.09 23.46 21.05
O2P FBP V . 36.49 20.94 20.97
O3P FBP V . 36.59 22.21 18.87
O1 FBP V . 34.78 22.75 20.53
C1 FBP V . 33.72 21.93 20.00
C2 FBP V . 32.42 22.30 20.74
O2 FBP V . 31.39 21.60 20.08
C3 FBP V . 32.18 23.83 20.79
O3 FBP V . 31.56 24.35 19.61
C4 FBP V . 31.29 23.95 21.99
O4 FBP V . 31.31 25.26 22.55
C5 FBP V . 31.98 23.00 22.96
O5 FBP V . 32.43 21.94 22.12
C6 FBP V . 31.08 22.49 24.06
O6 FBP V . 31.86 22.29 25.27
P2 FBP V . 31.13 22.52 26.67
O4P FBP V . 32.26 22.35 27.65
O5P FBP V . 30.41 23.80 26.91
O6P FBP V . 30.12 21.37 26.81
C1 OXL W . 29.42 7.01 53.66
C2 OXL W . 28.17 6.61 54.50
O1 OXL W . 30.24 7.73 54.21
O2 OXL W . 28.12 7.05 55.72
O3 OXL W . 29.54 6.53 52.43
O4 OXL W . 27.28 5.92 54.01
MG MG X . 29.86 8.21 56.31
K K Y . 35.34 8.43 53.98
P1 FBP Z . 34.95 -37.03 -48.97
O1P FBP Z . 35.82 -35.98 -48.32
O2P FBP Z . 35.03 -36.86 -50.49
O3P FBP Z . 35.11 -38.40 -48.42
O1 FBP Z . 33.40 -36.68 -48.56
C1 FBP Z . 32.90 -36.80 -47.22
C2 FBP Z . 31.52 -36.16 -47.23
O2 FBP Z . 31.02 -36.24 -45.92
C3 FBP Z . 30.60 -36.82 -48.27
O3 FBP Z . 30.04 -38.04 -47.78
C4 FBP Z . 29.64 -35.68 -48.57
O4 FBP Z . 28.97 -35.86 -49.81
C5 FBP Z . 30.60 -34.50 -48.65
O5 FBP Z . 31.59 -34.78 -47.64
C6 FBP Z . 29.96 -33.15 -48.42
O6 FBP Z . 30.62 -32.13 -49.19
P2 FBP Z . 29.77 -30.89 -49.77
O4P FBP Z . 29.43 -30.04 -48.58
O5P FBP Z . 30.61 -30.10 -50.75
O6P FBP Z . 28.57 -31.45 -50.47
C1 OXL AA . 32.35 0.29 -51.90
C2 OXL AA . 31.30 1.34 -51.39
O1 OXL AA . 32.93 -0.51 -51.03
O2 OXL AA . 30.92 1.30 -50.23
O3 OXL AA . 32.59 0.30 -53.11
O4 OXL AA . 30.82 2.18 -52.25
MG MG BA . 31.88 1.67 -54.29
K K CA . 37.08 -0.82 -55.63
P1 FBP DA . 19.56 -54.00 -31.36
O1P FBP DA . 19.91 -54.46 -29.98
O2P FBP DA . 18.19 -54.53 -31.78
O3P FBP DA . 20.54 -54.32 -32.51
O1 FBP DA . 19.51 -52.40 -31.33
C1 FBP DA . 19.20 -51.61 -32.49
C2 FBP DA . 18.86 -50.18 -31.98
O2 FBP DA . 18.70 -49.36 -33.11
C3 FBP DA . 19.92 -49.65 -30.99
O3 FBP DA . 21.04 -49.04 -31.63
C4 FBP DA . 19.11 -48.65 -30.23
O4 FBP DA . 19.66 -48.25 -28.98
C5 FBP DA . 17.82 -49.43 -30.02
O5 FBP DA . 17.65 -50.20 -31.21
C6 FBP DA . 16.61 -48.57 -29.73
O6 FBP DA . 15.71 -49.33 -28.90
P2 FBP DA . 14.77 -48.52 -27.84
O4P FBP DA . 15.65 -47.57 -27.04
O5P FBP DA . 14.16 -49.55 -26.99
O6P FBP DA . 13.77 -47.80 -28.72
C1 OXL EA . -16.48 -45.97 -19.13
C2 OXL EA . -15.53 -47.20 -19.25
O1 OXL EA . -16.98 -45.64 -17.98
O2 OXL EA . -15.27 -47.83 -18.13
O3 OXL EA . -16.76 -45.35 -20.13
O4 OXL EA . -15.08 -47.56 -20.34
C1 I8Q FA . -20.89 -54.92 -23.06
C2 I8Q FA . -21.59 -56.13 -22.89
C3 I8Q FA . -18.79 -56.05 -22.88
O5 I8Q FA . -18.74 -53.04 -24.53
C8 I8Q FA . -21.31 -61.06 -21.95
C11 I8Q FA . -18.54 -60.91 -21.99
C12 I8Q FA . -19.30 -59.77 -22.25
C13 I8Q FA . -18.60 -58.49 -22.52
S I8Q FA . -18.61 -53.44 -23.16
O I8Q FA . -17.26 -53.74 -22.76
O4 I8Q FA . -19.22 -52.46 -22.24
C I8Q FA . -19.49 -54.84 -23.03
C4 I8Q FA . -19.43 -57.26 -22.71
O2 I8Q FA . -17.39 -58.44 -22.63
C10 I8Q FA . -19.18 -62.11 -21.69
C9 I8Q FA . -20.55 -62.19 -21.69
C7 I8Q FA . -20.70 -59.84 -22.22
C6 I8Q FA . -21.52 -58.63 -22.42
O3 I8Q FA . -22.75 -58.69 -22.32
C5 I8Q FA . -20.84 -57.33 -22.68
N I8Q FA . -22.96 -56.12 -23.00
O1 I8Q FA . -21.64 -53.80 -23.25
H3 I8Q FA . -17.70 -56.03 -22.92
H4 I8Q FA . -22.40 -61.15 -21.94
H7 I8Q FA . -17.46 -60.88 -22.01
H6 I8Q FA . -18.58 -62.98 -21.46
H5 I8Q FA . -21.04 -63.13 -21.49
H1 I8Q FA . -23.45 -55.25 -23.15
H2 I8Q FA . -23.53 -56.97 -22.94
H I8Q FA . -21.10 -52.97 -23.36
H8 I8Q FA . -20.08 -52.39 -21.73
MG MG GA . -16.35 -47.16 -16.44
K K HA . -14.58 -52.77 -16.87
P1 FBP IA . -12.66 20.23 -21.84
O1P FBP IA . -12.58 20.59 -20.39
O2P FBP IA . -11.38 20.65 -22.55
O3P FBP IA . -13.95 20.73 -22.54
O1 FBP IA . -12.63 18.63 -21.89
C1 FBP IA . -12.70 17.92 -23.12
C2 FBP IA . -12.17 16.51 -22.87
O2 FBP IA . -12.38 15.78 -24.05
C3 FBP IA . -12.83 15.82 -21.66
O3 FBP IA . -14.11 15.28 -21.90
C4 FBP IA . -11.75 14.80 -21.25
O4 FBP IA . -11.91 14.40 -19.89
C5 FBP IA . -10.50 15.65 -21.41
O5 FBP IA . -10.77 16.50 -22.54
C6 FBP IA . -9.25 14.84 -21.64
O6 FBP IA . -8.12 15.53 -21.10
P2 FBP IA . -6.95 14.64 -20.42
O4P FBP IA . -6.03 15.67 -19.80
O5P FBP IA . -6.21 13.96 -21.58
O6P FBP IA . -7.51 13.66 -19.51
C1 OXL JA . 25.38 11.86 -22.52
C2 OXL JA . 24.43 13.02 -22.18
O1 OXL JA . 26.27 11.59 -21.62
O2 OXL JA . 24.63 13.58 -21.10
O3 OXL JA . 25.28 11.26 -23.57
O4 OXL JA . 23.47 13.35 -23.04
C1 I8Q KA . 29.22 21.42 -26.12
C2 I8Q KA . 29.64 22.76 -25.92
C3 I8Q KA . 26.94 22.02 -25.81
O5 I8Q KA . 27.83 19.02 -27.55
C8 I8Q KA . 28.32 27.36 -24.46
C11 I8Q KA . 25.67 26.55 -24.34
C12 I8Q KA . 26.62 25.69 -24.86
C13 I8Q KA . 26.23 24.31 -25.24
S I8Q KA . 27.27 19.47 -26.30
O I8Q KA . 25.83 19.57 -26.24
O4 I8Q KA . 27.79 18.61 -25.15
C I8Q KA . 27.87 21.03 -26.07
C4 I8Q KA . 27.29 23.35 -25.59
O2 I8Q KA . 25.06 23.98 -25.29
C10 I8Q KA . 26.04 27.79 -23.85
C9 I8Q KA . 27.35 28.20 -23.92
C7 I8Q KA . 27.97 26.09 -24.90
C6 I8Q KA . 29.03 25.15 -25.31
O3 I8Q KA . 30.20 25.52 -25.36
C5 I8Q KA . 28.65 23.74 -25.63
N I8Q KA . 30.99 23.08 -26.04
O1 I8Q KA . 30.19 20.48 -26.27
H3 I8Q KA . 25.87 21.77 -25.78
H4 I8Q KA . 29.35 27.72 -24.52
H7 I8Q KA . 24.61 26.27 -24.31
H6 I8Q KA . 25.30 28.44 -23.41
H5 I8Q KA . 27.64 29.18 -23.56
H1 I8Q KA . 31.66 22.35 -26.24
H2 I8Q KA . 31.35 24.02 -25.92
H I8Q KA . 29.84 19.56 -26.35
H8 I8Q KA . 28.68 18.44 -24.73
MG MG LA . 26.23 12.67 -19.87
K K MA . 24.33 18.20 -19.14
P1 FBP NA . -32.85 5.62 -34.46
O1P FBP NA . -32.99 6.79 -33.44
O2P FBP NA . -33.37 4.34 -33.87
O3P FBP NA . -33.43 5.92 -35.78
O1 FBP NA . -31.31 5.43 -34.67
C1 FBP NA . -30.43 5.13 -33.56
C2 FBP NA . -29.15 4.50 -34.19
O2 FBP NA . -28.21 4.36 -33.14
C3 FBP NA . -28.61 5.33 -35.38
O3 FBP NA . -27.81 6.44 -34.97
C4 FBP NA . -27.82 4.30 -36.14
O4 FBP NA . -27.59 4.69 -37.49
C5 FBP NA . -28.78 3.13 -36.10
O5 FBP NA . -29.38 3.22 -34.79
C6 FBP NA . -28.12 1.78 -36.31
O6 FBP NA . -29.06 0.91 -36.97
P2 FBP NA . -28.43 -0.20 -37.99
O4P FBP NA . -27.76 -1.19 -37.08
O5P FBP NA . -27.45 0.33 -38.96
O6P FBP NA . -29.64 -0.87 -38.60
C1 OXL OA . -32.12 -30.84 -42.94
C2 OXL OA . -31.09 -31.97 -43.10
O1 OXL OA . -32.18 -30.18 -41.89
O2 OXL OA . -30.27 -32.13 -42.13
O3 OXL OA . -32.79 -30.56 -43.99
O4 OXL OA . -31.04 -32.64 -44.12
MG MG PA . -32.45 -32.00 -45.61
K K QA . -37.58 -29.02 -44.94
#